data_8E95
#
_entry.id   8E95
#
_cell.length_a   1.00
_cell.length_b   1.00
_cell.length_c   1.00
_cell.angle_alpha   90.00
_cell.angle_beta   90.00
_cell.angle_gamma   90.00
#
_symmetry.space_group_name_H-M   'P 1'
#
loop_
_entity.id
_entity.type
_entity.pdbx_description
1 polymer 'DNA-directed RNA polymerase subunit alpha'
2 polymer 'DNA-directed RNA polymerase subunit beta'
3 polymer "DNA-directed RNA polymerase subunit beta'"
4 polymer 'DNA-directed RNA polymerase subunit omega'
5 polymer 'DNA (33-MER)'
6 polymer 'DNA (25-MER)'
7 polymer "RNA (5'-R(P*CP*GP*GP*AP*GP*AP*GP*GP*UP*A)-3')"
8 non-polymer 'ZINC ION'
9 non-polymer 'MAGNESIUM ION'
#
loop_
_entity_poly.entity_id
_entity_poly.type
_entity_poly.pdbx_seq_one_letter_code
_entity_poly.pdbx_strand_id
1 'polypeptide(L)'
;MLISQRPTLSEDVLTDNRSQFVIEPLEPGFGYTLGNSLRRTLLSSIPGAAVTSIRIDGVLHEFTTVPGVKEDVTEIILNL
KSLVVSSEEDEPVTMYLRKQGPGEVTAGDIVPPAGVTVHNPGMHIATLNDKGKLEVELVVERGRGYVPAVQNRASGAEIG
RIPVDSIYSPVLKVTYKVDATRVEQRTDFDKLILDVETKNSISPRDALASAGKTLVELFGLARELNVEAEGIEIGPSPAE
ADHIASFALPIDDLDLTVRSYNCLKREGVHTVGELVARTESDLLDIRNFGQKSIDEVKIKLHQLGLSLKDSPPSFDPSEV
AGYDVATGTWSTEGAYDEQDYAETEQL
;
A,B
2 'polypeptide(L)'
;LADSRQSKTAASPSPSRPQSSSNNSVPGAPNRVSFAKLREPLEVPGLLDVQTDSFEWLIGSPRWRESAAERGDVNPVGGL
EEVLYELSPIEDFSGSMSLSFSDPRFDDVKAPVDECKDKDMTYAAPLFVTAEFINNNTGEIKSQTVFMGDFPMMTEKGTF
IINGTERVVVSQLVRSPGVYFDETIDKSTDKTLHSVKVIPSRGAWLEFDVDKRDTVGVRIDRKRRQPVTVLLKALGWTSE
QIVERFGFSEIMRSTLEKDNTVGTDEALLDIYRKLRPGEPPTKESAQTLLENLFFKEKRYDLARVGRYKVNKKLGLHVGE
PITSSTLTEEDVVATIEYLVRLHEGQTTMTVPGGVEVPVETDDIDHFGNRRLRTVGELIQNQIRVGMSRMERVVRERMTT
QDVEAITPQTLINIRPVVAAIKEFFGTSQLSQFMDQNNPLSGLTHKRRLSALGPGGLSRERAGLEVRDVHPSHYGRMCPI
ETPEGPNIGLIGSLSVYARVNPFGFIETPYRKVVDGVVSDEIVYLTADEEDRHVVAQANSPIDADGRFVEPRVLVRRKAG
EVEYVPSSEVDYMDVSPRQMVSVATAMIPFLEHDDANRALMGANMQRQAVPLVRSEAPLVGTGMELRAAIDAGDVVVAEE
SGVIEEVSADYITVMHDNGTRRTYRMRKFARSNHGTCANQCPIVDAGDRVEAGQVIADGPCTDDGEMALGKNLLVAIMPW
EGHNYEDAIILSNRLVEEDVLTSIHIEEHEIDARDTKLGAEEITRDIPNISDEVLADLDERGIVRIGAEVRDGDILVGKV
TPKGETELTPEERLLRAIFGEKAREVRDTSLKVPHGESGKVIGIRVFSREDEDELPAGVNELVRVYVAQKRKISDGDKLA
GRHGNKGVIGKILPVEDMPFLADGTPVDIILNTHGVPRRMNIGQILETHLGWCAHSGWKVDAAKGVPDWAARLPDELLEA
QPNAIVSTPVFDGAQEAELQGLLSCTLPNRDGDVLVDADGKAMLFDGRSGEPFPYPVTVGYMYIMKLHHLVDDKIHARST
GPYSMITQQPLGGKAQFGGQRFGEMECWAMQAYGAAYTLQELLTIKSDDTVGRVKVYEAIVKGENIPEPGIPESFKVLLK
ELQSLCLNVEVLSSDGAAIELREGEDEDLERAAANLGINLSRNESASVEDLA
;
C
3 'polypeptide(L)'
;GAMLDVNFFDELRIGLATAEDIRQWSYGEVKKPETINYRTLKPEKDGLFCEKIFGPTRDWECYCGKYKRVRFKGIICERC
GVEVTRAKVRRERMGHIELAAPVTHIWYFKGVPSRLGYLLDLAPKDLEKIIYFAAYVITSVDEEMRHNELSTLEAEMAVE
RKAVEDQRDGELEARAQKLEADLAELEAEGAKADARRKVRDGGEREMRQIRDRAQRELDRLEDIWSTFTKLAPKQLIVDE
NLYRELVDRYGEYFTGAMGAESIQKLIENFDIDAEAESLRDVIRNGKGQKKLRALKRLKVVAAFQQSGNSPMGMVLDAVP
VIPPELRPMVQLDGGRFATSDLNDLYRRVINRNNRLKRLIDLGAPEIIVNNEKRMLQESVDALFDNGRRGRPVTGPGNRP
LKSLSDLLKGKQGRFRQNLLGKRVDYSGRSVIVVGPQLKLHQCGLPKLMALELFKPFVMKRLVDLNHAQNIKSAKRMVER
QRPQVWDVLEEVIAEHPVLLNRAPTLHRLGIQAFEPMLVEGKAIQLHPLVCEAFNADFDGDQMAVHLPLSAEAQAEARIL
MLSSNNILSPASGRPLAMPRLDMVTGLYYLTTEVPGDTGEYQPASGDHPETGVYSSPAEAIMAADRGVLSVRAKIKVRLT
QLRPPVEIEAELFGHSGWQPGDAWMAETTLGRVMFNELLPLGYPFVNKQMHKKVQAAIINDLAERYPMIVVAQTVDKLKD
AGFYWATRSGVTVSMADVLVPPRKKEILDHYEERADKVEKQFQRGALNHDERNEALVEIWKEATDEVGQALREHYPDDNP
IITIVDSGATGNFTQTRTLAGMKGLVTNPKGEFIPRPVKSSFREGLTVLEYFINTHGARKGLADTALRTADSGYLTRRLV
DVSQDVIVREHDCQTERGIVVELAERAPDGTLIRDPYIETSAYARTLGTDAVDEAGNVIVERGQDLGDPEIDALLAAGIT
QVKVRSVLTCATSTGVCATCYGRSMATGKLVDIGEAVGIVAAQSIGEPGTQLTMRTFHQGGVGEDITGGLPRVQELFEAR
VPRGKAPIADVTGRVRLEDGERFYKITIVPDDGGEEVVYDKISKRQRLRVFKHEDGSERVLSDGDHVEVGQQLMEGSADP
HEVLRVQGPREVQIHLVREVQEVYRAQGVSIHDKHIEVIVRQMLRRVTIIDSGSTEFLPGSLIDRAEFEAENRRVVAEGG
EPAAGRPVLMGITKASLATDSWLSAASFQETTRVLTDAAINCRSDKLNGLKENVIIGKLIPAGTGINRYRNIAVQPTEEA
RAAAYTIPSYEDQYYSPDFGAATGAAVPLDDYGYSDYR
;
D
4 'polypeptide(L)'
;VSISQSDASLAAVPAVDQFDPSSGASGGYDTPLGITNPPIDELLDRVSSKYALVIYAAKRARQINDYYNQLGEGILEYVG
PLVEPGLQEKPLSIALREIHADLLEHTEGE
;
E
5 'polydeoxyribonucleotide'
;(DC)(DC)(DG)(DG)(DC)(DA)(DT)(DG)(DA)(DG)(DA)(DG)(DG)(DG)(DT)(DA)(DT)(DT)(DC)(DG)
(DC)(DC)(DG)(DC)(DC)(DT)(DA)(DC)(DC)(DT)(DC)(DT)(DC)(DC)(DT)(DA)(DG)(DC)(DC)(DC)
(DG)(DC)(DA)(DA)(DG)(DT)(DA)(DT)(DC)(DC)(DG)(DA)(DC)(DG)
;
P
6 'polydeoxyribonucleotide'
;(DC)(DG)(DT)(DC)(DG)(DG)(DA)(DT)(DA)(DC)(DT)(DT)(DG)(DC)(DG)(DG)(DG)(DC)(DT)(DA)
(DG)(DC)(DC)(DT)(DC)(DT)(DT)(DT)(DT)(DG)(DG)(DC)(DG)(DG)(DC)(DG)(DA)(DA)(DT)(DA)
(DC)(DC)(DC)(DT)(DC)(DT)(DC)(DA)(DT)(DG)(DC)(DC)(DG)(DG)
;
Q
7 'polyribonucleotide' GCAUUCAAAGCGGAGAGGUA R
#
loop_
_chem_comp.id
_chem_comp.type
_chem_comp.name
_chem_comp.formula
A RNA linking ADENOSINE-5'-MONOPHOSPHATE 'C10 H14 N5 O7 P'
C RNA linking CYTIDINE-5'-MONOPHOSPHATE 'C9 H14 N3 O8 P'
DA DNA linking 2'-DEOXYADENOSINE-5'-MONOPHOSPHATE 'C10 H14 N5 O6 P'
DC DNA linking 2'-DEOXYCYTIDINE-5'-MONOPHOSPHATE 'C9 H14 N3 O7 P'
DG DNA linking 2'-DEOXYGUANOSINE-5'-MONOPHOSPHATE 'C10 H14 N5 O7 P'
DT DNA linking THYMIDINE-5'-MONOPHOSPHATE 'C10 H15 N2 O8 P'
G RNA linking GUANOSINE-5'-MONOPHOSPHATE 'C10 H14 N5 O8 P'
MG non-polymer 'MAGNESIUM ION' 'Mg 2'
U RNA linking URIDINE-5'-MONOPHOSPHATE 'C9 H13 N2 O9 P'
ZN non-polymer 'ZINC ION' 'Zn 2'
#
# COMPACT_ATOMS: atom_id res chain seq x y z
N MET A 1 6.04 -65.76 18.91
CA MET A 1 6.61 -64.39 19.03
C MET A 1 5.85 -63.58 20.07
N LEU A 2 5.52 -64.23 21.18
CA LEU A 2 4.77 -63.60 22.26
C LEU A 2 5.73 -63.35 23.42
N ILE A 3 6.38 -62.18 23.39
CA ILE A 3 7.32 -61.82 24.45
C ILE A 3 6.57 -61.79 25.78
N SER A 4 7.04 -62.57 26.74
CA SER A 4 6.40 -62.68 28.06
C SER A 4 7.35 -62.09 29.11
N GLN A 5 7.24 -60.78 29.30
CA GLN A 5 7.98 -60.09 30.36
C GLN A 5 7.45 -58.68 30.45
N ARG A 6 6.81 -58.35 31.57
CA ARG A 6 6.17 -57.05 31.68
C ARG A 6 7.20 -55.97 31.95
N PRO A 7 6.93 -54.72 31.54
CA PRO A 7 7.90 -53.65 31.77
C PRO A 7 8.10 -53.39 33.25
N THR A 8 9.31 -52.94 33.60
CA THR A 8 9.67 -52.59 34.97
C THR A 8 10.39 -51.26 34.96
N LEU A 9 10.18 -50.45 36.00
CA LEU A 9 10.74 -49.12 36.08
C LEU A 9 11.84 -49.09 37.15
N SER A 10 12.97 -48.50 36.81
CA SER A 10 14.09 -48.32 37.73
C SER A 10 14.58 -46.89 37.65
N GLU A 11 15.14 -46.40 38.75
CA GLU A 11 15.56 -45.01 38.88
C GLU A 11 17.07 -44.91 39.07
N ASP A 12 17.64 -43.82 38.53
CA ASP A 12 19.03 -43.46 38.75
C ASP A 12 19.08 -42.01 39.19
N VAL A 13 19.83 -41.73 40.25
CA VAL A 13 19.88 -40.41 40.87
C VAL A 13 21.20 -39.77 40.48
N LEU A 14 21.16 -38.87 39.51
CA LEU A 14 22.36 -38.12 39.12
C LEU A 14 22.70 -37.03 40.12
N THR A 15 21.68 -36.39 40.70
CA THR A 15 21.88 -35.38 41.73
C THR A 15 20.54 -35.12 42.40
N ASP A 16 20.52 -34.13 43.30
CA ASP A 16 19.34 -33.90 44.12
C ASP A 16 18.13 -33.54 43.28
N ASN A 17 18.31 -32.70 42.26
CA ASN A 17 17.22 -32.23 41.42
C ASN A 17 17.25 -32.81 40.02
N ARG A 18 17.91 -33.96 39.83
CA ARG A 18 17.98 -34.60 38.53
C ARG A 18 18.10 -36.10 38.71
N SER A 19 17.42 -36.85 37.86
CA SER A 19 17.43 -38.30 37.94
C SER A 19 17.01 -38.88 36.59
N GLN A 20 17.38 -40.13 36.35
CA GLN A 20 17.02 -40.84 35.14
C GLN A 20 16.22 -42.09 35.51
N PHE A 21 15.08 -42.27 34.85
CA PHE A 21 14.23 -43.43 35.05
C PHE A 21 14.25 -44.27 33.78
N VAL A 22 14.43 -45.58 33.94
CA VAL A 22 14.53 -46.51 32.83
C VAL A 22 13.35 -47.49 32.89
N ILE A 23 12.68 -47.66 31.76
CA ILE A 23 11.49 -48.49 31.67
C ILE A 23 11.70 -49.49 30.53
N GLU A 24 11.67 -50.78 30.85
CA GLU A 24 11.91 -51.83 29.88
C GLU A 24 11.31 -53.12 30.39
N PRO A 25 11.02 -54.09 29.51
CA PRO A 25 11.06 -54.00 28.04
C PRO A 25 9.78 -53.41 27.46
N LEU A 26 9.81 -52.87 26.26
CA LEU A 26 8.64 -52.27 25.62
C LEU A 26 8.47 -52.83 24.22
N GLU A 27 7.22 -52.81 23.76
CA GLU A 27 6.92 -53.28 22.41
C GLU A 27 7.68 -52.43 21.39
N PRO A 28 8.24 -53.03 20.35
CA PRO A 28 9.00 -52.24 19.37
C PRO A 28 8.17 -51.14 18.75
N GLY A 29 8.57 -49.88 18.99
CA GLY A 29 7.90 -48.72 18.46
C GLY A 29 7.10 -47.93 19.47
N PHE A 30 7.03 -48.39 20.71
CA PHE A 30 6.24 -47.71 21.74
C PHE A 30 7.10 -46.87 22.67
N GLY A 31 8.39 -46.72 22.38
CA GLY A 31 9.27 -45.94 23.23
C GLY A 31 9.05 -44.45 23.11
N TYR A 32 9.10 -43.94 21.88
CA TYR A 32 8.94 -42.50 21.67
C TYR A 32 7.56 -42.03 22.10
N THR A 33 6.52 -42.81 21.81
CA THR A 33 5.17 -42.41 22.16
C THR A 33 5.01 -42.29 23.68
N LEU A 34 5.45 -43.31 24.42
CA LEU A 34 5.36 -43.27 25.87
C LEU A 34 6.19 -42.13 26.44
N GLY A 35 7.41 -41.96 25.92
CA GLY A 35 8.27 -40.88 26.40
C GLY A 35 7.64 -39.52 26.19
N ASN A 36 7.06 -39.30 25.01
CA ASN A 36 6.47 -37.98 24.73
C ASN A 36 5.21 -37.76 25.54
N SER A 37 4.42 -38.81 25.77
CA SER A 37 3.27 -38.67 26.66
C SER A 37 3.73 -38.21 28.04
N LEU A 38 4.74 -38.88 28.59
CA LEU A 38 5.25 -38.50 29.91
C LEU A 38 5.80 -37.08 29.89
N ARG A 39 6.52 -36.71 28.83
CA ARG A 39 7.13 -35.38 28.76
C ARG A 39 6.07 -34.29 28.73
N ARG A 40 5.03 -34.47 27.89
CA ARG A 40 3.96 -33.48 27.84
C ARG A 40 3.26 -33.36 29.17
N THR A 41 2.96 -34.49 29.81
CA THR A 41 2.28 -34.45 31.10
C THR A 41 3.12 -33.74 32.14
N LEU A 42 4.43 -34.03 32.17
CA LEU A 42 5.32 -33.36 33.12
C LEU A 42 5.40 -31.86 32.86
N LEU A 43 5.48 -31.46 31.60
CA LEU A 43 5.65 -30.05 31.25
C LEU A 43 4.37 -29.25 31.32
N SER A 44 3.20 -29.88 31.43
CA SER A 44 1.96 -29.13 31.46
C SER A 44 1.09 -29.33 32.69
N SER A 45 1.22 -30.42 33.45
CA SER A 45 0.18 -30.83 34.38
C SER A 45 0.75 -31.27 35.74
N ILE A 46 1.69 -30.50 36.29
CA ILE A 46 2.26 -30.78 37.60
C ILE A 46 1.93 -29.62 38.53
N PRO A 47 1.19 -29.84 39.63
CA PRO A 47 0.82 -28.73 40.50
C PRO A 47 2.00 -28.18 41.29
N GLY A 48 1.85 -26.92 41.71
CA GLY A 48 2.89 -26.25 42.45
C GLY A 48 2.34 -25.00 43.11
N ALA A 49 3.27 -24.15 43.56
CA ALA A 49 2.92 -22.92 44.25
C ALA A 49 3.74 -21.76 43.69
N ALA A 50 3.23 -20.55 43.88
CA ALA A 50 3.92 -19.34 43.45
C ALA A 50 3.29 -18.15 44.15
N VAL A 51 3.84 -16.96 43.88
CA VAL A 51 3.34 -15.72 44.45
C VAL A 51 2.32 -15.11 43.50
N THR A 52 1.26 -14.54 44.06
CA THR A 52 0.15 -14.00 43.28
C THR A 52 0.20 -12.48 43.18
N SER A 53 0.26 -11.78 44.30
CA SER A 53 0.29 -10.32 44.31
C SER A 53 1.08 -9.83 45.53
N ILE A 54 1.56 -8.59 45.43
CA ILE A 54 2.40 -8.00 46.47
C ILE A 54 1.90 -6.59 46.76
N ARG A 55 2.52 -5.97 47.77
CA ARG A 55 2.17 -4.60 48.17
C ARG A 55 3.37 -4.00 48.88
N ILE A 56 4.03 -3.04 48.23
CA ILE A 56 5.12 -2.33 48.87
C ILE A 56 4.57 -1.11 49.61
N ASP A 57 5.32 -0.66 50.61
CA ASP A 57 4.80 0.34 51.55
C ASP A 57 4.33 1.60 50.83
N GLY A 58 5.25 2.33 50.22
CA GLY A 58 4.98 3.66 49.72
C GLY A 58 4.56 3.78 48.28
N VAL A 59 4.59 2.69 47.52
CA VAL A 59 4.26 2.74 46.10
C VAL A 59 2.78 2.45 45.90
N LEU A 60 2.15 3.18 44.99
CA LEU A 60 0.76 2.97 44.63
C LEU A 60 0.57 2.14 43.37
N HIS A 61 1.54 2.16 42.45
CA HIS A 61 1.51 1.34 41.25
C HIS A 61 2.93 0.89 40.94
N GLU A 62 3.08 0.09 39.88
CA GLU A 62 4.38 -0.44 39.50
C GLU A 62 5.16 0.52 38.62
N PHE A 63 4.59 1.65 38.23
CA PHE A 63 5.29 2.66 37.45
C PHE A 63 5.78 3.80 38.35
N THR A 64 6.67 3.46 39.27
CA THR A 64 7.21 4.43 40.22
C THR A 64 8.55 3.91 40.71
N THR A 65 9.08 4.53 41.77
CA THR A 65 10.35 4.10 42.35
C THR A 65 10.30 4.34 43.86
N VAL A 66 10.80 3.37 44.62
CA VAL A 66 10.94 3.56 46.07
C VAL A 66 12.15 4.44 46.35
N PRO A 67 12.10 5.34 47.34
CA PRO A 67 13.26 6.19 47.61
C PRO A 67 14.37 5.41 48.30
N GLY A 68 15.59 5.57 47.80
CA GLY A 68 16.75 4.96 48.42
C GLY A 68 17.20 3.64 47.83
N VAL A 69 16.42 3.04 46.92
CA VAL A 69 16.75 1.77 46.31
C VAL A 69 17.19 2.02 44.88
N LYS A 70 18.23 1.32 44.43
CA LYS A 70 18.73 1.52 43.08
C LYS A 70 17.81 0.93 42.03
N GLU A 71 16.98 -0.05 42.38
CA GLU A 71 16.10 -0.71 41.43
C GLU A 71 14.74 -0.01 41.40
N ASP A 72 14.26 0.27 40.20
CA ASP A 72 12.87 0.68 40.05
C ASP A 72 11.95 -0.50 40.37
N VAL A 73 10.74 -0.18 40.81
CA VAL A 73 9.85 -1.21 41.33
C VAL A 73 9.61 -2.29 40.28
N THR A 74 9.62 -1.92 39.00
CA THR A 74 9.45 -2.92 37.95
C THR A 74 10.57 -3.95 37.97
N GLU A 75 11.80 -3.49 38.17
CA GLU A 75 12.92 -4.41 38.29
C GLU A 75 12.79 -5.28 39.53
N ILE A 76 12.21 -4.74 40.61
CA ILE A 76 11.98 -5.53 41.80
C ILE A 76 10.98 -6.64 41.50
N ILE A 77 9.92 -6.34 40.74
CA ILE A 77 8.97 -7.36 40.34
C ILE A 77 9.67 -8.44 39.51
N LEU A 78 10.50 -8.02 38.55
CA LEU A 78 11.20 -8.99 37.71
C LEU A 78 12.12 -9.87 38.54
N ASN A 79 12.78 -9.31 39.56
CA ASN A 79 13.63 -10.12 40.42
C ASN A 79 12.83 -11.07 41.30
N LEU A 80 11.72 -10.59 41.86
CA LEU A 80 10.90 -11.45 42.71
C LEU A 80 10.27 -12.59 41.92
N LYS A 81 10.07 -12.39 40.62
CA LYS A 81 9.41 -13.43 39.82
C LYS A 81 10.25 -14.70 39.72
N SER A 82 11.52 -14.65 40.10
CA SER A 82 12.40 -15.80 40.03
C SER A 82 12.51 -16.55 41.37
N LEU A 83 11.59 -16.32 42.30
CA LEU A 83 11.57 -17.07 43.55
C LEU A 83 11.07 -18.49 43.31
N VAL A 84 11.45 -19.39 44.22
CA VAL A 84 10.93 -20.75 44.27
C VAL A 84 10.37 -20.94 45.68
N VAL A 85 9.09 -21.30 45.78
CA VAL A 85 8.42 -21.49 47.05
C VAL A 85 7.65 -22.81 47.01
N SER A 86 7.76 -23.57 48.09
CA SER A 86 7.11 -24.86 48.23
C SER A 86 6.05 -24.76 49.33
N SER A 87 4.78 -24.77 48.93
CA SER A 87 3.68 -24.63 49.85
C SER A 87 3.04 -25.99 50.13
N GLU A 88 2.31 -26.07 51.25
CA GLU A 88 1.57 -27.27 51.62
C GLU A 88 0.12 -27.01 51.95
N GLU A 89 -0.30 -25.76 52.16
CA GLU A 89 -1.69 -25.45 52.47
C GLU A 89 -2.52 -25.48 51.20
N ASP A 90 -3.77 -25.02 51.29
CA ASP A 90 -4.63 -24.89 50.12
C ASP A 90 -5.26 -23.52 49.99
N GLU A 91 -5.18 -22.65 50.99
CA GLU A 91 -5.70 -21.30 50.90
C GLU A 91 -4.53 -20.33 50.79
N PRO A 92 -4.78 -19.04 50.50
CA PRO A 92 -3.68 -18.07 50.43
C PRO A 92 -2.95 -17.95 51.76
N VAL A 93 -1.64 -17.75 51.67
CA VAL A 93 -0.78 -17.51 52.83
C VAL A 93 0.15 -16.36 52.51
N THR A 94 0.35 -15.48 53.48
CA THR A 94 1.07 -14.24 53.28
C THR A 94 2.47 -14.31 53.90
N MET A 95 3.45 -13.75 53.20
CA MET A 95 4.81 -13.61 53.69
C MET A 95 5.12 -12.13 53.95
N TYR A 96 6.28 -11.89 54.53
CA TYR A 96 6.71 -10.54 54.84
C TYR A 96 8.23 -10.44 54.75
N LEU A 97 8.71 -9.41 54.07
CA LEU A 97 10.13 -9.09 53.97
C LEU A 97 10.34 -7.69 54.50
N ARG A 98 11.30 -7.52 55.40
CA ARG A 98 11.57 -6.24 56.06
C ARG A 98 13.06 -5.97 56.05
N LYS A 99 13.42 -4.71 55.79
CA LYS A 99 14.82 -4.29 55.78
C LYS A 99 14.88 -2.79 55.98
N GLN A 100 16.00 -2.32 56.51
CA GLN A 100 16.22 -0.90 56.72
C GLN A 100 17.72 -0.63 56.80
N GLY A 101 18.19 0.33 56.02
CA GLY A 101 19.56 0.76 56.09
C GLY A 101 20.42 0.25 54.94
N PRO A 102 21.71 0.57 54.97
CA PRO A 102 22.61 0.11 53.91
C PRO A 102 22.67 -1.40 53.84
N GLY A 103 22.83 -1.92 52.64
CA GLY A 103 22.99 -3.35 52.43
C GLY A 103 22.09 -3.92 51.37
N GLU A 104 22.46 -5.09 50.85
CA GLU A 104 21.65 -5.75 49.84
C GLU A 104 20.49 -6.49 50.49
N VAL A 105 19.37 -6.54 49.76
CA VAL A 105 18.17 -7.24 50.21
C VAL A 105 18.03 -8.50 49.35
N THR A 106 17.80 -9.64 50.00
CA THR A 106 17.71 -10.91 49.31
C THR A 106 16.60 -11.75 49.90
N ALA A 107 16.29 -12.86 49.21
CA ALA A 107 15.22 -13.74 49.63
C ALA A 107 15.47 -14.36 50.99
N GLY A 108 16.74 -14.48 51.40
CA GLY A 108 17.03 -15.00 52.72
C GLY A 108 16.46 -14.14 53.83
N ASP A 109 16.14 -12.88 53.52
CA ASP A 109 15.53 -11.99 54.50
C ASP A 109 14.02 -12.16 54.59
N ILE A 110 13.42 -13.04 53.77
CA ILE A 110 12.00 -13.30 53.86
C ILE A 110 11.73 -14.21 55.05
N VAL A 111 10.56 -14.07 55.66
CA VAL A 111 10.19 -14.84 56.84
C VAL A 111 8.87 -15.56 56.56
N PRO A 112 8.91 -16.73 55.93
CA PRO A 112 7.67 -17.46 55.63
C PRO A 112 7.04 -18.01 56.89
N PRO A 113 5.72 -18.15 56.93
CA PRO A 113 5.06 -18.83 58.05
C PRO A 113 5.24 -20.34 57.92
N ALA A 114 4.59 -21.07 58.83
CA ALA A 114 4.59 -22.52 58.75
C ALA A 114 3.98 -22.96 57.43
N GLY A 115 4.56 -24.00 56.82
CA GLY A 115 4.15 -24.40 55.49
C GLY A 115 5.12 -23.96 54.42
N VAL A 116 4.80 -22.86 53.73
CA VAL A 116 5.64 -22.39 52.64
C VAL A 116 7.08 -22.27 53.10
N THR A 117 8.01 -22.54 52.19
CA THR A 117 9.44 -22.45 52.49
C THR A 117 10.18 -22.02 51.25
N VAL A 118 11.06 -21.03 51.39
CA VAL A 118 11.85 -20.54 50.27
C VAL A 118 13.07 -21.42 50.07
N HIS A 119 13.25 -21.91 48.83
CA HIS A 119 14.28 -22.89 48.53
C HIS A 119 15.51 -22.28 47.86
N ASN A 120 15.60 -20.96 47.76
CA ASN A 120 16.79 -20.31 47.20
C ASN A 120 17.04 -18.99 47.93
N PRO A 121 17.44 -19.07 49.20
CA PRO A 121 17.87 -17.85 49.90
C PRO A 121 19.12 -17.26 49.25
N GLY A 122 19.20 -15.93 49.27
CA GLY A 122 20.39 -15.23 48.84
C GLY A 122 20.44 -14.82 47.39
N MET A 123 19.37 -15.02 46.61
CA MET A 123 19.46 -14.74 45.18
C MET A 123 19.69 -13.26 44.88
N HIS A 124 18.65 -12.44 44.98
CA HIS A 124 18.76 -10.99 44.94
C HIS A 124 17.35 -10.39 45.02
N ILE A 125 17.20 -9.22 45.64
CA ILE A 125 15.95 -8.47 45.50
C ILE A 125 16.24 -7.01 45.15
N ALA A 126 17.01 -6.33 45.99
CA ALA A 126 17.29 -4.91 45.81
C ALA A 126 18.44 -4.52 46.72
N THR A 127 18.94 -3.30 46.52
CA THR A 127 20.04 -2.75 47.31
C THR A 127 19.64 -1.37 47.84
N LEU A 128 19.82 -1.16 49.14
CA LEU A 128 19.46 0.09 49.81
C LEU A 128 20.74 0.81 50.21
N ASN A 129 20.81 2.12 49.90
CA ASN A 129 22.08 2.82 50.08
C ASN A 129 22.27 3.31 51.51
N ASP A 130 21.47 4.28 51.96
CA ASP A 130 21.60 4.78 53.33
C ASP A 130 20.25 4.97 54.00
N LYS A 131 19.26 5.45 53.25
CA LYS A 131 17.99 5.90 53.80
C LYS A 131 16.81 5.11 53.24
N GLY A 132 17.09 3.94 52.67
CA GLY A 132 16.06 3.12 52.06
C GLY A 132 15.56 2.07 53.03
N LYS A 133 14.23 1.99 53.15
CA LYS A 133 13.58 0.94 53.91
C LYS A 133 12.62 0.21 52.97
N LEU A 134 12.72 -1.12 52.95
CA LEU A 134 11.92 -1.94 52.05
C LEU A 134 11.05 -2.86 52.89
N GLU A 135 9.73 -2.71 52.77
CA GLU A 135 8.76 -3.53 53.48
C GLU A 135 7.75 -4.02 52.45
N VAL A 136 7.94 -5.24 51.98
CA VAL A 136 7.11 -5.82 50.91
C VAL A 136 6.40 -7.05 51.45
N GLU A 137 5.13 -7.19 51.08
CA GLU A 137 4.28 -8.30 51.51
C GLU A 137 3.95 -9.15 50.30
N LEU A 138 4.13 -10.46 50.42
CA LEU A 138 3.87 -11.40 49.35
C LEU A 138 2.76 -12.35 49.74
N VAL A 139 1.98 -12.78 48.73
CA VAL A 139 0.85 -13.68 48.91
C VAL A 139 1.14 -14.93 48.10
N VAL A 140 1.36 -16.05 48.78
CA VAL A 140 1.66 -17.32 48.11
C VAL A 140 0.38 -18.11 47.93
N GLU A 141 0.28 -18.82 46.81
CA GLU A 141 -0.93 -19.54 46.46
C GLU A 141 -0.56 -20.73 45.59
N ARG A 142 -1.44 -21.72 45.55
CA ARG A 142 -1.19 -22.97 44.85
C ARG A 142 -1.97 -23.03 43.55
N GLY A 143 -1.44 -23.79 42.60
CA GLY A 143 -2.09 -23.95 41.32
C GLY A 143 -1.18 -24.71 40.36
N ARG A 144 -1.62 -24.76 39.10
CA ARG A 144 -0.87 -25.42 38.04
C ARG A 144 -0.94 -24.58 36.77
N GLY A 145 0.09 -24.68 35.95
CA GLY A 145 0.12 -23.93 34.71
C GLY A 145 0.46 -22.46 34.95
N TYR A 146 0.14 -21.65 33.94
CA TYR A 146 0.41 -20.22 33.95
C TYR A 146 -0.91 -19.47 34.02
N VAL A 147 -1.06 -18.66 35.06
CA VAL A 147 -2.26 -17.85 35.28
C VAL A 147 -1.86 -16.38 35.15
N PRO A 148 -2.36 -15.66 34.14
CA PRO A 148 -1.95 -14.25 33.98
C PRO A 148 -2.36 -13.40 35.18
N ALA A 149 -1.93 -12.14 35.19
CA ALA A 149 -2.21 -11.26 36.31
C ALA A 149 -3.71 -11.02 36.44
N VAL A 150 -4.26 -11.33 37.62
CA VAL A 150 -5.66 -11.07 37.92
C VAL A 150 -5.79 -9.64 38.42
N GLN A 151 -6.26 -8.75 37.55
CA GLN A 151 -6.28 -7.32 37.88
C GLN A 151 -7.16 -7.07 39.10
N ASN A 152 -6.89 -5.94 39.78
CA ASN A 152 -7.56 -5.65 41.03
C ASN A 152 -9.07 -5.47 40.86
N ARG A 153 -9.51 -5.02 39.68
CA ARG A 153 -10.93 -4.72 39.49
C ARG A 153 -11.80 -5.93 39.83
N ALA A 154 -11.44 -7.11 39.31
CA ALA A 154 -12.26 -8.29 39.54
C ALA A 154 -12.14 -8.78 40.97
N SER A 155 -10.94 -8.70 41.55
CA SER A 155 -10.67 -9.33 42.84
C SER A 155 -10.90 -8.38 44.00
N GLY A 156 -11.64 -7.30 43.77
CA GLY A 156 -11.97 -6.34 44.82
C GLY A 156 -10.80 -6.01 45.73
N ALA A 157 -9.72 -5.50 45.15
CA ALA A 157 -8.50 -5.18 45.86
C ALA A 157 -8.33 -3.67 45.99
N GLU A 158 -7.41 -3.28 46.86
CA GLU A 158 -7.13 -1.86 47.10
C GLU A 158 -6.19 -1.32 46.04
N ILE A 159 -5.95 -0.01 46.11
CA ILE A 159 -5.11 0.66 45.11
C ILE A 159 -3.67 0.17 45.20
N GLY A 160 -3.19 -0.11 46.41
CA GLY A 160 -1.80 -0.50 46.60
C GLY A 160 -1.46 -1.91 46.20
N ARG A 161 -2.44 -2.74 45.86
CA ARG A 161 -2.17 -4.12 45.47
C ARG A 161 -1.66 -4.16 44.03
N ILE A 162 -0.65 -5.00 43.80
CA ILE A 162 0.04 -5.08 42.52
C ILE A 162 -0.04 -6.52 42.03
N PRO A 163 -1.03 -6.83 41.19
CA PRO A 163 -1.14 -8.21 40.68
C PRO A 163 0.10 -8.62 39.90
N VAL A 164 0.47 -9.90 40.05
CA VAL A 164 1.68 -10.45 39.47
C VAL A 164 1.34 -11.75 38.76
N ASP A 165 1.89 -11.92 37.55
CA ASP A 165 1.72 -13.18 36.84
C ASP A 165 2.43 -14.31 37.59
N SER A 166 1.75 -15.46 37.69
CA SER A 166 2.23 -16.59 38.49
C SER A 166 2.44 -17.78 37.57
N ILE A 167 3.59 -18.43 37.71
CA ILE A 167 3.90 -19.65 36.97
C ILE A 167 4.05 -20.78 38.01
N TYR A 168 3.09 -21.70 38.01
CA TYR A 168 3.08 -22.82 38.95
C TYR A 168 3.70 -24.07 38.35
N SER A 169 4.96 -23.99 37.93
CA SER A 169 5.64 -25.13 37.33
C SER A 169 6.77 -25.62 38.22
N PRO A 170 6.66 -26.80 38.82
CA PRO A 170 7.79 -27.35 39.58
C PRO A 170 8.88 -27.99 38.74
N VAL A 171 8.60 -28.36 37.49
CA VAL A 171 9.57 -29.03 36.64
C VAL A 171 10.34 -27.97 35.87
N LEU A 172 11.57 -28.31 35.49
CA LEU A 172 12.45 -27.38 34.81
C LEU A 172 12.73 -27.81 33.37
N LYS A 173 13.20 -29.04 33.15
CA LYS A 173 13.54 -29.52 31.82
C LYS A 173 13.34 -31.03 31.77
N VAL A 174 12.82 -31.52 30.65
CA VAL A 174 12.56 -32.94 30.46
C VAL A 174 13.03 -33.36 29.09
N THR A 175 13.54 -34.58 28.99
CA THR A 175 13.95 -35.16 27.71
C THR A 175 14.00 -36.67 27.88
N TYR A 176 14.19 -37.38 26.77
CA TYR A 176 14.21 -38.83 26.79
C TYR A 176 15.00 -39.35 25.59
N LYS A 177 15.53 -40.56 25.75
CA LYS A 177 16.19 -41.27 24.66
C LYS A 177 15.78 -42.74 24.73
N VAL A 178 15.82 -43.40 23.58
CA VAL A 178 15.32 -44.77 23.44
C VAL A 178 16.41 -45.65 22.85
N ASP A 179 16.64 -46.80 23.48
CA ASP A 179 17.54 -47.83 22.95
C ASP A 179 16.68 -48.94 22.35
N ALA A 180 16.80 -49.13 21.05
CA ALA A 180 15.97 -50.08 20.31
C ALA A 180 16.83 -51.26 19.87
N THR A 181 16.35 -52.48 20.15
CA THR A 181 17.02 -53.70 19.76
C THR A 181 16.28 -54.31 18.57
N ARG A 182 16.98 -54.47 17.46
CA ARG A 182 16.40 -54.99 16.21
C ARG A 182 17.28 -56.13 15.71
N VAL A 183 17.06 -57.32 16.25
CA VAL A 183 17.81 -58.50 15.87
C VAL A 183 17.15 -59.14 14.66
N GLU A 184 17.87 -60.04 13.98
CA GLU A 184 17.40 -60.69 12.76
C GLU A 184 16.50 -61.88 13.06
N GLN A 185 15.89 -61.91 14.26
CA GLN A 185 14.92 -62.95 14.58
C GLN A 185 13.58 -62.37 15.03
N ARG A 186 13.39 -61.05 14.98
CA ARG A 186 12.14 -60.38 15.36
C ARG A 186 11.87 -60.45 16.85
N THR A 187 12.87 -60.79 17.67
CA THR A 187 12.73 -60.74 19.12
C THR A 187 13.17 -59.35 19.61
N ASP A 188 12.43 -58.35 19.14
CA ASP A 188 12.77 -56.95 19.34
C ASP A 188 11.97 -56.37 20.50
N PHE A 189 12.46 -55.25 21.03
CA PHE A 189 11.80 -54.53 22.10
C PHE A 189 12.45 -53.14 22.18
N ASP A 190 12.00 -52.34 23.14
CA ASP A 190 12.50 -50.98 23.32
C ASP A 190 12.84 -50.74 24.78
N LYS A 191 13.77 -49.83 25.02
CA LYS A 191 14.14 -49.37 26.36
C LYS A 191 14.04 -47.85 26.38
N LEU A 192 13.38 -47.33 27.41
CA LEU A 192 13.13 -45.90 27.52
C LEU A 192 13.86 -45.35 28.73
N ILE A 193 14.56 -44.23 28.55
CA ILE A 193 15.26 -43.54 29.63
C ILE A 193 14.73 -42.12 29.68
N LEU A 194 14.20 -41.71 30.83
CA LEU A 194 13.59 -40.40 30.99
C LEU A 194 14.41 -39.54 31.94
N ASP A 195 14.77 -38.34 31.48
CA ASP A 195 15.59 -37.40 32.25
C ASP A 195 14.70 -36.26 32.74
N VAL A 196 14.20 -36.37 33.97
CA VAL A 196 13.43 -35.29 34.57
C VAL A 196 14.34 -34.44 35.43
N GLU A 197 13.98 -33.15 35.56
CA GLU A 197 14.77 -32.20 36.33
C GLU A 197 13.83 -31.14 36.89
N THR A 198 13.71 -31.09 38.21
CA THR A 198 12.84 -30.15 38.89
C THR A 198 13.65 -28.98 39.46
N LYS A 199 12.93 -27.92 39.80
CA LYS A 199 13.57 -26.72 40.37
C LYS A 199 13.58 -26.75 41.89
N ASN A 200 14.07 -27.86 42.46
CA ASN A 200 14.35 -27.94 43.89
C ASN A 200 13.10 -27.83 44.75
N SER A 201 11.93 -27.75 44.13
CA SER A 201 10.69 -27.65 44.90
C SER A 201 10.12 -29.02 45.22
N ILE A 202 10.21 -29.95 44.28
CA ILE A 202 9.85 -31.35 44.51
C ILE A 202 10.85 -32.22 43.76
N SER A 203 11.09 -33.42 44.29
CA SER A 203 12.00 -34.33 43.63
C SER A 203 11.39 -34.81 42.31
N PRO A 204 12.21 -35.24 41.35
CA PRO A 204 11.65 -35.76 40.09
C PRO A 204 10.74 -36.96 40.30
N ARG A 205 10.93 -37.73 41.37
CA ARG A 205 10.06 -38.87 41.62
C ARG A 205 8.62 -38.43 41.83
N ASP A 206 8.41 -37.36 42.61
CA ASP A 206 7.06 -36.87 42.84
C ASP A 206 6.41 -36.41 41.55
N ALA A 207 7.16 -35.69 40.71
CA ALA A 207 6.61 -35.23 39.44
C ALA A 207 6.23 -36.40 38.55
N LEU A 208 7.09 -37.42 38.48
CA LEU A 208 6.78 -38.58 37.65
C LEU A 208 5.56 -39.32 38.20
N ALA A 209 5.44 -39.41 39.52
CA ALA A 209 4.26 -40.03 40.11
C ALA A 209 2.99 -39.26 39.78
N SER A 210 3.04 -37.94 39.84
CA SER A 210 1.87 -37.14 39.48
C SER A 210 1.49 -37.34 38.02
N ALA A 211 2.49 -37.36 37.14
CA ALA A 211 2.22 -37.60 35.72
C ALA A 211 1.57 -38.97 35.52
N GLY A 212 2.09 -39.98 36.21
CA GLY A 212 1.49 -41.31 36.11
C GLY A 212 0.05 -41.32 36.60
N LYS A 213 -0.21 -40.63 37.70
CA LYS A 213 -1.58 -40.56 38.21
C LYS A 213 -2.52 -39.94 37.19
N THR A 214 -2.11 -38.81 36.60
CA THR A 214 -2.96 -38.14 35.62
C THR A 214 -3.21 -39.04 34.41
N LEU A 215 -2.15 -39.68 33.91
CA LEU A 215 -2.32 -40.53 32.74
C LEU A 215 -3.19 -41.75 33.05
N VAL A 216 -3.05 -42.33 34.23
CA VAL A 216 -3.89 -43.46 34.61
C VAL A 216 -5.35 -43.02 34.69
N GLU A 217 -5.60 -41.83 35.24
CA GLU A 217 -6.97 -41.31 35.27
C GLU A 217 -7.52 -41.15 33.86
N LEU A 218 -6.70 -40.61 32.94
CA LEU A 218 -7.18 -40.34 31.59
C LEU A 218 -7.47 -41.62 30.83
N PHE A 219 -6.54 -42.57 30.85
CA PHE A 219 -6.66 -43.77 30.01
C PHE A 219 -7.66 -44.78 30.58
N GLY A 220 -8.39 -44.38 31.62
CA GLY A 220 -9.36 -45.27 32.22
C GLY A 220 -10.75 -45.15 31.60
N LEU A 221 -10.94 -44.17 30.73
CA LEU A 221 -12.23 -43.98 30.07
C LEU A 221 -12.38 -44.81 28.81
N ALA A 222 -11.29 -45.32 28.24
CA ALA A 222 -11.34 -46.24 27.12
C ALA A 222 -11.47 -47.68 27.55
N ARG A 223 -11.38 -47.97 28.85
CA ARG A 223 -11.48 -49.31 29.39
C ARG A 223 -12.89 -49.66 29.85
N GLU A 224 -13.84 -48.75 29.63
CA GLU A 224 -15.21 -48.93 30.11
C GLU A 224 -16.11 -49.66 29.12
N LEU A 225 -15.73 -49.72 27.85
CA LEU A 225 -16.58 -50.35 26.85
C LEU A 225 -16.84 -51.81 27.19
N ASN A 226 -15.83 -52.50 27.71
CA ASN A 226 -15.95 -53.90 28.08
C ASN A 226 -17.18 -54.16 28.94
N MET B 1 -5.79 -32.46 41.92
CA MET B 1 -6.94 -31.53 41.69
C MET B 1 -8.03 -32.23 40.90
N LEU B 2 -9.15 -31.54 40.69
CA LEU B 2 -10.33 -32.11 40.04
C LEU B 2 -10.59 -31.36 38.74
N ILE B 3 -10.65 -32.09 37.63
CA ILE B 3 -10.93 -31.49 36.34
C ILE B 3 -12.41 -31.17 36.24
N SER B 4 -12.74 -30.03 35.63
CA SER B 4 -14.11 -29.51 35.63
C SER B 4 -14.72 -29.69 34.25
N GLN B 5 -14.37 -30.81 33.60
CA GLN B 5 -14.91 -31.10 32.27
C GLN B 5 -15.50 -32.51 32.19
N ARG B 6 -14.87 -33.47 32.86
CA ARG B 6 -15.34 -34.85 32.84
C ARG B 6 -15.55 -35.34 31.41
N PRO B 7 -14.47 -35.66 30.69
CA PRO B 7 -14.62 -36.09 29.29
C PRO B 7 -15.41 -37.39 29.19
N THR B 8 -16.00 -37.59 28.00
CA THR B 8 -16.91 -38.70 27.77
C THR B 8 -16.56 -39.38 26.45
N LEU B 9 -16.68 -40.70 26.40
CA LEU B 9 -16.42 -41.47 25.20
C LEU B 9 -17.73 -41.89 24.54
N SER B 10 -17.72 -41.91 23.20
CA SER B 10 -18.91 -42.25 22.43
C SER B 10 -18.48 -42.89 21.13
N GLU B 11 -19.26 -43.87 20.68
CA GLU B 11 -18.95 -44.65 19.49
C GLU B 11 -20.01 -44.44 18.41
N ASP B 12 -19.60 -44.56 17.16
CA ASP B 12 -20.48 -44.47 16.01
C ASP B 12 -20.13 -45.62 15.06
N VAL B 13 -21.08 -46.52 14.83
CA VAL B 13 -20.83 -47.73 14.07
C VAL B 13 -21.01 -47.43 12.59
N LEU B 14 -20.00 -47.80 11.78
CA LEU B 14 -20.08 -47.70 10.34
C LEU B 14 -20.18 -49.06 9.66
N THR B 15 -19.97 -50.15 10.41
CA THR B 15 -20.00 -51.50 9.87
C THR B 15 -19.82 -52.48 11.02
N ASP B 16 -20.00 -53.77 10.76
CA ASP B 16 -19.71 -54.77 11.78
C ASP B 16 -18.24 -54.79 12.17
N ASN B 17 -17.35 -54.28 11.31
CA ASN B 17 -15.92 -54.26 11.57
C ASN B 17 -15.33 -52.87 11.31
N ARG B 18 -16.02 -51.83 11.76
CA ARG B 18 -15.51 -50.46 11.61
C ARG B 18 -16.33 -49.54 12.50
N SER B 19 -15.66 -48.74 13.32
CA SER B 19 -16.32 -47.84 14.25
C SER B 19 -15.56 -46.53 14.33
N GLN B 20 -16.24 -45.51 14.86
CA GLN B 20 -15.65 -44.20 15.06
C GLN B 20 -15.95 -43.76 16.48
N PHE B 21 -14.91 -43.33 17.19
CA PHE B 21 -15.02 -42.96 18.59
C PHE B 21 -14.73 -41.46 18.76
N VAL B 22 -15.26 -40.89 19.84
CA VAL B 22 -15.10 -39.47 20.12
C VAL B 22 -14.96 -39.22 21.62
N ILE B 23 -13.79 -38.74 22.03
CA ILE B 23 -13.60 -38.28 23.40
C ILE B 23 -13.58 -36.75 23.38
N GLU B 24 -14.75 -36.15 23.56
CA GLU B 24 -14.94 -34.76 23.19
C GLU B 24 -14.19 -33.78 24.09
N PRO B 25 -14.58 -33.62 25.35
CA PRO B 25 -14.12 -32.45 26.11
C PRO B 25 -12.76 -32.63 26.78
N LEU B 26 -11.72 -32.88 25.99
CA LEU B 26 -10.38 -32.99 26.55
C LEU B 26 -9.79 -31.60 26.78
N GLU B 27 -8.95 -31.49 27.80
CA GLU B 27 -8.28 -30.23 28.11
C GLU B 27 -7.26 -29.90 27.01
N PRO B 28 -6.99 -28.61 26.78
CA PRO B 28 -6.05 -28.24 25.71
C PRO B 28 -4.71 -28.95 25.83
N GLY B 29 -4.33 -29.66 24.77
CA GLY B 29 -3.07 -30.36 24.71
C GLY B 29 -3.17 -31.86 24.97
N PHE B 30 -4.26 -32.32 25.57
CA PHE B 30 -4.44 -33.73 25.87
C PHE B 30 -5.01 -34.52 24.70
N GLY B 31 -5.38 -33.85 23.61
CA GLY B 31 -5.78 -34.55 22.42
C GLY B 31 -4.63 -35.30 21.80
N TYR B 32 -3.49 -34.63 21.62
CA TYR B 32 -2.30 -35.25 21.06
C TYR B 32 -1.58 -36.16 22.05
N THR B 33 -1.68 -35.87 23.34
CA THR B 33 -1.10 -36.75 24.35
C THR B 33 -1.75 -38.12 24.30
N LEU B 34 -3.06 -38.16 24.12
CA LEU B 34 -3.81 -39.42 24.17
C LEU B 34 -3.90 -40.09 22.81
N GLY B 35 -4.02 -39.31 21.72
CA GLY B 35 -4.33 -39.91 20.44
C GLY B 35 -3.26 -40.86 19.94
N ASN B 36 -1.99 -40.44 19.98
CA ASN B 36 -0.92 -41.25 19.44
C ASN B 36 -0.63 -42.48 20.30
N SER B 37 -0.66 -42.32 21.63
CA SER B 37 -0.50 -43.48 22.50
C SER B 37 -1.61 -44.50 22.28
N LEU B 38 -2.86 -44.03 22.20
CA LEU B 38 -3.96 -44.95 21.96
C LEU B 38 -3.83 -45.64 20.62
N ARG B 39 -3.45 -44.89 19.58
CA ARG B 39 -3.28 -45.49 18.27
C ARG B 39 -2.20 -46.57 18.26
N ARG B 40 -1.03 -46.28 18.83
CA ARG B 40 0.05 -47.26 18.83
C ARG B 40 -0.28 -48.47 19.68
N THR B 41 -0.94 -48.29 20.83
CA THR B 41 -1.37 -49.43 21.61
C THR B 41 -2.37 -50.28 20.85
N LEU B 42 -3.30 -49.65 20.14
CA LEU B 42 -4.26 -50.42 19.34
C LEU B 42 -3.54 -51.21 18.25
N LEU B 43 -2.57 -50.60 17.58
CA LEU B 43 -1.97 -51.21 16.40
C LEU B 43 -0.81 -52.16 16.70
N SER B 44 -0.26 -52.16 17.91
CA SER B 44 0.93 -53.00 18.16
C SER B 44 0.93 -53.70 19.51
N SER B 45 -0.21 -53.77 20.20
CA SER B 45 -0.25 -54.31 21.55
C SER B 45 -1.06 -55.60 21.64
N ILE B 46 -2.32 -55.59 21.19
CA ILE B 46 -3.23 -56.70 21.43
C ILE B 46 -2.72 -57.97 20.76
N PRO B 47 -2.89 -59.16 21.37
CA PRO B 47 -2.37 -60.38 20.75
C PRO B 47 -3.39 -61.06 19.85
N GLY B 48 -2.91 -61.94 18.98
CA GLY B 48 -3.77 -62.69 18.08
C GLY B 48 -3.03 -63.89 17.54
N ALA B 49 -3.33 -64.22 16.28
CA ALA B 49 -2.67 -65.32 15.60
C ALA B 49 -2.61 -65.02 14.11
N ALA B 50 -1.64 -65.63 13.42
CA ALA B 50 -1.48 -65.42 11.99
C ALA B 50 -0.55 -66.49 11.45
N VAL B 51 -0.75 -66.83 10.18
CA VAL B 51 0.11 -67.79 9.49
C VAL B 51 1.53 -67.25 9.52
N THR B 52 2.51 -68.14 9.61
CA THR B 52 3.90 -67.73 9.70
C THR B 52 4.77 -68.46 8.69
N SER B 53 4.35 -69.65 8.27
CA SER B 53 5.11 -70.44 7.31
C SER B 53 4.16 -71.37 6.56
N ILE B 54 4.54 -71.71 5.33
CA ILE B 54 3.77 -72.66 4.52
C ILE B 54 4.75 -73.45 3.66
N ARG B 55 4.32 -74.64 3.24
CA ARG B 55 5.08 -75.46 2.31
C ARG B 55 4.13 -76.01 1.25
N ILE B 56 4.42 -75.74 0.00
CA ILE B 56 3.60 -76.18 -1.14
C ILE B 56 4.38 -77.22 -1.91
N ASP B 57 3.80 -78.42 -2.04
CA ASP B 57 4.49 -79.52 -2.69
C ASP B 57 4.77 -79.19 -4.16
N GLY B 58 5.95 -79.56 -4.62
CA GLY B 58 6.34 -79.35 -6.00
C GLY B 58 7.27 -78.16 -6.18
N VAL B 59 7.02 -77.10 -5.41
CA VAL B 59 7.79 -75.86 -5.52
C VAL B 59 8.97 -75.95 -4.55
N LEU B 60 10.13 -76.37 -5.05
CA LEU B 60 11.30 -76.53 -4.20
C LEU B 60 12.42 -75.56 -4.57
N HIS B 61 12.86 -75.60 -5.82
CA HIS B 61 14.00 -74.77 -6.22
C HIS B 61 13.54 -73.43 -6.78
N GLU B 62 12.50 -73.44 -7.61
CA GLU B 62 11.96 -72.23 -8.23
C GLU B 62 10.56 -71.98 -7.69
N PHE B 63 10.28 -70.73 -7.34
CA PHE B 63 8.97 -70.33 -6.82
C PHE B 63 8.38 -69.31 -7.78
N THR B 64 7.77 -69.80 -8.86
CA THR B 64 7.03 -68.95 -9.79
C THR B 64 5.58 -69.42 -9.91
N THR B 65 5.36 -70.70 -10.22
CA THR B 65 4.03 -71.22 -10.50
C THR B 65 3.95 -72.68 -10.07
N VAL B 66 2.76 -73.10 -9.65
CA VAL B 66 2.52 -74.48 -9.25
C VAL B 66 1.87 -75.22 -10.41
N PRO B 67 2.21 -76.48 -10.67
CA PRO B 67 1.54 -77.22 -11.74
C PRO B 67 0.14 -77.68 -11.36
N GLY B 68 -0.88 -77.05 -11.92
CA GLY B 68 -2.25 -77.41 -11.62
C GLY B 68 -3.08 -76.24 -11.16
N VAL B 69 -2.43 -75.12 -10.85
CA VAL B 69 -3.09 -73.93 -10.36
C VAL B 69 -2.96 -72.82 -11.40
N LYS B 70 -4.07 -72.12 -11.65
CA LYS B 70 -4.04 -71.00 -12.58
C LYS B 70 -3.12 -69.89 -12.08
N GLU B 71 -3.18 -69.60 -10.78
CA GLU B 71 -2.45 -68.48 -10.21
C GLU B 71 -0.99 -68.86 -9.94
N ASP B 72 -0.19 -67.85 -9.65
CA ASP B 72 1.22 -68.02 -9.32
C ASP B 72 1.39 -68.14 -7.81
N VAL B 73 2.62 -68.42 -7.38
CA VAL B 73 2.89 -68.63 -5.96
C VAL B 73 2.61 -67.36 -5.18
N THR B 74 3.02 -66.20 -5.70
CA THR B 74 2.85 -64.95 -4.98
C THR B 74 1.38 -64.70 -4.65
N GLU B 75 0.49 -65.00 -5.59
CA GLU B 75 -0.94 -64.84 -5.33
C GLU B 75 -1.41 -65.75 -4.20
N ILE B 76 -0.92 -66.98 -4.13
CA ILE B 76 -1.30 -67.86 -3.04
C ILE B 76 -0.78 -67.33 -1.71
N ILE B 77 0.45 -66.82 -1.70
CA ILE B 77 1.00 -66.23 -0.47
C ILE B 77 0.12 -65.08 -0.01
N LEU B 78 -0.27 -64.21 -0.94
CA LEU B 78 -1.11 -63.08 -0.57
C LEU B 78 -2.49 -63.54 -0.09
N ASN B 79 -3.05 -64.56 -0.74
CA ASN B 79 -4.37 -65.06 -0.35
C ASN B 79 -4.36 -65.63 1.06
N LEU B 80 -3.33 -66.42 1.39
CA LEU B 80 -3.24 -66.95 2.75
C LEU B 80 -2.88 -65.85 3.75
N LYS B 81 -2.15 -64.82 3.31
CA LYS B 81 -1.75 -63.74 4.20
C LYS B 81 -2.95 -62.96 4.73
N SER B 82 -4.12 -63.07 4.09
CA SER B 82 -5.33 -62.39 4.54
C SER B 82 -6.24 -63.30 5.35
N LEU B 83 -5.83 -64.53 5.64
CA LEU B 83 -6.70 -65.49 6.32
C LEU B 83 -6.82 -65.13 7.80
N VAL B 84 -8.05 -64.97 8.27
CA VAL B 84 -8.29 -64.69 9.68
C VAL B 84 -8.31 -66.00 10.45
N VAL B 85 -7.47 -66.09 11.49
CA VAL B 85 -7.28 -67.35 12.21
C VAL B 85 -7.17 -67.05 13.70
N SER B 86 -7.33 -68.08 14.53
CA SER B 86 -7.25 -67.93 15.97
C SER B 86 -6.80 -69.24 16.62
N SER B 87 -5.82 -69.17 17.52
CA SER B 87 -5.26 -70.36 18.14
C SER B 87 -5.07 -70.11 19.63
N GLU B 88 -5.07 -71.21 20.39
CA GLU B 88 -4.80 -71.17 21.82
C GLU B 88 -3.46 -71.78 22.20
N GLU B 89 -2.96 -72.74 21.43
CA GLU B 89 -1.67 -73.34 21.75
C GLU B 89 -0.55 -72.35 21.45
N ASP B 90 0.31 -72.13 22.45
CA ASP B 90 1.42 -71.20 22.28
C ASP B 90 2.39 -71.69 21.21
N GLU B 91 2.68 -72.99 21.19
CA GLU B 91 3.64 -73.52 20.25
C GLU B 91 3.09 -73.45 18.83
N PRO B 92 3.95 -73.40 17.83
CA PRO B 92 3.47 -73.43 16.44
C PRO B 92 2.73 -74.72 16.15
N VAL B 93 1.69 -74.62 15.32
CA VAL B 93 0.88 -75.76 14.94
C VAL B 93 1.09 -76.02 13.45
N THR B 94 0.48 -77.07 12.91
CA THR B 94 0.64 -77.37 11.49
C THR B 94 -0.71 -77.90 10.96
N MET B 95 -1.36 -77.07 10.15
CA MET B 95 -2.59 -77.46 9.48
C MET B 95 -2.28 -78.04 8.10
N TYR B 96 -3.32 -78.52 7.43
CA TYR B 96 -3.18 -79.10 6.10
C TYR B 96 -4.36 -78.68 5.24
N LEU B 97 -4.10 -78.53 3.94
CA LEU B 97 -5.12 -78.19 2.95
C LEU B 97 -4.90 -79.05 1.72
N ARG B 98 -5.95 -79.73 1.27
CA ARG B 98 -5.88 -80.57 0.10
C ARG B 98 -7.25 -80.73 -0.53
N LYS B 99 -7.31 -80.54 -1.85
CA LYS B 99 -8.52 -80.76 -2.63
C LYS B 99 -8.11 -81.39 -3.96
N GLN B 100 -9.04 -82.14 -4.55
CA GLN B 100 -8.76 -82.98 -5.71
C GLN B 100 -9.29 -82.32 -6.98
N GLY B 101 -8.38 -82.05 -7.92
CA GLY B 101 -8.74 -81.69 -9.27
C GLY B 101 -9.68 -80.50 -9.36
N PRO B 102 -10.67 -80.58 -10.27
CA PRO B 102 -11.50 -79.40 -10.55
C PRO B 102 -12.31 -78.97 -9.34
N GLY B 103 -12.56 -77.68 -9.25
CA GLY B 103 -13.33 -77.06 -8.19
C GLY B 103 -12.72 -75.74 -7.79
N GLU B 104 -13.17 -75.24 -6.64
CA GLU B 104 -12.67 -73.98 -6.07
C GLU B 104 -12.06 -74.28 -4.72
N VAL B 105 -10.75 -74.01 -4.58
CA VAL B 105 -10.10 -74.15 -3.29
C VAL B 105 -10.42 -72.93 -2.44
N THR B 106 -10.98 -73.16 -1.26
CA THR B 106 -11.48 -72.09 -0.40
C THR B 106 -11.03 -72.35 1.02
N ALA B 107 -11.07 -71.29 1.84
CA ALA B 107 -10.60 -71.39 3.22
C ALA B 107 -11.33 -72.50 3.97
N GLY B 108 -12.62 -72.68 3.69
CA GLY B 108 -13.40 -73.72 4.36
C GLY B 108 -12.91 -75.12 4.08
N ASP B 109 -12.08 -75.30 3.05
CA ASP B 109 -11.58 -76.62 2.68
C ASP B 109 -10.40 -77.08 3.52
N ILE B 110 -10.11 -76.45 4.67
CA ILE B 110 -9.01 -76.86 5.53
C ILE B 110 -9.60 -77.36 6.84
N VAL B 111 -9.19 -78.55 7.27
CA VAL B 111 -9.66 -79.12 8.51
C VAL B 111 -8.88 -78.51 9.67
N PRO B 112 -9.52 -77.83 10.61
CA PRO B 112 -8.78 -77.16 11.68
C PRO B 112 -8.41 -78.14 12.79
N PRO B 113 -7.13 -78.26 13.12
CA PRO B 113 -6.75 -79.06 14.29
C PRO B 113 -7.29 -78.44 15.57
N ALA B 114 -7.04 -79.14 16.67
CA ALA B 114 -7.51 -78.66 17.97
C ALA B 114 -6.95 -77.27 18.25
N GLY B 115 -7.82 -76.39 18.71
CA GLY B 115 -7.44 -75.01 19.02
C GLY B 115 -7.59 -74.02 17.88
N VAL B 116 -7.10 -74.39 16.69
CA VAL B 116 -7.13 -73.47 15.56
C VAL B 116 -8.56 -73.38 15.02
N THR B 117 -8.93 -72.19 14.56
CA THR B 117 -10.25 -71.95 13.99
C THR B 117 -10.10 -70.98 12.82
N VAL B 118 -11.12 -70.96 11.97
CA VAL B 118 -11.14 -70.11 10.77
C VAL B 118 -12.41 -69.26 10.81
N HIS B 119 -12.25 -67.95 10.64
CA HIS B 119 -13.38 -67.03 10.73
C HIS B 119 -13.88 -66.54 9.38
N ASN B 120 -13.16 -66.84 8.29
CA ASN B 120 -13.60 -66.47 6.95
C ASN B 120 -13.64 -67.72 6.09
N PRO B 121 -14.66 -68.58 6.25
CA PRO B 121 -14.66 -69.86 5.54
C PRO B 121 -14.64 -69.73 4.03
N GLY B 122 -15.23 -68.67 3.48
CA GLY B 122 -15.41 -68.57 2.04
C GLY B 122 -14.35 -67.78 1.31
N MET B 123 -13.23 -67.49 1.97
CA MET B 123 -12.17 -66.73 1.33
C MET B 123 -11.54 -67.57 0.22
N HIS B 124 -11.49 -67.01 -0.98
CA HIS B 124 -10.89 -67.71 -2.11
C HIS B 124 -9.39 -67.83 -1.93
N ILE B 125 -8.84 -68.97 -2.38
CA ILE B 125 -7.41 -69.22 -2.29
C ILE B 125 -6.86 -69.50 -3.68
N ALA B 126 -7.42 -70.51 -4.35
CA ALA B 126 -7.00 -70.85 -5.70
C ALA B 126 -8.09 -71.65 -6.38
N THR B 127 -8.02 -71.67 -7.72
CA THR B 127 -8.90 -72.48 -8.55
C THR B 127 -8.07 -73.52 -9.28
N LEU B 128 -8.50 -74.78 -9.22
CA LEU B 128 -7.82 -75.89 -9.86
C LEU B 128 -8.50 -76.17 -11.19
N ASN B 129 -7.79 -75.94 -12.29
CA ASN B 129 -8.27 -76.24 -13.64
C ASN B 129 -7.14 -76.88 -14.42
N ASP B 130 -7.06 -78.22 -14.39
CA ASP B 130 -5.99 -78.96 -15.03
C ASP B 130 -5.87 -80.38 -14.50
N LYS B 131 -6.87 -80.83 -13.71
CA LYS B 131 -6.85 -82.17 -13.12
C LYS B 131 -5.60 -82.41 -12.28
N GLY B 132 -5.12 -81.35 -11.62
CA GLY B 132 -4.01 -81.47 -10.70
C GLY B 132 -4.49 -81.68 -9.27
N LYS B 133 -3.54 -81.54 -8.34
CA LYS B 133 -3.83 -81.64 -6.92
C LYS B 133 -3.12 -80.50 -6.19
N LEU B 134 -3.71 -80.10 -5.06
CA LEU B 134 -3.15 -79.06 -4.22
C LEU B 134 -2.81 -79.67 -2.87
N GLU B 135 -1.58 -79.48 -2.42
CA GLU B 135 -1.12 -79.96 -1.12
C GLU B 135 -0.25 -78.90 -0.49
N VAL B 136 -0.73 -78.29 0.58
CA VAL B 136 0.00 -77.23 1.27
C VAL B 136 -0.25 -77.37 2.77
N GLU B 137 0.78 -77.16 3.57
CA GLU B 137 0.71 -77.24 5.01
C GLU B 137 0.96 -75.87 5.61
N LEU B 138 0.02 -75.40 6.43
CA LEU B 138 0.16 -74.12 7.12
C LEU B 138 0.66 -74.36 8.53
N VAL B 139 1.14 -73.28 9.15
CA VAL B 139 1.56 -73.31 10.56
C VAL B 139 1.22 -71.97 11.19
N VAL B 140 0.29 -71.99 12.15
CA VAL B 140 -0.15 -70.78 12.82
C VAL B 140 0.60 -70.60 14.14
N GLU B 141 0.70 -69.35 14.58
CA GLU B 141 1.36 -69.02 15.83
C GLU B 141 0.55 -67.93 16.52
N ARG B 142 1.12 -67.38 17.59
CA ARG B 142 0.54 -66.26 18.30
C ARG B 142 1.61 -65.18 18.48
N GLY B 143 1.17 -63.94 18.63
CA GLY B 143 2.11 -62.84 18.75
C GLY B 143 1.38 -61.52 18.92
N ARG B 144 1.97 -60.48 18.34
CA ARG B 144 1.46 -59.13 18.50
C ARG B 144 2.07 -58.23 17.42
N GLY B 145 1.27 -57.28 16.94
CA GLY B 145 1.77 -56.31 15.99
C GLY B 145 1.99 -56.92 14.60
N TYR B 146 2.85 -56.25 13.83
CA TYR B 146 3.21 -56.69 12.49
C TYR B 146 4.69 -57.06 12.50
N VAL B 147 4.99 -58.32 12.21
CA VAL B 147 6.34 -58.85 12.25
C VAL B 147 6.73 -59.28 10.85
N PRO B 148 7.74 -58.66 10.23
CA PRO B 148 8.19 -59.13 8.91
C PRO B 148 8.64 -60.58 8.95
N ALA B 149 8.86 -61.16 7.77
CA ALA B 149 9.28 -62.56 7.69
C ALA B 149 10.65 -62.73 8.34
N VAL B 150 10.82 -63.82 9.07
CA VAL B 150 12.07 -64.12 9.75
C VAL B 150 12.84 -65.08 8.84
N GLN B 151 14.02 -64.64 8.40
CA GLN B 151 14.80 -65.45 7.47
C GLN B 151 15.25 -66.74 8.16
N ASN B 152 15.24 -67.83 7.39
CA ASN B 152 15.51 -69.16 7.91
C ASN B 152 16.95 -69.55 7.60
N ARG B 153 17.83 -69.38 8.57
CA ARG B 153 19.20 -69.89 8.48
C ARG B 153 19.28 -71.35 8.92
N ALA B 154 18.33 -71.81 9.74
CA ALA B 154 18.25 -73.21 10.13
C ALA B 154 17.26 -73.93 9.23
N SER B 155 17.68 -74.12 7.98
CA SER B 155 16.83 -74.73 6.95
C SER B 155 16.81 -76.24 7.03
N GLY B 156 17.49 -76.84 8.00
CA GLY B 156 17.49 -78.30 8.11
C GLY B 156 16.10 -78.86 8.33
N ALA B 157 15.24 -78.11 9.02
CA ALA B 157 13.90 -78.60 9.30
C ALA B 157 13.13 -78.84 8.00
N GLU B 158 13.23 -77.92 7.04
CA GLU B 158 12.56 -78.08 5.77
C GLU B 158 13.07 -77.02 4.81
N ILE B 159 13.14 -77.39 3.53
CA ILE B 159 13.57 -76.46 2.48
C ILE B 159 12.40 -75.80 1.76
N GLY B 160 11.24 -76.47 1.70
CA GLY B 160 10.08 -75.88 1.04
C GLY B 160 9.32 -74.88 1.88
N ARG B 161 9.62 -74.81 3.18
CA ARG B 161 8.94 -73.87 4.05
C ARG B 161 9.23 -72.44 3.63
N ILE B 162 8.18 -71.65 3.45
CA ILE B 162 8.27 -70.26 3.03
C ILE B 162 7.82 -69.40 4.21
N PRO B 163 8.68 -68.54 4.76
CA PRO B 163 8.25 -67.65 5.85
C PRO B 163 7.48 -66.46 5.28
N VAL B 164 6.30 -66.21 5.84
CA VAL B 164 5.41 -65.15 5.38
C VAL B 164 5.33 -64.06 6.44
N ASP B 165 5.23 -62.82 5.99
CA ASP B 165 5.02 -61.72 6.92
C ASP B 165 3.73 -61.94 7.70
N SER B 166 3.79 -61.64 8.99
CA SER B 166 2.72 -62.01 9.92
C SER B 166 2.05 -60.75 10.43
N ILE B 167 0.74 -60.64 10.20
CA ILE B 167 -0.08 -59.62 10.85
C ILE B 167 -0.76 -60.29 12.03
N TYR B 168 -0.09 -60.28 13.18
CA TYR B 168 -0.67 -60.81 14.41
C TYR B 168 -1.74 -59.90 14.98
N SER B 169 -1.84 -58.68 14.50
CA SER B 169 -2.77 -57.71 15.05
C SER B 169 -4.15 -57.91 14.47
N PRO B 170 -5.17 -58.18 15.28
CA PRO B 170 -6.53 -58.23 14.73
C PRO B 170 -6.99 -56.87 14.20
N VAL B 171 -6.46 -55.79 14.75
CA VAL B 171 -6.79 -54.44 14.27
C VAL B 171 -5.99 -54.17 13.01
N LEU B 172 -6.67 -53.71 11.96
CA LEU B 172 -6.06 -53.54 10.65
C LEU B 172 -5.58 -52.13 10.38
N LYS B 173 -6.31 -51.10 10.82
CA LYS B 173 -5.93 -49.73 10.47
C LYS B 173 -6.59 -48.77 11.46
N VAL B 174 -5.85 -47.74 11.86
CA VAL B 174 -6.33 -46.76 12.83
C VAL B 174 -5.84 -45.37 12.40
N THR B 175 -6.67 -44.36 12.64
CA THR B 175 -6.32 -42.97 12.38
C THR B 175 -7.04 -42.09 13.40
N TYR B 176 -6.58 -40.85 13.54
CA TYR B 176 -7.19 -39.95 14.50
C TYR B 176 -7.02 -38.50 14.06
N LYS B 177 -7.89 -37.64 14.59
CA LYS B 177 -7.84 -36.20 14.38
C LYS B 177 -8.10 -35.51 15.71
N VAL B 178 -8.04 -34.18 15.69
CA VAL B 178 -8.35 -33.37 16.86
C VAL B 178 -8.78 -31.98 16.42
N ASP B 179 -9.76 -31.41 17.14
CA ASP B 179 -10.37 -30.14 16.79
C ASP B 179 -10.66 -29.36 18.07
N ALA B 180 -11.41 -28.26 17.92
CA ALA B 180 -11.76 -27.41 19.05
C ALA B 180 -13.23 -27.55 19.41
N THR B 181 -13.51 -27.56 20.71
CA THR B 181 -14.85 -27.92 21.20
C THR B 181 -15.39 -27.03 22.31
N ARG B 182 -15.31 -25.72 22.17
CA ARG B 182 -15.94 -24.88 23.18
C ARG B 182 -16.22 -23.50 22.60
N VAL B 183 -17.22 -22.83 23.21
CA VAL B 183 -17.68 -21.53 22.77
C VAL B 183 -17.69 -20.57 23.95
N GLU B 184 -17.59 -21.10 25.17
CA GLU B 184 -17.68 -20.30 26.40
C GLU B 184 -16.34 -19.59 26.64
N GLN B 185 -16.12 -18.53 25.86
CA GLN B 185 -14.92 -17.70 25.97
C GLN B 185 -13.66 -18.56 25.92
N ARG B 186 -13.74 -19.67 25.19
CA ARG B 186 -12.59 -20.54 25.04
C ARG B 186 -12.75 -21.45 23.83
N THR B 187 -11.87 -21.31 22.84
CA THR B 187 -11.86 -22.18 21.67
C THR B 187 -10.57 -22.98 21.57
N ASP B 188 -9.99 -23.37 22.71
CA ASP B 188 -8.71 -24.06 22.74
C ASP B 188 -8.83 -25.50 23.25
N PHE B 189 -10.02 -25.94 23.65
CA PHE B 189 -10.17 -27.31 24.10
C PHE B 189 -9.99 -28.27 22.93
N ASP B 190 -10.10 -29.57 23.17
CA ASP B 190 -9.75 -30.57 22.18
C ASP B 190 -10.93 -31.49 21.92
N LYS B 191 -10.82 -32.26 20.84
CA LYS B 191 -11.68 -33.40 20.56
C LYS B 191 -10.77 -34.51 20.04
N LEU B 192 -11.01 -35.74 20.45
CA LEU B 192 -10.26 -36.87 19.92
C LEU B 192 -11.22 -37.77 19.14
N ILE B 193 -11.09 -37.75 17.81
CA ILE B 193 -11.92 -38.54 16.91
C ILE B 193 -11.05 -39.66 16.38
N LEU B 194 -11.43 -40.90 16.69
CA LEU B 194 -10.64 -42.08 16.33
C LEU B 194 -11.44 -42.95 15.37
N ASP B 195 -10.78 -43.38 14.29
CA ASP B 195 -11.36 -44.30 13.33
C ASP B 195 -10.64 -45.63 13.46
N VAL B 196 -11.38 -46.67 13.82
CA VAL B 196 -10.81 -47.98 14.11
C VAL B 196 -11.43 -49.00 13.15
N GLU B 197 -10.56 -49.78 12.51
CA GLU B 197 -10.97 -50.83 11.57
C GLU B 197 -10.24 -52.10 11.96
N THR B 198 -10.99 -53.20 12.13
CA THR B 198 -10.45 -54.44 12.65
C THR B 198 -10.76 -55.60 11.72
N LYS B 199 -10.25 -56.77 12.08
CA LYS B 199 -10.48 -57.99 11.33
C LYS B 199 -11.86 -58.54 11.68
N ASN B 200 -12.18 -59.76 11.24
CA ASN B 200 -13.44 -60.41 11.56
C ASN B 200 -13.37 -61.18 12.88
N SER B 201 -12.22 -61.18 13.55
CA SER B 201 -12.00 -61.97 14.76
C SER B 201 -12.17 -61.15 16.03
N ILE B 202 -12.50 -59.86 15.91
CA ILE B 202 -12.70 -59.01 17.08
C ILE B 202 -13.42 -57.73 16.66
N SER B 203 -14.29 -57.23 17.54
CA SER B 203 -14.97 -55.97 17.29
C SER B 203 -14.10 -54.80 17.73
N PRO B 204 -14.23 -53.65 17.07
CA PRO B 204 -13.36 -52.50 17.43
C PRO B 204 -13.49 -52.09 18.89
N ARG B 205 -14.69 -52.11 19.44
CA ARG B 205 -14.91 -51.75 20.84
C ARG B 205 -14.40 -52.82 21.80
N ASP B 206 -14.13 -54.02 21.30
CA ASP B 206 -13.45 -55.05 22.09
C ASP B 206 -11.93 -54.94 22.00
N ALA B 207 -11.40 -54.17 21.05
CA ALA B 207 -9.97 -53.87 21.00
C ALA B 207 -9.64 -52.60 21.74
N LEU B 208 -10.56 -51.62 21.75
CA LEU B 208 -10.35 -50.42 22.54
C LEU B 208 -10.21 -50.75 24.02
N ALA B 209 -11.01 -51.70 24.51
CA ALA B 209 -10.91 -52.09 25.92
C ALA B 209 -9.55 -52.69 26.23
N SER B 210 -9.03 -53.55 25.35
CA SER B 210 -7.72 -54.14 25.57
C SER B 210 -6.63 -53.07 25.54
N ALA B 211 -6.73 -52.12 24.61
CA ALA B 211 -5.75 -51.04 24.58
C ALA B 211 -5.79 -50.23 25.87
N GLY B 212 -6.98 -49.90 26.36
CA GLY B 212 -7.10 -49.19 27.61
C GLY B 212 -6.51 -49.95 28.77
N LYS B 213 -6.78 -51.26 28.84
CA LYS B 213 -6.21 -52.08 29.90
C LYS B 213 -4.69 -52.07 29.85
N THR B 214 -4.12 -52.24 28.66
CA THR B 214 -2.66 -52.27 28.55
C THR B 214 -2.05 -50.93 28.97
N LEU B 215 -2.65 -49.82 28.54
CA LEU B 215 -2.10 -48.52 28.90
C LEU B 215 -2.25 -48.25 30.40
N VAL B 216 -3.37 -48.68 31.00
CA VAL B 216 -3.54 -48.52 32.43
C VAL B 216 -2.51 -49.35 33.19
N GLU B 217 -2.16 -50.53 32.70
CA GLU B 217 -1.09 -51.30 33.33
C GLU B 217 0.26 -50.62 33.19
N LEU B 218 0.55 -50.07 32.01
CA LEU B 218 1.87 -49.45 31.80
C LEU B 218 2.03 -48.17 32.60
N PHE B 219 0.97 -47.38 32.76
CA PHE B 219 1.07 -46.11 33.47
C PHE B 219 0.89 -46.26 34.97
N GLY B 220 0.70 -47.49 35.46
CA GLY B 220 0.73 -47.74 36.88
C GLY B 220 2.13 -48.04 37.36
N LEU B 221 3.05 -48.23 36.41
CA LEU B 221 4.44 -48.47 36.76
C LEU B 221 5.07 -47.25 37.41
N ALA B 222 4.94 -46.09 36.77
CA ALA B 222 5.43 -44.83 37.34
C ALA B 222 4.54 -44.33 38.46
N ARG B 223 3.26 -44.68 38.45
CA ARG B 223 2.36 -44.27 39.51
C ARG B 223 2.76 -44.83 40.86
N GLU B 224 3.44 -45.97 40.88
CA GLU B 224 3.77 -46.65 42.13
C GLU B 224 4.98 -46.06 42.83
N LEU B 225 5.79 -45.25 42.14
CA LEU B 225 6.92 -44.60 42.78
C LEU B 225 6.47 -43.84 44.02
N ASN B 226 5.41 -43.04 43.87
CA ASN B 226 4.75 -42.39 45.00
C ASN B 226 3.25 -42.52 44.80
N VAL B 227 2.57 -43.14 45.76
CA VAL B 227 1.15 -43.43 45.63
C VAL B 227 0.29 -42.38 46.33
N GLU B 228 0.91 -41.35 46.91
CA GLU B 228 0.20 -40.28 47.60
C GLU B 228 0.49 -38.92 46.97
N ALA B 229 0.89 -38.91 45.70
CA ALA B 229 1.16 -37.66 45.00
C ALA B 229 -0.15 -37.04 44.51
N GLU B 230 -0.06 -35.76 44.16
CA GLU B 230 -1.21 -34.99 43.68
C GLU B 230 -1.22 -34.97 42.16
N GLY B 231 -2.38 -35.28 41.58
CA GLY B 231 -2.56 -35.20 40.15
C GLY B 231 -3.89 -34.55 39.80
N ILE B 232 -4.41 -34.86 38.62
CA ILE B 232 -5.73 -34.39 38.18
C ILE B 232 -6.67 -35.58 38.19
N GLU B 233 -7.76 -35.47 38.94
CA GLU B 233 -8.75 -36.54 39.04
C GLU B 233 -9.96 -36.19 38.18
N ILE B 234 -10.31 -37.11 37.28
CA ILE B 234 -11.48 -36.89 36.44
C ILE B 234 -12.76 -37.00 37.25
N GLY B 235 -12.82 -37.92 38.21
CA GLY B 235 -13.99 -38.10 39.04
C GLY B 235 -14.75 -39.36 38.70
N PRO B 236 -15.87 -39.60 39.39
CA PRO B 236 -16.67 -40.78 39.11
C PRO B 236 -17.58 -40.59 37.90
N SER B 237 -18.25 -41.67 37.49
CA SER B 237 -19.15 -41.61 36.34
C SER B 237 -20.17 -40.49 36.47
N SER C 20 41.29 -5.45 18.54
CA SER C 20 40.23 -6.44 18.35
C SER C 20 38.90 -5.90 18.85
N SER C 21 38.93 -5.14 19.94
CA SER C 21 37.72 -4.55 20.47
C SER C 21 37.22 -3.44 19.56
N SER C 22 36.01 -2.96 19.83
CA SER C 22 35.34 -2.02 18.93
C SER C 22 35.64 -0.56 19.29
N ASN C 23 35.29 -0.16 20.50
CA ASN C 23 35.38 1.25 20.90
C ASN C 23 36.35 1.37 22.08
N ASN C 24 37.60 1.71 21.78
CA ASN C 24 38.63 1.89 22.79
C ASN C 24 38.76 3.34 23.26
N SER C 25 37.96 4.25 22.70
CA SER C 25 38.04 5.66 23.08
C SER C 25 37.11 5.99 24.24
N VAL C 26 35.87 5.50 24.20
CA VAL C 26 34.91 5.76 25.25
C VAL C 26 35.42 5.11 26.54
N PRO C 27 35.50 5.83 27.67
CA PRO C 27 36.11 5.26 28.87
C PRO C 27 35.46 3.96 29.34
N GLY C 28 34.17 4.03 29.67
CA GLY C 28 33.47 2.88 30.20
C GLY C 28 32.68 2.10 29.17
N ALA C 29 33.34 1.56 28.17
CA ALA C 29 32.69 0.83 27.09
C ALA C 29 32.80 -0.66 27.31
N PRO C 30 31.78 -1.43 26.91
CA PRO C 30 31.90 -2.89 26.94
C PRO C 30 32.92 -3.38 25.93
N ASN C 31 33.50 -4.54 26.24
CA ASN C 31 34.58 -5.12 25.42
C ASN C 31 33.95 -6.01 24.36
N ARG C 32 33.38 -5.36 23.34
CA ARG C 32 32.80 -6.07 22.21
C ARG C 32 33.90 -6.30 21.18
N VAL C 33 34.25 -7.58 20.96
CA VAL C 33 35.36 -7.90 20.07
C VAL C 33 34.87 -7.89 18.62
N SER C 34 35.78 -7.59 17.69
CA SER C 34 35.43 -7.36 16.31
C SER C 34 36.24 -8.28 15.39
N PHE C 35 35.64 -8.61 14.24
CA PHE C 35 36.29 -9.39 13.20
C PHE C 35 36.99 -8.51 12.17
N ALA C 36 37.04 -7.20 12.40
CA ALA C 36 37.59 -6.27 11.42
C ALA C 36 39.07 -6.54 11.19
N LYS C 37 39.51 -6.33 9.95
CA LYS C 37 40.92 -6.46 9.59
C LYS C 37 41.58 -5.14 9.19
N LEU C 38 40.83 -4.06 9.08
CA LEU C 38 41.33 -2.79 8.57
C LEU C 38 41.28 -1.72 9.65
N ARG C 39 42.38 -0.97 9.77
CA ARG C 39 42.47 0.13 10.71
C ARG C 39 41.76 1.36 10.17
N GLU C 40 41.13 2.11 11.07
CA GLU C 40 40.40 3.32 10.69
C GLU C 40 41.26 4.55 10.97
N PRO C 41 41.75 5.26 9.96
CA PRO C 41 42.60 6.43 10.24
C PRO C 41 41.91 7.51 11.04
N LEU C 42 40.61 7.69 10.86
CA LEU C 42 39.89 8.83 11.42
C LEU C 42 38.69 8.35 12.22
N GLU C 43 38.35 9.12 13.25
CA GLU C 43 37.22 8.78 14.11
C GLU C 43 35.95 9.41 13.57
N VAL C 44 34.82 8.73 13.77
CA VAL C 44 33.55 9.21 13.23
C VAL C 44 33.22 10.56 13.87
N PRO C 45 32.94 11.62 13.10
CA PRO C 45 32.67 12.92 13.70
C PRO C 45 31.41 12.90 14.55
N GLY C 46 31.18 14.01 15.24
CA GLY C 46 29.92 14.18 15.94
C GLY C 46 28.76 14.14 14.97
N LEU C 47 27.71 13.42 15.38
CA LEU C 47 26.58 13.16 14.50
C LEU C 47 25.51 14.23 14.56
N LEU C 48 25.67 15.25 15.40
CA LEU C 48 24.75 16.38 15.46
C LEU C 48 25.45 17.70 15.17
N ASP C 49 26.62 17.66 14.54
CA ASP C 49 27.41 18.87 14.34
C ASP C 49 26.79 19.79 13.31
N VAL C 50 26.09 19.26 12.31
CA VAL C 50 25.46 20.13 11.31
C VAL C 50 24.42 21.04 11.96
N GLN C 51 23.48 20.44 12.68
CA GLN C 51 22.41 21.20 13.31
C GLN C 51 22.91 22.15 14.37
N THR C 52 23.93 21.76 15.13
CA THR C 52 24.49 22.57 16.20
C THR C 52 25.41 23.68 15.71
N ASP C 53 26.13 23.47 14.61
CA ASP C 53 27.04 24.48 14.08
C ASP C 53 26.35 25.51 13.21
N SER C 54 25.41 25.08 12.36
CA SER C 54 24.72 26.02 11.47
C SER C 54 23.89 27.04 12.23
N PHE C 55 23.61 26.80 13.51
CA PHE C 55 22.85 27.73 14.32
C PHE C 55 23.74 28.67 15.13
N GLU C 56 24.82 28.15 15.71
CA GLU C 56 25.78 29.02 16.37
C GLU C 56 26.48 29.93 15.38
N TRP C 57 26.52 29.56 14.09
CA TRP C 57 26.88 30.54 13.07
C TRP C 57 25.84 31.64 12.99
N LEU C 58 24.55 31.29 13.09
CA LEU C 58 23.50 32.29 13.01
C LEU C 58 23.60 33.30 14.14
N ILE C 59 23.70 32.82 15.38
CA ILE C 59 23.75 33.74 16.52
C ILE C 59 25.16 34.25 16.80
N GLY C 60 26.15 33.87 15.99
CA GLY C 60 27.48 34.41 16.13
C GLY C 60 28.11 34.14 17.48
N SER C 61 28.02 32.89 17.94
CA SER C 61 28.55 32.55 19.25
C SER C 61 30.08 32.60 19.24
N PRO C 62 30.70 32.75 20.41
CA PRO C 62 32.17 32.74 20.46
C PRO C 62 32.78 31.46 19.92
N ARG C 63 32.12 30.32 20.12
CA ARG C 63 32.66 29.05 19.64
C ARG C 63 32.80 29.06 18.12
N TRP C 64 31.77 29.55 17.42
CA TRP C 64 31.87 29.67 15.97
C TRP C 64 32.97 30.63 15.57
N ARG C 65 33.14 31.72 16.33
CA ARG C 65 34.20 32.67 16.01
C ARG C 65 35.57 32.02 16.13
N GLU C 66 35.78 31.24 17.18
CA GLU C 66 37.04 30.51 17.32
C GLU C 66 37.22 29.51 16.18
N SER C 67 36.15 28.79 15.83
CA SER C 67 36.25 27.82 14.74
C SER C 67 36.62 28.49 13.43
N ALA C 68 36.03 29.66 13.14
CA ALA C 68 36.33 30.38 11.93
C ALA C 68 37.70 31.04 11.96
N ALA C 69 38.23 31.33 13.16
CA ALA C 69 39.54 31.95 13.24
C ALA C 69 40.60 31.07 12.58
N GLU C 70 40.56 29.76 12.81
CA GLU C 70 41.49 28.84 12.18
C GLU C 70 40.95 28.36 10.82
N ARG C 71 40.55 29.32 10.00
CA ARG C 71 39.97 29.03 8.68
C ARG C 71 39.49 30.31 8.00
N GLY C 72 38.36 30.84 8.46
CA GLY C 72 37.76 32.01 7.81
C GLY C 72 37.92 33.29 8.59
N ASP C 73 39.11 33.52 9.15
CA ASP C 73 39.37 34.72 9.92
C ASP C 73 39.29 35.99 9.08
N VAL C 74 39.29 35.86 7.76
CA VAL C 74 39.30 37.05 6.89
C VAL C 74 38.07 37.91 7.14
N ASN C 75 36.90 37.28 7.29
CA ASN C 75 35.66 38.03 7.47
C ASN C 75 34.64 37.24 8.28
N PRO C 76 34.84 37.08 9.59
CA PRO C 76 33.85 36.38 10.42
C PRO C 76 32.67 37.29 10.76
N VAL C 77 31.53 37.02 10.14
CA VAL C 77 30.29 37.76 10.40
C VAL C 77 29.15 36.76 10.51
N GLY C 78 28.32 36.93 11.55
CA GLY C 78 27.19 36.05 11.74
C GLY C 78 26.03 36.39 10.82
N GLY C 79 25.00 35.54 10.86
CA GLY C 79 23.84 35.76 10.01
C GLY C 79 23.09 37.03 10.36
N LEU C 80 22.82 37.24 11.65
CA LEU C 80 22.12 38.44 12.07
C LEU C 80 22.94 39.69 11.75
N GLU C 81 24.23 39.65 12.01
CA GLU C 81 25.09 40.79 11.68
C GLU C 81 25.10 41.07 10.19
N GLU C 82 25.17 40.01 9.37
CA GLU C 82 25.16 40.20 7.93
C GLU C 82 23.84 40.81 7.47
N VAL C 83 22.72 40.34 8.01
CA VAL C 83 21.42 40.89 7.64
C VAL C 83 21.35 42.37 8.02
N LEU C 84 21.79 42.70 9.23
CA LEU C 84 21.76 44.10 9.66
C LEU C 84 22.63 44.97 8.78
N TYR C 85 23.84 44.53 8.47
CA TYR C 85 24.72 45.33 7.63
C TYR C 85 24.13 45.52 6.23
N GLU C 86 23.56 44.46 5.67
CA GLU C 86 22.94 44.57 4.35
C GLU C 86 21.77 45.54 4.37
N LEU C 87 20.95 45.48 5.42
CA LEU C 87 19.76 46.33 5.50
C LEU C 87 20.15 47.80 5.71
N SER C 88 20.98 48.06 6.71
CA SER C 88 21.34 49.43 7.04
C SER C 88 22.34 49.99 6.01
N PRO C 89 22.42 51.32 5.87
CA PRO C 89 21.60 52.35 6.51
C PRO C 89 20.26 52.57 5.82
N ILE C 90 19.23 52.95 6.56
CA ILE C 90 17.91 53.27 5.99
C ILE C 90 17.81 54.78 5.90
N GLU C 91 17.78 55.29 4.67
CA GLU C 91 17.79 56.73 4.42
C GLU C 91 16.63 57.09 3.51
N ASP C 92 16.08 58.28 3.74
CA ASP C 92 14.99 58.79 2.92
C ASP C 92 15.51 59.23 1.55
N PHE C 93 14.58 59.61 0.68
CA PHE C 93 14.96 60.01 -0.67
C PHE C 93 15.86 61.24 -0.65
N SER C 94 15.54 62.21 0.20
CA SER C 94 16.34 63.44 0.26
C SER C 94 17.70 63.24 0.91
N GLY C 95 17.87 62.15 1.66
CA GLY C 95 19.13 61.92 2.34
C GLY C 95 19.38 62.81 3.52
N SER C 96 18.33 63.35 4.14
CA SER C 96 18.47 64.23 5.30
C SER C 96 18.53 63.48 6.62
N MET C 97 18.32 62.17 6.62
CA MET C 97 18.29 61.40 7.85
C MET C 97 18.63 59.95 7.54
N SER C 98 18.99 59.21 8.58
CA SER C 98 19.39 57.82 8.42
C SER C 98 19.10 57.04 9.69
N LEU C 99 18.98 55.72 9.54
CA LEU C 99 18.81 54.80 10.65
C LEU C 99 19.68 53.57 10.39
N SER C 100 20.36 53.10 11.43
CA SER C 100 21.31 52.00 11.28
C SER C 100 21.21 51.07 12.48
N PHE C 101 21.64 49.82 12.27
CA PHE C 101 21.64 48.79 13.29
C PHE C 101 23.01 48.14 13.38
N SER C 102 23.33 47.60 14.55
CA SER C 102 24.62 46.97 14.76
C SER C 102 24.59 46.15 16.05
N ASP C 103 25.64 45.36 16.25
CA ASP C 103 25.92 44.59 17.45
C ASP C 103 24.66 43.92 18.03
N PRO C 104 24.11 42.92 17.36
CA PRO C 104 23.03 42.14 17.98
C PRO C 104 23.53 41.44 19.25
N ARG C 105 22.64 41.31 20.22
CA ARG C 105 23.01 40.83 21.55
C ARG C 105 21.89 39.99 22.14
N PHE C 106 22.25 38.91 22.82
CA PHE C 106 21.31 37.99 23.42
C PHE C 106 21.49 37.95 24.93
N ASP C 107 20.38 37.86 25.65
CA ASP C 107 20.39 37.72 27.10
C ASP C 107 20.07 36.26 27.47
N ASP C 108 20.06 35.99 28.77
CA ASP C 108 19.81 34.64 29.24
C ASP C 108 18.40 34.20 28.89
N VAL C 109 18.24 32.90 28.62
CA VAL C 109 16.93 32.35 28.31
C VAL C 109 16.00 32.53 29.50
N LYS C 110 14.73 32.79 29.21
CA LYS C 110 13.78 33.09 30.28
C LYS C 110 13.59 31.90 31.21
N ALA C 111 13.52 30.69 30.68
CA ALA C 111 13.26 29.50 31.47
C ALA C 111 14.11 28.34 30.98
N PRO C 112 14.40 27.37 31.83
CA PRO C 112 15.16 26.20 31.39
C PRO C 112 14.35 25.30 30.47
N VAL C 113 15.07 24.47 29.72
CA VAL C 113 14.43 23.65 28.68
C VAL C 113 13.32 22.79 29.27
N ASP C 114 13.57 22.18 30.42
CA ASP C 114 12.54 21.35 31.07
C ASP C 114 11.32 22.19 31.43
N GLU C 115 11.54 23.41 31.94
CA GLU C 115 10.42 24.26 32.32
C GLU C 115 9.54 24.56 31.12
N CYS C 116 10.14 24.93 29.98
CA CYS C 116 9.35 25.21 28.79
C CYS C 116 8.63 23.97 28.29
N LYS C 117 9.34 22.84 28.23
CA LYS C 117 8.73 21.62 27.71
C LYS C 117 7.56 21.18 28.59
N ASP C 118 7.61 21.50 29.88
CA ASP C 118 6.52 21.12 30.79
C ASP C 118 5.36 22.10 30.67
N LYS C 119 5.63 23.39 30.88
CA LYS C 119 4.56 24.38 30.89
C LYS C 119 3.86 24.45 29.54
N ASP C 120 4.61 24.88 28.51
CA ASP C 120 4.12 25.12 27.15
C ASP C 120 4.86 26.29 26.51
N MET C 121 5.81 26.88 27.24
CA MET C 121 6.54 28.04 26.73
C MET C 121 7.53 27.61 25.65
N THR C 122 7.86 28.56 24.78
CA THR C 122 8.90 28.32 23.77
C THR C 122 10.27 28.70 24.32
N TYR C 123 11.26 27.87 24.01
CA TYR C 123 12.62 28.04 24.50
C TYR C 123 13.28 29.16 23.71
N ALA C 124 13.22 30.39 24.24
CA ALA C 124 13.67 31.57 23.52
C ALA C 124 14.33 32.55 24.48
N ALA C 125 15.13 33.45 23.91
CA ALA C 125 15.87 34.45 24.66
C ALA C 125 15.68 35.83 24.04
N PRO C 126 15.84 36.90 24.82
CA PRO C 126 15.69 38.25 24.27
C PRO C 126 16.79 38.58 23.28
N LEU C 127 16.47 39.45 22.32
CA LEU C 127 17.41 39.95 21.34
C LEU C 127 17.37 41.47 21.33
N PHE C 128 18.55 42.09 21.34
CA PHE C 128 18.68 43.54 21.35
C PHE C 128 19.66 44.00 20.28
N VAL C 129 19.44 45.20 19.76
CA VAL C 129 20.29 45.80 18.75
C VAL C 129 20.44 47.29 19.04
N THR C 130 21.64 47.81 18.81
CA THR C 130 21.92 49.22 19.02
C THR C 130 21.55 49.98 17.75
N ALA C 131 20.52 50.82 17.83
CA ALA C 131 20.04 51.60 16.70
C ALA C 131 20.46 53.05 16.87
N GLU C 132 21.03 53.62 15.82
CA GLU C 132 21.52 55.00 15.83
C GLU C 132 20.82 55.78 14.72
N PHE C 133 20.22 56.91 15.08
CA PHE C 133 19.56 57.79 14.13
C PHE C 133 20.39 59.06 13.97
N ILE C 134 20.71 59.40 12.73
CA ILE C 134 21.55 60.54 12.42
C ILE C 134 20.79 61.47 11.48
N ASN C 135 20.70 62.74 11.85
CA ASN C 135 20.08 63.77 11.02
C ASN C 135 21.16 64.45 10.20
N ASN C 136 21.01 64.41 8.88
CA ASN C 136 22.07 64.84 7.97
C ASN C 136 22.10 66.34 7.75
N ASN C 137 21.38 67.13 8.55
CA ASN C 137 21.43 68.58 8.43
C ASN C 137 21.61 69.29 9.78
N THR C 138 21.54 68.58 10.90
CA THR C 138 21.79 69.16 12.21
C THR C 138 22.94 68.51 12.96
N GLY C 139 23.33 67.28 12.60
CA GLY C 139 24.39 66.59 13.28
C GLY C 139 24.00 65.90 14.57
N GLU C 140 22.73 65.97 14.96
CA GLU C 140 22.28 65.34 16.20
C GLU C 140 22.22 63.82 16.00
N ILE C 141 22.81 63.08 16.93
CA ILE C 141 22.83 61.62 16.89
C ILE C 141 22.13 61.12 18.15
N LYS C 142 21.10 60.31 17.96
CA LYS C 142 20.36 59.69 19.06
C LYS C 142 20.45 58.18 18.91
N SER C 143 20.87 57.51 19.98
CA SER C 143 21.07 56.06 19.98
C SER C 143 20.27 55.42 21.10
N GLN C 144 19.80 54.20 20.85
CA GLN C 144 19.01 53.46 21.83
C GLN C 144 19.22 51.98 21.62
N THR C 145 18.87 51.20 22.64
CA THR C 145 18.88 49.74 22.58
C THR C 145 17.43 49.29 22.43
N VAL C 146 17.07 48.81 21.23
CA VAL C 146 15.70 48.46 20.90
C VAL C 146 15.54 46.95 21.00
N PHE C 147 14.49 46.52 21.69
CA PHE C 147 14.19 45.11 21.87
C PHE C 147 13.57 44.55 20.60
N MET C 148 14.16 43.50 20.05
CA MET C 148 13.75 42.94 18.77
C MET C 148 12.88 41.70 18.89
N GLY C 149 12.50 41.31 20.10
CA GLY C 149 11.65 40.15 20.30
C GLY C 149 12.43 38.94 20.79
N ASP C 150 11.67 37.94 21.26
CA ASP C 150 12.23 36.70 21.77
C ASP C 150 12.66 35.83 20.59
N PHE C 151 13.86 35.24 20.70
CA PHE C 151 14.43 34.45 19.63
C PHE C 151 14.44 32.98 20.03
N PRO C 152 13.69 32.11 19.36
CA PRO C 152 13.75 30.68 19.72
C PRO C 152 15.18 30.15 19.61
N MET C 153 15.63 29.50 20.69
CA MET C 153 17.00 29.00 20.80
C MET C 153 17.00 27.49 20.62
N MET C 154 18.18 26.97 20.28
CA MET C 154 18.37 25.55 20.01
C MET C 154 18.93 24.86 21.26
N THR C 155 18.33 23.73 21.62
CA THR C 155 18.82 22.93 22.73
C THR C 155 20.13 22.25 22.35
N GLU C 156 20.83 21.70 23.35
CA GLU C 156 22.12 21.10 23.09
C GLU C 156 22.02 19.86 22.20
N LYS C 157 20.82 19.31 22.03
CA LYS C 157 20.62 18.11 21.23
C LYS C 157 20.19 18.40 19.80
N GLY C 158 20.08 19.66 19.40
CA GLY C 158 19.76 20.01 18.04
C GLY C 158 18.28 20.16 17.72
N THR C 159 17.46 20.47 18.70
CA THR C 159 16.01 20.58 18.51
C THR C 159 15.54 21.96 18.95
N PHE C 160 14.27 22.24 18.68
CA PHE C 160 13.61 23.46 19.12
C PHE C 160 12.34 23.06 19.86
N ILE C 161 12.05 23.75 20.97
CA ILE C 161 10.84 23.53 21.73
C ILE C 161 9.89 24.68 21.39
N ILE C 162 8.85 24.38 20.62
CA ILE C 162 7.88 25.36 20.17
C ILE C 162 6.54 24.98 20.79
N ASN C 163 6.02 25.85 21.66
CA ASN C 163 4.77 25.59 22.36
C ASN C 163 4.85 24.28 23.14
N GLY C 164 6.01 24.00 23.72
CA GLY C 164 6.18 22.81 24.53
C GLY C 164 6.35 21.52 23.75
N THR C 165 6.48 21.61 22.43
CA THR C 165 6.68 20.45 21.58
C THR C 165 8.03 20.53 20.90
N GLU C 166 8.79 19.45 20.95
CA GLU C 166 10.10 19.40 20.32
C GLU C 166 9.93 19.27 18.81
N ARG C 167 10.77 19.97 18.05
CA ARG C 167 10.70 20.00 16.59
C ARG C 167 12.10 19.96 16.01
N VAL C 168 12.20 19.51 14.77
CA VAL C 168 13.46 19.44 14.03
C VAL C 168 13.31 20.23 12.74
N VAL C 169 14.26 21.12 12.48
CA VAL C 169 14.29 21.91 11.25
C VAL C 169 15.14 21.14 10.25
N VAL C 170 14.50 20.51 9.27
CA VAL C 170 15.21 19.68 8.31
C VAL C 170 15.96 20.56 7.31
N SER C 171 17.07 20.03 6.82
CA SER C 171 17.83 20.68 5.76
C SER C 171 17.16 20.46 4.42
N GLN C 172 17.26 21.45 3.54
CA GLN C 172 16.60 21.43 2.24
C GLN C 172 17.65 21.41 1.14
N LEU C 173 17.56 20.42 0.24
CA LEU C 173 18.37 20.41 -0.96
C LEU C 173 17.71 21.25 -2.04
N VAL C 174 18.45 22.20 -2.59
CA VAL C 174 17.94 23.12 -3.61
C VAL C 174 19.01 23.31 -4.67
N ARG C 175 18.62 23.97 -5.76
CA ARG C 175 19.51 24.26 -6.88
C ARG C 175 20.27 25.55 -6.60
N SER C 176 21.60 25.47 -6.65
CA SER C 176 22.41 26.64 -6.37
C SER C 176 22.18 27.70 -7.45
N PRO C 177 22.07 28.98 -7.08
CA PRO C 177 21.93 30.02 -8.10
C PRO C 177 23.19 30.14 -8.95
N GLY C 178 23.00 30.51 -10.21
CA GLY C 178 24.11 30.65 -11.13
C GLY C 178 23.62 30.64 -12.56
N VAL C 179 24.54 30.35 -13.47
CA VAL C 179 24.29 30.29 -14.90
C VAL C 179 24.51 28.85 -15.35
N TYR C 180 23.52 28.29 -16.06
CA TYR C 180 23.56 26.90 -16.49
C TYR C 180 23.29 26.81 -17.98
N PHE C 181 24.08 25.98 -18.67
CA PHE C 181 23.91 25.73 -20.08
C PHE C 181 23.42 24.31 -20.29
N ASP C 182 22.40 24.15 -21.14
CA ASP C 182 21.83 22.85 -21.42
C ASP C 182 21.78 22.61 -22.92
N GLU C 183 21.51 21.37 -23.30
CA GLU C 183 21.52 20.95 -24.69
C GLU C 183 20.28 20.12 -25.00
N THR C 184 19.80 20.23 -26.23
CA THR C 184 18.64 19.46 -26.67
C THR C 184 18.75 19.23 -28.17
N ILE C 185 18.01 18.23 -28.65
CA ILE C 185 17.99 17.86 -30.05
C ILE C 185 16.68 18.32 -30.65
N ASP C 186 16.75 19.06 -31.75
CA ASP C 186 15.54 19.53 -32.42
C ASP C 186 14.93 18.40 -33.23
N LYS C 187 13.66 18.10 -32.96
CA LYS C 187 13.01 16.96 -33.61
C LYS C 187 12.89 17.18 -35.12
N SER C 188 12.53 18.40 -35.54
CA SER C 188 12.23 18.64 -36.94
C SER C 188 13.47 18.49 -37.81
N THR C 189 14.56 19.15 -37.44
CA THR C 189 15.75 19.21 -38.28
C THR C 189 16.96 18.51 -37.69
N ASP C 190 16.81 17.85 -36.53
CA ASP C 190 17.91 17.16 -35.88
C ASP C 190 19.08 18.13 -35.60
N LYS C 191 18.73 19.35 -35.24
CA LYS C 191 19.71 20.37 -34.89
C LYS C 191 19.80 20.48 -33.36
N THR C 192 21.04 20.60 -32.87
CA THR C 192 21.29 20.62 -31.43
C THR C 192 21.11 22.04 -30.92
N LEU C 193 19.87 22.38 -30.58
CA LEU C 193 19.59 23.68 -29.98
C LEU C 193 20.16 23.75 -28.57
N HIS C 194 20.71 24.90 -28.20
CA HIS C 194 21.30 25.14 -26.90
C HIS C 194 20.49 26.20 -26.15
N SER C 195 20.94 26.52 -24.95
CA SER C 195 20.24 27.49 -24.11
C SER C 195 21.11 27.83 -22.92
N VAL C 196 20.75 28.90 -22.23
CA VAL C 196 21.41 29.32 -21.00
C VAL C 196 20.40 30.10 -20.17
N LYS C 197 20.56 30.04 -18.85
CA LYS C 197 19.66 30.74 -17.95
C LYS C 197 20.45 31.24 -16.75
N VAL C 198 20.41 32.55 -16.51
CA VAL C 198 21.00 33.16 -15.33
C VAL C 198 19.96 33.05 -14.21
N ILE C 199 20.23 32.21 -13.23
CA ILE C 199 19.30 31.96 -12.13
C ILE C 199 19.77 32.76 -10.93
N PRO C 200 19.13 33.87 -10.58
CA PRO C 200 19.56 34.66 -9.42
C PRO C 200 18.83 34.27 -8.15
N SER C 201 19.31 34.76 -7.01
CA SER C 201 18.54 34.70 -5.77
C SER C 201 17.73 35.98 -5.63
N ARG C 202 16.42 35.85 -5.44
CA ARG C 202 15.51 36.99 -5.35
C ARG C 202 15.78 38.00 -6.45
N GLY C 203 15.62 37.58 -7.71
CA GLY C 203 15.84 38.48 -8.83
C GLY C 203 14.89 38.16 -9.96
N ALA C 204 15.31 38.56 -11.17
CA ALA C 204 14.52 38.34 -12.38
C ALA C 204 15.35 37.52 -13.37
N TRP C 205 14.67 36.58 -14.02
CA TRP C 205 15.35 35.64 -14.91
C TRP C 205 15.83 36.34 -16.18
N LEU C 206 16.77 35.68 -16.86
CA LEU C 206 17.32 36.20 -18.10
C LEU C 206 17.83 35.06 -18.97
N GLU C 207 17.06 34.68 -19.99
CA GLU C 207 17.44 33.57 -20.84
C GLU C 207 18.15 34.07 -22.09
N PHE C 208 18.80 33.14 -22.79
CA PHE C 208 19.36 33.37 -24.11
C PHE C 208 19.33 32.07 -24.89
N ASP C 209 18.38 31.94 -25.82
CA ASP C 209 18.18 30.68 -26.52
C ASP C 209 18.85 30.72 -27.89
N VAL C 210 18.98 29.55 -28.50
CA VAL C 210 19.34 29.42 -29.91
C VAL C 210 18.27 28.56 -30.56
N ASP C 211 17.40 29.19 -31.35
CA ASP C 211 16.23 28.53 -31.90
C ASP C 211 16.60 27.84 -33.21
N LYS C 212 15.59 27.27 -33.89
CA LYS C 212 15.81 26.44 -35.07
C LYS C 212 15.73 27.29 -36.33
N ARG C 213 16.46 28.40 -36.32
CA ARG C 213 16.71 29.19 -37.51
C ARG C 213 18.08 29.84 -37.43
N ASP C 214 18.93 29.33 -36.54
CA ASP C 214 20.23 29.93 -36.24
C ASP C 214 20.08 31.43 -35.98
N THR C 215 19.21 31.77 -35.01
CA THR C 215 18.96 33.16 -34.60
C THR C 215 19.04 33.20 -33.07
N VAL C 216 20.19 33.66 -32.55
CA VAL C 216 20.34 33.83 -31.12
C VAL C 216 19.37 34.90 -30.65
N GLY C 217 18.68 34.62 -29.53
CA GLY C 217 17.69 35.55 -29.02
C GLY C 217 17.71 35.70 -27.52
N VAL C 218 16.80 36.53 -26.99
CA VAL C 218 16.69 36.77 -25.56
C VAL C 218 15.24 36.60 -25.14
N ARG C 219 15.01 36.29 -23.87
CA ARG C 219 13.66 36.20 -23.33
C ARG C 219 13.59 36.89 -21.98
N ILE C 220 14.07 38.14 -21.89
CA ILE C 220 14.06 38.88 -20.64
C ILE C 220 12.72 38.64 -19.94
N ASP C 221 12.76 38.25 -18.67
CA ASP C 221 11.57 37.80 -17.97
C ASP C 221 10.84 36.77 -18.83
N ARG C 222 9.58 37.02 -19.17
CA ARG C 222 8.78 36.12 -20.00
C ARG C 222 8.18 36.92 -21.15
N LYS C 223 9.01 37.73 -21.80
CA LYS C 223 8.59 38.64 -22.86
C LYS C 223 8.91 38.03 -24.23
N ARG C 224 8.70 38.81 -25.28
CA ARG C 224 8.93 38.35 -26.64
C ARG C 224 10.41 38.06 -26.86
N ARG C 225 10.69 37.17 -27.79
CA ARG C 225 12.07 36.76 -28.06
C ARG C 225 12.83 37.85 -28.81
N GLN C 226 13.24 38.89 -28.10
CA GLN C 226 14.00 39.97 -28.72
C GLN C 226 15.38 39.47 -29.12
N PRO C 227 15.94 39.92 -30.24
CA PRO C 227 17.33 39.57 -30.57
C PRO C 227 18.33 40.08 -29.54
N VAL C 228 19.44 39.37 -29.36
CA VAL C 228 20.46 39.79 -28.41
C VAL C 228 20.98 41.18 -28.75
N THR C 229 21.13 41.47 -30.04
CA THR C 229 21.68 42.76 -30.46
C THR C 229 20.88 43.92 -29.87
N VAL C 230 19.59 43.73 -29.64
CA VAL C 230 18.76 44.76 -29.03
C VAL C 230 19.40 45.21 -27.72
N LEU C 231 19.51 44.28 -26.77
CA LEU C 231 20.09 44.62 -25.47
C LEU C 231 21.57 44.96 -25.56
N LEU C 232 22.31 44.32 -26.48
CA LEU C 232 23.72 44.66 -26.64
C LEU C 232 23.89 46.14 -26.95
N LYS C 233 23.12 46.66 -27.92
CA LYS C 233 23.20 48.07 -28.25
C LYS C 233 22.60 48.93 -27.14
N ALA C 234 21.50 48.48 -26.54
CA ALA C 234 20.87 49.25 -25.46
C ALA C 234 21.82 49.46 -24.29
N LEU C 235 22.77 48.54 -24.07
CA LEU C 235 23.75 48.71 -23.01
C LEU C 235 24.78 49.78 -23.34
N GLY C 236 24.79 50.31 -24.56
CA GLY C 236 25.74 51.31 -24.98
C GLY C 236 26.69 50.88 -26.07
N TRP C 237 26.69 49.61 -26.44
CA TRP C 237 27.56 49.14 -27.51
C TRP C 237 27.08 49.63 -28.87
N THR C 238 27.99 49.60 -29.83
CA THR C 238 27.69 49.92 -31.21
C THR C 238 28.07 48.73 -32.09
N SER C 239 27.67 48.80 -33.36
CA SER C 239 28.02 47.72 -34.28
C SER C 239 29.51 47.48 -34.30
N GLU C 240 30.31 48.53 -34.15
CA GLU C 240 31.77 48.36 -34.13
C GLU C 240 32.19 47.38 -33.05
N GLN C 241 31.75 47.62 -31.81
CA GLN C 241 32.13 46.73 -30.71
C GLN C 241 31.43 45.39 -30.81
N ILE C 242 30.16 45.40 -31.22
CA ILE C 242 29.40 44.15 -31.34
C ILE C 242 30.09 43.19 -32.28
N VAL C 243 30.64 43.69 -33.40
CA VAL C 243 31.42 42.85 -34.30
C VAL C 243 32.87 42.72 -33.85
N GLU C 244 33.35 43.60 -32.97
CA GLU C 244 34.70 43.47 -32.45
C GLU C 244 34.83 42.24 -31.57
N ARG C 245 33.92 42.07 -30.61
CA ARG C 245 33.97 40.92 -29.69
C ARG C 245 33.22 39.72 -30.26
N PHE C 246 31.94 39.89 -30.55
CA PHE C 246 31.19 38.87 -31.28
C PHE C 246 31.50 39.04 -32.77
N GLY C 247 31.27 37.98 -33.55
CA GLY C 247 31.49 38.06 -34.98
C GLY C 247 32.20 36.84 -35.54
N PHE C 248 33.08 36.23 -34.75
CA PHE C 248 33.67 34.97 -35.16
C PHE C 248 32.61 33.89 -35.32
N SER C 249 31.45 34.08 -34.69
CA SER C 249 30.31 33.21 -34.93
C SER C 249 29.46 33.77 -36.06
N GLU C 250 29.08 32.91 -37.00
CA GLU C 250 28.25 33.33 -38.12
C GLU C 250 26.90 33.84 -37.62
N ILE C 251 26.32 33.14 -36.63
CA ILE C 251 25.01 33.52 -36.13
C ILE C 251 25.06 34.88 -35.44
N MET C 252 26.17 35.21 -34.75
CA MET C 252 26.23 36.50 -34.07
C MET C 252 26.08 37.65 -35.05
N ARG C 253 26.83 37.62 -36.15
CA ARG C 253 26.71 38.69 -37.14
C ARG C 253 25.37 38.61 -37.85
N SER C 254 24.94 37.40 -38.23
CA SER C 254 23.65 37.24 -38.88
C SER C 254 22.49 37.77 -38.05
N THR C 255 22.64 37.80 -36.72
CA THR C 255 21.60 38.37 -35.86
C THR C 255 21.39 39.85 -36.15
N LEU C 256 22.50 40.61 -36.22
CA LEU C 256 22.38 42.02 -36.55
C LEU C 256 22.00 42.22 -38.01
N GLU C 257 22.43 41.33 -38.89
CA GLU C 257 22.10 41.49 -40.31
C GLU C 257 20.59 41.48 -40.53
N LYS C 258 19.89 40.55 -39.89
CA LYS C 258 18.44 40.42 -40.04
C LYS C 258 17.68 40.98 -38.85
N ASP C 259 18.36 41.74 -37.97
CA ASP C 259 17.68 42.29 -36.81
C ASP C 259 16.49 43.16 -37.21
N ASN C 260 16.62 43.90 -38.31
CA ASN C 260 15.61 44.82 -38.84
C ASN C 260 15.43 46.03 -37.94
N THR C 261 16.30 46.23 -36.96
CA THR C 261 16.23 47.38 -36.07
C THR C 261 17.65 47.78 -35.68
N VAL C 262 17.84 49.07 -35.43
CA VAL C 262 19.16 49.60 -35.13
C VAL C 262 18.98 50.93 -34.40
N GLY C 263 19.88 51.21 -33.47
CA GLY C 263 19.85 52.46 -32.72
C GLY C 263 19.86 52.25 -31.22
N THR C 264 20.74 52.97 -30.51
CA THR C 264 20.80 52.84 -29.07
C THR C 264 19.47 53.23 -28.43
N ASP C 265 19.00 54.44 -28.69
CA ASP C 265 17.70 54.86 -28.20
C ASP C 265 16.57 54.04 -28.83
N GLU C 266 16.70 53.69 -30.11
CA GLU C 266 15.71 52.82 -30.72
C GLU C 266 15.65 51.47 -30.02
N ALA C 267 16.82 50.90 -29.72
CA ALA C 267 16.85 49.64 -28.99
C ALA C 267 16.21 49.77 -27.62
N LEU C 268 16.54 50.85 -26.89
CA LEU C 268 15.98 51.05 -25.56
C LEU C 268 14.47 51.17 -25.62
N LEU C 269 13.95 51.91 -26.61
CA LEU C 269 12.51 52.05 -26.74
C LEU C 269 11.86 50.72 -27.13
N ASP C 270 12.57 49.88 -27.89
CA ASP C 270 12.04 48.54 -28.15
C ASP C 270 11.96 47.72 -26.87
N ILE C 271 13.00 47.79 -26.04
CA ILE C 271 12.98 47.04 -24.77
C ILE C 271 11.83 47.55 -23.91
N TYR C 272 11.57 48.87 -23.95
CA TYR C 272 10.45 49.42 -23.19
C TYR C 272 9.12 48.93 -23.74
N ARG C 273 8.98 48.89 -25.08
CA ARG C 273 7.78 48.34 -25.68
C ARG C 273 7.53 46.92 -25.21
N LYS C 274 8.60 46.14 -25.02
CA LYS C 274 8.46 44.76 -24.56
C LYS C 274 8.35 44.62 -23.05
N LEU C 275 8.73 45.65 -22.28
CA LEU C 275 8.81 45.54 -20.83
C LEU C 275 7.61 46.20 -20.16
N ARG C 276 7.38 47.48 -20.46
CA ARG C 276 6.30 48.24 -19.84
C ARG C 276 5.29 48.65 -20.91
N PRO C 277 4.29 47.83 -21.21
CA PRO C 277 3.32 48.17 -22.26
C PRO C 277 2.34 49.24 -21.78
N GLY C 278 2.06 50.20 -22.65
CA GLY C 278 1.04 51.21 -22.38
C GLY C 278 1.52 52.48 -21.73
N GLU C 279 2.82 52.76 -21.74
CA GLU C 279 3.35 53.97 -21.11
C GLU C 279 4.32 54.66 -22.05
N PRO C 280 4.57 55.95 -21.89
CA PRO C 280 5.40 56.69 -22.85
C PRO C 280 6.77 56.06 -22.98
N PRO C 281 7.15 55.59 -24.18
CA PRO C 281 8.49 55.00 -24.36
C PRO C 281 9.58 56.07 -24.48
N THR C 282 10.05 56.54 -23.33
CA THR C 282 11.11 57.55 -23.27
C THR C 282 12.44 56.87 -22.97
N LYS C 283 13.51 57.39 -23.56
CA LYS C 283 14.83 56.77 -23.38
C LYS C 283 15.21 56.74 -21.90
N GLU C 284 14.97 57.83 -21.18
CA GLU C 284 15.30 57.88 -19.77
C GLU C 284 14.50 56.83 -18.99
N SER C 285 13.22 56.68 -19.30
CA SER C 285 12.41 55.69 -18.62
C SER C 285 12.89 54.28 -18.90
N ALA C 286 13.29 54.00 -20.14
CA ALA C 286 13.82 52.68 -20.46
C ALA C 286 15.12 52.43 -19.71
N GLN C 287 16.00 53.42 -19.64
CA GLN C 287 17.21 53.28 -18.85
C GLN C 287 16.87 52.94 -17.41
N THR C 288 15.96 53.70 -16.81
CA THR C 288 15.57 53.45 -15.43
C THR C 288 15.07 52.02 -15.27
N LEU C 289 14.12 51.60 -16.11
CA LEU C 289 13.53 50.28 -15.96
C LEU C 289 14.59 49.19 -16.08
N LEU C 290 15.41 49.23 -17.13
CA LEU C 290 16.36 48.16 -17.38
C LEU C 290 17.43 48.12 -16.29
N GLU C 291 18.17 49.22 -16.12
CA GLU C 291 19.26 49.25 -15.17
C GLU C 291 18.77 49.31 -13.72
N ASN C 292 17.46 49.31 -13.50
CA ASN C 292 16.91 49.08 -12.18
C ASN C 292 16.52 47.63 -11.96
N LEU C 293 16.00 46.96 -12.99
CA LEU C 293 15.71 45.54 -12.88
C LEU C 293 16.97 44.71 -12.70
N PHE C 294 18.04 45.02 -13.43
CA PHE C 294 19.15 44.07 -13.52
C PHE C 294 20.47 44.57 -12.95
N PHE C 295 20.52 45.77 -12.33
CA PHE C 295 21.85 46.23 -11.92
C PHE C 295 21.94 47.05 -10.61
N LYS C 296 20.87 47.26 -9.84
CA LYS C 296 21.07 48.30 -8.82
C LYS C 296 21.76 47.81 -7.56
N GLU C 297 21.01 47.27 -6.59
CA GLU C 297 21.57 46.39 -5.58
C GLU C 297 20.52 45.44 -5.01
N LYS C 298 19.25 45.86 -5.04
CA LYS C 298 18.22 45.29 -4.19
C LYS C 298 17.21 44.44 -4.95
N ARG C 299 17.12 44.62 -6.27
CA ARG C 299 16.24 43.79 -7.07
C ARG C 299 16.98 42.54 -7.53
N TYR C 300 18.29 42.67 -7.73
CA TYR C 300 19.12 41.57 -8.17
C TYR C 300 20.11 41.21 -7.07
N ASP C 301 20.12 39.95 -6.66
CA ASP C 301 21.02 39.44 -5.63
C ASP C 301 21.50 38.05 -6.05
N LEU C 302 22.62 38.00 -6.74
CA LEU C 302 23.23 36.70 -7.03
C LEU C 302 23.70 36.03 -5.74
N ALA C 303 24.04 36.82 -4.73
CA ALA C 303 24.47 36.33 -3.43
C ALA C 303 25.91 35.84 -3.51
N ARG C 304 26.51 35.55 -2.37
CA ARG C 304 27.92 35.15 -2.35
C ARG C 304 28.12 33.84 -3.10
N VAL C 305 27.25 32.86 -2.87
CA VAL C 305 27.38 31.59 -3.59
C VAL C 305 27.14 31.78 -5.08
N GLY C 306 26.13 32.57 -5.45
CA GLY C 306 25.88 32.80 -6.87
C GLY C 306 26.99 33.55 -7.56
N ARG C 307 27.52 34.58 -6.92
CA ARG C 307 28.65 35.31 -7.49
C ARG C 307 29.87 34.41 -7.62
N TYR C 308 30.12 33.58 -6.59
CA TYR C 308 31.24 32.65 -6.65
C TYR C 308 31.09 31.68 -7.81
N LYS C 309 29.89 31.11 -7.97
CA LYS C 309 29.67 30.17 -9.06
C LYS C 309 29.79 30.84 -10.42
N VAL C 310 29.28 32.06 -10.56
CA VAL C 310 29.37 32.76 -11.83
C VAL C 310 30.82 33.08 -12.18
N ASN C 311 31.60 33.57 -11.21
CA ASN C 311 33.01 33.83 -11.45
C ASN C 311 33.79 32.56 -11.76
N LYS C 312 33.47 31.45 -11.10
CA LYS C 312 34.10 30.17 -11.41
C LYS C 312 33.76 29.66 -12.80
N LYS C 313 32.51 29.84 -13.26
CA LYS C 313 32.07 29.32 -14.54
C LYS C 313 32.53 30.18 -15.71
N LEU C 314 32.23 31.48 -15.67
CA LEU C 314 32.56 32.39 -16.76
C LEU C 314 34.01 32.89 -16.70
N GLY C 315 34.79 32.38 -15.76
CA GLY C 315 36.19 32.78 -15.63
C GLY C 315 36.38 34.29 -15.66
N LEU C 316 35.82 34.98 -14.68
CA LEU C 316 35.90 36.43 -14.60
C LEU C 316 37.01 36.91 -13.68
N HIS C 317 37.05 36.43 -12.44
CA HIS C 317 38.09 36.83 -11.51
C HIS C 317 38.53 35.62 -10.70
N VAL C 318 39.81 35.64 -10.29
CA VAL C 318 40.35 34.63 -9.41
C VAL C 318 41.06 35.33 -8.25
N GLY C 319 40.88 36.63 -8.15
CA GLY C 319 41.58 37.45 -7.18
C GLY C 319 40.69 38.03 -6.12
N GLU C 320 40.26 39.28 -6.34
CA GLU C 320 39.52 40.10 -5.39
C GLU C 320 38.48 39.28 -4.62
N PRO C 321 38.47 39.33 -3.29
CA PRO C 321 37.43 38.64 -2.53
C PRO C 321 36.04 39.14 -2.92
N ILE C 322 35.07 38.23 -2.97
CA ILE C 322 33.74 38.55 -3.49
C ILE C 322 33.13 39.66 -2.63
N THR C 323 32.88 40.82 -3.26
CA THR C 323 32.33 41.99 -2.59
C THR C 323 31.23 42.60 -3.48
N SER C 324 30.40 41.74 -4.06
CA SER C 324 29.30 42.20 -4.90
C SER C 324 28.22 41.12 -4.91
N SER C 325 26.99 41.54 -5.20
CA SER C 325 25.87 40.62 -5.31
C SER C 325 24.96 40.99 -6.48
N THR C 326 25.49 41.75 -7.43
CA THR C 326 24.70 42.26 -8.55
C THR C 326 25.39 41.92 -9.86
N LEU C 327 24.58 41.86 -10.92
CA LEU C 327 25.11 41.57 -12.24
C LEU C 327 25.98 42.72 -12.74
N THR C 328 26.68 42.47 -13.84
CA THR C 328 27.55 43.47 -14.45
C THR C 328 27.60 43.20 -15.94
N GLU C 329 28.02 44.22 -16.69
CA GLU C 329 28.06 44.11 -18.14
C GLU C 329 28.97 42.98 -18.58
N GLU C 330 30.14 42.84 -17.94
CA GLU C 330 31.09 41.82 -18.35
C GLU C 330 30.48 40.43 -18.22
N ASP C 331 29.73 40.18 -17.15
CA ASP C 331 29.10 38.87 -16.97
C ASP C 331 28.03 38.63 -18.03
N VAL C 332 27.20 39.63 -18.30
CA VAL C 332 26.12 39.47 -19.26
C VAL C 332 26.64 39.30 -20.69
N VAL C 333 27.84 39.81 -20.99
CA VAL C 333 28.43 39.60 -22.31
C VAL C 333 29.22 38.29 -22.35
N ALA C 334 29.84 37.90 -21.24
CA ALA C 334 30.51 36.61 -21.17
C ALA C 334 29.52 35.46 -21.29
N THR C 335 28.29 35.64 -20.80
CA THR C 335 27.27 34.62 -21.02
C THR C 335 27.00 34.42 -22.51
N ILE C 336 26.88 35.52 -23.26
CA ILE C 336 26.63 35.42 -24.69
C ILE C 336 27.82 34.79 -25.40
N GLU C 337 29.04 35.20 -25.03
CA GLU C 337 30.23 34.62 -25.64
C GLU C 337 30.30 33.13 -25.37
N TYR C 338 30.03 32.73 -24.12
CA TYR C 338 30.05 31.32 -23.76
C TYR C 338 29.03 30.54 -24.58
N LEU C 339 27.82 31.07 -24.71
CA LEU C 339 26.79 30.38 -25.46
C LEU C 339 27.17 30.24 -26.93
N VAL C 340 27.68 31.31 -27.54
CA VAL C 340 27.97 31.26 -28.97
C VAL C 340 29.14 30.32 -29.24
N ARG C 341 30.15 30.32 -28.36
CA ARG C 341 31.24 29.37 -28.52
C ARG C 341 30.76 27.93 -28.31
N LEU C 342 29.88 27.73 -27.33
CA LEU C 342 29.30 26.42 -27.06
C LEU C 342 28.61 25.88 -28.31
N HIS C 343 27.74 26.69 -28.89
CA HIS C 343 27.09 26.32 -30.15
C HIS C 343 28.05 26.51 -31.31
N GLU C 344 28.58 25.40 -31.82
CA GLU C 344 29.69 25.38 -32.78
C GLU C 344 30.50 24.10 -32.60
N GLY C 345 31.21 24.00 -31.46
CA GLY C 345 32.08 22.87 -31.22
C GLY C 345 33.35 23.23 -30.48
N GLN C 346 33.52 24.51 -30.16
CA GLN C 346 34.66 24.95 -29.37
C GLN C 346 34.61 24.32 -27.99
N THR C 347 35.80 24.12 -27.39
CA THR C 347 35.89 23.52 -26.07
C THR C 347 36.88 24.28 -25.18
N THR C 348 36.97 25.60 -25.35
CA THR C 348 37.83 26.40 -24.49
C THR C 348 37.55 27.88 -24.77
N MET C 349 37.62 28.69 -23.71
CA MET C 349 37.49 30.13 -23.85
C MET C 349 38.32 30.82 -22.78
N THR C 350 38.77 32.03 -23.09
CA THR C 350 39.48 32.89 -22.16
C THR C 350 38.94 34.31 -22.35
N VAL C 351 37.91 34.65 -21.57
CA VAL C 351 37.32 35.98 -21.61
C VAL C 351 38.39 36.98 -21.19
N PRO C 352 38.45 38.18 -21.80
CA PRO C 352 39.51 39.13 -21.44
C PRO C 352 39.60 39.38 -19.95
N GLY C 353 40.83 39.36 -19.41
CA GLY C 353 41.03 39.53 -17.98
C GLY C 353 40.40 38.41 -17.17
N GLY C 354 40.61 37.17 -17.59
CA GLY C 354 40.05 36.03 -16.89
C GLY C 354 40.88 34.79 -17.12
N VAL C 355 40.76 33.84 -16.18
CA VAL C 355 41.49 32.58 -16.29
C VAL C 355 40.75 31.65 -17.25
N GLU C 356 41.50 30.70 -17.81
CA GLU C 356 40.93 29.76 -18.76
C GLU C 356 39.82 28.95 -18.11
N VAL C 357 38.78 28.67 -18.88
CA VAL C 357 37.64 27.87 -18.42
C VAL C 357 37.08 27.11 -19.61
N PRO C 358 36.75 25.83 -19.47
CA PRO C 358 36.20 25.08 -20.60
C PRO C 358 34.74 25.42 -20.85
N VAL C 359 34.28 25.09 -22.05
CA VAL C 359 32.88 25.27 -22.43
C VAL C 359 32.19 23.92 -22.35
N GLU C 360 31.04 23.87 -21.68
CA GLU C 360 30.34 22.62 -21.47
C GLU C 360 28.98 22.91 -20.84
N THR C 361 28.07 21.96 -21.02
CA THR C 361 26.76 22.03 -20.39
C THR C 361 26.89 21.74 -18.89
N ASP C 362 25.80 21.96 -18.17
CA ASP C 362 25.77 21.78 -16.71
C ASP C 362 24.75 20.72 -16.37
N ASP C 363 25.18 19.74 -15.57
CA ASP C 363 24.25 18.74 -15.05
C ASP C 363 23.56 19.30 -13.81
N ILE C 364 22.23 19.33 -13.84
CA ILE C 364 21.47 20.03 -12.81
C ILE C 364 21.21 19.18 -11.57
N ASP C 365 21.61 17.91 -11.59
CA ASP C 365 21.48 17.03 -10.44
C ASP C 365 22.77 16.89 -9.65
N HIS C 366 23.90 17.25 -10.25
CA HIS C 366 25.20 17.13 -9.59
C HIS C 366 25.16 17.78 -8.22
N PHE C 367 25.99 17.30 -7.29
CA PHE C 367 26.07 17.86 -5.95
C PHE C 367 26.96 19.10 -5.89
N GLY C 368 27.47 19.55 -7.03
CA GLY C 368 28.14 20.83 -7.10
C GLY C 368 27.18 21.90 -7.61
N ASN C 369 26.13 21.47 -8.29
CA ASN C 369 25.11 22.36 -8.85
C ASN C 369 23.85 22.40 -7.98
N ARG C 370 23.86 21.76 -6.81
CA ARG C 370 22.74 21.83 -5.88
C ARG C 370 23.31 21.82 -4.48
N ARG C 371 22.96 22.84 -3.69
CA ARG C 371 23.51 23.06 -2.37
C ARG C 371 22.46 22.72 -1.31
N LEU C 372 22.86 22.90 -0.05
CA LEU C 372 22.04 22.52 1.10
C LEU C 372 21.72 23.76 1.92
N ARG C 373 20.44 24.03 2.11
CA ARG C 373 19.99 25.10 2.98
C ARG C 373 19.72 24.51 4.37
N THR C 374 20.57 24.88 5.33
CA THR C 374 20.47 24.38 6.69
C THR C 374 19.57 25.29 7.52
N VAL C 375 19.38 24.90 8.78
CA VAL C 375 18.45 25.60 9.67
C VAL C 375 18.82 27.08 9.76
N GLY C 376 20.11 27.37 9.90
CA GLY C 376 20.54 28.75 10.03
C GLY C 376 20.12 29.59 8.84
N GLU C 377 20.34 29.06 7.63
CA GLU C 377 20.03 29.84 6.43
C GLU C 377 18.53 30.07 6.28
N LEU C 378 17.72 29.05 6.58
CA LEU C 378 16.27 29.21 6.47
C LEU C 378 15.78 30.27 7.46
N ILE C 379 16.26 30.20 8.70
CA ILE C 379 15.85 31.19 9.70
C ILE C 379 16.32 32.58 9.29
N GLN C 380 17.52 32.65 8.69
CA GLN C 380 18.03 33.94 8.23
C GLN C 380 17.14 34.51 7.13
N ASN C 381 16.67 33.66 6.21
CA ASN C 381 15.80 34.13 5.14
C ASN C 381 14.49 34.68 5.71
N GLN C 382 13.91 33.96 6.68
CA GLN C 382 12.66 34.44 7.26
C GLN C 382 12.86 35.75 8.02
N ILE C 383 13.96 35.85 8.78
CA ILE C 383 14.27 37.10 9.45
C ILE C 383 14.46 38.21 8.43
N ARG C 384 15.05 37.88 7.29
CA ARG C 384 15.28 38.86 6.23
C ARG C 384 13.97 39.40 5.68
N VAL C 385 13.00 38.53 5.41
CA VAL C 385 11.73 39.04 4.91
C VAL C 385 11.02 39.88 5.98
N GLY C 386 11.08 39.46 7.24
CA GLY C 386 10.49 40.28 8.30
C GLY C 386 11.14 41.65 8.40
N MET C 387 12.48 41.69 8.31
CA MET C 387 13.19 42.96 8.36
C MET C 387 12.89 43.83 7.15
N SER C 388 12.67 43.21 5.98
CA SER C 388 12.27 44.00 4.81
C SER C 388 10.91 44.66 5.03
N ARG C 389 9.96 43.91 5.59
CA ARG C 389 8.66 44.53 5.91
C ARG C 389 8.83 45.67 6.90
N MET C 390 9.63 45.45 7.95
CA MET C 390 9.86 46.51 8.92
C MET C 390 10.55 47.72 8.29
N GLU C 391 11.46 47.49 7.35
CA GLU C 391 12.12 48.59 6.66
C GLU C 391 11.13 49.38 5.83
N ARG C 392 10.20 48.71 5.15
CA ARG C 392 9.17 49.44 4.43
C ARG C 392 8.36 50.29 5.38
N VAL C 393 7.99 49.74 6.54
CA VAL C 393 7.23 50.50 7.52
C VAL C 393 8.02 51.72 7.98
N VAL C 394 9.31 51.54 8.28
CA VAL C 394 10.12 52.63 8.81
C VAL C 394 10.31 53.71 7.76
N ARG C 395 10.48 53.32 6.50
CA ARG C 395 10.61 54.33 5.44
C ARG C 395 9.30 55.08 5.25
N GLU C 396 8.16 54.38 5.36
CA GLU C 396 6.87 55.06 5.27
C GLU C 396 6.71 56.07 6.40
N ARG C 397 7.08 55.68 7.63
CA ARG C 397 6.91 56.55 8.78
C ARG C 397 7.98 57.64 8.87
N MET C 398 9.07 57.51 8.12
CA MET C 398 10.18 58.46 8.21
C MET C 398 9.87 59.77 7.50
N THR C 399 8.79 59.82 6.71
CA THR C 399 8.43 61.03 5.97
C THR C 399 7.12 61.66 6.44
N THR C 400 6.38 61.01 7.34
CA THR C 400 5.11 61.52 7.85
C THR C 400 5.20 61.89 9.33
N GLN C 401 6.41 62.08 9.85
CA GLN C 401 6.61 62.46 11.24
C GLN C 401 7.59 63.63 11.28
N ASP C 402 7.36 64.55 12.21
CA ASP C 402 8.16 65.76 12.27
C ASP C 402 9.57 65.47 12.77
N VAL C 403 10.52 66.26 12.30
CA VAL C 403 11.92 66.17 12.71
C VAL C 403 12.02 66.67 14.14
N GLU C 404 13.19 66.47 14.76
CA GLU C 404 13.48 66.83 16.16
C GLU C 404 12.47 66.25 17.14
N ALA C 405 11.67 65.29 16.71
CA ALA C 405 10.87 64.46 17.60
C ALA C 405 11.01 62.99 17.30
N ILE C 406 11.75 62.62 16.24
CA ILE C 406 11.93 61.23 15.85
C ILE C 406 13.06 60.63 16.67
N THR C 407 12.81 59.47 17.25
CA THR C 407 13.82 58.68 17.94
C THR C 407 13.72 57.24 17.42
N PRO C 408 14.82 56.49 17.47
CA PRO C 408 14.77 55.10 16.99
C PRO C 408 13.58 54.30 17.53
N GLN C 409 13.23 54.49 18.80
CA GLN C 409 12.09 53.78 19.38
C GLN C 409 10.76 54.19 18.76
N THR C 410 10.69 55.37 18.14
CA THR C 410 9.45 55.88 17.59
C THR C 410 9.21 55.45 16.14
N LEU C 411 10.18 54.79 15.51
CA LEU C 411 10.04 54.35 14.13
C LEU C 411 10.03 52.85 13.93
N ILE C 412 10.48 52.07 14.91
CA ILE C 412 10.67 50.63 14.75
C ILE C 412 9.42 49.91 15.26
N ASN C 413 8.86 49.05 14.41
CA ASN C 413 7.73 48.19 14.78
C ASN C 413 8.19 46.74 14.62
N ILE C 414 8.21 45.99 15.73
CA ILE C 414 8.80 44.66 15.71
C ILE C 414 7.80 43.62 15.17
N ARG C 415 6.54 44.01 14.99
CA ARG C 415 5.47 43.07 14.68
C ARG C 415 5.79 42.17 13.48
N PRO C 416 6.24 42.72 12.34
CA PRO C 416 6.53 41.84 11.20
C PRO C 416 7.57 40.76 11.50
N VAL C 417 8.61 41.09 12.27
CA VAL C 417 9.68 40.14 12.52
C VAL C 417 9.17 38.99 13.40
N VAL C 418 8.47 39.32 14.48
CA VAL C 418 7.94 38.28 15.36
C VAL C 418 6.91 37.44 14.61
N ALA C 419 6.12 38.08 13.75
CA ALA C 419 5.14 37.33 12.96
C ALA C 419 5.83 36.35 12.03
N ALA C 420 6.91 36.78 11.37
CA ALA C 420 7.63 35.89 10.48
C ALA C 420 8.25 34.72 11.23
N ILE C 421 8.83 35.00 12.40
CA ILE C 421 9.43 33.93 13.20
C ILE C 421 8.37 32.92 13.62
N LYS C 422 7.24 33.41 14.14
CA LYS C 422 6.12 32.52 14.48
C LYS C 422 5.70 31.69 13.29
N GLU C 423 5.49 32.32 12.14
CA GLU C 423 4.99 31.60 10.97
C GLU C 423 5.96 30.52 10.52
N PHE C 424 7.27 30.84 10.52
CA PHE C 424 8.23 29.83 10.11
C PHE C 424 8.26 28.66 11.08
N PHE C 425 8.29 28.94 12.39
CA PHE C 425 8.46 27.85 13.35
C PHE C 425 7.17 27.07 13.58
N GLY C 426 6.03 27.59 13.09
CA GLY C 426 4.77 26.91 13.32
C GLY C 426 4.08 26.36 12.10
N THR C 427 4.34 26.96 10.93
CA THR C 427 3.59 26.67 9.72
C THR C 427 4.53 26.49 8.53
N SER C 428 5.57 25.68 8.71
CA SER C 428 6.56 25.44 7.66
C SER C 428 6.64 23.95 7.36
N GLN C 429 7.10 23.64 6.15
CA GLN C 429 7.26 22.26 5.71
C GLN C 429 8.62 21.69 6.09
N LEU C 430 9.52 22.50 6.65
CA LEU C 430 10.81 22.02 7.12
C LEU C 430 10.87 21.91 8.64
N SER C 431 10.02 22.64 9.37
CA SER C 431 9.94 22.54 10.83
C SER C 431 8.97 21.43 11.16
N GLN C 432 9.51 20.24 11.45
CA GLN C 432 8.74 19.01 11.51
C GLN C 432 8.66 18.48 12.93
N PHE C 433 7.52 17.85 13.25
CA PHE C 433 7.36 17.17 14.53
C PHE C 433 8.38 16.03 14.64
N MET C 434 9.11 16.01 15.76
CA MET C 434 10.22 15.08 15.93
C MET C 434 9.72 13.67 16.19
N ASP C 435 10.44 12.69 15.65
CA ASP C 435 10.09 11.28 15.80
C ASP C 435 10.81 10.74 17.02
N GLN C 436 10.05 10.17 17.96
CA GLN C 436 10.59 9.69 19.23
C GLN C 436 10.08 8.29 19.54
N ASN C 437 10.06 7.42 18.52
CA ASN C 437 9.78 6.02 18.78
C ASN C 437 10.90 5.36 19.59
N ASN C 438 12.14 5.61 19.20
CA ASN C 438 13.30 5.11 19.90
C ASN C 438 14.47 6.05 19.64
N PRO C 439 15.59 5.87 20.34
CA PRO C 439 16.72 6.81 20.17
C PRO C 439 17.20 6.94 18.73
N LEU C 440 17.20 5.87 17.94
CA LEU C 440 17.71 5.94 16.59
C LEU C 440 16.83 6.76 15.66
N SER C 441 15.51 6.72 15.85
CA SER C 441 14.60 7.42 14.95
C SER C 441 14.82 8.93 15.01
N GLY C 442 14.95 9.48 16.21
CA GLY C 442 15.19 10.92 16.34
C GLY C 442 16.51 11.35 15.74
N LEU C 443 17.57 10.58 16.01
CA LEU C 443 18.88 10.90 15.44
C LEU C 443 18.84 10.86 13.91
N THR C 444 18.18 9.86 13.33
CA THR C 444 18.05 9.79 11.88
C THR C 444 17.22 10.95 11.35
N HIS C 445 16.22 11.39 12.12
CA HIS C 445 15.39 12.52 11.72
C HIS C 445 16.22 13.80 11.67
N LYS C 446 17.12 13.99 12.64
CA LYS C 446 17.91 15.21 12.68
C LYS C 446 18.95 15.29 11.56
N ARG C 447 19.18 14.20 10.83
CA ARG C 447 20.17 14.15 9.76
C ARG C 447 19.54 13.88 8.41
N ARG C 448 18.37 14.47 8.15
CA ARG C 448 17.65 14.24 6.90
C ARG C 448 17.94 15.34 5.89
N LEU C 449 17.89 14.98 4.61
CA LEU C 449 18.04 15.91 3.49
C LEU C 449 16.83 15.77 2.59
N SER C 450 15.95 16.76 2.60
CA SER C 450 14.72 16.72 1.82
C SER C 450 14.80 17.68 0.65
N ALA C 451 14.24 17.26 -0.49
CA ALA C 451 14.20 18.08 -1.69
C ALA C 451 12.87 18.82 -1.85
N LEU C 452 11.83 18.39 -1.17
CA LEU C 452 10.51 19.01 -1.29
C LEU C 452 10.33 20.04 -0.17
N GLY C 453 10.04 21.28 -0.55
CA GLY C 453 9.84 22.34 0.40
C GLY C 453 9.47 23.64 -0.29
N PRO C 454 9.32 24.72 0.48
CA PRO C 454 8.99 26.02 -0.13
C PRO C 454 10.15 26.57 -0.95
N GLY C 455 10.28 26.12 -2.19
CA GLY C 455 11.39 26.50 -3.03
C GLY C 455 12.05 25.31 -3.68
N GLY C 456 11.39 24.16 -3.63
CA GLY C 456 11.94 22.93 -4.20
C GLY C 456 10.96 22.20 -5.10
N LEU C 457 11.18 20.90 -5.28
CA LEU C 457 10.38 20.09 -6.18
C LEU C 457 8.98 19.82 -5.62
N SER C 458 8.18 19.05 -6.35
CA SER C 458 6.84 18.68 -5.94
C SER C 458 6.70 17.17 -5.94
N ARG C 459 5.90 16.66 -5.01
CA ARG C 459 5.81 15.22 -4.80
C ARG C 459 5.17 14.48 -5.98
N GLU C 460 4.43 15.17 -6.84
CA GLU C 460 3.82 14.54 -8.00
C GLU C 460 4.49 15.02 -9.30
N ARG C 461 4.79 16.31 -9.42
CA ARG C 461 5.31 16.86 -10.65
C ARG C 461 6.78 16.52 -10.84
N ALA C 462 7.41 15.92 -9.84
CA ALA C 462 8.79 15.49 -9.91
C ALA C 462 8.88 14.21 -10.73
N GLY C 463 9.84 14.17 -11.66
CA GLY C 463 10.01 13.02 -12.54
C GLY C 463 10.81 11.92 -11.91
N LEU C 464 11.31 11.01 -12.75
CA LEU C 464 12.09 9.87 -12.31
C LEU C 464 13.60 10.12 -12.39
N GLU C 465 14.00 11.33 -12.81
CA GLU C 465 15.41 11.69 -12.85
C GLU C 465 15.89 12.38 -11.59
N VAL C 466 14.97 12.89 -10.77
CA VAL C 466 15.34 13.47 -9.48
C VAL C 466 15.21 12.45 -8.35
N ARG C 467 14.58 11.31 -8.60
CA ARG C 467 14.44 10.24 -7.62
C ARG C 467 15.49 9.16 -7.86
N ASP C 468 16.67 9.55 -8.33
CA ASP C 468 17.71 8.60 -8.73
C ASP C 468 18.89 8.70 -7.78
N VAL C 469 19.81 7.74 -7.92
CA VAL C 469 21.07 7.74 -7.20
C VAL C 469 22.13 8.27 -8.16
N HIS C 470 22.69 9.43 -7.84
CA HIS C 470 23.67 10.06 -8.70
C HIS C 470 25.08 9.65 -8.26
N PRO C 471 26.03 9.51 -9.19
CA PRO C 471 27.39 9.12 -8.79
C PRO C 471 28.03 10.10 -7.82
N SER C 472 27.60 11.36 -7.86
CA SER C 472 28.14 12.38 -6.97
C SER C 472 27.70 12.19 -5.52
N HIS C 473 26.74 11.30 -5.27
CA HIS C 473 26.23 11.07 -3.92
C HIS C 473 27.12 10.14 -3.11
N TYR C 474 28.15 9.55 -3.71
CA TYR C 474 29.01 8.59 -3.02
C TYR C 474 29.72 9.31 -1.87
N GLY C 475 29.32 8.99 -0.64
CA GLY C 475 29.94 9.55 0.55
C GLY C 475 29.30 10.80 1.07
N ARG C 476 28.19 11.24 0.49
CA ARG C 476 27.52 12.47 0.93
C ARG C 476 26.04 12.26 1.20
N MET C 477 25.39 11.34 0.50
CA MET C 477 24.01 10.95 0.79
C MET C 477 23.90 9.43 0.68
N CYS C 478 23.28 8.81 1.66
CA CYS C 478 23.17 7.36 1.69
C CYS C 478 22.25 6.89 0.56
N PRO C 479 22.67 5.93 -0.26
CA PRO C 479 21.84 5.49 -1.39
C PRO C 479 20.77 4.47 -1.05
N ILE C 480 20.72 4.00 0.20
CA ILE C 480 19.84 2.90 0.59
C ILE C 480 18.62 3.39 1.35
N GLU C 481 18.81 4.31 2.30
CA GLU C 481 17.74 4.67 3.24
C GLU C 481 16.89 5.78 2.63
N THR C 482 15.79 5.39 2.00
CA THR C 482 14.78 6.29 1.49
C THR C 482 13.40 5.73 1.83
N PRO C 483 12.37 6.58 1.84
CA PRO C 483 11.01 6.07 2.02
C PRO C 483 10.64 5.08 0.92
N GLU C 484 9.48 4.45 1.09
CA GLU C 484 9.04 3.39 0.21
C GLU C 484 7.84 3.76 -0.64
N GLY C 485 7.16 4.87 -0.36
CA GLY C 485 5.96 5.22 -1.07
C GLY C 485 6.17 6.37 -2.04
N PRO C 486 5.30 7.39 -2.00
CA PRO C 486 5.43 8.49 -2.96
C PRO C 486 6.67 9.35 -2.75
N ASN C 487 7.31 9.29 -1.58
CA ASN C 487 8.47 10.11 -1.27
C ASN C 487 9.77 9.40 -1.65
N ILE C 488 9.68 8.30 -2.40
CA ILE C 488 10.86 7.56 -2.80
C ILE C 488 11.77 8.48 -3.61
N GLY C 489 13.00 8.68 -3.13
CA GLY C 489 13.99 9.47 -3.82
C GLY C 489 13.97 10.95 -3.50
N LEU C 490 12.96 11.42 -2.77
CA LEU C 490 12.86 12.84 -2.43
C LEU C 490 13.41 13.18 -1.06
N ILE C 491 13.46 12.22 -0.15
CA ILE C 491 14.03 12.40 1.18
C ILE C 491 15.23 11.48 1.31
N GLY C 492 16.36 12.04 1.75
CA GLY C 492 17.59 11.29 1.88
C GLY C 492 18.17 11.43 3.28
N SER C 493 19.36 10.87 3.45
CA SER C 493 20.06 10.89 4.73
C SER C 493 21.52 11.22 4.52
N LEU C 494 22.05 12.11 5.35
CA LEU C 494 23.46 12.44 5.29
C LEU C 494 24.30 11.25 5.72
N SER C 495 25.51 11.16 5.17
CA SER C 495 26.40 10.05 5.45
C SER C 495 27.06 10.27 6.81
N VAL C 496 28.07 9.48 7.13
CA VAL C 496 28.60 9.44 8.50
C VAL C 496 29.74 10.44 8.68
N TYR C 497 30.69 10.46 7.73
CA TYR C 497 31.86 11.32 7.84
C TYR C 497 31.71 12.65 7.12
N ALA C 498 30.54 12.92 6.54
CA ALA C 498 30.35 14.06 5.67
C ALA C 498 30.03 15.33 6.48
N ARG C 499 30.43 16.47 5.92
CA ARG C 499 30.21 17.78 6.53
C ARG C 499 29.80 18.77 5.45
N VAL C 500 29.27 19.92 5.88
CA VAL C 500 28.84 20.97 4.97
C VAL C 500 29.79 22.14 5.09
N ASN C 501 30.17 22.72 3.95
CA ASN C 501 31.11 23.83 3.91
C ASN C 501 30.35 25.15 4.01
N PRO C 502 31.05 26.29 4.08
CA PRO C 502 30.35 27.56 4.32
C PRO C 502 29.27 27.89 3.29
N PHE C 503 29.46 27.55 2.02
CA PHE C 503 28.50 27.90 0.99
C PHE C 503 27.35 26.90 0.87
N GLY C 504 27.42 25.78 1.58
CA GLY C 504 26.32 24.84 1.59
C GLY C 504 26.55 23.59 0.77
N PHE C 505 27.79 23.39 0.30
CA PHE C 505 28.15 22.21 -0.47
C PHE C 505 28.76 21.17 0.45
N ILE C 506 28.25 19.96 0.39
CA ILE C 506 28.66 18.90 1.32
C ILE C 506 30.04 18.39 0.94
N GLU C 507 30.88 18.19 1.94
CA GLU C 507 32.22 17.65 1.76
C GLU C 507 32.35 16.32 2.48
N THR C 508 33.25 15.48 1.99
CA THR C 508 33.49 14.16 2.56
C THR C 508 34.99 13.95 2.71
N PRO C 509 35.47 13.39 3.82
CA PRO C 509 36.91 13.25 4.02
C PRO C 509 37.55 12.30 3.02
N TYR C 510 38.82 12.56 2.72
CA TYR C 510 39.63 11.66 1.91
C TYR C 510 41.04 11.62 2.48
N ARG C 511 41.70 10.49 2.30
CA ARG C 511 43.05 10.26 2.81
C ARG C 511 44.03 10.46 1.66
N LYS C 512 44.83 11.53 1.73
CA LYS C 512 45.78 11.84 0.67
C LYS C 512 46.80 10.71 0.51
N VAL C 513 47.04 10.32 -0.75
CA VAL C 513 48.06 9.34 -1.08
C VAL C 513 49.09 10.03 -1.97
N VAL C 514 50.36 9.87 -1.63
CA VAL C 514 51.45 10.57 -2.30
C VAL C 514 52.50 9.56 -2.71
N ASP C 515 52.95 9.65 -3.97
CA ASP C 515 54.00 8.79 -4.51
C ASP C 515 53.68 7.31 -4.33
N GLY C 516 52.42 6.94 -4.49
CA GLY C 516 52.00 5.56 -4.29
C GLY C 516 51.88 5.14 -2.85
N VAL C 517 51.97 6.08 -1.90
CA VAL C 517 51.91 5.78 -0.47
C VAL C 517 50.62 6.37 0.08
N VAL C 518 49.82 5.54 0.74
CA VAL C 518 48.59 5.99 1.37
C VAL C 518 48.95 6.67 2.68
N SER C 519 49.05 7.99 2.66
CA SER C 519 49.56 8.72 3.80
C SER C 519 48.42 9.17 4.73
N ASP C 520 48.79 9.96 5.73
CA ASP C 520 47.87 10.58 6.67
C ASP C 520 47.47 11.96 6.15
N GLU C 521 46.96 12.82 7.04
CA GLU C 521 46.52 14.16 6.65
C GLU C 521 45.29 14.12 5.76
N ILE C 522 44.17 13.63 6.30
CA ILE C 522 42.89 13.63 5.60
C ILE C 522 42.60 15.06 5.12
N VAL C 523 42.05 15.17 3.91
CA VAL C 523 41.66 16.45 3.33
C VAL C 523 40.23 16.33 2.85
N TYR C 524 39.42 17.33 3.18
CA TYR C 524 38.00 17.33 2.82
C TYR C 524 37.82 17.90 1.41
N LEU C 525 37.14 17.15 0.54
CA LEU C 525 36.89 17.56 -0.82
C LEU C 525 35.40 17.76 -1.05
N THR C 526 35.07 18.35 -2.19
CA THR C 526 33.72 18.52 -2.66
C THR C 526 33.52 17.73 -3.95
N ALA C 527 32.27 17.57 -4.35
CA ALA C 527 31.99 16.84 -5.59
C ALA C 527 32.68 17.52 -6.78
N ASP C 528 32.62 18.84 -6.84
CA ASP C 528 33.25 19.56 -7.94
C ASP C 528 34.75 19.31 -7.95
N GLU C 529 35.38 19.40 -6.78
CA GLU C 529 36.81 19.11 -6.69
C GLU C 529 37.09 17.64 -6.95
N GLU C 530 36.29 16.76 -6.35
CA GLU C 530 36.51 15.33 -6.49
C GLU C 530 36.40 14.86 -7.93
N ASP C 531 35.67 15.59 -8.76
CA ASP C 531 35.50 15.17 -10.15
C ASP C 531 36.78 15.26 -10.97
N ARG C 532 37.83 15.91 -10.46
CA ARG C 532 39.10 16.04 -11.19
C ARG C 532 40.23 15.30 -10.48
N HIS C 533 39.92 14.17 -9.86
CA HIS C 533 40.93 13.32 -9.23
C HIS C 533 40.50 11.87 -9.37
N VAL C 534 41.35 10.97 -8.89
CA VAL C 534 41.06 9.54 -8.88
C VAL C 534 41.21 9.07 -7.44
N VAL C 535 40.12 8.57 -6.86
CA VAL C 535 40.10 8.12 -5.47
C VAL C 535 39.94 6.61 -5.46
N ALA C 536 40.51 5.96 -4.44
CA ALA C 536 40.53 4.51 -4.34
C ALA C 536 39.54 4.02 -3.29
N GLN C 537 39.37 2.70 -3.26
CA GLN C 537 38.41 2.06 -2.37
C GLN C 537 39.04 1.84 -1.00
N ALA C 538 38.26 2.08 0.06
CA ALA C 538 38.79 1.94 1.42
C ALA C 538 39.22 0.50 1.70
N ASN C 539 38.32 -0.46 1.48
CA ASN C 539 38.65 -1.87 1.69
C ASN C 539 39.55 -2.31 0.54
N SER C 540 40.79 -1.88 0.61
CA SER C 540 41.81 -2.20 -0.38
C SER C 540 43.04 -2.71 0.34
N PRO C 541 43.85 -3.55 -0.30
CA PRO C 541 45.00 -4.17 0.38
C PRO C 541 46.17 -3.21 0.49
N ILE C 542 46.55 -2.90 1.73
CA ILE C 542 47.73 -2.10 2.02
C ILE C 542 48.55 -2.87 3.04
N ASP C 543 49.87 -2.65 3.06
CA ASP C 543 50.76 -3.45 3.89
C ASP C 543 51.55 -2.59 4.87
N ALA C 544 50.95 -1.49 5.33
CA ALA C 544 51.59 -0.63 6.32
C ALA C 544 52.87 0.00 5.81
N ASP C 545 53.15 -0.17 4.51
CA ASP C 545 54.34 0.39 3.89
C ASP C 545 54.02 1.38 2.78
N GLY C 546 52.75 1.77 2.64
CA GLY C 546 52.36 2.70 1.60
C GLY C 546 52.57 2.14 0.21
N ARG C 547 52.13 0.91 -0.01
CA ARG C 547 52.26 0.27 -1.32
C ARG C 547 51.23 -0.84 -1.42
N PHE C 548 50.31 -0.71 -2.36
CA PHE C 548 49.22 -1.67 -2.50
C PHE C 548 49.77 -3.06 -2.77
N VAL C 549 49.22 -4.05 -2.06
CA VAL C 549 49.64 -5.43 -2.27
C VAL C 549 49.21 -5.94 -3.64
N GLU C 550 47.96 -5.69 -4.00
CA GLU C 550 47.44 -6.15 -5.28
C GLU C 550 47.79 -5.15 -6.39
N PRO C 551 47.82 -5.61 -7.64
CA PRO C 551 48.21 -4.68 -8.72
C PRO C 551 47.13 -3.68 -9.09
N ARG C 552 45.87 -4.10 -9.14
CA ARG C 552 44.78 -3.26 -9.62
C ARG C 552 43.73 -3.07 -8.53
N VAL C 553 43.15 -1.88 -8.52
CA VAL C 553 42.13 -1.51 -7.54
C VAL C 553 41.00 -0.78 -8.26
N LEU C 554 39.76 -1.20 -7.98
CA LEU C 554 38.62 -0.50 -8.54
C LEU C 554 38.57 0.94 -8.02
N VAL C 555 38.34 1.88 -8.93
CA VAL C 555 38.30 3.30 -8.59
C VAL C 555 37.25 3.99 -9.45
N ARG C 556 36.56 4.96 -8.87
CA ARG C 556 35.56 5.75 -9.59
C ARG C 556 36.30 6.76 -10.48
N ARG C 557 36.34 6.49 -11.78
CA ARG C 557 37.24 7.21 -12.67
C ARG C 557 36.93 8.71 -12.75
N LYS C 558 35.87 9.08 -13.46
CA LYS C 558 35.42 10.47 -13.49
C LYS C 558 33.95 10.60 -13.11
N ALA C 559 33.09 9.92 -13.86
CA ALA C 559 31.64 9.96 -13.65
C ALA C 559 31.16 8.70 -12.94
N GLY C 560 31.77 8.43 -11.80
CA GLY C 560 31.43 7.22 -11.06
C GLY C 560 31.60 5.95 -11.87
N GLU C 561 32.65 5.89 -12.68
CA GLU C 561 32.94 4.72 -13.50
C GLU C 561 34.00 3.89 -12.79
N VAL C 562 33.58 2.79 -12.17
CA VAL C 562 34.52 1.88 -11.52
C VAL C 562 35.38 1.23 -12.60
N GLU C 563 36.68 1.18 -12.37
CA GLU C 563 37.62 0.66 -13.37
C GLU C 563 38.88 0.13 -12.70
N TYR C 564 39.40 -0.96 -13.24
CA TYR C 564 40.75 -1.41 -12.91
C TYR C 564 41.75 -0.46 -13.53
N VAL C 565 42.68 0.02 -12.72
CA VAL C 565 43.56 1.11 -13.14
C VAL C 565 44.97 0.84 -12.62
N PRO C 566 46.02 1.36 -13.27
CA PRO C 566 47.37 1.21 -12.72
C PRO C 566 47.50 1.85 -11.35
N SER C 567 48.31 1.23 -10.50
CA SER C 567 48.41 1.66 -9.10
C SER C 567 49.06 3.02 -8.93
N SER C 568 49.69 3.57 -9.97
CA SER C 568 50.37 4.85 -9.88
C SER C 568 49.47 6.04 -10.18
N GLU C 569 48.21 5.81 -10.54
CA GLU C 569 47.30 6.90 -10.89
C GLU C 569 46.46 7.37 -9.71
N VAL C 570 46.29 6.53 -8.69
CA VAL C 570 45.45 6.87 -7.55
C VAL C 570 45.93 8.16 -6.92
N ASP C 571 45.00 9.04 -6.55
CA ASP C 571 45.34 10.31 -5.90
C ASP C 571 44.76 10.45 -4.51
N TYR C 572 43.72 9.70 -4.16
CA TYR C 572 43.10 9.80 -2.84
C TYR C 572 42.58 8.42 -2.46
N MET C 573 42.07 8.29 -1.23
CA MET C 573 41.56 7.02 -0.72
C MET C 573 40.44 7.31 0.27
N ASP C 574 39.42 6.47 0.22
CA ASP C 574 38.34 6.56 1.20
C ASP C 574 38.86 6.22 2.60
N VAL C 575 38.24 6.83 3.61
CA VAL C 575 38.69 6.66 4.99
C VAL C 575 38.41 5.24 5.51
N SER C 576 37.23 4.71 5.27
CA SER C 576 36.78 3.42 5.77
C SER C 576 35.86 2.78 4.73
N PRO C 577 35.65 1.46 4.79
CA PRO C 577 34.70 0.82 3.85
C PRO C 577 33.26 0.89 4.34
N ARG C 578 32.97 1.99 5.01
CA ARG C 578 31.72 2.17 5.73
C ARG C 578 31.35 3.64 5.58
N GLN C 579 31.70 4.21 4.45
CA GLN C 579 31.65 5.65 4.27
C GLN C 579 30.42 6.10 3.49
N MET C 580 29.88 5.25 2.62
CA MET C 580 28.71 5.64 1.83
C MET C 580 27.41 5.48 2.60
N VAL C 581 27.37 4.59 3.59
CA VAL C 581 26.12 4.29 4.29
C VAL C 581 25.88 5.32 5.37
N SER C 582 24.64 5.38 5.87
CA SER C 582 24.28 6.29 6.95
C SER C 582 24.39 5.58 8.29
N VAL C 583 23.88 6.21 9.34
CA VAL C 583 23.98 5.64 10.68
C VAL C 583 23.11 4.40 10.83
N ALA C 584 21.85 4.46 10.40
CA ALA C 584 20.94 3.32 10.53
C ALA C 584 21.33 2.15 9.63
N THR C 585 21.86 2.43 8.44
CA THR C 585 22.31 1.38 7.55
C THR C 585 23.62 0.74 8.01
N ALA C 586 24.36 1.42 8.90
CA ALA C 586 25.61 0.89 9.40
C ALA C 586 25.42 -0.07 10.57
N MET C 587 24.19 -0.29 11.02
CA MET C 587 23.90 -1.21 12.11
C MET C 587 23.36 -2.54 11.62
N ILE C 588 23.38 -2.80 10.31
CA ILE C 588 22.98 -4.08 9.76
C ILE C 588 24.22 -4.94 9.60
N PRO C 589 24.37 -6.03 10.37
CA PRO C 589 25.49 -6.93 10.12
C PRO C 589 25.28 -7.75 8.86
N PHE C 590 26.39 -8.06 8.20
CA PHE C 590 26.34 -8.79 6.93
C PHE C 590 25.48 -8.05 5.91
N LEU C 591 25.65 -6.73 5.83
CA LEU C 591 24.86 -5.94 4.90
C LEU C 591 25.17 -6.31 3.46
N GLU C 592 26.43 -6.59 3.16
CA GLU C 592 26.84 -6.89 1.79
C GLU C 592 26.27 -8.20 1.28
N HIS C 593 25.68 -9.03 2.14
CA HIS C 593 25.04 -10.26 1.70
C HIS C 593 23.56 -10.09 1.40
N ASP C 594 23.00 -8.90 1.62
CA ASP C 594 21.59 -8.65 1.38
C ASP C 594 21.41 -7.76 0.16
N ASP C 595 20.30 -7.96 -0.55
CA ASP C 595 19.98 -7.13 -1.70
C ASP C 595 19.53 -5.75 -1.24
N ALA C 596 19.57 -4.79 -2.17
CA ALA C 596 19.31 -3.40 -1.81
C ALA C 596 17.90 -3.20 -1.28
N ASN C 597 16.92 -3.87 -1.88
CA ASN C 597 15.53 -3.68 -1.46
C ASN C 597 15.33 -4.11 -0.01
N ARG C 598 15.80 -5.31 0.34
CA ARG C 598 15.61 -5.81 1.70
C ARG C 598 16.47 -5.02 2.68
N ALA C 599 17.64 -4.56 2.26
CA ALA C 599 18.46 -3.70 3.11
C ALA C 599 17.74 -2.40 3.42
N LEU C 600 17.10 -1.80 2.40
CA LEU C 600 16.30 -0.61 2.62
C LEU C 600 15.16 -0.88 3.60
N MET C 601 14.47 -2.01 3.41
CA MET C 601 13.40 -2.37 4.32
C MET C 601 13.90 -2.48 5.75
N GLY C 602 15.02 -3.16 5.96
CA GLY C 602 15.54 -3.32 7.30
C GLY C 602 16.00 -2.01 7.93
N ALA C 603 16.67 -1.17 7.14
CA ALA C 603 17.11 0.12 7.64
C ALA C 603 15.93 0.98 8.06
N ASN C 604 14.86 0.97 7.27
CA ASN C 604 13.65 1.71 7.65
C ASN C 604 12.95 1.10 8.85
N MET C 605 12.92 -0.23 8.97
CA MET C 605 12.24 -0.89 10.07
C MET C 605 12.98 -0.75 11.40
N GLN C 606 14.30 -0.58 11.38
CA GLN C 606 15.02 -0.38 12.63
C GLN C 606 14.56 0.88 13.36
N ARG C 607 13.94 1.83 12.66
CA ARG C 607 13.45 3.06 13.27
C ARG C 607 12.01 2.94 13.77
N GLN C 608 11.40 1.76 13.65
CA GLN C 608 10.04 1.53 14.12
C GLN C 608 9.97 0.64 15.35
N ALA C 609 11.09 0.06 15.79
CA ALA C 609 11.06 -0.83 16.93
C ALA C 609 10.65 -0.09 18.20
N VAL C 610 9.83 -0.74 19.01
CA VAL C 610 9.37 -0.18 20.28
C VAL C 610 10.39 -0.49 21.36
N PRO C 611 10.58 0.37 22.37
CA PRO C 611 11.47 0.03 23.49
C PRO C 611 10.85 -1.04 24.37
N LEU C 612 11.57 -2.15 24.54
CA LEU C 612 11.08 -3.24 25.37
C LEU C 612 11.29 -2.93 26.85
N VAL C 613 10.56 -3.65 27.70
CA VAL C 613 10.59 -3.39 29.13
C VAL C 613 12.00 -3.58 29.69
N ARG C 614 12.70 -4.61 29.23
CA ARG C 614 14.09 -4.85 29.58
C ARG C 614 14.90 -4.96 28.30
N SER C 615 16.02 -4.25 28.23
CA SER C 615 16.83 -4.19 27.03
C SER C 615 18.05 -5.10 27.16
N GLU C 616 18.46 -5.68 26.04
CA GLU C 616 19.64 -6.50 25.99
C GLU C 616 20.34 -6.29 24.65
N ALA C 617 21.65 -6.10 24.69
CA ALA C 617 22.42 -5.83 23.48
C ALA C 617 22.55 -7.09 22.64
N PRO C 618 22.78 -6.94 21.34
CA PRO C 618 22.94 -8.11 20.47
C PRO C 618 24.16 -8.93 20.86
N LEU C 619 24.27 -10.12 20.26
CA LEU C 619 25.48 -10.90 20.30
C LEU C 619 26.33 -10.76 19.04
N VAL C 620 25.74 -10.29 17.95
CA VAL C 620 26.39 -10.28 16.64
C VAL C 620 26.31 -8.89 16.03
N GLY C 621 26.38 -7.85 16.85
CA GLY C 621 26.27 -6.48 16.37
C GLY C 621 27.37 -6.10 15.40
N THR C 622 27.46 -4.82 15.06
CA THR C 622 28.45 -4.33 14.10
C THR C 622 29.46 -3.37 14.70
N GLY C 623 29.07 -2.55 15.66
CA GLY C 623 29.97 -1.59 16.26
C GLY C 623 29.43 -0.18 16.27
N MET C 624 28.57 0.15 15.30
CA MET C 624 27.95 1.47 15.25
C MET C 624 26.73 1.50 16.16
N GLU C 625 26.92 1.17 17.43
CA GLU C 625 25.84 1.16 18.41
C GLU C 625 26.17 1.90 19.69
N LEU C 626 27.44 2.06 20.03
CA LEU C 626 27.86 2.84 21.20
C LEU C 626 27.89 4.32 20.87
N ARG C 627 28.57 4.69 19.79
CA ARG C 627 28.60 6.08 19.35
C ARG C 627 27.21 6.55 18.95
N ALA C 628 26.44 5.69 18.28
CA ALA C 628 25.08 6.06 17.89
C ALA C 628 24.23 6.36 19.11
N ALA C 629 24.42 5.60 20.20
CA ALA C 629 23.66 5.83 21.42
C ALA C 629 24.13 7.08 22.15
N ILE C 630 25.44 7.29 22.21
CA ILE C 630 25.96 8.45 22.95
C ILE C 630 25.63 9.76 22.23
N ASP C 631 25.81 9.80 20.91
CA ASP C 631 25.53 11.03 20.18
C ASP C 631 24.05 11.35 20.13
N ALA C 632 23.19 10.32 20.15
CA ALA C 632 21.75 10.57 20.19
C ALA C 632 21.37 11.37 21.42
N GLY C 633 22.04 11.12 22.55
CA GLY C 633 21.88 11.94 23.73
C GLY C 633 20.84 11.42 24.71
N ASP C 634 20.34 10.21 24.49
CA ASP C 634 19.38 9.63 25.41
C ASP C 634 20.03 9.00 26.63
N VAL C 635 21.33 8.75 26.58
CA VAL C 635 22.07 8.32 27.76
C VAL C 635 22.54 9.53 28.54
N VAL C 636 22.95 9.30 29.80
CA VAL C 636 23.51 10.35 30.64
C VAL C 636 25.01 10.14 30.70
N VAL C 637 25.77 11.17 30.34
CA VAL C 637 27.23 11.10 30.30
C VAL C 637 27.78 12.03 31.38
N ALA C 638 28.75 11.52 32.14
CA ALA C 638 29.33 12.30 33.23
C ALA C 638 29.96 13.58 32.69
N GLU C 639 29.60 14.71 33.31
CA GLU C 639 30.13 15.99 32.87
C GLU C 639 31.65 16.06 33.10
N GLU C 640 32.10 15.62 34.26
CA GLU C 640 33.51 15.68 34.63
C GLU C 640 33.86 14.48 35.49
N SER C 641 35.13 14.12 35.49
CA SER C 641 35.58 12.93 36.20
C SER C 641 35.43 13.11 37.71
N GLY C 642 35.25 11.99 38.40
CA GLY C 642 35.08 12.03 39.85
C GLY C 642 34.77 10.66 40.38
N VAL C 643 34.27 10.63 41.61
CA VAL C 643 33.93 9.40 42.31
C VAL C 643 32.45 9.43 42.67
N ILE C 644 31.73 8.38 42.33
CA ILE C 644 30.31 8.31 42.67
C ILE C 644 30.17 8.33 44.18
N GLU C 645 29.26 9.17 44.68
CA GLU C 645 29.06 9.34 46.11
C GLU C 645 27.79 8.61 46.58
N GLU C 646 26.65 8.92 45.99
CA GLU C 646 25.39 8.24 46.32
C GLU C 646 24.61 8.04 45.03
N VAL C 647 24.27 6.80 44.74
CA VAL C 647 23.54 6.43 43.53
C VAL C 647 22.19 5.85 43.93
N SER C 648 21.12 6.41 43.37
CA SER C 648 19.76 5.95 43.63
C SER C 648 19.02 5.85 42.30
N ALA C 649 17.79 5.35 42.36
CA ALA C 649 17.00 5.22 41.14
C ALA C 649 16.61 6.57 40.56
N ASP C 650 16.66 7.64 41.35
CA ASP C 650 16.20 8.96 40.92
C ASP C 650 17.31 9.98 40.75
N TYR C 651 18.52 9.71 41.22
CA TYR C 651 19.57 10.73 41.17
C TYR C 651 20.92 10.08 41.37
N ILE C 652 21.91 10.49 40.56
CA ILE C 652 23.31 10.18 40.79
C ILE C 652 24.00 11.44 41.31
N THR C 653 25.03 11.26 42.12
CA THR C 653 25.80 12.36 42.70
C THR C 653 27.28 12.06 42.53
N VAL C 654 27.93 12.75 41.58
CA VAL C 654 29.36 12.60 41.38
C VAL C 654 30.08 13.64 42.22
N MET C 655 30.96 13.18 43.10
CA MET C 655 31.77 14.07 43.94
C MET C 655 33.04 14.40 43.15
N HIS C 656 33.06 15.59 42.55
CA HIS C 656 34.13 15.96 41.65
C HIS C 656 35.48 15.97 42.37
N ASP C 657 36.54 16.09 41.58
CA ASP C 657 37.90 16.09 42.09
C ASP C 657 38.34 17.46 42.60
N ASN C 658 37.40 18.40 42.78
CA ASN C 658 37.71 19.73 43.29
C ASN C 658 36.82 20.12 44.46
N GLY C 659 36.12 19.16 45.07
CA GLY C 659 35.22 19.45 46.17
C GLY C 659 33.81 19.81 45.78
N THR C 660 33.49 19.81 44.49
CA THR C 660 32.15 20.17 44.02
C THR C 660 31.33 18.92 43.77
N ARG C 661 30.03 19.03 44.00
CA ARG C 661 29.09 17.94 43.81
C ARG C 661 28.05 18.36 42.77
N ARG C 662 27.82 17.49 41.79
CA ARG C 662 26.85 17.72 40.73
C ARG C 662 25.91 16.52 40.68
N THR C 663 24.65 16.73 41.07
CA THR C 663 23.68 15.64 41.10
C THR C 663 22.93 15.58 39.77
N TYR C 664 22.97 14.42 39.13
CA TYR C 664 22.21 14.17 37.90
C TYR C 664 20.85 13.58 38.28
N ARG C 665 19.79 14.03 37.63
CA ARG C 665 18.45 13.54 37.88
C ARG C 665 17.98 12.69 36.70
N MET C 666 17.41 11.52 37.00
CA MET C 666 16.97 10.58 35.98
C MET C 666 15.48 10.74 35.73
N ARG C 667 15.09 10.84 34.46
CA ARG C 667 13.69 10.96 34.07
C ARG C 667 13.10 9.56 33.97
N LYS C 668 12.13 9.27 34.84
CA LYS C 668 11.57 7.94 34.97
C LYS C 668 10.15 7.91 34.42
N PHE C 669 9.86 6.92 33.58
CA PHE C 669 8.52 6.65 33.08
C PHE C 669 7.90 7.91 32.45
N ALA C 670 8.69 8.56 31.60
CA ALA C 670 8.22 9.70 30.84
C ALA C 670 7.58 9.22 29.54
N ARG C 671 6.96 10.13 28.81
CA ARG C 671 6.25 9.81 27.57
C ARG C 671 6.94 10.48 26.40
N SER C 672 7.05 9.75 25.29
CA SER C 672 7.62 10.30 24.07
C SER C 672 6.52 10.84 23.16
N ASN C 673 6.93 11.50 22.08
CA ASN C 673 5.95 12.06 21.14
C ASN C 673 5.05 10.99 20.55
N HIS C 674 5.48 9.73 20.56
CA HIS C 674 4.76 8.65 19.91
C HIS C 674 4.16 7.66 20.91
N GLY C 675 4.04 8.05 22.17
CA GLY C 675 3.39 7.22 23.16
C GLY C 675 4.28 6.19 23.82
N THR C 676 5.49 6.00 23.33
CA THR C 676 6.40 5.05 23.98
C THR C 676 6.81 5.59 25.35
N CYS C 677 7.57 4.76 26.07
CA CYS C 677 8.00 5.06 27.43
C CYS C 677 9.50 5.31 27.45
N ALA C 678 9.89 6.47 27.97
CA ALA C 678 11.29 6.83 28.15
C ALA C 678 11.63 6.69 29.63
N ASN C 679 12.65 5.89 29.94
CA ASN C 679 12.98 5.55 31.31
C ASN C 679 14.49 5.40 31.42
N GLN C 680 15.10 6.13 32.35
CA GLN C 680 16.55 6.11 32.56
C GLN C 680 16.88 5.34 33.83
N CYS C 681 17.97 4.58 33.78
CA CYS C 681 18.39 3.73 34.89
C CYS C 681 19.89 3.88 35.11
N PRO C 682 20.33 4.22 36.32
CA PRO C 682 21.78 4.31 36.57
C PRO C 682 22.44 2.94 36.46
N ILE C 683 23.70 2.95 36.02
CA ILE C 683 24.43 1.70 35.81
C ILE C 683 25.78 1.74 36.52
N VAL C 684 25.86 2.49 37.62
CA VAL C 684 27.09 2.64 38.39
C VAL C 684 26.79 2.42 39.87
N ASP C 685 27.82 2.03 40.61
CA ASP C 685 27.72 1.76 42.04
C ASP C 685 28.28 2.92 42.85
N ALA C 686 28.03 2.88 44.16
CA ALA C 686 28.30 4.01 45.03
C ALA C 686 29.79 4.23 45.29
N GLY C 687 30.65 3.30 44.92
CA GLY C 687 32.07 3.45 45.19
C GLY C 687 32.91 3.62 43.93
N ASP C 688 32.30 3.44 42.77
CA ASP C 688 33.03 3.48 41.52
C ASP C 688 33.54 4.88 41.22
N ARG C 689 34.64 4.94 40.47
CA ARG C 689 35.18 6.19 39.96
C ARG C 689 34.86 6.30 38.48
N VAL C 690 34.34 7.45 38.08
CA VAL C 690 33.95 7.68 36.70
C VAL C 690 34.91 8.68 36.06
N GLU C 691 34.91 8.69 34.74
CA GLU C 691 35.73 9.61 33.95
C GLU C 691 34.85 10.49 33.09
N ALA C 692 35.40 11.63 32.69
CA ALA C 692 34.65 12.55 31.83
C ALA C 692 34.30 11.87 30.52
N GLY C 693 33.05 11.99 30.11
CA GLY C 693 32.57 11.36 28.90
C GLY C 693 32.12 9.92 29.05
N GLN C 694 32.11 9.39 30.27
CA GLN C 694 31.70 8.02 30.51
C GLN C 694 30.20 7.94 30.68
N VAL C 695 29.61 6.84 30.20
CA VAL C 695 28.17 6.65 30.30
C VAL C 695 27.82 6.33 31.75
N ILE C 696 26.97 7.18 32.35
CA ILE C 696 26.62 7.05 33.76
C ILE C 696 25.21 6.53 33.96
N ALA C 697 24.39 6.46 32.91
CA ALA C 697 23.04 5.91 32.99
C ALA C 697 22.63 5.45 31.61
N ASP C 698 21.54 4.67 31.56
CA ASP C 698 21.02 4.13 30.32
C ASP C 698 19.70 4.79 29.97
N GLY C 699 19.23 4.52 28.74
CA GLY C 699 18.04 5.13 28.21
C GLY C 699 17.00 4.13 27.77
N PRO C 700 16.08 4.56 26.91
CA PRO C 700 14.99 3.68 26.47
C PRO C 700 15.46 2.37 25.86
N CYS C 701 16.32 2.44 24.85
CA CYS C 701 16.72 1.27 24.09
C CYS C 701 18.23 1.05 24.20
N THR C 702 18.77 1.16 25.40
CA THR C 702 20.21 1.07 25.62
C THR C 702 20.50 0.03 26.69
N ASP C 703 21.63 -0.66 26.55
CA ASP C 703 22.09 -1.65 27.51
C ASP C 703 23.60 -1.50 27.65
N ASP C 704 24.05 -0.96 28.79
CA ASP C 704 25.45 -0.65 29.06
C ASP C 704 26.00 0.44 28.15
N GLY C 705 25.13 1.29 27.59
CA GLY C 705 25.55 2.35 26.70
C GLY C 705 25.50 2.01 25.24
N GLU C 706 25.00 0.84 24.87
CA GLU C 706 24.86 0.42 23.48
C GLU C 706 23.39 0.26 23.14
N MET C 707 23.03 0.60 21.90
CA MET C 707 21.65 0.42 21.45
C MET C 707 21.23 -1.03 21.57
N ALA C 708 20.00 -1.24 22.07
CA ALA C 708 19.41 -2.57 22.21
C ALA C 708 17.93 -2.45 21.85
N LEU C 709 17.62 -2.71 20.58
CA LEU C 709 16.26 -2.56 20.07
C LEU C 709 15.46 -3.85 20.07
N GLY C 710 16.10 -4.99 20.36
CA GLY C 710 15.42 -6.26 20.29
C GLY C 710 15.88 -7.28 21.32
N LYS C 711 15.72 -8.57 21.00
CA LYS C 711 16.10 -9.66 21.89
C LYS C 711 16.68 -10.80 21.08
N ASN C 712 17.48 -11.64 21.75
CA ASN C 712 18.09 -12.80 21.13
C ASN C 712 17.18 -14.01 21.36
N LEU C 713 16.76 -14.66 20.27
CA LEU C 713 15.84 -15.78 20.33
C LEU C 713 16.40 -16.96 19.55
N LEU C 714 16.06 -18.16 20.01
CA LEU C 714 16.49 -19.41 19.38
C LEU C 714 15.49 -19.76 18.27
N VAL C 715 15.98 -19.84 17.03
CA VAL C 715 15.12 -19.91 15.86
C VAL C 715 15.35 -21.24 15.14
N ALA C 716 14.31 -21.71 14.47
CA ALA C 716 14.38 -22.85 13.56
C ALA C 716 13.85 -22.43 12.19
N ILE C 717 14.39 -23.04 11.14
CA ILE C 717 14.19 -22.57 9.77
C ILE C 717 13.39 -23.60 8.98
N MET C 718 12.43 -24.28 9.64
CA MET C 718 11.64 -25.31 8.98
C MET C 718 10.19 -24.86 8.78
N PRO C 719 9.52 -25.34 7.73
CA PRO C 719 8.06 -25.20 7.68
C PRO C 719 7.39 -26.11 8.69
N TRP C 720 6.24 -25.70 9.20
CA TRP C 720 5.59 -26.38 10.32
C TRP C 720 4.08 -26.29 10.19
N GLU C 721 3.46 -27.34 9.65
CA GLU C 721 2.01 -27.55 9.69
C GLU C 721 1.24 -26.45 8.97
N GLY C 722 1.91 -25.62 8.18
CA GLY C 722 1.25 -24.55 7.47
C GLY C 722 0.86 -23.36 8.31
N HIS C 723 1.39 -23.23 9.52
CA HIS C 723 1.07 -22.08 10.36
C HIS C 723 1.98 -20.89 10.08
N ASN C 724 3.23 -21.14 9.68
CA ASN C 724 4.12 -20.10 9.19
C ASN C 724 4.07 -20.04 7.67
N TYR C 725 2.86 -19.84 7.16
CA TYR C 725 2.59 -19.88 5.73
C TYR C 725 2.49 -18.46 5.18
N GLU C 726 3.27 -18.18 4.13
CA GLU C 726 3.22 -16.89 3.45
C GLU C 726 3.62 -15.76 4.38
N ASP C 727 4.82 -15.87 4.97
CA ASP C 727 5.47 -14.85 5.80
C ASP C 727 4.88 -14.75 7.20
N ALA C 728 4.05 -15.70 7.62
CA ALA C 728 3.61 -15.73 9.01
C ALA C 728 4.71 -16.31 9.90
N ILE C 729 4.54 -16.13 11.20
CA ILE C 729 5.56 -16.50 12.18
C ILE C 729 4.91 -17.30 13.30
N ILE C 730 5.70 -18.20 13.90
CA ILE C 730 5.27 -19.03 15.01
C ILE C 730 6.17 -18.71 16.20
N LEU C 731 5.55 -18.37 17.34
CA LEU C 731 6.28 -18.06 18.56
C LEU C 731 5.96 -19.09 19.63
N SER C 732 6.91 -19.30 20.53
CA SER C 732 6.68 -20.10 21.72
C SER C 732 5.88 -19.29 22.75
N ASN C 733 5.38 -19.99 23.76
CA ASN C 733 4.63 -19.35 24.83
C ASN C 733 5.53 -18.90 25.98
N ARG C 734 6.83 -19.21 25.93
CA ARG C 734 7.75 -18.71 26.94
C ARG C 734 7.90 -17.20 26.85
N LEU C 735 7.90 -16.65 25.63
CA LEU C 735 8.09 -15.22 25.42
C LEU C 735 6.97 -14.39 26.00
N VAL C 736 5.84 -15.01 26.34
CA VAL C 736 4.71 -14.33 26.95
C VAL C 736 4.73 -14.51 28.47
N GLU C 737 4.98 -15.74 28.94
CA GLU C 737 5.04 -15.98 30.37
C GLU C 737 6.19 -15.23 31.02
N GLU C 738 7.35 -15.20 30.38
CA GLU C 738 8.54 -14.59 30.95
C GLU C 738 8.72 -13.13 30.54
N ASP C 739 7.80 -12.56 29.75
CA ASP C 739 7.85 -11.15 29.36
C ASP C 739 9.18 -10.82 28.67
N VAL C 740 9.40 -11.47 27.53
CA VAL C 740 10.61 -11.22 26.75
C VAL C 740 10.42 -10.04 25.81
N LEU C 741 9.24 -9.96 25.18
CA LEU C 741 8.94 -8.91 24.21
C LEU C 741 7.81 -8.01 24.71
N THR C 742 7.79 -7.71 26.00
CA THR C 742 6.78 -6.85 26.59
C THR C 742 7.21 -5.39 26.48
N SER C 743 6.23 -4.50 26.34
CA SER C 743 6.46 -3.08 26.16
C SER C 743 5.46 -2.28 26.97
N ILE C 744 5.83 -1.03 27.27
CA ILE C 744 4.98 -0.09 28.00
C ILE C 744 4.62 1.06 27.07
N HIS C 745 3.36 1.45 27.08
CA HIS C 745 2.86 2.58 26.30
C HIS C 745 2.06 3.50 27.20
N ILE C 746 2.04 4.78 26.86
CA ILE C 746 1.41 5.81 27.67
C ILE C 746 0.51 6.66 26.78
N GLU C 747 -0.68 6.97 27.27
CA GLU C 747 -1.62 7.87 26.60
C GLU C 747 -1.69 9.18 27.37
N GLU C 748 -2.23 10.21 26.72
CA GLU C 748 -2.28 11.56 27.25
C GLU C 748 -3.67 12.13 27.01
N HIS C 749 -4.47 12.19 28.07
CA HIS C 749 -5.83 12.73 28.01
C HIS C 749 -5.86 14.12 28.63
N GLU C 750 -6.35 15.08 27.88
CA GLU C 750 -6.35 16.47 28.30
C GLU C 750 -7.72 17.10 28.11
N ILE C 751 -8.15 17.88 29.11
CA ILE C 751 -9.43 18.56 29.07
C ILE C 751 -9.28 19.86 29.86
N ASP C 752 -9.93 20.91 29.37
CA ASP C 752 -9.87 22.23 29.99
C ASP C 752 -11.27 22.80 30.15
N ALA C 753 -11.42 23.67 31.14
CA ALA C 753 -12.69 24.34 31.44
C ALA C 753 -12.59 25.78 30.93
N ARG C 754 -13.46 26.12 29.98
CA ARG C 754 -13.45 27.43 29.37
C ARG C 754 -14.37 28.38 30.15
N ASP C 755 -14.38 29.64 29.72
CA ASP C 755 -15.30 30.61 30.31
C ASP C 755 -16.72 30.44 29.76
N THR C 756 -16.84 30.23 28.46
CA THR C 756 -18.12 29.93 27.82
C THR C 756 -19.04 31.15 27.80
N LYS C 757 -19.78 31.32 26.71
CA LYS C 757 -20.81 32.36 26.67
C LYS C 757 -21.86 32.13 27.75
N LEU C 758 -22.32 30.89 27.88
CA LEU C 758 -23.16 30.50 29.01
C LEU C 758 -22.64 31.13 30.30
N GLY C 759 -21.36 30.94 30.59
CA GLY C 759 -20.74 31.56 31.75
C GLY C 759 -20.32 30.58 32.82
N ALA C 760 -19.02 30.35 32.93
CA ALA C 760 -18.43 29.59 34.03
C ALA C 760 -18.73 28.10 33.93
N GLU C 761 -17.74 27.28 34.27
CA GLU C 761 -17.90 25.83 34.34
C GLU C 761 -16.91 25.29 35.36
N GLU C 762 -17.28 24.21 36.02
CA GLU C 762 -16.51 23.70 37.15
C GLU C 762 -16.26 22.21 36.99
N ILE C 763 -15.14 21.76 37.55
CA ILE C 763 -14.80 20.35 37.63
C ILE C 763 -14.98 19.92 39.08
N THR C 764 -15.81 18.90 39.31
CA THR C 764 -16.10 18.49 40.68
C THR C 764 -16.82 17.14 40.65
N ARG C 765 -16.95 16.56 41.84
CA ARG C 765 -17.63 15.27 41.99
C ARG C 765 -19.13 15.38 41.75
N ASP C 766 -19.66 16.60 41.73
CA ASP C 766 -21.10 16.83 41.56
C ASP C 766 -21.47 16.63 40.10
N ILE C 767 -21.68 15.37 39.74
CA ILE C 767 -22.20 14.98 38.42
C ILE C 767 -23.63 14.49 38.62
N PRO C 768 -24.64 15.18 38.11
CA PRO C 768 -26.02 14.75 38.36
C PRO C 768 -26.34 13.41 37.68
N ASN C 769 -27.27 12.68 38.28
CA ASN C 769 -27.88 11.45 37.77
C ASN C 769 -27.00 10.22 37.98
N ILE C 770 -25.81 10.36 38.58
CA ILE C 770 -24.89 9.25 38.74
C ILE C 770 -24.73 8.95 40.22
N SER C 771 -24.80 7.66 40.56
CA SER C 771 -24.63 7.23 41.94
C SER C 771 -23.17 7.34 42.37
N ASP C 772 -22.97 7.41 43.69
CA ASP C 772 -21.61 7.48 44.23
C ASP C 772 -20.80 6.24 43.88
N GLU C 773 -21.46 5.13 43.54
CA GLU C 773 -20.73 3.91 43.21
C GLU C 773 -19.84 4.11 41.98
N VAL C 774 -20.37 4.75 40.95
CA VAL C 774 -19.58 5.00 39.75
C VAL C 774 -18.45 5.97 40.04
N LEU C 775 -18.67 6.93 40.94
CA LEU C 775 -17.67 7.94 41.28
C LEU C 775 -16.74 7.47 42.39
N ALA C 776 -16.57 6.16 42.58
CA ALA C 776 -15.74 5.66 43.66
C ALA C 776 -14.29 6.08 43.48
N ASP C 777 -13.78 6.00 42.26
CA ASP C 777 -12.39 6.33 41.99
C ASP C 777 -12.12 7.82 41.92
N LEU C 778 -13.15 8.65 41.98
CA LEU C 778 -12.97 10.10 41.93
C LEU C 778 -12.65 10.63 43.32
N ASP C 779 -11.99 11.79 43.35
CA ASP C 779 -11.50 12.39 44.59
C ASP C 779 -12.18 13.74 44.82
N GLU C 780 -11.70 14.47 45.84
CA GLU C 780 -12.35 15.73 46.20
C GLU C 780 -12.31 16.74 45.06
N ARG C 781 -11.17 16.82 44.35
CA ARG C 781 -11.03 17.85 43.32
C ARG C 781 -11.93 17.56 42.12
N GLY C 782 -11.93 16.32 41.65
CA GLY C 782 -12.64 15.97 40.44
C GLY C 782 -11.88 14.97 39.58
N ILE C 783 -10.56 14.93 39.76
CA ILE C 783 -9.71 14.02 39.02
C ILE C 783 -9.72 12.66 39.71
N VAL C 784 -9.25 11.63 39.01
CA VAL C 784 -9.22 10.28 39.56
C VAL C 784 -7.96 10.09 40.39
N ARG C 785 -7.93 9.04 41.21
CA ARG C 785 -6.82 8.78 42.12
C ARG C 785 -5.67 8.14 41.35
N ILE C 786 -4.45 8.60 41.62
CA ILE C 786 -3.28 7.94 41.04
C ILE C 786 -3.19 6.53 41.59
N GLY C 787 -2.94 5.57 40.70
CA GLY C 787 -2.97 4.17 41.06
C GLY C 787 -4.31 3.50 40.87
N ALA C 788 -5.25 4.14 40.20
CA ALA C 788 -6.56 3.57 39.93
C ALA C 788 -6.54 2.78 38.63
N GLU C 789 -7.56 1.95 38.45
CA GLU C 789 -7.74 1.14 37.24
C GLU C 789 -8.90 1.71 36.44
N VAL C 790 -8.65 2.08 35.20
CA VAL C 790 -9.64 2.68 34.32
C VAL C 790 -9.88 1.74 33.14
N ARG C 791 -11.14 1.58 32.77
CA ARG C 791 -11.54 0.72 31.66
C ARG C 791 -12.24 1.56 30.60
N ASP C 792 -12.63 0.91 29.51
CA ASP C 792 -13.25 1.61 28.39
C ASP C 792 -14.58 2.20 28.85
N GLY C 793 -14.57 3.50 29.15
CA GLY C 793 -15.73 4.20 29.65
C GLY C 793 -15.64 4.36 31.15
N ASP C 794 -15.19 5.53 31.60
CA ASP C 794 -15.00 5.80 33.02
C ASP C 794 -14.64 7.26 33.21
N ILE C 795 -15.22 7.91 34.21
CA ILE C 795 -14.96 9.33 34.40
C ILE C 795 -13.53 9.53 34.85
N LEU C 796 -12.73 10.19 34.02
CA LEU C 796 -11.39 10.62 34.41
C LEU C 796 -11.35 12.04 34.96
N VAL C 797 -12.06 12.98 34.34
CA VAL C 797 -12.20 14.33 34.88
C VAL C 797 -13.67 14.73 34.80
N GLY C 798 -14.39 14.59 35.90
CA GLY C 798 -15.82 14.90 35.93
C GLY C 798 -16.10 16.39 35.97
N LYS C 799 -16.95 16.87 35.07
CA LYS C 799 -17.26 18.29 35.00
C LYS C 799 -18.71 18.46 34.60
N VAL C 800 -19.13 19.72 34.54
CA VAL C 800 -20.47 20.07 34.07
C VAL C 800 -20.41 21.49 33.51
N THR C 801 -21.05 21.70 32.37
CA THR C 801 -21.12 23.00 31.72
C THR C 801 -22.58 23.41 31.58
N PRO C 802 -23.03 24.52 32.17
CA PRO C 802 -24.43 24.93 31.99
C PRO C 802 -24.67 25.44 30.57
N LYS C 803 -25.31 24.63 29.74
CA LYS C 803 -25.42 24.94 28.32
C LYS C 803 -26.24 26.18 28.04
N GLY C 804 -26.99 26.67 29.02
CA GLY C 804 -27.78 27.89 28.84
C GLY C 804 -26.96 29.14 29.08
N ARG C 824 -30.14 21.82 36.69
CA ARG C 824 -30.01 23.04 35.89
C ARG C 824 -29.64 22.71 34.44
N GLU C 825 -29.09 23.70 33.75
CA GLU C 825 -28.49 23.49 32.44
C GLU C 825 -27.18 22.72 32.51
N VAL C 826 -26.67 22.45 33.71
CA VAL C 826 -25.40 21.76 33.89
C VAL C 826 -25.39 20.51 33.01
N ARG C 827 -24.39 20.42 32.13
CA ARG C 827 -24.29 19.33 31.16
C ARG C 827 -22.97 18.62 31.38
N ASP C 828 -23.04 17.32 31.65
CA ASP C 828 -21.85 16.52 31.93
C ASP C 828 -21.14 16.20 30.64
N THR C 829 -19.95 16.80 30.44
CA THR C 829 -19.11 16.51 29.29
C THR C 829 -17.79 15.95 29.80
N SER C 830 -17.87 15.05 30.77
CA SER C 830 -16.69 14.55 31.45
C SER C 830 -15.80 13.76 30.50
N LEU C 831 -14.50 13.80 30.76
CA LEU C 831 -13.55 13.02 29.99
C LEU C 831 -13.80 11.53 30.22
N LYS C 832 -13.70 10.75 29.15
CA LYS C 832 -13.91 9.32 29.19
C LYS C 832 -12.72 8.61 28.58
N VAL C 833 -12.51 7.36 28.97
CA VAL C 833 -11.43 6.55 28.42
C VAL C 833 -11.85 6.15 27.01
N PRO C 834 -11.05 6.48 25.98
CA PRO C 834 -11.45 6.12 24.62
C PRO C 834 -11.74 4.63 24.48
N HIS C 835 -12.50 4.29 23.44
CA HIS C 835 -12.85 2.89 23.21
C HIS C 835 -11.59 2.07 22.97
N GLY C 836 -11.51 0.93 23.66
CA GLY C 836 -10.36 0.06 23.57
C GLY C 836 -9.20 0.42 24.49
N GLU C 837 -9.35 1.45 25.31
CA GLU C 837 -8.30 1.87 26.22
C GLU C 837 -8.53 1.35 27.63
N SER C 838 -7.42 1.14 28.34
CA SER C 838 -7.46 0.77 29.75
C SER C 838 -6.10 1.10 30.38
N GLY C 839 -5.87 0.63 31.60
CA GLY C 839 -4.59 0.82 32.24
C GLY C 839 -4.71 1.37 33.65
N LYS C 840 -3.64 2.04 34.07
CA LYS C 840 -3.56 2.65 35.40
C LYS C 840 -3.20 4.12 35.25
N VAL C 841 -3.86 4.97 36.03
CA VAL C 841 -3.55 6.39 36.08
C VAL C 841 -2.27 6.57 36.89
N ILE C 842 -1.20 7.00 36.23
CA ILE C 842 0.10 7.12 36.88
C ILE C 842 0.49 8.57 37.18
N GLY C 843 -0.20 9.55 36.60
CA GLY C 843 0.13 10.93 36.85
C GLY C 843 -0.94 11.89 36.37
N ILE C 844 -1.13 12.99 37.09
CA ILE C 844 -2.10 14.03 36.74
C ILE C 844 -1.42 15.39 36.88
N ARG C 845 -1.58 16.23 35.86
CA ARG C 845 -1.06 17.59 35.88
C ARG C 845 -2.23 18.55 35.69
N VAL C 846 -2.36 19.51 36.60
CA VAL C 846 -3.43 20.50 36.55
C VAL C 846 -2.80 21.88 36.68
N PHE C 847 -3.05 22.73 35.69
CA PHE C 847 -2.61 24.13 35.69
C PHE C 847 -3.83 24.99 36.03
N SER C 848 -3.68 25.83 37.04
CA SER C 848 -4.78 26.66 37.53
C SER C 848 -4.46 28.13 37.29
N ARG C 849 -5.46 28.87 36.79
CA ARG C 849 -5.29 30.30 36.60
C ARG C 849 -5.05 31.00 37.93
N GLU C 850 -5.62 30.49 39.00
CA GLU C 850 -5.40 31.07 40.33
C GLU C 850 -3.94 31.01 40.73
N ASP C 851 -3.17 30.07 40.18
CA ASP C 851 -1.75 29.94 40.47
C ASP C 851 -0.89 30.66 39.43
N GLU C 852 -1.43 31.70 38.79
CA GLU C 852 -0.72 32.50 37.79
C GLU C 852 0.14 31.61 36.88
N ASP C 853 -0.54 30.69 36.20
CA ASP C 853 0.10 29.82 35.23
C ASP C 853 0.03 30.43 33.83
N GLU C 854 0.86 29.91 32.94
CA GLU C 854 0.90 30.36 31.54
C GLU C 854 -0.11 29.55 30.74
N LEU C 855 -1.39 29.84 30.97
CA LEU C 855 -2.47 29.16 30.29
C LEU C 855 -2.80 29.87 28.97
N PRO C 856 -3.48 29.18 28.05
CA PRO C 856 -3.97 29.87 26.85
C PRO C 856 -5.02 30.91 27.22
N ALA C 857 -5.47 31.64 26.20
CA ALA C 857 -6.41 32.73 26.43
C ALA C 857 -7.83 32.19 26.61
N GLY C 858 -8.48 32.61 27.69
CA GLY C 858 -9.87 32.26 27.91
C GLY C 858 -10.12 30.95 28.63
N VAL C 859 -9.13 30.45 29.36
CA VAL C 859 -9.28 29.21 30.12
C VAL C 859 -8.93 29.47 31.58
N ASN C 860 -9.27 28.51 32.43
CA ASN C 860 -8.95 28.57 33.85
C ASN C 860 -8.20 27.34 34.34
N GLU C 861 -8.54 26.15 33.83
CA GLU C 861 -7.90 24.91 34.22
C GLU C 861 -7.52 24.10 32.99
N LEU C 862 -6.40 23.39 33.08
CA LEU C 862 -5.88 22.56 32.01
C LEU C 862 -5.46 21.20 32.54
N VAL C 863 -6.34 20.57 33.32
CA VAL C 863 -6.03 19.27 33.90
C VAL C 863 -5.68 18.27 32.81
N ARG C 864 -4.66 17.45 33.08
CA ARG C 864 -4.18 16.45 32.15
C ARG C 864 -3.91 15.15 32.90
N VAL C 865 -4.03 14.03 32.20
CA VAL C 865 -3.95 12.70 32.82
C VAL C 865 -3.03 11.81 31.98
N TYR C 866 -2.48 10.78 32.63
CA TYR C 866 -1.65 9.79 31.98
C TYR C 866 -2.11 8.40 32.40
N VAL C 867 -2.28 7.51 31.42
CA VAL C 867 -2.61 6.11 31.69
C VAL C 867 -1.59 5.24 30.96
N ALA C 868 -0.98 4.31 31.70
CA ALA C 868 0.04 3.43 31.16
C ALA C 868 -0.38 1.98 31.29
N GLN C 869 -0.02 1.19 30.27
CA GLN C 869 -0.39 -0.22 30.24
C GLN C 869 0.71 -1.00 29.56
N LYS C 870 1.00 -2.20 30.08
CA LYS C 870 2.00 -3.09 29.51
C LYS C 870 1.35 -3.99 28.47
N ARG C 871 1.97 -4.08 27.30
CA ARG C 871 1.44 -4.89 26.21
C ARG C 871 2.38 -6.07 25.96
N LYS C 872 1.84 -7.28 26.02
CA LYS C 872 2.57 -8.49 25.73
C LYS C 872 2.37 -8.87 24.26
N ILE C 873 3.30 -9.68 23.75
CA ILE C 873 3.23 -10.08 22.35
C ILE C 873 2.02 -10.97 22.13
N SER C 874 1.23 -10.66 21.11
CA SER C 874 0.00 -11.38 20.81
C SER C 874 -0.01 -11.76 19.34
N ASP C 875 -1.09 -12.46 18.94
CA ASP C 875 -1.26 -12.90 17.55
C ASP C 875 -1.77 -11.71 16.73
N GLY C 876 -1.01 -11.34 15.71
CA GLY C 876 -1.30 -10.16 14.91
C GLY C 876 -0.29 -9.05 15.06
N ASP C 877 0.65 -9.13 16.01
CA ASP C 877 1.71 -8.15 16.14
C ASP C 877 2.80 -8.43 15.11
N LYS C 878 3.52 -7.37 14.76
CA LYS C 878 4.54 -7.45 13.71
C LYS C 878 5.93 -7.50 14.32
N LEU C 879 6.73 -8.44 13.83
CA LEU C 879 8.13 -8.57 14.24
C LEU C 879 9.00 -8.49 13.00
N ALA C 880 10.29 -8.23 13.21
CA ALA C 880 11.22 -8.21 12.10
C ALA C 880 12.63 -8.25 12.63
N GLY C 881 13.55 -8.64 11.75
CA GLY C 881 14.97 -8.56 12.00
C GLY C 881 15.60 -7.33 11.37
N ARG C 882 16.92 -7.37 11.27
CA ARG C 882 17.67 -6.28 10.67
C ARG C 882 17.93 -6.48 9.19
N HIS C 883 17.33 -7.50 8.58
CA HIS C 883 17.59 -7.85 7.19
C HIS C 883 16.32 -7.83 6.34
N GLY C 884 15.32 -7.04 6.73
CA GLY C 884 14.10 -6.94 5.95
C GLY C 884 13.23 -8.17 6.00
N ASN C 885 13.30 -8.95 7.08
CA ASN C 885 12.48 -10.15 7.23
C ASN C 885 11.36 -9.82 8.22
N LYS C 886 10.22 -9.47 7.68
CA LYS C 886 9.06 -9.03 8.46
C LYS C 886 7.93 -10.05 8.36
N GLY C 887 7.00 -9.95 9.30
CA GLY C 887 5.84 -10.82 9.30
C GLY C 887 5.06 -10.64 10.57
N VAL C 888 3.80 -11.10 10.53
CA VAL C 888 2.93 -11.07 11.68
C VAL C 888 2.94 -12.45 12.33
N ILE C 889 2.46 -12.50 13.58
CA ILE C 889 2.54 -13.71 14.39
C ILE C 889 1.32 -14.57 14.06
N GLY C 890 1.54 -15.65 13.30
CA GLY C 890 0.46 -16.53 12.94
C GLY C 890 -0.11 -17.30 14.12
N LYS C 891 0.75 -17.80 15.01
CA LYS C 891 0.30 -18.62 16.12
C LYS C 891 1.32 -18.57 17.24
N ILE C 892 0.84 -18.79 18.47
CA ILE C 892 1.68 -18.89 19.65
C ILE C 892 1.44 -20.28 20.24
N LEU C 893 2.34 -21.21 19.97
CA LEU C 893 2.17 -22.58 20.44
C LEU C 893 2.46 -22.69 21.94
N PRO C 894 1.85 -23.66 22.62
CA PRO C 894 2.31 -23.97 23.98
C PRO C 894 3.70 -24.57 23.94
N VAL C 895 4.46 -24.37 25.02
CA VAL C 895 5.86 -24.75 25.03
C VAL C 895 6.05 -26.26 25.06
N GLU C 896 4.96 -27.03 25.17
CA GLU C 896 5.08 -28.49 25.20
C GLU C 896 5.19 -29.05 23.79
N ASP C 897 4.36 -28.58 22.87
CA ASP C 897 4.36 -29.07 21.49
C ASP C 897 5.20 -28.16 20.59
N MET C 898 6.46 -28.00 20.98
CA MET C 898 7.42 -27.19 20.23
C MET C 898 8.64 -28.06 19.91
N PRO C 899 9.23 -27.90 18.72
CA PRO C 899 10.44 -28.69 18.41
C PRO C 899 11.54 -28.44 19.44
N PHE C 900 11.98 -29.50 20.11
CA PHE C 900 12.98 -29.37 21.17
C PHE C 900 14.23 -30.16 20.82
N LEU C 901 15.38 -29.62 21.21
CA LEU C 901 16.66 -30.23 20.88
C LEU C 901 16.85 -31.52 21.69
N ALA C 902 17.94 -32.23 21.38
CA ALA C 902 18.17 -33.53 22.00
C ALA C 902 18.29 -33.42 23.51
N ASP C 903 18.72 -32.26 24.02
CA ASP C 903 18.88 -32.07 25.46
C ASP C 903 17.59 -31.59 26.13
N GLY C 904 16.55 -31.29 25.35
CA GLY C 904 15.28 -30.89 25.91
C GLY C 904 14.98 -29.41 25.85
N THR C 905 15.73 -28.63 25.09
CA THR C 905 15.52 -27.19 25.02
C THR C 905 14.62 -26.84 23.86
N PRO C 906 13.42 -26.28 24.08
CA PRO C 906 12.56 -25.89 22.95
C PRO C 906 13.12 -24.70 22.19
N VAL C 907 12.70 -24.58 20.94
CA VAL C 907 13.02 -23.40 20.15
C VAL C 907 12.04 -22.28 20.51
N ASP C 908 12.43 -21.04 20.22
CA ASP C 908 11.59 -19.90 20.57
C ASP C 908 10.72 -19.45 19.41
N ILE C 909 11.25 -19.47 18.19
CA ILE C 909 10.57 -18.94 17.02
C ILE C 909 10.88 -19.83 15.83
N ILE C 910 9.92 -19.95 14.92
CA ILE C 910 10.05 -20.75 13.71
C ILE C 910 9.80 -19.85 12.51
N LEU C 911 10.73 -19.88 11.55
CA LEU C 911 10.64 -19.09 10.34
C LEU C 911 10.63 -20.03 9.13
N ASN C 912 9.76 -19.75 8.17
CA ASN C 912 9.58 -20.66 7.05
C ASN C 912 10.76 -20.59 6.09
N THR C 913 10.96 -21.68 5.35
CA THR C 913 12.09 -21.80 4.44
C THR C 913 11.86 -21.09 3.10
N HIS C 914 10.62 -20.96 2.67
CA HIS C 914 10.32 -20.50 1.32
C HIS C 914 10.50 -19.00 1.14
N GLY C 915 10.71 -18.24 2.21
CA GLY C 915 10.84 -16.81 2.10
C GLY C 915 12.25 -16.31 1.85
N VAL C 916 13.25 -17.08 2.27
CA VAL C 916 14.64 -16.63 2.27
C VAL C 916 15.22 -16.62 0.86
N PRO C 917 15.31 -17.76 0.17
CA PRO C 917 16.07 -17.77 -1.10
C PRO C 917 15.46 -16.89 -2.18
N ARG C 918 14.18 -16.56 -2.08
CA ARG C 918 13.53 -15.76 -3.11
C ARG C 918 13.86 -14.29 -2.95
N ARG C 919 14.04 -13.82 -1.72
CA ARG C 919 14.18 -12.39 -1.44
C ARG C 919 15.63 -11.93 -1.34
N MET C 920 16.59 -12.84 -1.46
CA MET C 920 18.01 -12.48 -1.56
C MET C 920 18.49 -11.73 -0.32
N ASN C 921 18.13 -12.26 0.85
CA ASN C 921 18.57 -11.72 2.15
C ASN C 921 19.21 -12.81 2.98
N ILE C 922 20.16 -13.53 2.37
CA ILE C 922 20.81 -14.66 3.04
C ILE C 922 21.57 -14.23 4.28
N GLY C 923 21.72 -12.93 4.52
CA GLY C 923 22.46 -12.48 5.68
C GLY C 923 21.88 -12.96 6.99
N GLN C 924 20.58 -13.23 7.02
CA GLN C 924 19.96 -13.69 8.26
C GLN C 924 20.45 -15.07 8.65
N ILE C 925 20.71 -15.94 7.67
CA ILE C 925 21.22 -17.28 7.98
C ILE C 925 22.63 -17.20 8.56
N LEU C 926 23.49 -16.35 7.96
CA LEU C 926 24.82 -16.16 8.51
C LEU C 926 24.75 -15.57 9.91
N GLU C 927 23.82 -14.64 10.13
CA GLU C 927 23.64 -14.08 11.46
C GLU C 927 23.23 -15.16 12.46
N THR C 928 22.34 -16.06 12.05
CA THR C 928 21.92 -17.15 12.92
C THR C 928 23.10 -18.06 13.27
N HIS C 929 23.90 -18.40 12.28
CA HIS C 929 25.09 -19.23 12.53
C HIS C 929 26.02 -18.55 13.53
N LEU C 930 26.36 -17.30 13.28
CA LEU C 930 27.31 -16.62 14.16
C LEU C 930 26.71 -16.38 15.54
N GLY C 931 25.40 -16.18 15.63
CA GLY C 931 24.78 -16.03 16.93
C GLY C 931 24.82 -17.31 17.74
N TRP C 932 24.60 -18.45 17.09
CA TRP C 932 24.77 -19.71 17.79
C TRP C 932 26.21 -19.87 18.26
N CYS C 933 27.18 -19.56 17.39
CA CYS C 933 28.57 -19.69 17.79
C CYS C 933 28.88 -18.81 18.98
N ALA C 934 28.37 -17.57 18.99
CA ALA C 934 28.65 -16.65 20.09
C ALA C 934 27.99 -17.12 21.38
N HIS C 935 26.72 -17.53 21.32
CA HIS C 935 26.04 -17.98 22.53
C HIS C 935 26.68 -19.22 23.11
N SER C 936 27.01 -20.20 22.26
CA SER C 936 27.58 -21.44 22.76
C SER C 936 28.98 -21.25 23.32
N GLY C 937 29.71 -20.24 22.86
CA GLY C 937 31.12 -20.10 23.21
C GLY C 937 31.94 -21.10 22.44
N TRP C 938 33.19 -20.76 22.11
CA TRP C 938 34.02 -21.63 21.31
C TRP C 938 35.45 -21.58 21.80
N LYS C 939 36.29 -22.44 21.23
CA LYS C 939 37.73 -22.45 21.53
C LYS C 939 38.43 -23.09 20.34
N VAL C 940 39.09 -22.27 19.52
CA VAL C 940 39.87 -22.79 18.41
C VAL C 940 41.04 -23.60 18.95
N ASP C 941 41.18 -24.83 18.47
CA ASP C 941 42.20 -25.74 18.98
C ASP C 941 43.48 -25.54 18.17
N ALA C 942 44.27 -24.55 18.58
CA ALA C 942 45.59 -24.30 17.98
C ALA C 942 46.68 -25.08 18.72
N ALA C 943 46.45 -26.39 18.87
CA ALA C 943 47.44 -27.23 19.56
C ALA C 943 48.74 -27.30 18.76
N LYS C 944 48.64 -27.47 17.45
CA LYS C 944 49.80 -27.59 16.56
C LYS C 944 49.62 -26.59 15.42
N GLY C 945 49.91 -25.33 15.70
CA GLY C 945 49.72 -24.27 14.71
C GLY C 945 48.27 -23.88 14.59
N VAL C 946 48.01 -22.59 14.36
CA VAL C 946 46.65 -22.10 14.18
C VAL C 946 46.11 -22.64 12.87
N PRO C 947 44.87 -23.11 12.81
CA PRO C 947 44.34 -23.61 11.53
C PRO C 947 44.38 -22.54 10.46
N ASP C 948 44.62 -22.96 9.22
CA ASP C 948 44.79 -22.01 8.12
C ASP C 948 43.60 -21.09 7.97
N TRP C 949 42.41 -21.52 8.37
CA TRP C 949 41.21 -20.69 8.29
C TRP C 949 41.15 -19.64 9.39
N ALA C 950 42.05 -19.70 10.37
CA ALA C 950 42.11 -18.71 11.45
C ALA C 950 43.39 -17.89 11.39
N ALA C 951 44.12 -17.94 10.26
CA ALA C 951 45.39 -17.23 10.17
C ALA C 951 45.21 -15.73 10.31
N ARG C 952 44.20 -15.16 9.64
CA ARG C 952 43.93 -13.74 9.68
C ARG C 952 42.81 -13.39 10.66
N LEU C 953 42.70 -14.15 11.74
CA LEU C 953 41.69 -13.91 12.76
C LEU C 953 42.35 -13.31 13.99
N PRO C 954 41.98 -12.10 14.42
CA PRO C 954 42.71 -11.48 15.54
C PRO C 954 42.64 -12.32 16.80
N ASP C 955 43.71 -12.26 17.58
CA ASP C 955 43.70 -12.87 18.90
C ASP C 955 42.61 -12.21 19.75
N GLU C 956 42.22 -12.92 20.82
CA GLU C 956 41.03 -12.57 21.59
C GLU C 956 39.78 -13.00 20.83
N LEU C 957 39.96 -13.53 19.62
CA LEU C 957 38.90 -14.12 18.83
C LEU C 957 39.16 -15.60 18.56
N LEU C 958 40.36 -16.09 18.88
CA LEU C 958 40.66 -17.51 18.83
C LEU C 958 39.97 -18.29 19.94
N GLU C 959 39.41 -17.60 20.93
CA GLU C 959 38.70 -18.24 22.03
C GLU C 959 37.69 -17.27 22.58
N ALA C 960 36.54 -17.81 22.98
CA ALA C 960 35.47 -17.02 23.58
C ALA C 960 34.75 -17.86 24.61
N GLN C 961 34.09 -17.17 25.54
CA GLN C 961 33.31 -17.82 26.57
C GLN C 961 31.82 -17.67 26.28
N PRO C 962 30.98 -18.54 26.84
CA PRO C 962 29.54 -18.47 26.53
C PRO C 962 28.94 -17.08 26.70
N ASN C 963 28.07 -16.69 25.77
CA ASN C 963 27.41 -15.39 25.78
C ASN C 963 28.39 -14.27 25.50
N ALA C 964 29.37 -14.52 24.63
CA ALA C 964 30.33 -13.51 24.20
C ALA C 964 29.65 -12.61 23.19
N ILE C 965 29.91 -11.30 23.28
CA ILE C 965 29.39 -10.36 22.29
C ILE C 965 30.51 -9.99 21.32
N VAL C 966 30.21 -10.13 20.02
CA VAL C 966 31.18 -9.85 18.96
C VAL C 966 30.60 -8.76 18.07
N SER C 967 31.39 -8.35 17.07
CA SER C 967 30.98 -7.31 16.14
C SER C 967 31.53 -7.62 14.75
N THR C 968 30.68 -7.44 13.75
CA THR C 968 31.07 -7.59 12.34
C THR C 968 30.77 -6.30 11.61
N PRO C 969 31.76 -5.43 11.39
CA PRO C 969 31.49 -4.17 10.68
C PRO C 969 30.72 -4.36 9.38
N VAL C 970 30.13 -3.28 8.87
CA VAL C 970 29.10 -3.41 7.84
C VAL C 970 29.67 -4.03 6.56
N PHE C 971 30.86 -3.60 6.14
CA PHE C 971 31.47 -4.12 4.92
C PHE C 971 32.81 -4.80 5.16
N ASP C 972 33.25 -4.96 6.40
CA ASP C 972 34.50 -5.64 6.73
C ASP C 972 34.26 -6.45 8.00
N GLY C 973 33.88 -7.71 7.84
CA GLY C 973 33.54 -8.54 8.97
C GLY C 973 33.93 -9.99 8.81
N ALA C 974 33.07 -10.90 9.27
CA ALA C 974 33.37 -12.33 9.30
C ALA C 974 33.20 -12.92 7.91
N GLN C 975 34.20 -13.67 7.46
CA GLN C 975 34.11 -14.38 6.19
C GLN C 975 33.36 -15.70 6.40
N GLU C 976 33.02 -16.36 5.29
CA GLU C 976 32.31 -17.63 5.38
C GLU C 976 33.20 -18.74 5.90
N ALA C 977 34.48 -18.73 5.51
CA ALA C 977 35.40 -19.74 6.02
C ALA C 977 35.53 -19.65 7.54
N GLU C 978 35.59 -18.43 8.07
CA GLU C 978 35.64 -18.26 9.52
C GLU C 978 34.37 -18.79 10.17
N LEU C 979 33.22 -18.55 9.55
CA LEU C 979 31.96 -19.07 10.11
C LEU C 979 31.96 -20.59 10.14
N GLN C 980 32.41 -21.24 9.06
CA GLN C 980 32.49 -22.69 9.05
C GLN C 980 33.43 -23.18 10.13
N GLY C 981 34.62 -22.56 10.23
CA GLY C 981 35.57 -22.99 11.24
C GLY C 981 35.02 -22.88 12.64
N LEU C 982 34.40 -21.74 12.96
CA LEU C 982 33.82 -21.56 14.28
C LEU C 982 32.68 -22.54 14.56
N LEU C 983 31.83 -22.81 13.57
CA LEU C 983 30.82 -23.85 13.76
C LEU C 983 31.45 -25.21 13.99
N SER C 984 32.66 -25.44 13.48
CA SER C 984 33.30 -26.73 13.65
C SER C 984 33.80 -26.95 15.07
N CYS C 985 34.02 -25.88 15.83
CA CYS C 985 34.58 -25.97 17.19
C CYS C 985 33.74 -25.11 18.14
N THR C 986 32.76 -25.73 18.79
CA THR C 986 31.96 -25.06 19.80
C THR C 986 31.92 -25.93 21.06
N LEU C 987 31.68 -25.29 22.19
CA LEU C 987 31.75 -26.00 23.46
C LEU C 987 30.47 -26.78 23.73
N PRO C 988 30.56 -27.89 24.48
CA PRO C 988 29.34 -28.59 24.89
C PRO C 988 28.53 -27.78 25.88
N ASN C 989 27.27 -28.18 26.08
CA ASN C 989 26.36 -27.36 26.88
C ASN C 989 26.55 -27.58 28.37
N ARG C 990 26.19 -28.77 28.86
CA ARG C 990 26.50 -29.17 30.23
C ARG C 990 27.29 -30.47 30.19
N ASP C 991 26.79 -31.43 29.43
CA ASP C 991 27.48 -32.69 29.16
C ASP C 991 28.25 -32.58 27.85
N GLY C 992 29.11 -33.57 27.60
CA GLY C 992 29.92 -33.55 26.41
C GLY C 992 29.13 -33.82 25.15
N ASP C 993 28.10 -33.01 24.90
CA ASP C 993 27.23 -33.17 23.74
C ASP C 993 27.20 -31.87 22.95
N VAL C 994 27.42 -31.97 21.65
CA VAL C 994 27.30 -30.85 20.73
C VAL C 994 25.96 -30.99 20.02
N LEU C 995 25.05 -30.06 20.29
CA LEU C 995 23.70 -30.15 19.75
C LEU C 995 23.62 -29.76 18.27
N VAL C 996 24.52 -28.91 17.80
CA VAL C 996 24.54 -28.45 16.41
C VAL C 996 25.85 -28.90 15.79
N ASP C 997 25.76 -29.50 14.61
CA ASP C 997 26.93 -30.10 13.96
C ASP C 997 27.66 -29.05 13.11
N ALA C 998 28.58 -29.50 12.27
CA ALA C 998 29.40 -28.57 11.50
C ALA C 998 28.56 -27.78 10.50
N ASP C 999 27.54 -28.42 9.92
CA ASP C 999 26.69 -27.73 8.96
C ASP C 999 25.81 -26.67 9.62
N GLY C 1000 25.77 -26.62 10.95
CA GLY C 1000 24.92 -25.69 11.64
C GLY C 1000 23.49 -26.16 11.80
N LYS C 1001 23.21 -27.43 11.58
CA LYS C 1001 21.87 -27.99 11.64
C LYS C 1001 21.79 -29.01 12.77
N ALA C 1002 20.71 -28.94 13.55
CA ALA C 1002 20.50 -29.83 14.68
C ALA C 1002 19.49 -30.92 14.32
N MET C 1003 19.31 -31.85 15.25
CA MET C 1003 18.34 -32.94 15.11
C MET C 1003 17.22 -32.69 16.12
N LEU C 1004 16.06 -32.31 15.63
CA LEU C 1004 14.95 -31.91 16.49
C LEU C 1004 13.99 -33.07 16.75
N PHE C 1005 13.08 -32.86 17.69
CA PHE C 1005 12.04 -33.81 18.05
C PHE C 1005 10.68 -33.16 17.88
N ASP C 1006 9.70 -33.96 17.47
CA ASP C 1006 8.34 -33.46 17.30
C ASP C 1006 7.63 -33.46 18.64
N GLY C 1007 7.39 -32.27 19.20
CA GLY C 1007 6.71 -32.18 20.48
C GLY C 1007 5.24 -32.52 20.41
N ARG C 1008 4.64 -32.47 19.23
CA ARG C 1008 3.22 -32.76 19.09
C ARG C 1008 2.96 -34.26 18.98
N SER C 1009 3.90 -35.01 18.40
CA SER C 1009 3.77 -36.47 18.28
C SER C 1009 4.83 -37.23 19.05
N GLY C 1010 6.04 -36.69 19.19
CA GLY C 1010 7.08 -37.35 19.94
C GLY C 1010 8.18 -37.92 19.07
N GLU C 1011 7.84 -38.28 17.83
CA GLU C 1011 8.83 -38.84 16.93
C GLU C 1011 9.86 -37.79 16.56
N PRO C 1012 11.11 -38.18 16.32
CA PRO C 1012 12.08 -37.22 15.80
C PRO C 1012 11.81 -36.90 14.34
N PHE C 1013 12.04 -35.64 13.99
CA PHE C 1013 11.89 -35.25 12.59
C PHE C 1013 12.91 -36.00 11.74
N PRO C 1014 12.54 -36.43 10.53
CA PRO C 1014 13.45 -37.29 9.75
C PRO C 1014 14.79 -36.65 9.42
N TYR C 1015 14.86 -35.34 9.26
CA TYR C 1015 16.06 -34.65 8.81
C TYR C 1015 16.46 -33.57 9.79
N PRO C 1016 17.74 -33.20 9.82
CA PRO C 1016 18.17 -32.11 10.71
C PRO C 1016 17.68 -30.75 10.22
N VAL C 1017 17.64 -29.80 11.15
CA VAL C 1017 17.11 -28.46 10.91
C VAL C 1017 18.15 -27.43 11.30
N THR C 1018 18.12 -26.28 10.62
CA THR C 1018 19.00 -25.18 10.97
C THR C 1018 18.49 -24.46 12.21
N VAL C 1019 19.36 -24.32 13.22
CA VAL C 1019 18.99 -23.65 14.46
C VAL C 1019 20.09 -22.67 14.84
N GLY C 1020 19.71 -21.68 15.64
CA GLY C 1020 20.65 -20.68 16.11
C GLY C 1020 19.93 -19.52 16.75
N TYR C 1021 20.69 -18.46 17.02
CA TYR C 1021 20.17 -17.27 17.67
C TYR C 1021 20.23 -16.10 16.69
N MET C 1022 19.09 -15.45 16.46
CA MET C 1022 19.03 -14.22 15.69
C MET C 1022 18.35 -13.15 16.52
N TYR C 1023 18.53 -11.90 16.10
CA TYR C 1023 18.07 -10.73 16.84
C TYR C 1023 16.75 -10.25 16.24
N ILE C 1024 15.70 -10.23 17.06
CA ILE C 1024 14.35 -9.91 16.62
C ILE C 1024 13.88 -8.64 17.34
N MET C 1025 13.20 -7.78 16.59
CA MET C 1025 12.66 -6.53 17.11
C MET C 1025 11.15 -6.56 17.01
N LYS C 1026 10.50 -5.76 17.85
CA LYS C 1026 9.04 -5.67 17.90
C LYS C 1026 8.61 -4.32 17.34
N LEU C 1027 8.04 -4.33 16.14
CA LEU C 1027 7.67 -3.09 15.47
C LEU C 1027 6.42 -2.47 16.10
N HIS C 1028 6.24 -1.19 15.84
CA HIS C 1028 5.14 -0.40 16.40
C HIS C 1028 3.88 -0.52 15.54
N HIS C 1029 3.47 -1.76 15.26
CA HIS C 1029 2.34 -2.06 14.40
C HIS C 1029 1.45 -3.12 15.08
N LEU C 1030 1.13 -2.87 16.33
CA LEU C 1030 0.41 -3.84 17.15
C LEU C 1030 -1.04 -3.96 16.69
N VAL C 1031 -1.60 -5.16 16.84
CA VAL C 1031 -2.95 -5.43 16.36
C VAL C 1031 -4.02 -4.80 17.23
N ASP C 1032 -3.69 -4.41 18.46
CA ASP C 1032 -4.67 -3.75 19.32
C ASP C 1032 -5.09 -2.41 18.74
N ASP C 1033 -4.26 -1.81 17.90
CA ASP C 1033 -4.52 -0.51 17.30
C ASP C 1033 -5.19 -0.60 15.94
N LYS C 1034 -5.33 -1.80 15.37
CA LYS C 1034 -5.81 -1.97 14.01
C LYS C 1034 -7.14 -2.70 13.93
N ILE C 1035 -7.82 -2.93 15.06
CA ILE C 1035 -9.10 -3.65 15.10
C ILE C 1035 -10.20 -2.62 15.31
N HIS C 1036 -11.22 -2.67 14.48
CA HIS C 1036 -12.32 -1.71 14.54
C HIS C 1036 -13.58 -2.34 13.95
N ALA C 1037 -14.72 -2.03 14.56
CA ALA C 1037 -16.01 -2.52 14.09
C ALA C 1037 -17.08 -1.48 14.40
N ARG C 1038 -18.20 -1.56 13.66
CA ARG C 1038 -19.27 -0.61 13.81
C ARG C 1038 -20.58 -1.24 13.34
N SER C 1039 -21.68 -0.81 13.96
CA SER C 1039 -23.02 -1.09 13.46
C SER C 1039 -23.78 0.21 13.25
N THR C 1040 -23.66 1.18 14.17
CA THR C 1040 -24.31 2.47 14.04
C THR C 1040 -23.64 3.46 14.98
N GLY C 1041 -23.72 4.75 14.63
CA GLY C 1041 -23.12 5.77 15.44
C GLY C 1041 -23.17 7.15 14.80
N PRO C 1042 -22.12 7.96 15.01
CA PRO C 1042 -22.13 9.32 14.46
C PRO C 1042 -22.23 9.34 12.95
N TYR C 1043 -22.89 10.38 12.42
CA TYR C 1043 -23.06 10.57 10.99
C TYR C 1043 -22.63 11.97 10.59
N SER C 1044 -22.22 12.11 9.34
CA SER C 1044 -21.88 13.42 8.79
C SER C 1044 -23.15 14.26 8.65
N MET C 1045 -22.96 15.57 8.41
CA MET C 1045 -24.07 16.51 8.46
C MET C 1045 -24.54 16.98 7.08
N ILE C 1046 -23.64 17.26 6.16
CA ILE C 1046 -24.02 17.69 4.81
C ILE C 1046 -24.44 16.52 3.95
N THR C 1047 -23.52 15.58 3.71
CA THR C 1047 -23.86 14.28 3.15
C THR C 1047 -24.03 13.27 4.29
N GLN C 1048 -25.29 12.94 4.59
CA GLN C 1048 -25.61 12.24 5.82
C GLN C 1048 -25.12 10.79 5.76
N GLN C 1049 -23.80 10.62 5.70
CA GLN C 1049 -23.15 9.32 5.69
C GLN C 1049 -22.33 9.14 6.95
N PRO C 1050 -22.08 7.89 7.37
CA PRO C 1050 -21.20 7.67 8.51
C PRO C 1050 -19.89 8.43 8.42
N LEU C 1051 -19.27 8.71 9.56
CA LEU C 1051 -17.98 9.38 9.60
C LEU C 1051 -16.86 8.39 9.34
N GLY C 1052 -15.68 8.93 9.03
CA GLY C 1052 -14.50 8.13 8.77
C GLY C 1052 -13.50 8.26 9.90
N GLY C 1053 -12.98 7.11 10.34
CA GLY C 1053 -11.96 7.09 11.37
C GLY C 1053 -12.26 6.14 12.51
N LYS C 1054 -11.22 5.49 13.03
CA LYS C 1054 -11.33 4.60 14.16
C LYS C 1054 -11.58 5.34 15.47
N ALA C 1055 -11.48 6.67 15.47
CA ALA C 1055 -11.53 7.45 16.71
C ALA C 1055 -12.87 8.13 16.94
N GLN C 1056 -13.77 8.14 15.96
CA GLN C 1056 -15.15 8.58 16.15
C GLN C 1056 -16.07 7.46 15.67
N PHE C 1057 -15.74 6.25 16.09
CA PHE C 1057 -16.39 5.05 15.58
C PHE C 1057 -16.21 4.99 14.07
N GLY C 1058 -17.10 5.60 13.29
CA GLY C 1058 -16.89 5.69 11.86
C GLY C 1058 -16.97 4.35 11.16
N GLY C 1059 -17.26 4.37 9.86
CA GLY C 1059 -17.44 3.15 9.09
C GLY C 1059 -16.46 3.03 7.94
N GLN C 1060 -16.25 1.78 7.51
CA GLN C 1060 -15.42 1.48 6.37
C GLN C 1060 -16.14 1.89 5.09
N ARG C 1061 -15.36 2.44 4.15
CA ARG C 1061 -15.91 3.00 2.93
C ARG C 1061 -15.99 1.95 1.84
N PHE C 1062 -17.16 1.87 1.19
CA PHE C 1062 -17.37 1.00 0.04
C PHE C 1062 -17.10 1.81 -1.22
N GLY C 1063 -15.90 1.67 -1.78
CA GLY C 1063 -15.45 2.53 -2.86
C GLY C 1063 -16.12 2.26 -4.19
N GLU C 1064 -15.44 2.62 -5.26
CA GLU C 1064 -15.96 2.49 -6.62
C GLU C 1064 -15.58 1.17 -7.28
N MET C 1065 -14.37 0.67 -7.05
CA MET C 1065 -13.98 -0.63 -7.57
C MET C 1065 -14.73 -1.76 -6.90
N GLU C 1066 -15.09 -1.62 -5.62
CA GLU C 1066 -15.97 -2.59 -4.99
C GLU C 1066 -17.35 -2.57 -5.63
N CYS C 1067 -17.84 -1.38 -6.02
CA CYS C 1067 -19.09 -1.31 -6.77
C CYS C 1067 -18.96 -2.03 -8.10
N TRP C 1068 -17.83 -1.86 -8.78
CA TRP C 1068 -17.62 -2.59 -10.03
C TRP C 1068 -17.66 -4.09 -9.80
N ALA C 1069 -17.01 -4.57 -8.73
CA ALA C 1069 -17.02 -6.00 -8.44
C ALA C 1069 -18.43 -6.50 -8.16
N MET C 1070 -19.20 -5.76 -7.36
CA MET C 1070 -20.57 -6.17 -7.06
C MET C 1070 -21.44 -6.16 -8.30
N GLN C 1071 -21.22 -5.22 -9.22
CA GLN C 1071 -21.93 -5.20 -10.49
C GLN C 1071 -21.54 -6.36 -11.39
N ALA C 1072 -20.27 -6.75 -11.40
CA ALA C 1072 -19.82 -7.89 -12.18
C ALA C 1072 -20.32 -9.22 -11.62
N TYR C 1073 -20.54 -9.31 -10.30
CA TYR C 1073 -21.20 -10.48 -9.74
C TYR C 1073 -22.66 -10.57 -10.13
N GLY C 1074 -23.26 -9.49 -10.62
CA GLY C 1074 -24.67 -9.47 -10.93
C GLY C 1074 -25.55 -9.44 -9.70
N ALA C 1075 -25.11 -8.79 -8.64
CA ALA C 1075 -25.81 -8.75 -7.36
C ALA C 1075 -26.35 -7.34 -7.14
N ALA C 1076 -27.57 -7.11 -7.62
CA ALA C 1076 -28.18 -5.79 -7.54
C ALA C 1076 -28.67 -5.43 -6.15
N TYR C 1077 -29.27 -6.38 -5.42
CA TYR C 1077 -29.89 -6.08 -4.12
C TYR C 1077 -28.88 -5.76 -3.04
N THR C 1078 -27.78 -6.50 -2.95
CA THR C 1078 -26.76 -6.18 -1.97
C THR C 1078 -26.18 -4.79 -2.22
N LEU C 1079 -25.91 -4.48 -3.50
CA LEU C 1079 -25.39 -3.16 -3.83
C LEU C 1079 -26.39 -2.07 -3.49
N GLN C 1080 -27.67 -2.28 -3.80
CA GLN C 1080 -28.67 -1.28 -3.48
C GLN C 1080 -28.78 -1.04 -1.98
N GLU C 1081 -28.81 -2.12 -1.18
CA GLU C 1081 -28.91 -1.93 0.26
C GLU C 1081 -27.67 -1.21 0.79
N LEU C 1082 -26.48 -1.62 0.32
CA LEU C 1082 -25.26 -0.96 0.74
C LEU C 1082 -25.30 0.53 0.48
N LEU C 1083 -25.72 0.92 -0.73
CA LEU C 1083 -25.65 2.32 -1.11
C LEU C 1083 -26.84 3.14 -0.65
N THR C 1084 -27.92 2.52 -0.17
CA THR C 1084 -29.10 3.29 0.19
C THR C 1084 -29.32 3.20 1.70
N ILE C 1085 -29.50 2.01 2.27
CA ILE C 1085 -30.01 1.95 3.64
C ILE C 1085 -28.89 1.89 4.67
N LYS C 1086 -27.67 1.54 4.26
CA LYS C 1086 -26.54 1.50 5.18
C LYS C 1086 -25.79 2.81 5.24
N SER C 1087 -25.99 3.71 4.28
CA SER C 1087 -25.15 4.91 4.23
C SER C 1087 -25.90 6.21 4.47
N ASP C 1088 -26.88 6.55 3.64
CA ASP C 1088 -27.46 7.90 3.65
C ASP C 1088 -28.96 7.93 3.42
N ASP C 1089 -29.68 6.85 3.69
CA ASP C 1089 -31.15 6.89 3.67
C ASP C 1089 -31.63 7.06 5.11
N THR C 1090 -31.98 8.30 5.47
CA THR C 1090 -32.21 8.64 6.87
C THR C 1090 -33.32 7.80 7.50
N VAL C 1091 -34.49 7.74 6.85
CA VAL C 1091 -35.59 6.94 7.39
C VAL C 1091 -35.28 5.45 7.28
N GLY C 1092 -34.61 5.06 6.20
CA GLY C 1092 -34.31 3.65 5.98
C GLY C 1092 -33.48 3.05 7.10
N ARG C 1093 -32.50 3.82 7.60
CA ARG C 1093 -31.63 3.29 8.65
C ARG C 1093 -32.42 2.96 9.91
N VAL C 1094 -33.23 3.91 10.38
CA VAL C 1094 -34.02 3.68 11.59
C VAL C 1094 -35.00 2.53 11.37
N LYS C 1095 -35.66 2.49 10.21
CA LYS C 1095 -36.60 1.41 9.97
C LYS C 1095 -35.91 0.05 9.91
N VAL C 1096 -34.73 -0.04 9.30
CA VAL C 1096 -34.00 -1.29 9.25
C VAL C 1096 -33.59 -1.75 10.65
N TYR C 1097 -33.12 -0.81 11.47
CA TYR C 1097 -32.75 -1.17 12.84
C TYR C 1097 -33.97 -1.69 13.60
N GLU C 1098 -35.09 -0.98 13.49
CA GLU C 1098 -36.30 -1.39 14.21
C GLU C 1098 -36.83 -2.72 13.70
N ALA C 1099 -36.64 -3.03 12.42
CA ALA C 1099 -37.05 -4.31 11.88
C ALA C 1099 -36.16 -5.45 12.35
N ILE C 1100 -34.84 -5.25 12.36
CA ILE C 1100 -33.93 -6.33 12.75
C ILE C 1100 -34.04 -6.62 14.24
N VAL C 1101 -34.14 -5.57 15.07
CA VAL C 1101 -34.25 -5.80 16.51
C VAL C 1101 -35.48 -6.65 16.76
N LYS C 1102 -36.56 -6.39 16.02
CA LYS C 1102 -37.73 -7.25 16.04
C LYS C 1102 -37.59 -8.35 15.01
N GLY C 1103 -38.63 -9.14 14.80
CA GLY C 1103 -38.58 -10.26 13.87
C GLY C 1103 -39.16 -9.93 12.50
N GLU C 1104 -39.29 -8.64 12.20
CA GLU C 1104 -39.90 -8.22 10.94
C GLU C 1104 -38.93 -8.44 9.77
N ASN C 1105 -39.38 -8.08 8.58
CA ASN C 1105 -38.58 -8.18 7.37
C ASN C 1105 -38.09 -6.78 6.97
N ILE C 1106 -36.95 -6.75 6.30
CA ILE C 1106 -36.30 -5.46 6.00
C ILE C 1106 -37.19 -4.65 5.06
N PRO C 1107 -37.41 -3.35 5.31
CA PRO C 1107 -38.21 -2.55 4.39
C PRO C 1107 -37.49 -2.32 3.07
N GLU C 1108 -38.16 -1.57 2.19
CA GLU C 1108 -37.58 -1.24 0.89
C GLU C 1108 -36.75 0.03 0.97
N PRO C 1109 -35.66 0.14 0.23
CA PRO C 1109 -34.85 1.36 0.26
C PRO C 1109 -35.56 2.53 -0.42
N GLY C 1110 -35.15 3.73 -0.03
CA GLY C 1110 -35.68 4.97 -0.58
C GLY C 1110 -34.69 5.68 -1.47
N ILE C 1111 -34.76 7.00 -1.46
CA ILE C 1111 -33.88 7.84 -2.27
C ILE C 1111 -32.68 8.26 -1.43
N PRO C 1112 -31.45 8.15 -1.93
CA PRO C 1112 -30.29 8.59 -1.14
C PRO C 1112 -30.33 10.08 -0.84
N GLU C 1113 -29.40 10.56 -0.02
CA GLU C 1113 -29.37 11.95 0.40
C GLU C 1113 -28.28 12.75 -0.30
N SER C 1114 -27.39 12.09 -1.04
CA SER C 1114 -26.33 12.76 -1.77
C SER C 1114 -26.77 13.18 -3.17
N PHE C 1115 -27.92 12.69 -3.63
CA PHE C 1115 -28.50 13.13 -4.89
C PHE C 1115 -29.24 14.45 -4.78
N LYS C 1116 -29.96 14.66 -3.67
CA LYS C 1116 -30.65 15.92 -3.44
C LYS C 1116 -29.67 17.07 -3.27
N VAL C 1117 -28.52 16.83 -2.65
CA VAL C 1117 -27.50 17.87 -2.52
C VAL C 1117 -26.96 18.25 -3.90
N LEU C 1118 -26.70 17.24 -4.74
CA LEU C 1118 -26.21 17.52 -6.09
C LEU C 1118 -27.24 18.32 -6.88
N LEU C 1119 -28.52 17.98 -6.74
CA LEU C 1119 -29.55 18.73 -7.45
C LEU C 1119 -29.56 20.20 -7.01
N LYS C 1120 -29.45 20.45 -5.72
CA LYS C 1120 -29.43 21.82 -5.23
C LYS C 1120 -28.19 22.56 -5.72
N GLU C 1121 -27.03 21.90 -5.74
CA GLU C 1121 -25.83 22.56 -6.25
C GLU C 1121 -25.98 22.90 -7.74
N LEU C 1122 -26.50 21.97 -8.53
CA LEU C 1122 -26.72 22.24 -9.95
C LEU C 1122 -27.67 23.41 -10.14
N GLN C 1123 -28.74 23.47 -9.34
CA GLN C 1123 -29.63 24.62 -9.40
C GLN C 1123 -28.89 25.90 -9.04
N SER C 1124 -28.03 25.84 -8.03
CA SER C 1124 -27.27 27.02 -7.62
C SER C 1124 -26.31 27.49 -8.72
N LEU C 1125 -25.89 26.60 -9.60
CA LEU C 1125 -25.08 26.99 -10.75
C LEU C 1125 -25.93 27.53 -11.90
N CYS C 1126 -27.18 27.94 -11.63
CA CYS C 1126 -28.08 28.47 -12.64
C CYS C 1126 -28.37 27.44 -13.72
N LEU C 1127 -28.85 26.26 -13.31
CA LEU C 1127 -29.24 25.21 -14.24
C LEU C 1127 -30.58 24.65 -13.78
N ASN C 1128 -31.57 24.68 -14.66
CA ASN C 1128 -32.91 24.22 -14.33
C ASN C 1128 -32.96 22.71 -14.49
N VAL C 1129 -32.75 22.00 -13.38
CA VAL C 1129 -32.75 20.55 -13.35
C VAL C 1129 -34.06 20.08 -12.72
N GLU C 1130 -34.75 19.16 -13.41
CA GLU C 1130 -36.03 18.67 -12.94
C GLU C 1130 -36.14 17.18 -13.20
N VAL C 1131 -36.99 16.52 -12.42
CA VAL C 1131 -37.30 15.11 -12.56
C VAL C 1131 -38.68 15.01 -13.19
N LEU C 1132 -38.77 14.37 -14.35
CA LEU C 1132 -40.01 14.26 -15.10
C LEU C 1132 -40.57 12.86 -14.96
N SER C 1133 -41.85 12.77 -14.62
CA SER C 1133 -42.51 11.48 -14.45
C SER C 1133 -42.94 10.92 -15.80
N GLY D 1 -41.72 18.24 -12.08
CA GLY D 1 -42.49 17.01 -12.39
C GLY D 1 -42.88 16.22 -11.15
N ALA D 2 -41.92 16.02 -10.25
CA ALA D 2 -42.14 15.25 -9.03
C ALA D 2 -41.65 16.01 -7.79
N MET D 3 -41.37 17.30 -7.92
CA MET D 3 -40.98 18.16 -6.79
C MET D 3 -39.78 17.51 -6.11
N LEU D 4 -39.86 17.16 -4.82
CA LEU D 4 -38.71 16.54 -4.15
C LEU D 4 -38.16 15.38 -4.96
N ASP D 5 -38.98 14.35 -5.18
CA ASP D 5 -38.58 13.14 -5.90
C ASP D 5 -39.64 12.06 -5.74
N VAL D 6 -39.41 11.09 -4.84
CA VAL D 6 -40.28 9.94 -4.70
C VAL D 6 -40.22 9.12 -5.99
N ASN D 7 -40.01 7.81 -5.85
CA ASN D 7 -39.66 6.97 -6.99
C ASN D 7 -40.78 6.94 -8.02
N PHE D 8 -40.60 6.14 -9.07
CA PHE D 8 -41.30 6.28 -10.35
C PHE D 8 -40.70 7.42 -11.16
N PHE D 9 -39.39 7.64 -11.01
CA PHE D 9 -38.66 8.54 -11.89
C PHE D 9 -38.75 8.00 -13.31
N ASP D 10 -38.85 8.92 -14.28
CA ASP D 10 -38.82 8.55 -15.69
C ASP D 10 -37.76 9.28 -16.48
N GLU D 11 -37.48 10.55 -16.17
CA GLU D 11 -36.48 11.31 -16.89
C GLU D 11 -35.92 12.40 -15.98
N LEU D 12 -34.69 12.79 -16.25
CA LEU D 12 -34.01 13.89 -15.56
C LEU D 12 -33.55 14.88 -16.62
N ARG D 13 -34.15 16.07 -16.63
CA ARG D 13 -33.90 17.06 -17.65
C ARG D 13 -33.06 18.19 -17.08
N ILE D 14 -32.28 18.83 -17.94
CA ILE D 14 -31.42 19.94 -17.57
C ILE D 14 -31.58 21.04 -18.61
N GLY D 15 -31.38 22.28 -18.17
CA GLY D 15 -31.48 23.41 -19.06
C GLY D 15 -31.11 24.69 -18.36
N LEU D 16 -30.93 25.74 -19.16
CA LEU D 16 -30.61 27.05 -18.61
C LEU D 16 -31.78 27.61 -17.82
N ALA D 17 -31.47 28.40 -16.80
CA ALA D 17 -32.46 28.99 -15.92
C ALA D 17 -32.59 30.48 -16.23
N THR D 18 -33.81 30.94 -16.47
CA THR D 18 -34.07 32.36 -16.68
C THR D 18 -34.30 33.06 -15.35
N ALA D 19 -34.24 34.39 -15.37
CA ALA D 19 -34.40 35.16 -14.16
C ALA D 19 -35.71 34.81 -13.44
N GLU D 20 -36.76 34.52 -14.21
CA GLU D 20 -38.03 34.18 -13.60
C GLU D 20 -37.93 32.89 -12.80
N ASP D 21 -37.26 31.87 -13.35
CA ASP D 21 -37.08 30.62 -12.61
C ASP D 21 -36.28 30.84 -11.34
N ILE D 22 -35.20 31.64 -11.43
CA ILE D 22 -34.37 31.89 -10.26
C ILE D 22 -35.12 32.67 -9.20
N ARG D 23 -36.00 33.59 -9.59
CA ARG D 23 -36.82 34.31 -8.63
C ARG D 23 -37.96 33.47 -8.07
N GLN D 24 -38.42 32.47 -8.81
CA GLN D 24 -39.43 31.55 -8.31
C GLN D 24 -38.86 30.54 -7.32
N TRP D 25 -37.62 30.08 -7.54
CA TRP D 25 -36.99 29.19 -6.55
C TRP D 25 -36.85 29.89 -5.21
N SER D 26 -36.41 31.15 -5.23
CA SER D 26 -36.04 31.84 -3.99
C SER D 26 -37.26 32.09 -3.11
N TYR D 27 -37.07 31.89 -1.80
CA TYR D 27 -38.06 32.24 -0.80
C TYR D 27 -37.86 33.64 -0.24
N GLY D 28 -36.82 34.34 -0.68
CA GLY D 28 -36.55 35.68 -0.19
C GLY D 28 -35.30 36.23 -0.84
N GLU D 29 -34.94 37.44 -0.41
CA GLU D 29 -33.78 38.14 -0.96
C GLU D 29 -32.74 38.37 0.12
N VAL D 30 -31.48 38.28 -0.27
CA VAL D 30 -30.35 38.55 0.62
C VAL D 30 -29.77 39.89 0.22
N LYS D 31 -29.79 40.85 1.14
CA LYS D 31 -29.38 42.22 0.85
C LYS D 31 -28.57 42.83 1.99
N LYS D 32 -27.93 42.01 2.82
CA LYS D 32 -27.05 42.49 3.87
C LYS D 32 -25.93 41.46 4.03
N PRO D 33 -24.65 41.89 4.02
CA PRO D 33 -23.52 40.96 4.07
C PRO D 33 -23.16 40.50 5.48
N GLU D 34 -24.17 40.09 6.25
CA GLU D 34 -24.00 39.68 7.63
C GLU D 34 -24.42 38.21 7.75
N THR D 35 -23.53 37.39 8.32
CA THR D 35 -23.78 35.96 8.41
C THR D 35 -24.42 35.59 9.75
N ILE D 36 -23.73 35.88 10.85
CA ILE D 36 -24.18 35.50 12.18
C ILE D 36 -23.61 36.48 13.19
N ASN D 37 -24.38 36.78 14.23
CA ASN D 37 -23.92 37.64 15.31
C ASN D 37 -23.22 36.81 16.38
N TYR D 38 -22.27 37.44 17.07
CA TYR D 38 -21.45 36.73 18.05
C TYR D 38 -22.05 36.77 19.45
N ARG D 39 -22.59 37.92 19.86
CA ARG D 39 -23.13 38.03 21.22
C ARG D 39 -24.28 37.07 21.43
N THR D 40 -25.28 37.09 20.55
CA THR D 40 -26.44 36.23 20.69
C THR D 40 -26.27 34.89 19.98
N LEU D 41 -25.25 34.73 19.15
CA LEU D 41 -25.01 33.50 18.40
C LEU D 41 -26.26 33.11 17.60
N LYS D 42 -26.84 34.10 16.93
CA LYS D 42 -28.02 33.90 16.08
C LYS D 42 -27.75 34.51 14.72
N PRO D 43 -28.36 33.96 13.67
CA PRO D 43 -28.25 34.60 12.35
C PRO D 43 -28.90 35.97 12.34
N GLU D 44 -28.36 36.84 11.48
CA GLU D 44 -28.92 38.18 11.32
C GLU D 44 -30.16 38.12 10.45
N LYS D 45 -30.67 39.27 10.04
CA LYS D 45 -31.85 39.34 9.19
C LYS D 45 -31.44 39.92 7.83
N ASP D 46 -32.01 39.36 6.77
CA ASP D 46 -31.63 39.68 5.40
C ASP D 46 -30.18 39.34 5.11
N GLY D 47 -29.62 38.38 5.86
CA GLY D 47 -28.27 37.91 5.63
C GLY D 47 -28.24 36.60 4.85
N LEU D 48 -27.12 35.90 4.98
CA LEU D 48 -26.93 34.61 4.32
C LEU D 48 -27.45 33.44 5.15
N PHE D 49 -27.93 33.69 6.37
CA PHE D 49 -28.48 32.64 7.22
C PHE D 49 -29.82 33.02 7.81
N CYS D 50 -30.54 33.96 7.19
CA CYS D 50 -31.78 34.46 7.75
C CYS D 50 -32.78 33.32 7.97
N GLU D 51 -33.49 33.38 9.10
CA GLU D 51 -34.49 32.36 9.40
C GLU D 51 -35.84 32.67 8.77
N LYS D 52 -36.01 33.87 8.21
CA LYS D 52 -37.22 34.23 7.49
C LYS D 52 -37.14 33.87 6.01
N ILE D 53 -36.03 33.31 5.56
CA ILE D 53 -35.82 32.95 4.17
C ILE D 53 -35.58 31.45 4.05
N PHE D 54 -34.51 30.98 4.68
CA PHE D 54 -34.09 29.59 4.50
C PHE D 54 -34.82 28.63 5.44
N GLY D 55 -35.33 29.11 6.57
CA GLY D 55 -36.14 28.28 7.43
C GLY D 55 -35.76 28.40 8.89
N PRO D 56 -36.59 27.87 9.78
CA PRO D 56 -36.28 27.94 11.22
C PRO D 56 -35.01 27.17 11.55
N THR D 57 -34.30 27.64 12.57
CA THR D 57 -33.11 26.97 13.05
C THR D 57 -33.40 26.01 14.19
N ARG D 58 -34.61 26.02 14.75
CA ARG D 58 -35.03 25.09 15.78
C ARG D 58 -36.42 24.58 15.45
N ASP D 59 -36.63 23.27 15.60
CA ASP D 59 -37.92 22.68 15.27
C ASP D 59 -39.04 23.35 16.04
N TRP D 60 -40.02 23.87 15.30
CA TRP D 60 -41.20 24.50 15.87
C TRP D 60 -40.82 25.60 16.87
N GLU D 61 -40.15 26.62 16.35
CA GLU D 61 -39.77 27.78 17.14
C GLU D 61 -39.65 28.98 16.22
N CYS D 62 -39.68 30.17 16.83
CA CYS D 62 -39.55 31.43 16.10
C CYS D 62 -38.43 32.24 16.70
N TYR D 63 -37.76 33.03 15.86
CA TYR D 63 -36.78 33.98 16.36
C TYR D 63 -37.44 34.99 17.29
N CYS D 64 -38.75 35.19 17.13
CA CYS D 64 -39.49 36.07 18.03
C CYS D 64 -39.66 35.43 19.40
N GLY D 65 -39.83 34.11 19.44
CA GLY D 65 -40.21 33.42 20.65
C GLY D 65 -41.70 33.41 20.91
N LYS D 66 -42.51 33.97 20.01
CA LYS D 66 -43.95 34.04 20.22
C LYS D 66 -44.57 32.65 20.27
N TYR D 67 -44.13 31.77 19.36
CA TYR D 67 -44.66 30.41 19.27
C TYR D 67 -43.51 29.42 19.36
N LYS D 68 -43.56 28.52 20.34
CA LYS D 68 -42.51 27.53 20.57
C LYS D 68 -43.13 26.17 20.93
N ARG D 69 -44.17 25.77 20.21
CA ARG D 69 -44.78 24.47 20.45
C ARG D 69 -45.42 23.97 19.16
N VAL D 70 -45.61 22.65 19.09
CA VAL D 70 -46.16 22.03 17.89
C VAL D 70 -47.58 22.52 17.63
N ARG D 71 -48.32 22.87 18.69
CA ARG D 71 -49.69 23.34 18.50
C ARG D 71 -49.74 24.52 17.54
N PHE D 72 -48.67 25.33 17.49
CA PHE D 72 -48.57 26.45 16.56
C PHE D 72 -47.91 25.97 15.27
N LYS D 73 -48.60 25.08 14.56
CA LYS D 73 -48.08 24.44 13.36
C LYS D 73 -48.65 25.15 12.13
N GLY D 74 -47.77 25.60 11.25
CA GLY D 74 -48.16 26.16 9.98
C GLY D 74 -48.48 27.63 9.98
N ILE D 75 -48.51 28.28 11.14
CA ILE D 75 -48.84 29.70 11.20
C ILE D 75 -47.56 30.51 11.02
N ILE D 76 -47.61 31.51 10.14
CA ILE D 76 -46.48 32.41 9.94
C ILE D 76 -46.48 33.44 11.05
N CYS D 77 -45.32 33.60 11.70
CA CYS D 77 -45.24 34.49 12.85
C CYS D 77 -45.69 35.90 12.47
N GLU D 78 -46.54 36.49 13.31
CA GLU D 78 -47.06 37.82 13.05
C GLU D 78 -46.05 38.91 13.41
N ARG D 79 -45.05 38.60 14.23
CA ARG D 79 -44.08 39.59 14.69
C ARG D 79 -42.81 39.56 13.86
N CYS D 80 -42.17 38.39 13.77
CA CYS D 80 -40.93 38.25 13.00
C CYS D 80 -41.16 37.80 11.57
N GLY D 81 -42.29 37.13 11.29
CA GLY D 81 -42.58 36.66 9.96
C GLY D 81 -42.01 35.31 9.61
N VAL D 82 -41.36 34.63 10.55
CA VAL D 82 -40.77 33.31 10.30
C VAL D 82 -41.87 32.26 10.40
N GLU D 83 -41.95 31.41 9.39
CA GLU D 83 -42.93 30.33 9.37
C GLU D 83 -42.49 29.24 10.34
N VAL D 84 -43.46 28.62 11.01
CA VAL D 84 -43.19 27.61 12.03
C VAL D 84 -43.19 26.24 11.34
N THR D 85 -42.01 25.63 11.24
CA THR D 85 -41.89 24.28 10.67
C THR D 85 -40.59 23.67 11.20
N ARG D 86 -40.27 22.48 10.70
CA ARG D 86 -39.10 21.75 11.19
C ARG D 86 -37.81 22.37 10.67
N ALA D 87 -36.73 22.13 11.39
CA ALA D 87 -35.45 22.76 11.07
C ALA D 87 -34.81 22.17 9.81
N LYS D 88 -35.24 20.99 9.37
CA LYS D 88 -34.66 20.40 8.17
C LYS D 88 -34.92 21.22 6.93
N VAL D 89 -35.87 22.16 6.99
CA VAL D 89 -36.21 22.96 5.82
C VAL D 89 -35.03 23.79 5.33
N ARG D 90 -34.06 24.07 6.20
CA ARG D 90 -32.90 24.85 5.80
C ARG D 90 -32.03 24.13 4.78
N ARG D 91 -32.24 22.82 4.57
CA ARG D 91 -31.50 22.10 3.55
C ARG D 91 -32.11 22.23 2.15
N GLU D 92 -33.28 22.85 2.04
CA GLU D 92 -34.03 22.89 0.79
C GLU D 92 -34.22 24.30 0.25
N ARG D 93 -34.67 25.22 1.08
CA ARG D 93 -35.02 26.56 0.60
C ARG D 93 -33.77 27.30 0.12
N MET D 94 -33.97 28.12 -0.92
CA MET D 94 -32.92 28.93 -1.49
C MET D 94 -33.35 30.39 -1.52
N GLY D 95 -32.36 31.28 -1.70
CA GLY D 95 -32.59 32.69 -1.83
C GLY D 95 -31.90 33.23 -3.08
N HIS D 96 -32.10 34.52 -3.33
CA HIS D 96 -31.49 35.15 -4.50
C HIS D 96 -31.02 36.56 -4.13
N ILE D 97 -30.06 37.05 -4.90
CA ILE D 97 -29.52 38.40 -4.77
C ILE D 97 -29.87 39.15 -6.05
N GLU D 98 -30.60 40.26 -5.91
CA GLU D 98 -31.05 41.04 -7.06
C GLU D 98 -29.91 41.96 -7.50
N LEU D 99 -29.26 41.61 -8.60
CA LEU D 99 -28.13 42.40 -9.07
C LEU D 99 -28.58 43.77 -9.54
N ALA D 100 -27.78 44.79 -9.22
CA ALA D 100 -28.08 46.15 -9.66
C ALA D 100 -27.89 46.34 -11.15
N ALA D 101 -26.92 45.64 -11.74
CA ALA D 101 -26.62 45.74 -13.16
C ALA D 101 -26.55 44.34 -13.75
N PRO D 102 -26.86 44.18 -15.03
CA PRO D 102 -26.77 42.85 -15.65
C PRO D 102 -25.35 42.30 -15.58
N VAL D 103 -25.25 40.98 -15.44
CA VAL D 103 -23.98 40.28 -15.33
C VAL D 103 -24.03 39.05 -16.23
N THR D 104 -22.92 38.78 -16.92
CA THR D 104 -22.84 37.61 -17.78
C THR D 104 -22.41 36.39 -16.97
N HIS D 105 -22.79 35.22 -17.48
CA HIS D 105 -22.42 33.94 -16.86
C HIS D 105 -21.08 33.51 -17.44
N ILE D 106 -20.11 33.26 -16.57
CA ILE D 106 -18.74 33.02 -17.02
C ILE D 106 -18.64 31.74 -17.85
N TRP D 107 -19.48 30.75 -17.57
CA TRP D 107 -19.39 29.47 -18.29
C TRP D 107 -19.55 29.68 -19.79
N TYR D 108 -20.50 30.51 -20.19
CA TYR D 108 -20.83 30.70 -21.60
C TYR D 108 -20.05 31.83 -22.25
N PHE D 109 -19.14 32.47 -21.51
CA PHE D 109 -18.30 33.53 -22.04
C PHE D 109 -16.83 33.16 -22.10
N LYS D 110 -16.28 32.60 -21.02
CA LYS D 110 -14.86 32.29 -20.94
C LYS D 110 -14.54 30.86 -21.36
N GLY D 111 -15.42 29.90 -21.09
CA GLY D 111 -15.16 28.52 -21.44
C GLY D 111 -14.88 28.34 -22.91
N VAL D 112 -13.76 27.71 -23.24
CA VAL D 112 -13.37 27.51 -24.64
C VAL D 112 -14.12 26.31 -25.21
N PRO D 113 -14.79 26.44 -26.35
CA PRO D 113 -14.95 27.63 -27.19
C PRO D 113 -15.97 28.60 -26.60
N SER D 114 -15.81 29.90 -26.82
CA SER D 114 -16.75 30.87 -26.27
C SER D 114 -18.11 30.70 -26.94
N ARG D 115 -19.11 30.31 -26.17
CA ARG D 115 -20.46 30.08 -26.70
C ARG D 115 -21.21 31.37 -26.98
N LEU D 116 -20.82 32.47 -26.36
CA LEU D 116 -21.32 33.79 -26.75
C LEU D 116 -20.67 34.31 -28.01
N GLY D 117 -19.40 34.02 -28.24
CA GLY D 117 -18.73 34.48 -29.44
C GLY D 117 -19.36 33.91 -30.70
N TYR D 118 -19.60 32.61 -30.72
CA TYR D 118 -20.27 32.01 -31.88
C TYR D 118 -21.69 32.53 -32.02
N LEU D 119 -22.41 32.67 -30.90
CA LEU D 119 -23.81 33.08 -30.98
C LEU D 119 -23.92 34.48 -31.55
N LEU D 120 -23.14 35.43 -31.05
CA LEU D 120 -23.15 36.80 -31.53
C LEU D 120 -22.14 37.05 -32.65
N ASP D 121 -21.30 36.07 -32.96
CA ASP D 121 -20.26 36.23 -33.99
C ASP D 121 -19.30 37.35 -33.61
N LEU D 122 -18.76 37.26 -32.39
CA LEU D 122 -17.79 38.21 -31.88
C LEU D 122 -16.57 37.46 -31.36
N ALA D 123 -15.39 38.02 -31.63
CA ALA D 123 -14.17 37.39 -31.16
C ALA D 123 -14.10 37.43 -29.63
N PRO D 124 -13.40 36.48 -29.01
CA PRO D 124 -13.31 36.50 -27.55
C PRO D 124 -12.73 37.80 -26.99
N LYS D 125 -11.79 38.42 -27.70
CA LYS D 125 -11.21 39.67 -27.22
C LYS D 125 -12.26 40.79 -27.20
N ASP D 126 -13.14 40.82 -28.20
CA ASP D 126 -14.18 41.84 -28.22
C ASP D 126 -15.11 41.69 -27.01
N LEU D 127 -15.48 40.46 -26.68
CA LEU D 127 -16.28 40.24 -25.48
C LEU D 127 -15.50 40.63 -24.22
N GLU D 128 -14.22 40.25 -24.15
CA GLU D 128 -13.41 40.61 -23.00
C GLU D 128 -13.38 42.12 -22.80
N LYS D 129 -13.38 42.87 -23.90
CA LYS D 129 -13.32 44.33 -23.80
C LYS D 129 -14.68 44.93 -23.44
N ILE D 130 -15.71 44.57 -24.20
CA ILE D 130 -17.04 45.15 -24.00
C ILE D 130 -17.55 44.82 -22.60
N ILE D 131 -17.41 43.56 -22.20
CA ILE D 131 -17.96 43.12 -20.92
C ILE D 131 -17.21 43.78 -19.77
N TYR D 132 -15.90 43.98 -19.89
CA TYR D 132 -15.10 44.59 -18.84
C TYR D 132 -14.82 46.06 -19.10
N PHE D 133 -15.73 46.74 -19.78
CA PHE D 133 -15.73 48.20 -19.88
C PHE D 133 -14.39 48.72 -20.40
N ALA D 134 -14.08 48.34 -21.64
CA ALA D 134 -12.87 48.80 -22.30
C ALA D 134 -13.10 49.14 -23.77
N ALA D 135 -14.34 49.11 -24.24
CA ALA D 135 -14.66 49.42 -25.63
C ALA D 135 -16.16 49.64 -25.74
N TYR D 136 -16.57 50.26 -26.84
CA TYR D 136 -17.97 50.59 -27.09
C TYR D 136 -18.48 49.79 -28.26
N VAL D 137 -19.70 49.26 -28.13
CA VAL D 137 -20.34 48.45 -29.16
C VAL D 137 -21.56 49.18 -29.68
N ILE D 138 -21.75 49.14 -31.00
CA ILE D 138 -22.89 49.78 -31.65
C ILE D 138 -24.05 48.78 -31.58
N THR D 139 -24.99 49.03 -30.67
CA THR D 139 -26.10 48.12 -30.49
C THR D 139 -27.18 48.29 -31.57
N SER D 140 -27.19 49.43 -32.26
CA SER D 140 -28.22 49.68 -33.26
C SER D 140 -27.74 50.81 -34.17
N VAL D 141 -28.37 50.90 -35.34
CA VAL D 141 -28.12 51.98 -36.29
C VAL D 141 -29.35 52.13 -37.16
N ASP D 142 -29.63 53.37 -37.57
CA ASP D 142 -30.76 53.67 -38.44
C ASP D 142 -30.25 53.81 -39.87
N GLU D 143 -30.76 52.97 -40.77
CA GLU D 143 -30.24 52.91 -42.14
C GLU D 143 -31.06 53.81 -43.07
N GLU D 144 -32.37 53.55 -43.18
CA GLU D 144 -33.18 54.25 -44.16
C GLU D 144 -33.25 55.74 -43.86
N MET D 145 -33.43 56.11 -42.59
CA MET D 145 -33.48 57.52 -42.22
C MET D 145 -32.14 58.20 -42.49
N ARG D 146 -31.06 57.61 -42.00
CA ARG D 146 -29.74 58.14 -42.26
C ARG D 146 -29.38 58.10 -43.73
N HIS D 147 -29.81 57.06 -44.45
CA HIS D 147 -29.59 57.03 -45.90
C HIS D 147 -30.28 58.20 -46.58
N ASN D 148 -31.52 58.50 -46.19
CA ASN D 148 -32.24 59.61 -46.79
C ASN D 148 -31.56 60.94 -46.48
N GLU D 149 -31.11 61.12 -45.25
CA GLU D 149 -30.48 62.38 -44.84
C GLU D 149 -29.00 62.45 -45.22
N LEU D 150 -28.45 61.38 -45.81
CA LEU D 150 -27.04 61.37 -46.18
C LEU D 150 -26.72 62.45 -47.20
N SER D 151 -27.60 62.63 -48.19
CA SER D 151 -27.34 63.62 -49.23
C SER D 151 -27.22 65.02 -48.63
N THR D 152 -28.13 65.38 -47.72
CA THR D 152 -28.07 66.69 -47.09
C THR D 152 -26.86 66.80 -46.16
N LEU D 153 -26.58 65.74 -45.41
CA LEU D 153 -25.47 65.80 -44.46
C LEU D 153 -24.13 65.92 -45.17
N GLU D 154 -24.02 65.35 -46.36
CA GLU D 154 -22.81 65.51 -47.15
C GLU D 154 -22.53 66.98 -47.42
N ALA D 155 -23.55 67.71 -47.90
CA ALA D 155 -23.37 69.13 -48.18
C ALA D 155 -23.13 69.92 -46.90
N GLU D 156 -23.83 69.56 -45.82
CA GLU D 156 -23.63 70.25 -44.55
C GLU D 156 -22.18 70.14 -44.10
N MET D 157 -21.63 68.92 -44.14
CA MET D 157 -20.25 68.74 -43.72
C MET D 157 -19.28 69.35 -44.72
N ALA D 158 -19.66 69.41 -46.00
CA ALA D 158 -18.83 70.11 -46.97
C ALA D 158 -18.72 71.58 -46.60
N VAL D 159 -19.84 72.20 -46.23
CA VAL D 159 -19.79 73.60 -45.79
C VAL D 159 -18.95 73.72 -44.53
N GLU D 160 -19.09 72.77 -43.59
CA GLU D 160 -18.29 72.83 -42.37
C GLU D 160 -16.80 72.71 -42.67
N ARG D 161 -16.43 71.84 -43.60
CA ARG D 161 -15.05 71.80 -44.07
C ARG D 161 -14.64 73.12 -44.68
N LYS D 162 -15.58 73.78 -45.36
CA LYS D 162 -15.31 75.11 -45.91
C LYS D 162 -14.92 76.06 -44.78
N ALA D 163 -15.64 76.01 -43.66
CA ALA D 163 -15.29 76.87 -42.54
C ALA D 163 -13.88 76.58 -42.05
N VAL D 164 -13.53 75.30 -41.89
CA VAL D 164 -12.21 74.93 -41.41
C VAL D 164 -11.13 75.48 -42.34
N GLU D 165 -11.24 75.15 -43.63
CA GLU D 165 -10.20 75.52 -44.57
C GLU D 165 -10.14 77.03 -44.78
N ASP D 166 -11.28 77.72 -44.73
CA ASP D 166 -11.29 79.16 -44.94
C ASP D 166 -10.73 79.89 -43.73
N GLN D 167 -11.05 79.43 -42.52
CA GLN D 167 -10.40 80.00 -41.34
C GLN D 167 -8.90 79.78 -41.40
N ARG D 168 -8.48 78.60 -41.81
CA ARG D 168 -7.05 78.33 -41.94
C ARG D 168 -6.40 79.24 -42.97
N ASP D 169 -7.07 79.46 -44.11
CA ASP D 169 -6.48 80.26 -45.18
C ASP D 169 -6.45 81.74 -44.79
N GLY D 170 -7.48 82.22 -44.10
CA GLY D 170 -7.46 83.60 -43.62
C GLY D 170 -6.38 83.81 -42.56
N GLU D 171 -6.27 82.86 -41.62
CA GLU D 171 -5.19 82.94 -40.66
C GLU D 171 -3.83 82.84 -41.34
N LEU D 172 -3.73 82.11 -42.45
CA LEU D 172 -2.46 82.06 -43.19
C LEU D 172 -2.20 83.35 -43.94
N GLU D 173 -3.25 84.05 -44.37
CA GLU D 173 -3.06 85.40 -44.89
C GLU D 173 -2.52 86.32 -43.81
N ALA D 174 -3.03 86.18 -42.58
CA ALA D 174 -2.46 86.90 -41.45
C ALA D 174 -1.01 86.47 -41.22
N ARG D 175 -0.71 85.18 -41.40
CA ARG D 175 0.66 84.70 -41.27
C ARG D 175 1.56 85.32 -42.33
N ALA D 176 1.05 85.49 -43.55
CA ALA D 176 1.82 86.13 -44.61
C ALA D 176 2.06 87.61 -44.28
N GLN D 177 1.05 88.27 -43.70
CA GLN D 177 1.24 89.63 -43.24
C GLN D 177 2.33 89.70 -42.18
N LYS D 178 2.31 88.76 -41.23
CA LYS D 178 3.35 88.73 -40.20
C LYS D 178 4.71 88.38 -40.81
N LEU D 179 4.72 87.57 -41.86
CA LEU D 179 5.97 87.22 -42.53
C LEU D 179 6.58 88.45 -43.20
N GLU D 180 5.77 89.22 -43.90
CA GLU D 180 6.25 90.47 -44.47
C GLU D 180 6.68 91.44 -43.36
N ALA D 181 5.94 91.45 -42.25
CA ALA D 181 6.29 92.32 -41.14
C ALA D 181 7.64 91.95 -40.55
N ASP D 182 7.92 90.64 -40.41
CA ASP D 182 9.21 90.21 -39.90
C ASP D 182 10.33 90.49 -40.89
N LEU D 183 10.05 90.29 -42.19
CA LEU D 183 11.02 90.64 -43.21
C LEU D 183 11.40 92.11 -43.10
N ALA D 184 10.42 92.99 -42.98
CA ALA D 184 10.68 94.41 -42.78
C ALA D 184 11.35 94.70 -41.44
N GLU D 185 11.01 93.95 -40.40
CA GLU D 185 11.59 94.17 -39.08
C GLU D 185 13.09 93.90 -39.10
N LEU D 186 13.51 92.85 -39.81
CA LEU D 186 14.93 92.53 -39.94
C LEU D 186 15.59 93.20 -41.14
N GLU D 187 14.82 93.86 -41.99
CA GLU D 187 15.36 94.62 -43.12
C GLU D 187 15.49 96.10 -42.82
N ALA D 188 14.87 96.60 -41.75
CA ALA D 188 15.00 97.99 -41.35
C ALA D 188 16.42 98.34 -40.93
N GLU D 189 17.26 97.33 -40.70
CA GLU D 189 18.66 97.52 -40.35
C GLU D 189 19.48 96.38 -40.90
N GLY D 190 20.73 96.25 -40.45
CA GLY D 190 21.56 95.16 -40.89
C GLY D 190 21.39 93.93 -40.03
N ALA D 191 20.54 93.01 -40.49
CA ALA D 191 20.24 91.77 -39.79
C ALA D 191 21.15 90.67 -40.33
N LYS D 192 20.90 89.42 -39.93
CA LYS D 192 21.70 88.28 -40.34
C LYS D 192 20.87 87.39 -41.24
N ALA D 193 21.53 86.76 -42.22
CA ALA D 193 20.85 85.76 -43.03
C ALA D 193 20.27 84.66 -42.15
N ASP D 194 21.01 84.23 -41.13
CA ASP D 194 20.45 83.28 -40.18
C ASP D 194 19.31 83.91 -39.39
N ALA D 195 19.33 85.23 -39.18
CA ALA D 195 18.20 85.88 -38.50
C ALA D 195 16.95 85.86 -39.36
N ARG D 196 17.09 86.15 -40.66
CA ARG D 196 15.94 86.05 -41.55
C ARG D 196 15.43 84.62 -41.62
N ARG D 197 16.36 83.67 -41.75
CA ARG D 197 15.96 82.26 -41.78
C ARG D 197 15.39 81.83 -40.45
N LYS D 198 15.70 82.52 -39.35
CA LYS D 198 15.14 82.15 -38.05
C LYS D 198 13.72 82.68 -37.90
N VAL D 199 13.50 83.94 -38.30
CA VAL D 199 12.12 84.44 -38.29
C VAL D 199 11.26 83.56 -39.20
N ARG D 200 11.81 83.15 -40.34
CA ARG D 200 11.08 82.22 -41.20
C ARG D 200 10.92 80.86 -40.52
N ASP D 201 11.96 80.37 -39.85
CA ASP D 201 11.83 79.09 -39.17
C ASP D 201 10.66 79.12 -38.21
N GLY D 202 10.62 80.12 -37.33
CA GLY D 202 9.53 80.19 -36.37
C GLY D 202 8.18 80.41 -37.03
N GLY D 203 8.05 81.48 -37.80
CA GLY D 203 6.75 81.81 -38.37
C GLY D 203 6.24 80.75 -39.32
N GLU D 204 7.10 80.30 -40.24
CA GLU D 204 6.70 79.30 -41.21
C GLU D 204 6.65 77.90 -40.61
N ARG D 205 7.25 77.68 -39.44
CA ARG D 205 7.02 76.42 -38.74
C ARG D 205 5.65 76.41 -38.11
N GLU D 206 5.22 77.54 -37.56
CA GLU D 206 3.83 77.64 -37.14
C GLU D 206 2.88 77.70 -38.33
N MET D 207 3.35 78.09 -39.52
CA MET D 207 2.51 77.98 -40.71
C MET D 207 2.43 76.54 -41.21
N ARG D 208 3.53 75.79 -41.09
CA ARG D 208 3.46 74.36 -41.30
C ARG D 208 2.57 73.72 -40.24
N GLN D 209 2.51 74.32 -39.07
CA GLN D 209 1.53 73.91 -38.06
C GLN D 209 0.12 74.30 -38.47
N ILE D 210 -0.04 75.39 -39.21
CA ILE D 210 -1.34 75.72 -39.80
C ILE D 210 -1.74 74.64 -40.80
N ARG D 211 -0.80 74.24 -41.65
CA ARG D 211 -1.05 73.17 -42.61
C ARG D 211 -1.34 71.85 -41.90
N ASP D 212 -0.60 71.55 -40.85
CA ASP D 212 -0.83 70.33 -40.08
C ASP D 212 -2.13 70.43 -39.29
N ARG D 213 -2.55 71.65 -38.94
CA ARG D 213 -3.85 71.84 -38.31
C ARG D 213 -4.95 71.53 -39.30
N ALA D 214 -4.85 72.07 -40.51
CA ALA D 214 -5.73 71.64 -41.58
C ALA D 214 -5.76 70.11 -41.64
N GLN D 215 -4.60 69.50 -41.87
CA GLN D 215 -4.48 68.05 -41.95
C GLN D 215 -5.21 67.34 -40.80
N ARG D 216 -4.79 67.61 -39.56
CA ARG D 216 -5.29 66.84 -38.41
C ARG D 216 -6.76 67.14 -38.13
N GLU D 217 -7.12 68.43 -38.03
CA GLU D 217 -8.48 68.79 -37.66
C GLU D 217 -9.48 68.37 -38.74
N LEU D 218 -9.07 68.40 -40.01
CA LEU D 218 -9.97 67.98 -41.08
C LEU D 218 -9.97 66.47 -41.26
N ASP D 219 -8.87 65.79 -40.93
CA ASP D 219 -8.89 64.34 -40.89
C ASP D 219 -9.76 63.84 -39.75
N ARG D 220 -9.85 64.63 -38.67
CA ARG D 220 -10.81 64.35 -37.62
C ARG D 220 -12.23 64.31 -38.19
N LEU D 221 -12.61 65.32 -38.95
CA LEU D 221 -13.94 65.36 -39.53
C LEU D 221 -14.13 64.27 -40.58
N GLU D 222 -13.09 63.99 -41.36
CA GLU D 222 -13.16 62.91 -42.35
C GLU D 222 -13.39 61.57 -41.67
N ASP D 223 -12.67 61.32 -40.57
CA ASP D 223 -12.86 60.09 -39.81
C ASP D 223 -14.27 60.05 -39.22
N ILE D 224 -14.75 61.18 -38.69
CA ILE D 224 -16.10 61.23 -38.18
C ILE D 224 -17.09 60.82 -39.27
N TRP D 225 -16.93 61.39 -40.45
CA TRP D 225 -17.80 61.09 -41.58
C TRP D 225 -17.77 59.61 -41.94
N SER D 226 -16.56 59.08 -42.15
CA SER D 226 -16.43 57.70 -42.57
C SER D 226 -17.01 56.75 -41.53
N THR D 227 -16.66 56.95 -40.26
CA THR D 227 -17.18 56.10 -39.20
C THR D 227 -18.70 56.18 -39.13
N PHE D 228 -19.25 57.40 -39.14
CA PHE D 228 -20.69 57.57 -38.98
C PHE D 228 -21.46 56.96 -40.14
N THR D 229 -21.02 57.18 -41.38
CA THR D 229 -21.80 56.78 -42.54
C THR D 229 -21.82 55.27 -42.74
N LYS D 230 -20.66 54.61 -42.58
CA LYS D 230 -20.58 53.17 -42.80
C LYS D 230 -20.73 52.36 -41.51
N LEU D 231 -20.99 53.01 -40.38
CA LEU D 231 -21.12 52.31 -39.12
C LEU D 231 -22.36 51.42 -39.11
N ALA D 232 -22.20 50.21 -38.62
CA ALA D 232 -23.26 49.21 -38.51
C ALA D 232 -23.16 48.52 -37.17
N PRO D 233 -24.16 47.73 -36.79
CA PRO D 233 -24.13 47.08 -35.47
C PRO D 233 -22.96 46.13 -35.34
N LYS D 234 -22.53 45.93 -34.10
CA LYS D 234 -21.43 45.02 -33.76
C LYS D 234 -20.08 45.55 -34.25
N GLN D 235 -19.84 46.85 -34.05
CA GLN D 235 -18.55 47.47 -34.32
C GLN D 235 -18.00 48.04 -33.02
N LEU D 236 -16.73 47.75 -32.73
CA LEU D 236 -16.07 48.21 -31.52
C LEU D 236 -15.16 49.39 -31.86
N ILE D 237 -15.35 50.50 -31.17
CA ILE D 237 -14.52 51.68 -31.33
C ILE D 237 -13.84 51.97 -30.00
N VAL D 238 -12.51 51.89 -30.00
CA VAL D 238 -11.66 52.26 -28.88
C VAL D 238 -11.47 53.77 -28.91
N ASP D 239 -10.76 54.31 -27.91
CA ASP D 239 -10.58 55.76 -27.81
C ASP D 239 -11.90 56.46 -27.53
N GLU D 240 -12.42 56.25 -26.31
CA GLU D 240 -13.72 56.77 -25.91
C GLU D 240 -13.95 58.19 -26.41
N ASN D 241 -12.90 59.01 -26.50
CA ASN D 241 -13.08 60.36 -27.00
C ASN D 241 -13.69 60.36 -28.40
N LEU D 242 -13.30 59.41 -29.24
CA LEU D 242 -13.87 59.30 -30.57
C LEU D 242 -15.37 59.03 -30.49
N TYR D 243 -15.77 58.10 -29.62
CA TYR D 243 -17.20 57.82 -29.44
C TYR D 243 -17.95 59.03 -28.92
N ARG D 244 -17.33 59.77 -27.99
CA ARG D 244 -17.97 60.97 -27.46
C ARG D 244 -18.18 62.00 -28.56
N GLU D 245 -17.18 62.19 -29.42
CA GLU D 245 -17.34 63.09 -30.56
C GLU D 245 -18.45 62.61 -31.48
N LEU D 246 -18.49 61.31 -31.76
CA LEU D 246 -19.50 60.78 -32.66
C LEU D 246 -20.90 61.02 -32.11
N VAL D 247 -21.11 60.74 -30.82
CA VAL D 247 -22.44 60.90 -30.23
C VAL D 247 -22.81 62.37 -30.13
N ASP D 248 -21.86 63.23 -29.74
CA ASP D 248 -22.16 64.65 -29.64
C ASP D 248 -22.53 65.24 -30.99
N ARG D 249 -21.80 64.88 -32.04
CA ARG D 249 -22.14 65.39 -33.37
C ARG D 249 -23.38 64.71 -33.93
N TYR D 250 -23.55 63.41 -33.68
CA TYR D 250 -24.71 62.65 -34.13
C TYR D 250 -25.27 61.91 -32.92
N GLY D 251 -26.14 62.59 -32.15
CA GLY D 251 -26.76 61.94 -31.02
C GLY D 251 -27.68 60.81 -31.43
N GLU D 252 -28.40 60.99 -32.53
CA GLU D 252 -29.31 59.97 -33.05
C GLU D 252 -28.58 59.16 -34.13
N TYR D 253 -29.33 58.32 -34.85
CA TYR D 253 -28.89 57.47 -35.94
C TYR D 253 -28.19 56.21 -35.43
N PHE D 254 -27.95 56.07 -34.14
CA PHE D 254 -27.33 54.87 -33.59
C PHE D 254 -27.42 54.93 -32.07
N THR D 255 -27.28 53.77 -31.44
CA THR D 255 -27.27 53.67 -29.98
C THR D 255 -26.08 52.80 -29.59
N GLY D 256 -25.23 53.32 -28.72
CA GLY D 256 -24.05 52.61 -28.26
C GLY D 256 -24.11 52.36 -26.77
N ALA D 257 -23.70 51.16 -26.36
CA ALA D 257 -23.68 50.76 -24.96
C ALA D 257 -22.32 50.16 -24.63
N MET D 258 -22.16 49.74 -23.38
CA MET D 258 -20.90 49.19 -22.91
C MET D 258 -21.17 48.37 -21.66
N GLY D 259 -20.74 47.11 -21.67
CA GLY D 259 -20.92 46.23 -20.53
C GLY D 259 -21.77 45.02 -20.83
N ALA D 260 -22.32 44.39 -19.79
CA ALA D 260 -23.18 43.22 -20.00
C ALA D 260 -24.53 43.63 -20.56
N GLU D 261 -25.01 44.83 -20.23
CA GLU D 261 -26.29 45.28 -20.75
C GLU D 261 -26.23 45.48 -22.26
N SER D 262 -25.06 45.87 -22.79
CA SER D 262 -24.92 45.97 -24.24
C SER D 262 -25.10 44.61 -24.90
N ILE D 263 -24.51 43.57 -24.32
CA ILE D 263 -24.66 42.23 -24.88
C ILE D 263 -26.09 41.73 -24.73
N GLN D 264 -26.74 42.07 -23.61
CA GLN D 264 -28.15 41.74 -23.46
C GLN D 264 -28.98 42.40 -24.54
N LYS D 265 -28.72 43.68 -24.83
CA LYS D 265 -29.44 44.37 -25.90
C LYS D 265 -29.18 43.72 -27.24
N LEU D 266 -27.92 43.35 -27.52
CA LEU D 266 -27.61 42.68 -28.78
C LEU D 266 -28.37 41.37 -28.91
N ILE D 267 -28.43 40.58 -27.84
CA ILE D 267 -29.14 39.31 -27.90
C ILE D 267 -30.64 39.55 -28.09
N GLU D 268 -31.17 40.60 -27.47
CA GLU D 268 -32.59 40.90 -27.64
C GLU D 268 -32.92 41.22 -29.09
N ASN D 269 -32.07 42.01 -29.75
CA ASN D 269 -32.27 42.38 -31.15
C ASN D 269 -31.51 41.42 -32.06
N PHE D 270 -31.84 40.13 -31.94
CA PHE D 270 -31.13 39.08 -32.67
C PHE D 270 -32.12 37.96 -32.97
N ASP D 271 -32.47 37.81 -34.24
CA ASP D 271 -33.32 36.69 -34.65
C ASP D 271 -32.45 35.48 -34.99
N ILE D 272 -32.98 34.30 -34.70
CA ILE D 272 -32.23 33.06 -34.80
C ILE D 272 -32.48 32.36 -36.14
N ASP D 273 -33.71 32.42 -36.66
CA ASP D 273 -34.02 31.72 -37.90
C ASP D 273 -33.20 32.25 -39.06
N ALA D 274 -33.07 33.58 -39.15
CA ALA D 274 -32.31 34.17 -40.26
C ALA D 274 -30.84 33.75 -40.19
N GLU D 275 -30.26 33.79 -38.99
CA GLU D 275 -28.86 33.38 -38.84
C GLU D 275 -28.69 31.91 -39.18
N ALA D 276 -29.62 31.06 -38.75
CA ALA D 276 -29.54 29.65 -39.06
C ALA D 276 -29.61 29.41 -40.57
N GLU D 277 -30.52 30.11 -41.25
CA GLU D 277 -30.62 29.98 -42.69
C GLU D 277 -29.34 30.45 -43.38
N SER D 278 -28.78 31.56 -42.93
CA SER D 278 -27.55 32.08 -43.52
C SER D 278 -26.41 31.07 -43.36
N LEU D 279 -26.28 30.49 -42.18
CA LEU D 279 -25.23 29.51 -41.95
C LEU D 279 -25.45 28.23 -42.75
N ARG D 280 -26.71 27.79 -42.88
CA ARG D 280 -26.97 26.62 -43.73
C ARG D 280 -26.62 26.91 -45.18
N ASP D 281 -26.88 28.13 -45.65
CA ASP D 281 -26.51 28.51 -47.01
C ASP D 281 -24.98 28.49 -47.16
N VAL D 282 -24.27 29.07 -46.20
CA VAL D 282 -22.81 29.10 -46.28
C VAL D 282 -22.24 27.69 -46.19
N ILE D 283 -22.98 26.75 -45.58
CA ILE D 283 -22.53 25.37 -45.53
C ILE D 283 -22.76 24.69 -46.87
N ARG D 284 -23.97 24.81 -47.42
CA ARG D 284 -24.29 24.15 -48.68
C ARG D 284 -23.40 24.69 -49.81
N ASN D 285 -23.01 25.96 -49.71
CA ASN D 285 -22.15 26.56 -50.73
C ASN D 285 -20.86 27.08 -50.12
N GLY D 286 -20.09 27.82 -50.90
CA GLY D 286 -18.92 28.53 -50.40
C GLY D 286 -17.67 27.68 -50.31
N LYS D 287 -17.61 26.80 -49.31
CA LYS D 287 -16.46 25.92 -49.10
C LYS D 287 -15.28 26.73 -48.57
N GLY D 288 -14.27 26.04 -48.06
CA GLY D 288 -13.14 26.71 -47.45
C GLY D 288 -13.28 26.79 -45.93
N GLN D 289 -12.38 27.57 -45.32
CA GLN D 289 -12.42 27.76 -43.88
C GLN D 289 -13.70 28.43 -43.43
N LYS D 290 -14.36 29.18 -44.33
CA LYS D 290 -15.65 29.76 -43.99
C LYS D 290 -16.67 28.67 -43.66
N LYS D 291 -16.69 27.59 -44.44
CA LYS D 291 -17.60 26.48 -44.15
C LYS D 291 -17.27 25.83 -42.82
N LEU D 292 -15.99 25.66 -42.52
CA LEU D 292 -15.61 25.07 -41.24
C LEU D 292 -16.09 25.92 -40.07
N ARG D 293 -15.89 27.23 -40.16
CA ARG D 293 -16.38 28.12 -39.11
C ARG D 293 -17.90 28.08 -39.01
N ALA D 294 -18.57 28.09 -40.16
CA ALA D 294 -20.03 28.08 -40.17
C ALA D 294 -20.57 26.78 -39.56
N LEU D 295 -19.81 25.69 -39.64
CA LEU D 295 -20.25 24.45 -39.05
C LEU D 295 -20.42 24.58 -37.53
N LYS D 296 -19.41 25.14 -36.85
CA LYS D 296 -19.51 25.33 -35.41
C LYS D 296 -20.57 26.39 -35.07
N ARG D 297 -20.59 27.48 -35.84
CA ARG D 297 -21.62 28.49 -35.61
C ARG D 297 -23.02 27.89 -35.71
N LEU D 298 -23.24 27.03 -36.71
CA LEU D 298 -24.54 26.42 -36.88
C LEU D 298 -24.82 25.40 -35.80
N LYS D 299 -23.79 24.69 -35.33
CA LYS D 299 -23.97 23.83 -34.17
C LYS D 299 -24.65 24.62 -33.05
N VAL D 300 -24.03 25.73 -32.64
CA VAL D 300 -24.56 26.47 -31.50
C VAL D 300 -25.91 27.09 -31.83
N VAL D 301 -26.05 27.66 -33.04
CA VAL D 301 -27.28 28.36 -33.38
C VAL D 301 -28.45 27.39 -33.48
N ALA D 302 -28.26 26.22 -34.10
CA ALA D 302 -29.31 25.22 -34.16
C ALA D 302 -29.62 24.68 -32.77
N ALA D 303 -28.61 24.56 -31.91
CA ALA D 303 -28.87 24.16 -30.54
C ALA D 303 -29.84 25.12 -29.87
N PHE D 304 -29.62 26.43 -30.07
CA PHE D 304 -30.51 27.41 -29.46
C PHE D 304 -31.81 27.61 -30.24
N GLN D 305 -31.90 27.15 -31.48
CA GLN D 305 -33.10 27.32 -32.28
C GLN D 305 -34.09 26.17 -32.10
N GLN D 306 -33.61 24.93 -32.10
CA GLN D 306 -34.50 23.77 -32.10
C GLN D 306 -35.45 23.80 -30.91
N SER D 307 -34.92 24.04 -29.71
CA SER D 307 -35.74 24.04 -28.51
C SER D 307 -36.25 25.45 -28.22
N GLY D 308 -37.17 25.53 -27.26
CA GLY D 308 -37.69 26.80 -26.81
C GLY D 308 -36.82 27.39 -25.71
N ASN D 309 -35.51 27.42 -25.94
CA ASN D 309 -34.54 27.92 -24.98
C ASN D 309 -33.88 29.15 -25.55
N SER D 310 -34.28 30.33 -25.06
CA SER D 310 -33.70 31.57 -25.55
C SER D 310 -32.25 31.69 -25.10
N PRO D 311 -31.40 32.37 -25.88
CA PRO D 311 -30.01 32.58 -25.47
C PRO D 311 -29.85 33.70 -24.47
N MET D 312 -30.95 34.21 -23.92
CA MET D 312 -30.91 35.30 -22.96
C MET D 312 -30.65 34.83 -21.54
N GLY D 313 -30.51 33.53 -21.32
CA GLY D 313 -30.13 33.02 -20.02
C GLY D 313 -28.66 33.17 -19.69
N MET D 314 -27.85 33.59 -20.65
CA MET D 314 -26.42 33.78 -20.39
C MET D 314 -26.17 35.05 -19.59
N VAL D 315 -27.05 36.05 -19.71
CA VAL D 315 -26.91 37.30 -18.98
C VAL D 315 -27.85 37.26 -17.79
N LEU D 316 -27.29 37.45 -16.59
CA LEU D 316 -28.00 37.23 -15.34
C LEU D 316 -28.51 38.55 -14.77
N ASP D 317 -29.72 38.50 -14.22
CA ASP D 317 -30.26 39.60 -13.43
C ASP D 317 -30.42 39.26 -11.96
N ALA D 318 -30.45 37.98 -11.61
CA ALA D 318 -30.50 37.52 -10.24
C ALA D 318 -29.50 36.39 -10.05
N VAL D 319 -29.10 36.17 -8.81
CA VAL D 319 -28.11 35.14 -8.46
C VAL D 319 -28.70 34.27 -7.36
N PRO D 320 -28.90 32.97 -7.59
CA PRO D 320 -29.43 32.12 -6.52
C PRO D 320 -28.42 31.90 -5.41
N VAL D 321 -28.93 31.60 -4.22
CA VAL D 321 -28.12 31.35 -3.04
C VAL D 321 -28.43 29.94 -2.54
N ILE D 322 -27.38 29.17 -2.29
CA ILE D 322 -27.50 27.78 -1.85
C ILE D 322 -28.03 27.78 -0.41
N PRO D 323 -28.73 26.73 0.02
CA PRO D 323 -29.25 26.71 1.39
C PRO D 323 -28.12 26.73 2.40
N PRO D 324 -28.37 27.24 3.61
CA PRO D 324 -27.25 27.44 4.55
C PRO D 324 -26.66 26.14 5.07
N GLU D 325 -27.49 25.13 5.34
CA GLU D 325 -27.01 23.89 5.93
C GLU D 325 -26.15 23.07 4.98
N LEU D 326 -26.10 23.45 3.70
CA LEU D 326 -25.15 22.88 2.76
C LEU D 326 -23.88 23.70 2.65
N ARG D 327 -23.82 24.89 3.25
CA ARG D 327 -22.62 25.70 3.34
C ARG D 327 -22.48 26.19 4.78
N PRO D 328 -22.32 25.29 5.74
CA PRO D 328 -22.30 25.67 7.15
C PRO D 328 -20.98 26.28 7.56
N MET D 329 -21.03 27.04 8.65
CA MET D 329 -19.85 27.65 9.26
C MET D 329 -19.67 27.08 10.66
N VAL D 330 -18.47 26.57 10.94
CA VAL D 330 -18.18 25.91 12.20
C VAL D 330 -17.27 26.81 13.02
N GLN D 331 -17.10 26.45 14.29
CA GLN D 331 -16.26 27.19 15.22
C GLN D 331 -15.14 26.30 15.70
N LEU D 332 -13.91 26.83 15.68
CA LEU D 332 -12.78 26.11 16.20
C LEU D 332 -12.88 25.98 17.73
N ASP D 333 -11.91 25.29 18.32
CA ASP D 333 -11.90 25.08 19.75
C ASP D 333 -11.92 26.42 20.48
N GLY D 334 -12.96 26.63 21.28
CA GLY D 334 -13.11 27.87 22.04
C GLY D 334 -14.33 28.66 21.65
N GLY D 335 -14.71 28.61 20.37
CA GLY D 335 -15.89 29.31 19.90
C GLY D 335 -15.59 30.40 18.89
N ARG D 336 -14.54 30.22 18.09
CA ARG D 336 -14.18 31.16 17.04
C ARG D 336 -14.57 30.57 15.70
N PHE D 337 -15.39 31.31 14.94
CA PHE D 337 -15.96 30.82 13.70
C PHE D 337 -15.00 31.08 12.55
N ALA D 338 -14.74 30.05 11.76
CA ALA D 338 -13.94 30.18 10.54
C ALA D 338 -14.89 30.16 9.33
N THR D 339 -14.80 31.19 8.51
CA THR D 339 -15.73 31.34 7.39
C THR D 339 -15.45 30.29 6.31
N SER D 340 -16.53 29.85 5.66
CA SER D 340 -16.40 28.98 4.50
C SER D 340 -16.10 29.80 3.26
N ASP D 341 -15.62 29.13 2.22
CA ASP D 341 -15.26 29.82 0.98
C ASP D 341 -16.50 30.41 0.31
N LEU D 342 -17.59 29.67 0.28
CA LEU D 342 -18.81 30.16 -0.38
C LEU D 342 -19.32 31.42 0.29
N ASN D 343 -19.32 31.45 1.62
CA ASN D 343 -19.84 32.60 2.34
C ASN D 343 -19.05 33.86 2.01
N ASP D 344 -17.73 33.74 1.90
CA ASP D 344 -16.90 34.90 1.61
C ASP D 344 -17.21 35.45 0.22
N LEU D 345 -17.37 34.57 -0.77
CA LEU D 345 -17.68 35.02 -2.12
C LEU D 345 -19.06 35.66 -2.19
N TYR D 346 -20.05 35.06 -1.53
CA TYR D 346 -21.37 35.69 -1.45
C TYR D 346 -21.28 37.06 -0.81
N ARG D 347 -20.49 37.18 0.26
CA ARG D 347 -20.33 38.45 0.96
C ARG D 347 -19.71 39.50 0.04
N ARG D 348 -18.68 39.11 -0.70
CA ARG D 348 -18.05 40.05 -1.64
C ARG D 348 -19.05 40.52 -2.69
N VAL D 349 -19.81 39.59 -3.26
CA VAL D 349 -20.78 39.98 -4.28
C VAL D 349 -21.81 40.94 -3.69
N ILE D 350 -22.29 40.64 -2.48
CA ILE D 350 -23.31 41.49 -1.86
C ILE D 350 -22.75 42.89 -1.58
N ASN D 351 -21.53 42.96 -1.04
CA ASN D 351 -20.90 44.25 -0.76
C ASN D 351 -20.80 45.08 -2.03
N ARG D 352 -20.27 44.48 -3.09
CA ARG D 352 -20.06 45.20 -4.33
C ARG D 352 -21.40 45.67 -4.90
N ASN D 353 -22.41 44.79 -4.86
CA ASN D 353 -23.72 45.15 -5.37
C ASN D 353 -24.30 46.34 -4.61
N ASN D 354 -24.23 46.30 -3.29
CA ASN D 354 -24.79 47.39 -2.49
C ASN D 354 -24.05 48.70 -2.74
N ARG D 355 -22.72 48.65 -2.81
CA ARG D 355 -21.97 49.89 -3.00
C ARG D 355 -22.24 50.49 -4.38
N LEU D 356 -22.31 49.64 -5.42
CA LEU D 356 -22.66 50.14 -6.73
C LEU D 356 -24.08 50.70 -6.76
N LYS D 357 -25.01 50.06 -6.06
CA LYS D 357 -26.37 50.57 -5.99
C LYS D 357 -26.39 51.96 -5.36
N ARG D 358 -25.64 52.14 -4.27
CA ARG D 358 -25.57 53.45 -3.64
C ARG D 358 -24.99 54.48 -4.60
N LEU D 359 -23.90 54.13 -5.28
CA LEU D 359 -23.26 55.07 -6.19
C LEU D 359 -24.20 55.49 -7.31
N ILE D 360 -24.94 54.55 -7.87
CA ILE D 360 -25.88 54.89 -8.94
C ILE D 360 -27.02 55.73 -8.40
N ASP D 361 -27.57 55.35 -7.24
CA ASP D 361 -28.73 56.06 -6.71
C ASP D 361 -28.37 57.51 -6.38
N LEU D 362 -27.21 57.72 -5.76
CA LEU D 362 -26.80 59.08 -5.39
C LEU D 362 -26.29 59.89 -6.58
N GLY D 363 -26.04 59.25 -7.72
CA GLY D 363 -25.51 59.95 -8.88
C GLY D 363 -24.01 60.12 -8.78
N ALA D 364 -23.30 59.88 -9.88
CA ALA D 364 -21.85 59.93 -9.87
C ALA D 364 -21.30 59.98 -11.29
N PRO D 365 -20.06 60.40 -11.48
CA PRO D 365 -19.49 60.40 -12.83
C PRO D 365 -19.42 59.00 -13.41
N GLU D 366 -19.50 58.93 -14.74
CA GLU D 366 -19.61 57.64 -15.43
C GLU D 366 -18.46 56.71 -15.07
N ILE D 367 -17.27 57.27 -14.84
CA ILE D 367 -16.09 56.43 -14.59
C ILE D 367 -16.28 55.58 -13.34
N ILE D 368 -16.78 56.20 -12.27
CA ILE D 368 -16.93 55.47 -11.00
C ILE D 368 -17.95 54.36 -11.16
N VAL D 369 -19.08 54.65 -11.81
CA VAL D 369 -20.12 53.64 -12.00
C VAL D 369 -19.60 52.49 -12.85
N ASN D 370 -18.87 52.80 -13.92
CA ASN D 370 -18.32 51.74 -14.77
C ASN D 370 -17.32 50.89 -14.00
N ASN D 371 -16.47 51.52 -13.19
CA ASN D 371 -15.49 50.77 -12.41
C ASN D 371 -16.20 49.83 -11.42
N GLU D 372 -17.24 50.34 -10.76
CA GLU D 372 -17.97 49.48 -9.83
C GLU D 372 -18.70 48.35 -10.53
N LYS D 373 -19.26 48.61 -11.72
CA LYS D 373 -19.91 47.54 -12.46
C LYS D 373 -18.91 46.48 -12.87
N ARG D 374 -17.70 46.90 -13.27
CA ARG D 374 -16.65 45.92 -13.57
C ARG D 374 -16.27 45.11 -12.33
N MET D 375 -16.14 45.75 -11.18
CA MET D 375 -15.79 45.04 -9.95
C MET D 375 -16.91 44.11 -9.48
N LEU D 376 -18.16 44.40 -9.80
CA LEU D 376 -19.25 43.47 -9.54
C LEU D 376 -19.25 42.31 -10.52
N GLN D 377 -18.98 42.56 -11.79
CA GLN D 377 -18.85 41.49 -12.77
C GLN D 377 -17.76 40.52 -12.36
N GLU D 378 -16.60 41.04 -11.95
CA GLU D 378 -15.50 40.17 -11.54
C GLU D 378 -15.87 39.33 -10.33
N SER D 379 -16.55 39.93 -9.35
CA SER D 379 -16.92 39.19 -8.15
C SER D 379 -17.92 38.08 -8.49
N VAL D 380 -18.91 38.37 -9.32
CA VAL D 380 -19.87 37.35 -9.71
C VAL D 380 -19.19 36.24 -10.49
N ASP D 381 -18.22 36.59 -11.36
CA ASP D 381 -17.48 35.56 -12.07
C ASP D 381 -16.70 34.66 -11.11
N ALA D 382 -16.05 35.26 -10.11
CA ALA D 382 -15.29 34.47 -9.15
C ALA D 382 -16.20 33.60 -8.29
N LEU D 383 -17.43 34.04 -8.04
CA LEU D 383 -18.36 33.21 -7.28
C LEU D 383 -18.59 31.88 -7.98
N PHE D 384 -18.96 31.91 -9.26
CA PHE D 384 -19.25 30.68 -9.98
C PHE D 384 -17.98 29.89 -10.28
N ASP D 385 -16.93 30.55 -10.77
CA ASP D 385 -15.70 29.88 -11.19
C ASP D 385 -14.52 30.77 -10.82
N ASN D 386 -13.90 30.49 -9.69
CA ASN D 386 -12.78 31.28 -9.20
C ASN D 386 -11.48 30.79 -9.85
N GLY D 387 -10.80 31.67 -10.56
CA GLY D 387 -9.54 31.35 -11.21
C GLY D 387 -9.62 31.14 -12.70
N ARG D 388 -10.82 31.07 -13.29
CA ARG D 388 -10.93 30.88 -14.73
C ARG D 388 -10.31 32.05 -15.48
N ARG D 389 -10.62 33.28 -15.05
CA ARG D 389 -10.11 34.49 -15.67
C ARG D 389 -9.40 35.32 -14.62
N GLY D 390 -8.19 35.76 -14.93
CA GLY D 390 -7.43 36.59 -14.01
C GLY D 390 -6.90 35.81 -12.82
N ARG D 391 -6.36 36.56 -11.87
CA ARG D 391 -5.79 35.96 -10.68
C ARG D 391 -6.91 35.39 -9.80
N PRO D 392 -6.75 34.18 -9.26
CA PRO D 392 -7.77 33.66 -8.34
C PRO D 392 -7.93 34.56 -7.13
N VAL D 393 -9.17 34.70 -6.67
CA VAL D 393 -9.44 35.41 -5.43
C VAL D 393 -8.97 34.53 -4.27
N THR D 394 -7.91 34.96 -3.60
CA THR D 394 -7.25 34.15 -2.58
C THR D 394 -7.64 34.62 -1.19
N GLY D 395 -7.76 33.66 -0.27
CA GLY D 395 -8.09 33.94 1.10
C GLY D 395 -6.85 33.95 1.98
N PRO D 396 -6.99 33.58 3.25
CA PRO D 396 -5.83 33.63 4.15
C PRO D 396 -4.73 32.67 3.70
N GLY D 397 -3.48 33.11 3.86
CA GLY D 397 -2.35 32.27 3.53
C GLY D 397 -2.10 32.10 2.05
N ASN D 398 -2.70 32.95 1.22
CA ASN D 398 -2.51 32.90 -0.23
C ASN D 398 -2.89 31.54 -0.80
N ARG D 399 -4.16 31.19 -0.62
CA ARG D 399 -4.72 29.98 -1.21
C ARG D 399 -6.04 30.32 -1.90
N PRO D 400 -6.24 29.88 -3.14
CA PRO D 400 -7.50 30.19 -3.83
C PRO D 400 -8.69 29.55 -3.12
N LEU D 401 -9.82 30.24 -3.20
CA LEU D 401 -11.04 29.79 -2.54
C LEU D 401 -11.74 28.73 -3.37
N LYS D 402 -12.60 27.96 -2.71
CA LYS D 402 -13.37 26.90 -3.36
C LYS D 402 -14.71 27.48 -3.82
N SER D 403 -14.85 27.65 -5.14
CA SER D 403 -16.06 28.23 -5.70
C SER D 403 -17.16 27.17 -5.76
N LEU D 404 -18.31 27.53 -6.33
CA LEU D 404 -19.39 26.57 -6.52
C LEU D 404 -19.01 25.50 -7.54
N SER D 405 -18.19 25.86 -8.53
CA SER D 405 -17.79 24.89 -9.54
C SER D 405 -16.88 23.82 -8.96
N ASP D 406 -16.04 24.17 -7.99
CA ASP D 406 -15.12 23.19 -7.41
C ASP D 406 -15.86 22.06 -6.71
N LEU D 407 -17.09 22.32 -6.27
CA LEU D 407 -17.85 21.31 -5.56
C LEU D 407 -18.19 20.11 -6.45
N LEU D 408 -18.19 20.30 -7.77
CA LEU D 408 -18.69 19.30 -8.70
C LEU D 408 -17.57 18.56 -9.44
N LYS D 409 -16.35 19.09 -9.46
CA LYS D 409 -15.29 18.58 -10.31
C LYS D 409 -14.20 17.91 -9.48
N GLY D 410 -13.50 16.97 -10.10
CA GLY D 410 -12.30 16.38 -9.54
C GLY D 410 -12.59 15.11 -8.78
N LYS D 411 -11.50 14.46 -8.38
CA LYS D 411 -11.56 13.23 -7.60
C LYS D 411 -12.18 13.44 -6.23
N GLN D 412 -12.20 14.68 -5.72
CA GLN D 412 -12.84 15.00 -4.46
C GLN D 412 -14.18 15.70 -4.65
N GLY D 413 -14.71 15.71 -5.87
CA GLY D 413 -15.97 16.36 -6.15
C GLY D 413 -17.15 15.54 -5.68
N ARG D 414 -18.34 16.07 -5.94
CA ARG D 414 -19.56 15.42 -5.47
C ARG D 414 -19.68 14.01 -6.01
N PHE D 415 -19.53 13.84 -7.33
CA PHE D 415 -19.77 12.53 -7.93
C PHE D 415 -18.83 11.47 -7.37
N ARG D 416 -17.54 11.55 -7.73
CA ARG D 416 -16.60 10.48 -7.47
C ARG D 416 -16.22 10.36 -5.99
N GLN D 417 -16.91 11.08 -5.12
CA GLN D 417 -16.59 11.02 -3.70
C GLN D 417 -17.83 10.71 -2.87
N ASN D 418 -19.03 10.96 -3.41
CA ASN D 418 -20.25 10.79 -2.66
C ASN D 418 -21.32 9.96 -3.35
N LEU D 419 -21.33 9.89 -4.68
CA LEU D 419 -22.37 9.17 -5.40
C LEU D 419 -21.91 7.82 -5.95
N LEU D 420 -20.63 7.71 -6.32
CA LEU D 420 -20.06 6.45 -6.78
C LEU D 420 -19.39 5.67 -5.65
N GLY D 421 -19.44 6.19 -4.43
CA GLY D 421 -18.88 5.50 -3.28
C GLY D 421 -19.45 6.08 -2.00
N LYS D 422 -19.55 5.24 -0.98
CA LYS D 422 -20.21 5.63 0.25
C LYS D 422 -19.42 5.12 1.44
N ARG D 423 -19.84 5.54 2.63
CA ARG D 423 -19.39 4.99 3.89
C ARG D 423 -20.55 4.20 4.48
N VAL D 424 -20.32 2.92 4.77
CA VAL D 424 -21.39 1.97 5.05
C VAL D 424 -21.25 1.46 6.48
N ASP D 425 -22.39 1.22 7.12
CA ASP D 425 -22.42 0.64 8.45
C ASP D 425 -22.24 -0.88 8.36
N TYR D 426 -22.22 -1.52 9.54
CA TYR D 426 -22.05 -2.97 9.63
C TYR D 426 -20.77 -3.40 8.92
N SER D 427 -19.66 -2.74 9.25
CA SER D 427 -18.39 -3.08 8.65
C SER D 427 -17.28 -2.82 9.67
N GLY D 428 -16.15 -3.50 9.46
CA GLY D 428 -15.01 -3.38 10.34
C GLY D 428 -13.73 -3.67 9.57
N ARG D 429 -12.63 -3.73 10.32
CA ARG D 429 -11.32 -3.92 9.72
C ARG D 429 -10.36 -4.43 10.78
N SER D 430 -9.46 -5.33 10.37
CA SER D 430 -8.43 -5.85 11.26
C SER D 430 -7.36 -6.52 10.41
N VAL D 431 -6.30 -6.97 11.07
CA VAL D 431 -5.20 -7.66 10.39
C VAL D 431 -5.61 -9.09 10.13
N ILE D 432 -5.02 -9.70 9.10
CA ILE D 432 -5.35 -11.06 8.69
C ILE D 432 -4.18 -11.98 9.02
N VAL D 433 -4.49 -13.16 9.55
CA VAL D 433 -3.51 -14.20 9.79
C VAL D 433 -4.03 -15.49 9.17
N VAL D 434 -3.14 -16.47 9.04
CA VAL D 434 -3.48 -17.70 8.33
C VAL D 434 -4.07 -18.71 9.31
N GLY D 435 -5.26 -19.21 9.00
CA GLY D 435 -5.84 -20.31 9.72
C GLY D 435 -5.84 -21.57 8.88
N PRO D 436 -4.92 -22.51 9.15
CA PRO D 436 -4.84 -23.72 8.34
C PRO D 436 -5.91 -24.77 8.64
N GLN D 437 -6.65 -24.62 9.72
CA GLN D 437 -7.69 -25.58 10.09
C GLN D 437 -9.06 -25.23 9.51
N LEU D 438 -9.16 -24.11 8.80
CA LEU D 438 -10.44 -23.69 8.25
C LEU D 438 -10.76 -24.46 6.97
N LYS D 439 -11.97 -24.27 6.49
CA LYS D 439 -12.43 -24.85 5.23
C LYS D 439 -12.75 -23.73 4.25
N LEU D 440 -12.77 -24.09 2.96
CA LEU D 440 -12.78 -23.07 1.92
C LEU D 440 -13.96 -22.12 2.05
N HIS D 441 -15.04 -22.56 2.70
CA HIS D 441 -16.21 -21.74 2.92
C HIS D 441 -16.25 -21.10 4.30
N GLN D 442 -15.14 -21.13 5.05
CA GLN D 442 -15.11 -20.69 6.42
C GLN D 442 -14.03 -19.63 6.64
N CYS D 443 -14.31 -18.74 7.59
CA CYS D 443 -13.35 -17.74 8.03
C CYS D 443 -13.42 -17.62 9.54
N GLY D 444 -12.33 -17.14 10.14
CA GLY D 444 -12.27 -16.91 11.57
C GLY D 444 -12.45 -15.44 11.87
N LEU D 445 -13.45 -15.14 12.71
CA LEU D 445 -13.79 -13.78 13.10
C LEU D 445 -13.53 -13.59 14.58
N PRO D 446 -12.68 -12.64 15.00
CA PRO D 446 -12.48 -12.42 16.44
C PRO D 446 -13.78 -12.34 17.22
N LYS D 447 -13.73 -12.63 18.51
CA LYS D 447 -14.92 -12.70 19.35
C LYS D 447 -15.21 -11.35 20.01
N LEU D 448 -14.69 -10.29 19.39
CA LEU D 448 -14.94 -8.93 19.86
C LEU D 448 -15.36 -8.04 18.71
N MET D 449 -15.16 -8.51 17.48
CA MET D 449 -15.67 -7.83 16.29
C MET D 449 -17.05 -8.35 15.90
N ALA D 450 -17.27 -9.66 16.09
CA ALA D 450 -18.59 -10.23 15.84
C ALA D 450 -19.63 -9.67 16.81
N LEU D 451 -19.25 -9.48 18.08
CA LEU D 451 -20.18 -8.94 19.06
C LEU D 451 -20.67 -7.55 18.68
N GLU D 452 -19.91 -6.80 17.89
CA GLU D 452 -20.33 -5.49 17.43
C GLU D 452 -21.02 -5.51 16.08
N LEU D 453 -20.56 -6.34 15.15
CA LEU D 453 -21.26 -6.45 13.87
C LEU D 453 -22.67 -7.00 14.04
N PHE D 454 -22.83 -8.00 14.93
CA PHE D 454 -24.10 -8.70 15.12
C PHE D 454 -24.85 -8.21 16.35
N LYS D 455 -24.75 -6.93 16.69
CA LYS D 455 -25.35 -6.43 17.92
C LYS D 455 -26.87 -6.55 17.93
N PRO D 456 -27.61 -6.09 16.92
CA PRO D 456 -29.08 -6.14 17.01
C PRO D 456 -29.64 -7.55 17.10
N PHE D 457 -29.06 -8.50 16.37
CA PHE D 457 -29.52 -9.89 16.47
C PHE D 457 -29.31 -10.42 17.88
N VAL D 458 -28.16 -10.09 18.48
CA VAL D 458 -27.88 -10.55 19.84
C VAL D 458 -28.88 -9.95 20.80
N MET D 459 -29.22 -8.67 20.64
CA MET D 459 -30.22 -8.06 21.51
C MET D 459 -31.57 -8.74 21.36
N LYS D 460 -31.97 -9.00 20.11
CA LYS D 460 -33.24 -9.70 19.88
C LYS D 460 -33.25 -11.05 20.58
N ARG D 461 -32.18 -11.84 20.42
CA ARG D 461 -32.17 -13.17 21.00
C ARG D 461 -32.11 -13.12 22.53
N LEU D 462 -31.40 -12.14 23.08
CA LEU D 462 -31.40 -11.97 24.53
C LEU D 462 -32.80 -11.68 25.05
N VAL D 463 -33.53 -10.80 24.37
CA VAL D 463 -34.90 -10.51 24.80
C VAL D 463 -35.77 -11.75 24.65
N ASP D 464 -35.59 -12.50 23.56
CA ASP D 464 -36.41 -13.68 23.33
C ASP D 464 -36.18 -14.74 24.41
N LEU D 465 -34.92 -14.95 24.80
CA LEU D 465 -34.58 -15.97 25.77
C LEU D 465 -34.82 -15.53 27.22
N ASN D 466 -35.56 -14.45 27.43
CA ASN D 466 -35.92 -13.97 28.76
C ASN D 466 -34.70 -13.56 29.58
N HIS D 467 -33.53 -13.40 28.95
CA HIS D 467 -32.36 -12.90 29.65
C HIS D 467 -32.45 -11.41 29.91
N ALA D 468 -33.31 -10.68 29.20
CA ALA D 468 -33.52 -9.26 29.44
C ALA D 468 -34.98 -8.96 29.18
N GLN D 469 -35.64 -8.30 30.14
CA GLN D 469 -37.07 -8.05 30.00
C GLN D 469 -37.38 -7.14 28.83
N ASN D 470 -36.51 -6.18 28.54
CA ASN D 470 -36.77 -5.22 27.48
C ASN D 470 -35.52 -4.99 26.62
N ILE D 471 -35.57 -3.99 25.74
CA ILE D 471 -34.46 -3.77 24.81
C ILE D 471 -33.33 -3.00 25.48
N LYS D 472 -33.64 -2.10 26.41
CA LYS D 472 -32.61 -1.29 27.04
C LYS D 472 -31.68 -2.15 27.89
N SER D 473 -32.26 -3.06 28.67
CA SER D 473 -31.45 -3.96 29.49
C SER D 473 -30.58 -4.85 28.62
N ALA D 474 -31.12 -5.36 27.51
CA ALA D 474 -30.31 -6.16 26.59
C ALA D 474 -29.18 -5.35 25.99
N LYS D 475 -29.45 -4.10 25.63
CA LYS D 475 -28.41 -3.24 25.07
C LYS D 475 -27.29 -3.03 26.07
N ARG D 476 -27.62 -2.72 27.31
CA ARG D 476 -26.59 -2.51 28.33
C ARG D 476 -25.86 -3.79 28.67
N MET D 477 -26.55 -4.93 28.68
CA MET D 477 -25.89 -6.21 28.90
C MET D 477 -24.91 -6.53 27.79
N VAL D 478 -25.27 -6.26 26.53
CA VAL D 478 -24.32 -6.40 25.44
C VAL D 478 -23.13 -5.47 25.65
N GLU D 479 -23.39 -4.24 26.10
CA GLU D 479 -22.31 -3.30 26.32
C GLU D 479 -21.42 -3.68 27.51
N ARG D 480 -21.88 -4.57 28.39
CA ARG D 480 -21.09 -5.00 29.53
C ARG D 480 -20.51 -6.40 29.40
N GLN D 481 -20.86 -7.14 28.34
CA GLN D 481 -20.27 -8.45 28.05
C GLN D 481 -20.44 -9.41 29.22
N ARG D 482 -21.70 -9.73 29.52
CA ARG D 482 -21.99 -10.78 30.48
C ARG D 482 -21.67 -12.15 29.87
N PRO D 483 -21.43 -13.16 30.72
CA PRO D 483 -20.94 -14.46 30.19
C PRO D 483 -21.92 -15.16 29.26
N GLN D 484 -23.18 -14.75 29.21
CA GLN D 484 -24.19 -15.41 28.39
C GLN D 484 -24.34 -14.78 27.01
N VAL D 485 -23.85 -13.55 26.82
CA VAL D 485 -23.93 -12.91 25.51
C VAL D 485 -23.15 -13.73 24.49
N TRP D 486 -22.02 -14.32 24.90
CA TRP D 486 -21.25 -15.15 23.99
C TRP D 486 -22.03 -16.42 23.62
N ASP D 487 -22.71 -17.02 24.61
CA ASP D 487 -23.47 -18.23 24.34
C ASP D 487 -24.60 -17.95 23.35
N VAL D 488 -25.27 -16.81 23.48
CA VAL D 488 -26.31 -16.49 22.51
C VAL D 488 -25.68 -16.09 21.16
N LEU D 489 -24.51 -15.45 21.18
CA LEU D 489 -23.88 -15.00 19.94
C LEU D 489 -23.49 -16.17 19.06
N GLU D 490 -22.95 -17.23 19.65
CA GLU D 490 -22.56 -18.39 18.85
C GLU D 490 -23.75 -18.95 18.08
N GLU D 491 -24.94 -18.90 18.68
CA GLU D 491 -26.14 -19.35 17.97
C GLU D 491 -26.60 -18.31 16.96
N VAL D 492 -26.46 -17.02 17.30
CA VAL D 492 -26.95 -15.96 16.42
C VAL D 492 -26.20 -15.96 15.10
N ILE D 493 -24.86 -16.08 15.15
CA ILE D 493 -24.05 -15.96 13.94
C ILE D 493 -24.06 -17.21 13.07
N ALA D 494 -24.75 -18.27 13.49
CA ALA D 494 -24.74 -19.51 12.74
C ALA D 494 -25.45 -19.34 11.39
N GLU D 495 -24.85 -19.88 10.34
CA GLU D 495 -25.44 -19.85 9.00
C GLU D 495 -25.81 -18.42 8.59
N HIS D 496 -24.86 -17.50 8.72
CA HIS D 496 -25.04 -16.13 8.28
C HIS D 496 -23.76 -15.68 7.58
N PRO D 497 -23.74 -15.61 6.25
CA PRO D 497 -22.48 -15.35 5.54
C PRO D 497 -21.99 -13.93 5.75
N VAL D 498 -20.68 -13.77 5.54
CA VAL D 498 -19.98 -12.51 5.75
C VAL D 498 -19.14 -12.21 4.51
N LEU D 499 -19.08 -10.93 4.15
CA LEU D 499 -18.35 -10.46 2.98
C LEU D 499 -17.04 -9.84 3.41
N LEU D 500 -15.93 -10.34 2.87
CA LEU D 500 -14.59 -9.84 3.15
C LEU D 500 -13.99 -9.23 1.90
N ASN D 501 -13.30 -8.11 2.08
CA ASN D 501 -12.78 -7.33 0.96
C ASN D 501 -11.39 -6.81 1.27
N ARG D 502 -10.49 -6.90 0.30
CA ARG D 502 -9.15 -6.35 0.39
C ARG D 502 -8.95 -5.31 -0.70
N ALA D 503 -8.36 -4.18 -0.32
CA ALA D 503 -8.07 -3.12 -1.29
C ALA D 503 -6.62 -3.20 -1.74
N PRO D 504 -6.32 -2.94 -3.03
CA PRO D 504 -7.23 -2.56 -4.12
C PRO D 504 -8.07 -3.74 -4.62
N THR D 505 -9.31 -3.48 -5.07
CA THR D 505 -10.16 -4.51 -5.63
C THR D 505 -9.98 -4.52 -7.15
N LEU D 506 -8.88 -5.15 -7.58
CA LEU D 506 -8.54 -5.13 -8.99
C LEU D 506 -9.58 -5.84 -9.84
N HIS D 507 -10.11 -6.97 -9.37
CA HIS D 507 -11.03 -7.80 -10.15
C HIS D 507 -12.20 -8.24 -9.28
N ARG D 508 -12.99 -9.16 -9.82
CA ARG D 508 -14.25 -9.53 -9.18
C ARG D 508 -14.02 -10.32 -7.90
N LEU D 509 -13.06 -11.23 -7.90
CA LEU D 509 -12.80 -12.11 -6.77
C LEU D 509 -12.17 -11.38 -5.59
N GLY D 510 -12.07 -10.05 -5.64
CA GLY D 510 -11.60 -9.30 -4.49
C GLY D 510 -12.63 -9.18 -3.39
N ILE D 511 -13.86 -9.60 -3.65
CA ILE D 511 -14.91 -9.68 -2.64
C ILE D 511 -15.51 -11.08 -2.71
N GLN D 512 -15.44 -11.82 -1.61
CA GLN D 512 -15.97 -13.17 -1.54
C GLN D 512 -16.67 -13.35 -0.20
N ALA D 513 -17.61 -14.30 -0.17
CA ALA D 513 -18.43 -14.56 1.00
C ALA D 513 -18.00 -15.85 1.67
N PHE D 514 -17.82 -15.80 3.00
CA PHE D 514 -17.43 -16.94 3.80
C PHE D 514 -18.45 -17.13 4.92
N GLU D 515 -18.18 -18.12 5.78
CA GLU D 515 -19.03 -18.40 6.94
C GLU D 515 -18.26 -18.11 8.22
N PRO D 516 -18.81 -17.32 9.16
CA PRO D 516 -18.03 -16.92 10.33
C PRO D 516 -18.00 -17.97 11.44
N MET D 517 -16.82 -18.26 11.97
CA MET D 517 -16.66 -19.05 13.17
C MET D 517 -15.75 -18.31 14.14
N LEU D 518 -16.23 -18.08 15.36
CA LEU D 518 -15.50 -17.25 16.31
C LEU D 518 -14.18 -17.90 16.70
N VAL D 519 -13.14 -17.07 16.81
CA VAL D 519 -11.80 -17.55 17.15
C VAL D 519 -11.26 -16.70 18.31
N GLU D 520 -10.05 -17.00 18.75
CA GLU D 520 -9.41 -16.30 19.85
C GLU D 520 -8.34 -15.37 19.29
N GLY D 521 -8.38 -14.10 19.72
CA GLY D 521 -7.43 -13.10 19.29
C GLY D 521 -8.14 -11.88 18.78
N LYS D 522 -7.39 -11.03 18.07
CA LYS D 522 -7.92 -9.83 17.48
C LYS D 522 -7.66 -9.73 15.98
N ALA D 523 -7.24 -10.81 15.34
CA ALA D 523 -6.98 -10.84 13.91
C ALA D 523 -7.96 -11.77 13.21
N ILE D 524 -8.10 -11.56 11.90
CA ILE D 524 -8.98 -12.37 11.08
C ILE D 524 -8.18 -13.54 10.50
N GLN D 525 -8.76 -14.73 10.54
CA GLN D 525 -8.10 -15.94 10.07
C GLN D 525 -8.61 -16.26 8.66
N LEU D 526 -7.72 -16.18 7.68
CA LEU D 526 -8.07 -16.32 6.27
C LEU D 526 -7.58 -17.67 5.76
N HIS D 527 -8.46 -18.38 5.07
CA HIS D 527 -8.10 -19.69 4.53
C HIS D 527 -6.94 -19.53 3.55
N PRO D 528 -5.93 -20.41 3.58
CA PRO D 528 -4.75 -20.20 2.74
C PRO D 528 -5.02 -20.26 1.24
N LEU D 529 -6.14 -20.83 0.80
CA LEU D 529 -6.36 -21.04 -0.62
C LEU D 529 -6.99 -19.84 -1.32
N VAL D 530 -7.46 -18.84 -0.56
CA VAL D 530 -8.05 -17.64 -1.16
C VAL D 530 -7.05 -16.50 -1.27
N CYS D 531 -5.80 -16.70 -0.85
CA CYS D 531 -4.83 -15.61 -0.86
C CYS D 531 -4.54 -15.15 -2.29
N GLU D 532 -4.39 -16.09 -3.22
CA GLU D 532 -4.10 -15.70 -4.60
C GLU D 532 -5.26 -14.90 -5.20
N ALA D 533 -6.49 -15.31 -4.91
CA ALA D 533 -7.64 -14.55 -5.37
C ALA D 533 -7.64 -13.15 -4.78
N PHE D 534 -7.34 -13.04 -3.49
CA PHE D 534 -7.25 -11.73 -2.86
C PHE D 534 -5.90 -11.06 -3.08
N ASN D 535 -4.89 -11.80 -3.57
CA ASN D 535 -3.53 -11.27 -3.69
C ASN D 535 -3.03 -10.76 -2.34
N ALA D 536 -3.29 -11.53 -1.29
CA ALA D 536 -2.99 -11.14 0.07
C ALA D 536 -1.80 -11.92 0.61
N ASP D 537 -1.12 -11.32 1.58
CA ASP D 537 -0.03 -11.97 2.29
C ASP D 537 -0.16 -11.62 3.77
N PHE D 538 0.77 -12.13 4.57
CA PHE D 538 0.67 -12.00 6.02
C PHE D 538 1.87 -11.27 6.60
N ASP D 539 2.26 -10.16 5.97
CA ASP D 539 3.34 -9.31 6.49
C ASP D 539 2.82 -7.94 6.94
N GLY D 540 1.52 -7.82 7.20
CA GLY D 540 0.94 -6.58 7.68
C GLY D 540 -0.31 -6.16 6.95
N ASP D 541 -0.81 -7.02 6.06
CA ASP D 541 -2.00 -6.70 5.29
C ASP D 541 -3.23 -6.62 6.19
N GLN D 542 -4.22 -5.85 5.74
CA GLN D 542 -5.49 -5.72 6.45
C GLN D 542 -6.63 -5.90 5.47
N MET D 543 -7.82 -6.16 6.02
CA MET D 543 -9.00 -6.43 5.21
C MET D 543 -10.24 -5.88 5.91
N ALA D 544 -11.28 -5.63 5.13
CA ALA D 544 -12.54 -5.13 5.66
C ALA D 544 -13.59 -6.25 5.64
N VAL D 545 -14.66 -6.03 6.40
CA VAL D 545 -15.70 -7.04 6.59
C VAL D 545 -17.06 -6.35 6.44
N HIS D 546 -17.98 -7.00 5.75
CA HIS D 546 -19.32 -6.48 5.54
C HIS D 546 -20.33 -7.57 5.86
N LEU D 547 -21.52 -7.14 6.30
CA LEU D 547 -22.58 -8.06 6.71
C LEU D 547 -23.85 -7.76 5.94
N PRO D 548 -24.29 -8.62 5.02
CA PRO D 548 -25.57 -8.39 4.34
C PRO D 548 -26.74 -8.69 5.26
N LEU D 549 -27.78 -7.85 5.19
CA LEU D 549 -28.88 -7.93 6.15
C LEU D 549 -30.10 -8.64 5.58
N SER D 550 -30.66 -8.11 4.49
CA SER D 550 -31.95 -8.58 4.00
C SER D 550 -31.84 -9.98 3.39
N ALA D 551 -33.00 -10.60 3.13
CA ALA D 551 -33.00 -11.97 2.61
C ALA D 551 -32.35 -12.05 1.24
N GLU D 552 -32.64 -11.09 0.37
CA GLU D 552 -32.03 -11.11 -0.96
C GLU D 552 -30.52 -11.00 -0.88
N ALA D 553 -30.00 -10.12 0.00
CA ALA D 553 -28.57 -9.97 0.14
C ALA D 553 -27.92 -11.26 0.65
N GLN D 554 -28.57 -11.92 1.60
CA GLN D 554 -28.03 -13.17 2.12
C GLN D 554 -28.05 -14.27 1.06
N ALA D 555 -29.12 -14.33 0.26
CA ALA D 555 -29.14 -15.31 -0.83
C ALA D 555 -28.05 -15.02 -1.85
N GLU D 556 -27.84 -13.75 -2.17
CA GLU D 556 -26.77 -13.38 -3.09
C GLU D 556 -25.42 -13.81 -2.54
N ALA D 557 -25.18 -13.55 -1.25
CA ALA D 557 -23.92 -13.95 -0.64
C ALA D 557 -23.74 -15.46 -0.68
N ARG D 558 -24.81 -16.20 -0.37
CA ARG D 558 -24.71 -17.64 -0.24
C ARG D 558 -24.56 -18.35 -1.58
N ILE D 559 -25.19 -17.86 -2.64
CA ILE D 559 -25.15 -18.53 -3.93
C ILE D 559 -24.17 -17.87 -4.91
N LEU D 560 -24.23 -16.56 -5.08
CA LEU D 560 -23.40 -15.86 -6.06
C LEU D 560 -21.96 -15.69 -5.59
N MET D 561 -21.75 -15.19 -4.37
CA MET D 561 -20.45 -14.75 -3.92
C MET D 561 -19.74 -15.73 -2.99
N LEU D 562 -20.30 -16.93 -2.78
CA LEU D 562 -19.65 -17.87 -1.88
C LEU D 562 -18.31 -18.32 -2.45
N SER D 563 -17.32 -18.45 -1.57
CA SER D 563 -15.96 -18.74 -2.00
C SER D 563 -15.85 -20.09 -2.68
N SER D 564 -16.53 -21.11 -2.14
CA SER D 564 -16.38 -22.46 -2.66
C SER D 564 -16.97 -22.61 -4.06
N ASN D 565 -17.86 -21.70 -4.45
CA ASN D 565 -18.40 -21.72 -5.81
C ASN D 565 -17.54 -20.94 -6.80
N ASN D 566 -16.55 -20.20 -6.34
CA ASN D 566 -15.68 -19.39 -7.19
C ASN D 566 -14.27 -19.97 -7.09
N ILE D 567 -13.97 -20.94 -7.97
CA ILE D 567 -12.67 -21.59 -7.99
C ILE D 567 -11.87 -21.25 -9.25
N LEU D 568 -12.54 -20.82 -10.32
CA LEU D 568 -11.88 -20.57 -11.60
C LEU D 568 -11.82 -19.08 -11.87
N SER D 569 -10.74 -18.65 -12.52
CA SER D 569 -10.57 -17.24 -12.84
C SER D 569 -11.56 -16.84 -13.93
N PRO D 570 -12.39 -15.82 -13.73
CA PRO D 570 -13.27 -15.36 -14.81
C PRO D 570 -12.51 -14.85 -16.02
N ALA D 571 -11.28 -14.35 -15.84
CA ALA D 571 -10.53 -13.80 -16.96
C ALA D 571 -10.08 -14.89 -17.92
N SER D 572 -9.67 -16.04 -17.41
CA SER D 572 -9.09 -17.09 -18.24
C SER D 572 -9.65 -18.48 -18.01
N GLY D 573 -10.28 -18.77 -16.87
CA GLY D 573 -10.80 -20.08 -16.60
C GLY D 573 -9.86 -20.99 -15.82
N ARG D 574 -8.65 -20.55 -15.51
CA ARG D 574 -7.74 -21.36 -14.73
C ARG D 574 -8.16 -21.36 -13.26
N PRO D 575 -7.89 -22.45 -12.53
CA PRO D 575 -8.26 -22.48 -11.11
C PRO D 575 -7.41 -21.51 -10.30
N LEU D 576 -8.04 -20.93 -9.28
CA LEU D 576 -7.36 -20.00 -8.37
C LEU D 576 -7.30 -20.50 -6.94
N ALA D 577 -8.04 -21.55 -6.59
CA ALA D 577 -7.94 -22.19 -5.29
C ALA D 577 -6.97 -23.36 -5.29
N MET D 578 -5.99 -23.34 -6.18
CA MET D 578 -5.01 -24.40 -6.32
C MET D 578 -3.96 -24.31 -5.20
N PRO D 579 -3.39 -25.44 -4.77
CA PRO D 579 -2.31 -25.36 -3.76
C PRO D 579 -1.08 -24.66 -4.31
N ARG D 580 -0.32 -24.04 -3.41
CA ARG D 580 0.87 -23.31 -3.79
C ARG D 580 1.86 -23.28 -2.63
N LEU D 581 3.14 -23.08 -2.97
CA LEU D 581 4.21 -22.96 -1.99
C LEU D 581 4.36 -24.22 -1.15
N ASP D 582 4.02 -24.15 0.14
CA ASP D 582 4.29 -25.26 1.04
C ASP D 582 3.49 -26.50 0.64
N MET D 583 2.24 -26.32 0.24
CA MET D 583 1.43 -27.46 -0.18
C MET D 583 2.03 -28.12 -1.41
N VAL D 584 2.49 -27.33 -2.37
CA VAL D 584 3.11 -27.89 -3.57
C VAL D 584 4.37 -28.66 -3.18
N THR D 585 5.19 -28.10 -2.30
CA THR D 585 6.39 -28.79 -1.86
C THR D 585 6.05 -30.12 -1.18
N GLY D 586 5.05 -30.11 -0.29
CA GLY D 586 4.70 -31.32 0.41
C GLY D 586 4.20 -32.41 -0.51
N LEU D 587 3.29 -32.07 -1.42
CA LEU D 587 2.76 -33.07 -2.35
C LEU D 587 3.84 -33.55 -3.31
N TYR D 588 4.70 -32.64 -3.79
CA TYR D 588 5.78 -33.02 -4.68
C TYR D 588 6.73 -33.99 -4.00
N TYR D 589 7.06 -33.74 -2.73
CA TYR D 589 7.89 -34.68 -1.98
C TYR D 589 7.18 -36.01 -1.81
N LEU D 590 5.90 -35.98 -1.43
CA LEU D 590 5.17 -37.21 -1.16
C LEU D 590 5.13 -38.12 -2.38
N THR D 591 4.75 -37.57 -3.53
CA THR D 591 4.54 -38.38 -4.74
C THR D 591 5.84 -38.48 -5.53
N THR D 592 6.89 -38.93 -4.86
CA THR D 592 8.20 -39.09 -5.48
C THR D 592 8.69 -40.51 -5.25
N GLU D 593 9.44 -41.03 -6.22
CA GLU D 593 10.00 -42.38 -6.17
C GLU D 593 11.52 -42.25 -6.23
N VAL D 594 12.19 -42.51 -5.12
CA VAL D 594 13.64 -42.42 -5.02
C VAL D 594 14.22 -43.83 -5.19
N PRO D 595 15.06 -44.07 -6.20
CA PRO D 595 15.61 -45.42 -6.38
C PRO D 595 16.45 -45.86 -5.20
N GLY D 596 16.47 -47.16 -4.95
CA GLY D 596 17.28 -47.72 -3.88
C GLY D 596 16.86 -47.29 -2.50
N ASP D 597 15.56 -47.19 -2.26
CA ASP D 597 15.02 -46.74 -0.98
C ASP D 597 14.81 -47.94 -0.05
N THR D 598 14.59 -47.64 1.23
CA THR D 598 14.40 -48.68 2.22
C THR D 598 13.11 -49.45 1.94
N GLY D 599 13.20 -50.77 2.01
CA GLY D 599 12.04 -51.61 1.79
C GLY D 599 11.64 -51.75 0.34
N GLU D 600 12.50 -51.34 -0.58
CA GLU D 600 12.16 -51.36 -2.00
C GLU D 600 11.84 -52.77 -2.45
N TYR D 601 10.95 -52.87 -3.44
CA TYR D 601 10.63 -54.15 -4.04
C TYR D 601 11.85 -54.75 -4.72
N GLN D 602 12.10 -56.03 -4.45
CA GLN D 602 13.25 -56.74 -5.02
C GLN D 602 12.75 -58.01 -5.70
N PRO D 603 13.12 -58.24 -6.96
CA PRO D 603 12.70 -59.49 -7.62
C PRO D 603 13.26 -60.70 -6.90
N ALA D 604 12.75 -61.87 -7.29
CA ALA D 604 13.21 -63.11 -6.69
C ALA D 604 14.68 -63.35 -7.04
N SER D 605 15.49 -63.62 -6.02
CA SER D 605 16.91 -63.81 -6.18
C SER D 605 17.30 -65.27 -6.38
N GLY D 606 16.31 -66.17 -6.49
CA GLY D 606 16.58 -67.59 -6.65
C GLY D 606 16.66 -68.37 -5.36
N ASP D 607 16.65 -67.71 -4.20
CA ASP D 607 16.66 -68.37 -2.91
C ASP D 607 15.45 -68.05 -2.05
N HIS D 608 14.91 -66.84 -2.15
CA HIS D 608 13.75 -66.42 -1.39
C HIS D 608 12.72 -65.79 -2.33
N PRO D 609 11.45 -65.78 -1.94
CA PRO D 609 10.43 -65.21 -2.83
C PRO D 609 10.58 -63.70 -3.00
N GLU D 610 9.70 -63.10 -3.79
CA GLU D 610 9.78 -61.66 -4.00
C GLU D 610 9.59 -60.92 -2.68
N THR D 611 10.35 -59.84 -2.51
CA THR D 611 10.28 -59.00 -1.33
C THR D 611 9.74 -57.64 -1.73
N GLY D 612 8.77 -57.14 -0.97
CA GLY D 612 8.15 -55.86 -1.26
C GLY D 612 6.82 -55.92 -1.94
N VAL D 613 6.12 -57.06 -1.88
CA VAL D 613 4.77 -57.19 -2.40
C VAL D 613 3.82 -57.31 -1.21
N TYR D 614 2.86 -56.40 -1.12
CA TYR D 614 1.98 -56.28 0.04
C TYR D 614 0.55 -56.59 -0.36
N SER D 615 -0.27 -56.99 0.61
CA SER D 615 -1.62 -57.45 0.31
C SER D 615 -2.67 -56.37 0.53
N SER D 616 -2.28 -55.17 0.95
CA SER D 616 -3.22 -54.07 1.15
C SER D 616 -2.42 -52.82 1.49
N PRO D 617 -2.97 -51.64 1.21
CA PRO D 617 -2.32 -50.42 1.70
C PRO D 617 -2.27 -50.32 3.21
N ALA D 618 -3.15 -51.04 3.92
CA ALA D 618 -3.08 -51.05 5.37
C ALA D 618 -1.81 -51.74 5.85
N GLU D 619 -1.46 -52.88 5.25
CA GLU D 619 -0.23 -53.56 5.62
C GLU D 619 0.99 -52.75 5.23
N ALA D 620 0.94 -52.05 4.09
CA ALA D 620 2.03 -51.17 3.71
C ALA D 620 2.19 -50.03 4.70
N ILE D 621 1.07 -49.47 5.17
CA ILE D 621 1.13 -48.41 6.17
C ILE D 621 1.72 -48.95 7.46
N MET D 622 1.34 -50.16 7.85
CA MET D 622 1.90 -50.76 9.06
C MET D 622 3.42 -50.92 8.93
N ALA D 623 3.87 -51.45 7.79
CA ALA D 623 5.30 -51.62 7.57
C ALA D 623 6.03 -50.28 7.59
N ALA D 624 5.46 -49.26 6.94
CA ALA D 624 6.10 -47.96 6.92
C ALA D 624 6.20 -47.38 8.33
N ASP D 625 5.11 -47.45 9.10
CA ASP D 625 5.14 -46.96 10.47
C ASP D 625 6.02 -47.80 11.38
N ARG D 626 6.41 -49.00 10.94
CA ARG D 626 7.37 -49.80 11.69
C ARG D 626 8.81 -49.50 11.30
N GLY D 627 9.03 -48.60 10.34
CA GLY D 627 10.37 -48.25 9.91
C GLY D 627 10.99 -49.21 8.91
N VAL D 628 10.23 -50.17 8.39
CA VAL D 628 10.77 -51.14 7.44
C VAL D 628 10.54 -50.74 5.99
N LEU D 629 9.62 -49.81 5.74
CA LEU D 629 9.31 -49.37 4.39
C LEU D 629 9.32 -47.84 4.34
N SER D 630 9.72 -47.32 3.18
CA SER D 630 9.73 -45.88 2.94
C SER D 630 8.55 -45.50 2.07
N VAL D 631 7.91 -44.38 2.42
CA VAL D 631 6.75 -43.90 1.66
C VAL D 631 7.09 -43.54 0.23
N ARG D 632 8.38 -43.33 -0.08
CA ARG D 632 8.81 -42.97 -1.42
C ARG D 632 9.56 -44.12 -2.09
N ALA D 633 9.27 -45.35 -1.69
CA ALA D 633 9.91 -46.55 -2.24
C ALA D 633 8.93 -47.27 -3.15
N LYS D 634 9.46 -47.87 -4.22
CA LYS D 634 8.62 -48.58 -5.18
C LYS D 634 8.22 -49.94 -4.62
N ILE D 635 6.92 -50.16 -4.49
CA ILE D 635 6.37 -51.41 -3.98
C ILE D 635 5.30 -51.90 -4.94
N LYS D 636 4.81 -53.12 -4.68
CA LYS D 636 3.70 -53.70 -5.41
C LYS D 636 2.58 -54.02 -4.43
N VAL D 637 1.51 -53.25 -4.48
CA VAL D 637 0.38 -53.42 -3.58
C VAL D 637 -0.79 -54.03 -4.36
N ARG D 638 -1.82 -54.44 -3.62
CA ARG D 638 -3.03 -55.04 -4.18
C ARG D 638 -4.18 -54.09 -3.84
N LEU D 639 -4.61 -53.33 -4.84
CA LEU D 639 -5.59 -52.27 -4.62
C LEU D 639 -6.99 -52.76 -4.96
N THR D 640 -7.97 -52.36 -4.14
CA THR D 640 -9.37 -52.72 -4.38
C THR D 640 -10.31 -51.55 -4.15
N GLN D 641 -9.81 -50.36 -3.85
CA GLN D 641 -10.65 -49.17 -3.72
C GLN D 641 -10.29 -48.07 -4.71
N LEU D 642 -9.15 -48.17 -5.40
CA LEU D 642 -8.75 -47.20 -6.40
C LEU D 642 -9.06 -47.77 -7.79
N ARG D 643 -9.70 -46.96 -8.62
CA ARG D 643 -10.04 -47.40 -9.97
C ARG D 643 -8.77 -47.47 -10.82
N PRO D 644 -8.56 -48.54 -11.56
CA PRO D 644 -7.30 -48.70 -12.31
C PRO D 644 -7.18 -47.67 -13.43
N PRO D 645 -5.98 -47.50 -13.98
CA PRO D 645 -5.82 -46.60 -15.13
C PRO D 645 -6.65 -47.03 -16.34
N VAL D 646 -6.65 -46.22 -17.39
CA VAL D 646 -7.43 -46.53 -18.58
C VAL D 646 -6.90 -47.81 -19.24
N GLU D 647 -5.59 -47.86 -19.49
CA GLU D 647 -5.01 -49.00 -20.18
C GLU D 647 -5.12 -50.27 -19.35
N ILE D 648 -4.81 -50.18 -18.05
CA ILE D 648 -4.87 -51.35 -17.19
C ILE D 648 -6.29 -51.88 -17.10
N GLU D 649 -7.26 -50.98 -16.92
CA GLU D 649 -8.66 -51.42 -16.85
C GLU D 649 -9.11 -52.03 -18.16
N ALA D 650 -8.72 -51.42 -19.29
CA ALA D 650 -9.13 -51.94 -20.58
C ALA D 650 -8.58 -53.33 -20.83
N GLU D 651 -7.32 -53.56 -20.48
CA GLU D 651 -6.67 -54.85 -20.74
C GLU D 651 -6.89 -55.86 -19.62
N LEU D 652 -7.49 -55.46 -18.50
CA LEU D 652 -7.63 -56.34 -17.34
C LEU D 652 -9.10 -56.65 -17.03
N PHE D 653 -9.92 -55.62 -16.82
CA PHE D 653 -11.34 -55.82 -16.57
C PHE D 653 -12.16 -55.73 -17.86
N GLY D 654 -11.91 -54.71 -18.67
CA GLY D 654 -12.72 -54.52 -19.86
C GLY D 654 -14.18 -54.37 -19.47
N HIS D 655 -15.04 -55.14 -20.13
CA HIS D 655 -16.45 -55.18 -19.79
C HIS D 655 -17.04 -53.77 -19.75
N SER D 656 -17.26 -53.22 -18.56
CA SER D 656 -17.83 -51.88 -18.42
C SER D 656 -16.98 -51.05 -17.46
N GLY D 657 -16.44 -51.69 -16.44
CA GLY D 657 -15.66 -50.97 -15.46
C GLY D 657 -15.16 -51.91 -14.38
N TRP D 658 -14.54 -51.33 -13.36
CA TRP D 658 -13.97 -52.11 -12.28
C TRP D 658 -14.97 -52.43 -11.17
N GLN D 659 -16.14 -51.79 -11.17
CA GLN D 659 -17.22 -52.22 -10.28
C GLN D 659 -16.73 -52.28 -8.84
N PRO D 660 -16.61 -51.14 -8.14
CA PRO D 660 -15.87 -51.09 -6.88
C PRO D 660 -16.01 -52.34 -6.01
N GLY D 661 -14.88 -52.82 -5.50
CA GLY D 661 -14.78 -54.07 -4.79
C GLY D 661 -13.85 -55.06 -5.45
N ASP D 662 -13.58 -54.88 -6.74
CA ASP D 662 -12.66 -55.77 -7.45
C ASP D 662 -11.22 -55.44 -7.08
N ALA D 663 -10.31 -56.35 -7.39
CA ALA D 663 -8.91 -56.23 -7.00
C ALA D 663 -8.00 -56.28 -8.23
N TRP D 664 -6.96 -55.44 -8.19
CA TRP D 664 -5.95 -55.40 -9.22
C TRP D 664 -4.61 -55.06 -8.59
N MET D 665 -3.53 -55.45 -9.26
CA MET D 665 -2.18 -55.25 -8.74
C MET D 665 -1.55 -54.01 -9.36
N ALA D 666 -1.01 -53.14 -8.50
CA ALA D 666 -0.35 -51.91 -8.92
C ALA D 666 1.08 -51.93 -8.43
N GLU D 667 2.00 -51.43 -9.25
CA GLU D 667 3.39 -51.24 -8.84
C GLU D 667 3.64 -49.74 -8.75
N THR D 668 3.65 -49.22 -7.52
CA THR D 668 3.79 -47.79 -7.27
C THR D 668 4.44 -47.61 -5.91
N THR D 669 4.64 -46.34 -5.53
CA THR D 669 5.10 -46.00 -4.20
C THR D 669 3.89 -45.87 -3.27
N LEU D 670 4.16 -45.98 -1.97
CA LEU D 670 3.09 -45.81 -0.99
C LEU D 670 2.54 -44.39 -1.03
N GLY D 671 3.41 -43.41 -1.29
CA GLY D 671 2.96 -42.03 -1.32
C GLY D 671 1.94 -41.76 -2.40
N ARG D 672 2.10 -42.40 -3.57
CA ARG D 672 1.15 -42.18 -4.65
C ARG D 672 -0.20 -42.84 -4.35
N VAL D 673 -0.20 -43.98 -3.67
CA VAL D 673 -1.47 -44.55 -3.21
C VAL D 673 -2.14 -43.61 -2.22
N MET D 674 -1.36 -43.08 -1.28
CA MET D 674 -1.91 -42.11 -0.33
C MET D 674 -2.50 -40.91 -1.03
N PHE D 675 -1.81 -40.41 -2.06
CA PHE D 675 -2.30 -39.24 -2.79
C PHE D 675 -3.58 -39.56 -3.54
N ASN D 676 -3.60 -40.65 -4.30
CA ASN D 676 -4.78 -41.01 -5.07
C ASN D 676 -5.96 -41.35 -4.16
N GLU D 677 -5.71 -41.73 -2.92
CA GLU D 677 -6.81 -41.89 -1.98
C GLU D 677 -7.49 -40.57 -1.62
N LEU D 678 -6.88 -39.44 -1.98
CA LEU D 678 -7.46 -38.13 -1.75
C LEU D 678 -8.41 -37.70 -2.87
N LEU D 679 -8.20 -38.18 -4.09
CA LEU D 679 -9.01 -37.83 -5.23
C LEU D 679 -10.37 -38.53 -5.19
N PRO D 680 -11.34 -38.06 -5.98
CA PRO D 680 -12.66 -38.70 -5.97
C PRO D 680 -12.57 -40.19 -6.23
N LEU D 681 -13.60 -40.91 -5.80
CA LEU D 681 -13.57 -42.36 -5.86
C LEU D 681 -13.47 -42.86 -7.30
N GLY D 682 -14.20 -42.23 -8.22
CA GLY D 682 -14.25 -42.68 -9.59
C GLY D 682 -13.09 -42.23 -10.47
N TYR D 683 -12.22 -41.37 -9.97
CA TYR D 683 -11.11 -40.89 -10.79
C TYR D 683 -10.13 -42.01 -11.05
N PRO D 684 -9.67 -42.21 -12.28
CA PRO D 684 -8.66 -43.25 -12.53
C PRO D 684 -7.38 -42.98 -11.78
N PHE D 685 -6.65 -44.06 -11.48
CA PHE D 685 -5.41 -43.95 -10.73
C PHE D 685 -4.42 -43.03 -11.44
N VAL D 686 -3.85 -42.09 -10.70
CA VAL D 686 -2.84 -41.18 -11.21
C VAL D 686 -1.51 -41.61 -10.61
N ASN D 687 -0.55 -41.96 -11.47
CA ASN D 687 0.76 -42.43 -11.03
C ASN D 687 1.82 -41.51 -11.64
N LYS D 688 2.07 -40.40 -10.96
CA LYS D 688 3.01 -39.40 -11.44
C LYS D 688 3.48 -38.53 -10.29
N GLN D 689 4.62 -37.88 -10.49
CA GLN D 689 5.12 -36.90 -9.54
C GLN D 689 4.35 -35.59 -9.74
N MET D 690 3.89 -35.00 -8.63
CA MET D 690 2.92 -33.91 -8.71
C MET D 690 3.65 -32.57 -8.79
N HIS D 691 4.18 -32.29 -9.97
CA HIS D 691 4.59 -30.94 -10.31
C HIS D 691 3.37 -30.03 -10.28
N LYS D 692 3.61 -28.72 -10.18
CA LYS D 692 2.49 -27.79 -10.10
C LYS D 692 1.61 -27.86 -11.33
N LYS D 693 2.21 -28.06 -12.51
CA LYS D 693 1.41 -28.21 -13.72
C LYS D 693 0.51 -29.44 -13.65
N VAL D 694 1.03 -30.55 -13.12
CA VAL D 694 0.24 -31.77 -13.03
C VAL D 694 -0.96 -31.56 -12.11
N GLN D 695 -0.72 -30.93 -10.96
CA GLN D 695 -1.82 -30.65 -10.05
C GLN D 695 -2.84 -29.72 -10.69
N ALA D 696 -2.36 -28.72 -11.43
CA ALA D 696 -3.27 -27.81 -12.12
C ALA D 696 -4.15 -28.57 -13.11
N ALA D 697 -3.55 -29.48 -13.86
CA ALA D 697 -4.33 -30.28 -14.81
C ALA D 697 -5.36 -31.13 -14.09
N ILE D 698 -4.97 -31.76 -12.98
CA ILE D 698 -5.91 -32.60 -12.24
C ILE D 698 -7.09 -31.76 -11.77
N ILE D 699 -6.81 -30.59 -11.18
CA ILE D 699 -7.87 -29.75 -10.66
C ILE D 699 -8.79 -29.26 -11.78
N ASN D 700 -8.20 -28.88 -12.92
CA ASN D 700 -9.01 -28.42 -14.05
C ASN D 700 -9.92 -29.52 -14.57
N ASP D 701 -9.40 -30.75 -14.68
CA ASP D 701 -10.22 -31.86 -15.12
C ASP D 701 -11.36 -32.11 -14.13
N LEU D 702 -11.05 -32.07 -12.83
CA LEU D 702 -12.11 -32.24 -11.84
C LEU D 702 -13.18 -31.17 -12.01
N ALA D 703 -12.76 -29.92 -12.21
CA ALA D 703 -13.72 -28.83 -12.36
C ALA D 703 -14.61 -29.04 -13.58
N GLU D 704 -14.02 -29.47 -14.70
CA GLU D 704 -14.77 -29.55 -15.94
C GLU D 704 -15.55 -30.85 -16.08
N ARG D 705 -15.34 -31.84 -15.19
CA ARG D 705 -16.10 -33.09 -15.27
C ARG D 705 -16.97 -33.37 -14.06
N TYR D 706 -16.70 -32.75 -12.91
CA TYR D 706 -17.40 -33.03 -11.67
C TYR D 706 -18.08 -31.78 -11.15
N PRO D 707 -19.01 -31.92 -10.21
CA PRO D 707 -19.59 -30.74 -9.55
C PRO D 707 -18.53 -29.98 -8.76
N MET D 708 -18.89 -28.75 -8.38
CA MET D 708 -17.92 -27.86 -7.74
C MET D 708 -17.66 -28.28 -6.29
N ILE D 709 -18.62 -28.93 -5.64
CA ILE D 709 -18.43 -29.34 -4.26
C ILE D 709 -17.34 -30.42 -4.18
N VAL D 710 -17.31 -31.32 -5.17
CA VAL D 710 -16.25 -32.31 -5.21
C VAL D 710 -14.89 -31.64 -5.36
N VAL D 711 -14.82 -30.60 -6.18
CA VAL D 711 -13.56 -29.87 -6.36
C VAL D 711 -13.13 -29.23 -5.05
N ALA D 712 -14.08 -28.61 -4.34
CA ALA D 712 -13.75 -27.97 -3.08
C ALA D 712 -13.22 -28.98 -2.06
N GLN D 713 -13.91 -30.12 -1.94
CA GLN D 713 -13.46 -31.13 -0.99
C GLN D 713 -12.09 -31.67 -1.36
N THR D 714 -11.86 -31.91 -2.66
CA THR D 714 -10.57 -32.42 -3.10
C THR D 714 -9.45 -31.43 -2.78
N VAL D 715 -9.68 -30.14 -3.03
CA VAL D 715 -8.64 -29.16 -2.77
C VAL D 715 -8.36 -29.05 -1.28
N ASP D 716 -9.40 -29.16 -0.44
CA ASP D 716 -9.18 -29.13 1.00
C ASP D 716 -8.34 -30.32 1.45
N LYS D 717 -8.65 -31.51 0.93
CA LYS D 717 -7.87 -32.69 1.31
C LYS D 717 -6.42 -32.56 0.84
N LEU D 718 -6.21 -32.04 -0.37
CA LEU D 718 -4.86 -31.82 -0.86
C LEU D 718 -4.13 -30.81 0.01
N LYS D 719 -4.81 -29.76 0.45
CA LYS D 719 -4.20 -28.79 1.36
C LYS D 719 -3.72 -29.47 2.63
N ASP D 720 -4.58 -30.30 3.23
CA ASP D 720 -4.20 -30.98 4.47
C ASP D 720 -2.99 -31.87 4.25
N ALA D 721 -3.00 -32.67 3.17
CA ALA D 721 -1.88 -33.57 2.91
C ALA D 721 -0.59 -32.79 2.67
N GLY D 722 -0.66 -31.70 1.91
CA GLY D 722 0.53 -30.93 1.63
C GLY D 722 1.11 -30.27 2.86
N PHE D 723 0.26 -29.69 3.70
CA PHE D 723 0.76 -29.06 4.92
C PHE D 723 1.29 -30.11 5.89
N TYR D 724 0.79 -31.34 5.81
CA TYR D 724 1.33 -32.39 6.65
C TYR D 724 2.71 -32.83 6.17
N TRP D 725 2.87 -33.00 4.86
CA TRP D 725 4.10 -33.58 4.32
C TRP D 725 5.16 -32.54 3.96
N ALA D 726 4.86 -31.25 4.09
CA ALA D 726 5.91 -30.24 3.96
C ALA D 726 6.81 -30.20 5.19
N THR D 727 6.25 -30.48 6.37
CA THR D 727 7.03 -30.48 7.59
C THR D 727 8.06 -31.61 7.60
N ARG D 728 7.71 -32.75 7.00
CA ARG D 728 8.56 -33.92 7.02
C ARG D 728 9.51 -34.01 5.83
N SER D 729 9.43 -33.08 4.88
CA SER D 729 10.27 -33.12 3.68
C SER D 729 11.70 -32.70 3.96
N GLY D 730 11.94 -31.88 4.97
CA GLY D 730 13.31 -31.51 5.30
C GLY D 730 13.91 -30.44 4.42
N VAL D 731 13.23 -29.30 4.28
CA VAL D 731 13.71 -28.20 3.48
C VAL D 731 14.13 -27.08 4.43
N THR D 732 15.41 -26.70 4.39
CA THR D 732 15.96 -25.64 5.20
C THR D 732 17.04 -24.93 4.41
N VAL D 733 17.54 -23.82 4.94
CA VAL D 733 18.61 -23.05 4.31
C VAL D 733 19.76 -22.95 5.30
N SER D 734 20.96 -23.27 4.83
CA SER D 734 22.19 -23.00 5.56
C SER D 734 23.28 -22.72 4.52
N MET D 735 24.32 -22.01 4.94
CA MET D 735 25.36 -21.65 3.99
C MET D 735 26.08 -22.89 3.46
N ALA D 736 25.93 -24.04 4.12
CA ALA D 736 26.43 -25.28 3.55
C ALA D 736 25.56 -25.75 2.39
N ASP D 737 24.24 -25.54 2.48
CA ASP D 737 23.35 -25.87 1.39
C ASP D 737 23.61 -25.04 0.13
N VAL D 738 24.01 -23.79 0.30
CA VAL D 738 24.24 -22.90 -0.84
C VAL D 738 25.62 -23.26 -1.40
N LEU D 739 25.63 -24.18 -2.36
CA LEU D 739 26.87 -24.62 -2.97
C LEU D 739 27.35 -23.62 -4.00
N VAL D 740 28.66 -23.57 -4.20
CA VAL D 740 29.29 -22.69 -5.18
C VAL D 740 29.89 -23.54 -6.28
N PRO D 741 29.91 -23.05 -7.52
CA PRO D 741 30.45 -23.87 -8.60
C PRO D 741 31.92 -24.17 -8.37
N PRO D 742 32.39 -25.35 -8.81
CA PRO D 742 33.76 -25.76 -8.47
C PRO D 742 34.84 -25.01 -9.22
N ARG D 743 34.53 -24.50 -10.41
CA ARG D 743 35.51 -23.88 -11.29
C ARG D 743 35.07 -22.50 -11.75
N LYS D 744 34.61 -21.66 -10.81
CA LYS D 744 34.21 -20.30 -11.18
C LYS D 744 35.42 -19.45 -11.53
N LYS D 745 36.50 -19.57 -10.76
CA LYS D 745 37.66 -18.71 -10.97
C LYS D 745 38.27 -18.92 -12.36
N GLU D 746 38.33 -20.17 -12.81
CA GLU D 746 38.90 -20.46 -14.12
C GLU D 746 38.11 -19.75 -15.22
N ILE D 747 36.78 -19.83 -15.15
CA ILE D 747 35.95 -19.18 -16.16
C ILE D 747 36.11 -17.66 -16.10
N LEU D 748 36.12 -17.11 -14.88
CA LEU D 748 36.25 -15.67 -14.75
C LEU D 748 37.58 -15.19 -15.31
N ASP D 749 38.67 -15.91 -15.04
CA ASP D 749 39.96 -15.55 -15.62
C ASP D 749 39.94 -15.67 -17.13
N HIS D 750 39.34 -16.75 -17.65
CA HIS D 750 39.30 -16.95 -19.10
C HIS D 750 38.61 -15.78 -19.80
N TYR D 751 37.48 -15.31 -19.25
CA TYR D 751 36.78 -14.20 -19.87
C TYR D 751 37.40 -12.84 -19.55
N GLU D 752 38.09 -12.72 -18.41
CA GLU D 752 38.85 -11.51 -18.14
C GLU D 752 39.97 -11.33 -19.15
N GLU D 753 40.54 -12.44 -19.64
CA GLU D 753 41.52 -12.33 -20.71
C GLU D 753 40.92 -11.69 -21.95
N ARG D 754 39.72 -12.12 -22.34
CA ARG D 754 39.06 -11.52 -23.50
C ARG D 754 38.74 -10.05 -23.27
N ALA D 755 38.28 -9.72 -22.07
CA ALA D 755 38.00 -8.31 -21.75
C ALA D 755 39.27 -7.48 -21.85
N ASP D 756 40.38 -8.01 -21.36
CA ASP D 756 41.65 -7.29 -21.45
C ASP D 756 42.08 -7.11 -22.90
N LYS D 757 41.89 -8.14 -23.73
CA LYS D 757 42.23 -8.00 -25.15
C LYS D 757 41.38 -6.93 -25.81
N VAL D 758 40.08 -6.89 -25.50
CA VAL D 758 39.22 -5.86 -26.07
C VAL D 758 39.69 -4.47 -25.61
N GLU D 759 40.06 -4.36 -24.34
CA GLU D 759 40.53 -3.08 -23.82
C GLU D 759 41.81 -2.63 -24.53
N LYS D 760 42.73 -3.57 -24.77
CA LYS D 760 43.97 -3.22 -25.46
C LYS D 760 43.69 -2.81 -26.91
N GLN D 761 42.76 -3.49 -27.57
CA GLN D 761 42.37 -3.08 -28.92
C GLN D 761 41.79 -1.68 -28.92
N PHE D 762 40.95 -1.37 -27.93
CA PHE D 762 40.43 -0.01 -27.80
C PHE D 762 41.57 0.98 -27.58
N GLN D 763 42.55 0.61 -26.76
CA GLN D 763 43.68 1.50 -26.50
C GLN D 763 44.45 1.79 -27.78
N ARG D 764 44.64 0.79 -28.62
CA ARG D 764 45.35 0.97 -29.88
C ARG D 764 44.49 1.63 -30.97
N GLY D 765 43.32 2.14 -30.61
CA GLY D 765 42.49 2.86 -31.57
C GLY D 765 41.73 1.98 -32.54
N ALA D 766 41.67 0.67 -32.30
CA ALA D 766 40.99 -0.23 -33.23
C ALA D 766 39.47 -0.06 -33.20
N LEU D 767 38.93 0.48 -32.11
CA LEU D 767 37.48 0.66 -32.00
C LEU D 767 37.19 1.82 -31.08
N ASN D 768 35.98 2.37 -31.22
CA ASN D 768 35.55 3.53 -30.45
C ASN D 768 34.90 3.08 -29.14
N HIS D 769 34.33 4.03 -28.40
CA HIS D 769 33.80 3.72 -27.08
C HIS D 769 32.62 2.76 -27.16
N ASP D 770 31.67 3.00 -28.08
CA ASP D 770 30.48 2.17 -28.16
C ASP D 770 30.83 0.74 -28.54
N GLU D 771 31.76 0.56 -29.49
CA GLU D 771 32.16 -0.78 -29.87
C GLU D 771 32.80 -1.52 -28.70
N ARG D 772 33.66 -0.82 -27.94
CA ARG D 772 34.26 -1.43 -26.76
C ARG D 772 33.20 -1.85 -25.76
N ASN D 773 32.22 -0.97 -25.51
CA ASN D 773 31.17 -1.30 -24.56
C ASN D 773 30.36 -2.51 -25.02
N GLU D 774 30.02 -2.56 -26.31
CA GLU D 774 29.24 -3.69 -26.82
C GLU D 774 30.03 -4.98 -26.70
N ALA D 775 31.32 -4.96 -27.07
CA ALA D 775 32.13 -6.16 -26.96
C ALA D 775 32.22 -6.64 -25.52
N LEU D 776 32.47 -5.72 -24.58
CA LEU D 776 32.56 -6.10 -23.18
C LEU D 776 31.24 -6.67 -22.68
N VAL D 777 30.12 -6.05 -23.06
CA VAL D 777 28.82 -6.54 -22.62
C VAL D 777 28.57 -7.94 -23.12
N GLU D 778 28.88 -8.20 -24.39
CA GLU D 778 28.69 -9.56 -24.91
C GLU D 778 29.60 -10.56 -24.18
N ILE D 779 30.85 -10.19 -23.96
CA ILE D 779 31.78 -11.08 -23.28
C ILE D 779 31.25 -11.45 -21.90
N TRP D 780 30.78 -10.45 -21.14
CA TRP D 780 30.36 -10.71 -19.78
C TRP D 780 29.00 -11.39 -19.72
N LYS D 781 28.14 -11.17 -20.72
CA LYS D 781 26.90 -11.95 -20.79
C LYS D 781 27.21 -13.42 -21.02
N GLU D 782 28.17 -13.72 -21.90
CA GLU D 782 28.58 -15.12 -22.08
C GLU D 782 29.18 -15.68 -20.79
N ALA D 783 29.98 -14.88 -20.09
CA ALA D 783 30.57 -15.35 -18.83
C ALA D 783 29.48 -15.71 -17.82
N THR D 784 28.47 -14.84 -17.69
CA THR D 784 27.38 -15.12 -16.76
C THR D 784 26.61 -16.37 -17.17
N ASP D 785 26.38 -16.55 -18.48
CA ASP D 785 25.68 -17.73 -18.94
C ASP D 785 26.46 -19.00 -18.58
N GLU D 786 27.77 -19.00 -18.80
CA GLU D 786 28.57 -20.17 -18.47
C GLU D 786 28.56 -20.45 -16.98
N VAL D 787 28.66 -19.39 -16.16
CA VAL D 787 28.63 -19.59 -14.72
C VAL D 787 27.31 -20.19 -14.29
N GLY D 788 26.20 -19.70 -14.86
CA GLY D 788 24.90 -20.26 -14.52
C GLY D 788 24.78 -21.71 -14.92
N GLN D 789 25.28 -22.07 -16.10
CA GLN D 789 25.24 -23.47 -16.54
C GLN D 789 26.02 -24.36 -15.58
N ALA D 790 27.22 -23.93 -15.19
CA ALA D 790 28.02 -24.72 -14.26
C ALA D 790 27.30 -24.88 -12.92
N LEU D 791 26.72 -23.80 -12.41
CA LEU D 791 26.00 -23.87 -11.15
C LEU D 791 24.84 -24.85 -11.25
N ARG D 792 24.09 -24.80 -12.37
CA ARG D 792 22.98 -25.73 -12.55
C ARG D 792 23.46 -27.17 -12.53
N GLU D 793 24.58 -27.44 -13.21
CA GLU D 793 25.09 -28.81 -13.25
C GLU D 793 25.51 -29.29 -11.86
N HIS D 794 26.18 -28.42 -11.09
CA HIS D 794 26.81 -28.88 -9.85
C HIS D 794 25.78 -29.38 -8.83
N TYR D 795 24.67 -28.68 -8.67
CA TYR D 795 23.76 -28.96 -7.57
C TYR D 795 23.17 -30.36 -7.70
N PRO D 796 23.08 -31.12 -6.60
CA PRO D 796 22.30 -32.36 -6.62
C PRO D 796 20.83 -32.07 -6.83
N ASP D 797 20.04 -33.15 -6.91
CA ASP D 797 18.63 -33.03 -7.25
C ASP D 797 17.72 -32.92 -6.03
N ASP D 798 18.24 -33.14 -4.82
CA ASP D 798 17.43 -33.05 -3.60
C ASP D 798 17.85 -31.88 -2.72
N ASN D 799 18.62 -30.93 -3.26
CA ASN D 799 18.97 -29.75 -2.49
C ASN D 799 17.71 -28.94 -2.21
N PRO D 800 17.53 -28.41 -0.99
CA PRO D 800 16.29 -27.66 -0.71
C PRO D 800 16.05 -26.51 -1.68
N ILE D 801 17.09 -25.78 -2.06
CA ILE D 801 16.91 -24.65 -2.98
C ILE D 801 16.45 -25.15 -4.34
N ILE D 802 17.16 -26.14 -4.89
CA ILE D 802 16.79 -26.68 -6.19
C ILE D 802 15.43 -27.37 -6.12
N THR D 803 15.15 -28.06 -5.02
CA THR D 803 13.84 -28.71 -4.88
C THR D 803 12.72 -27.68 -4.89
N ILE D 804 12.89 -26.59 -4.15
CA ILE D 804 11.85 -25.56 -4.11
C ILE D 804 11.66 -24.92 -5.47
N VAL D 805 12.77 -24.66 -6.18
CA VAL D 805 12.65 -24.02 -7.49
C VAL D 805 11.98 -24.95 -8.49
N ASP D 806 12.43 -26.20 -8.56
CA ASP D 806 11.94 -27.13 -9.58
C ASP D 806 10.60 -27.73 -9.23
N SER D 807 10.15 -27.58 -7.98
CA SER D 807 8.84 -28.08 -7.58
C SER D 807 7.70 -27.21 -8.08
N GLY D 808 8.00 -26.03 -8.61
CA GLY D 808 6.98 -25.06 -8.96
C GLY D 808 6.46 -24.27 -7.78
N ALA D 809 7.03 -24.46 -6.58
CA ALA D 809 6.53 -23.75 -5.41
C ALA D 809 6.68 -22.25 -5.56
N THR D 810 7.88 -21.78 -5.92
CA THR D 810 8.13 -20.36 -6.11
C THR D 810 9.56 -20.17 -6.57
N GLY D 811 9.83 -19.01 -7.17
CA GLY D 811 11.17 -18.63 -7.55
C GLY D 811 11.57 -19.15 -8.92
N ASN D 812 12.72 -18.66 -9.39
CA ASN D 812 13.31 -19.09 -10.65
C ASN D 812 14.81 -19.20 -10.47
N PHE D 813 15.47 -19.89 -11.40
CA PHE D 813 16.90 -20.17 -11.26
C PHE D 813 17.78 -18.95 -11.45
N THR D 814 17.25 -17.85 -11.98
CA THR D 814 18.05 -16.62 -12.04
C THR D 814 18.43 -16.17 -10.64
N GLN D 815 17.48 -16.24 -9.70
CA GLN D 815 17.77 -15.92 -8.32
C GLN D 815 18.79 -16.87 -7.73
N THR D 816 18.71 -18.16 -8.09
CA THR D 816 19.70 -19.12 -7.61
C THR D 816 21.10 -18.77 -8.11
N ARG D 817 21.20 -18.39 -9.38
CA ARG D 817 22.50 -17.98 -9.92
C ARG D 817 23.00 -16.73 -9.21
N THR D 818 22.12 -15.76 -8.97
CA THR D 818 22.53 -14.55 -8.27
C THR D 818 23.04 -14.87 -6.87
N LEU D 819 22.38 -15.80 -6.18
CA LEU D 819 22.74 -16.12 -4.81
C LEU D 819 24.04 -16.92 -4.74
N ALA D 820 24.23 -17.88 -5.65
CA ALA D 820 25.37 -18.79 -5.57
C ALA D 820 26.48 -18.44 -6.56
N GLY D 821 26.13 -18.30 -7.84
CA GLY D 821 27.15 -18.12 -8.85
C GLY D 821 27.70 -16.72 -9.02
N MET D 822 26.88 -15.79 -9.53
CA MET D 822 27.35 -14.44 -9.82
C MET D 822 26.19 -13.57 -10.28
N LYS D 823 26.22 -12.27 -9.96
CA LYS D 823 25.12 -11.39 -10.34
C LYS D 823 25.24 -10.88 -11.76
N GLY D 824 26.45 -10.48 -12.18
CA GLY D 824 26.66 -10.06 -13.55
C GLY D 824 26.40 -8.60 -13.82
N LEU D 825 25.90 -8.30 -15.02
CA LEU D 825 25.75 -6.92 -15.46
C LEU D 825 24.68 -6.18 -14.66
N VAL D 826 24.94 -4.90 -14.39
CA VAL D 826 24.00 -4.02 -13.72
C VAL D 826 23.81 -2.78 -14.58
N THR D 827 22.64 -2.16 -14.46
CA THR D 827 22.23 -1.09 -15.36
C THR D 827 22.50 0.28 -14.75
N ASN D 828 22.92 1.21 -15.61
CA ASN D 828 23.11 2.59 -15.21
C ASN D 828 21.75 3.26 -15.00
N PRO D 829 21.72 4.42 -14.35
CA PRO D 829 20.44 5.14 -14.21
C PRO D 829 19.80 5.44 -15.56
N LYS D 830 20.60 5.63 -16.59
CA LYS D 830 20.05 5.80 -17.94
C LYS D 830 19.30 4.54 -18.38
N GLY D 831 19.88 3.37 -18.13
CA GLY D 831 19.33 2.12 -18.59
C GLY D 831 20.38 1.26 -19.27
N GLU D 832 21.53 1.86 -19.59
CA GLU D 832 22.60 1.12 -20.22
C GLU D 832 23.34 0.25 -19.20
N PHE D 833 23.97 -0.81 -19.69
CA PHE D 833 24.70 -1.72 -18.82
C PHE D 833 26.02 -1.13 -18.36
N ILE D 834 26.37 -1.37 -17.11
CA ILE D 834 27.71 -1.08 -16.59
C ILE D 834 28.63 -2.18 -17.11
N PRO D 835 29.72 -1.87 -17.81
CA PRO D 835 30.54 -2.94 -18.39
C PRO D 835 31.52 -3.59 -17.42
N ARG D 836 31.33 -3.42 -16.10
CA ARG D 836 32.36 -3.87 -15.17
C ARG D 836 32.59 -5.37 -15.25
N PRO D 837 31.64 -6.25 -14.88
CA PRO D 837 30.34 -6.07 -14.22
C PRO D 837 30.41 -6.44 -12.74
N VAL D 838 29.27 -6.53 -12.04
CA VAL D 838 29.28 -7.09 -10.70
C VAL D 838 29.70 -8.54 -10.79
N LYS D 839 30.67 -8.93 -9.94
CA LYS D 839 31.36 -10.20 -10.09
C LYS D 839 31.27 -11.10 -8.87
N SER D 840 30.57 -10.70 -7.81
CA SER D 840 30.45 -11.50 -6.60
C SER D 840 28.98 -11.79 -6.32
N SER D 841 28.71 -13.03 -5.92
CA SER D 841 27.37 -13.42 -5.50
C SER D 841 27.09 -12.91 -4.08
N PHE D 842 25.81 -12.90 -3.72
CA PHE D 842 25.42 -12.44 -2.40
C PHE D 842 25.82 -13.42 -1.30
N ARG D 843 26.28 -14.62 -1.66
CA ARG D 843 26.87 -15.51 -0.67
C ARG D 843 28.26 -15.04 -0.27
N GLU D 844 29.06 -14.62 -1.25
CA GLU D 844 30.42 -14.17 -0.97
C GLU D 844 30.42 -12.82 -0.28
N GLY D 845 29.62 -11.88 -0.77
CA GLY D 845 29.60 -10.54 -0.23
C GLY D 845 30.16 -9.51 -1.20
N LEU D 846 29.30 -8.66 -1.74
CA LEU D 846 29.71 -7.62 -2.67
C LEU D 846 30.56 -6.57 -1.95
N THR D 847 31.52 -6.01 -2.69
CA THR D 847 32.33 -4.93 -2.17
C THR D 847 31.50 -3.64 -2.13
N VAL D 848 32.15 -2.53 -1.78
CA VAL D 848 31.42 -1.27 -1.62
C VAL D 848 30.97 -0.74 -2.98
N LEU D 849 31.86 -0.77 -3.97
CA LEU D 849 31.53 -0.23 -5.29
C LEU D 849 30.44 -1.06 -5.97
N GLU D 850 30.51 -2.38 -5.84
CA GLU D 850 29.48 -3.24 -6.43
C GLU D 850 28.12 -2.93 -5.84
N TYR D 851 28.06 -2.78 -4.52
CA TYR D 851 26.80 -2.44 -3.86
C TYR D 851 26.30 -1.08 -4.34
N PHE D 852 27.18 -0.09 -4.45
CA PHE D 852 26.76 1.23 -4.87
C PHE D 852 26.20 1.21 -6.28
N ILE D 853 26.88 0.53 -7.21
CA ILE D 853 26.40 0.47 -8.58
C ILE D 853 25.19 -0.42 -8.74
N ASN D 854 24.92 -1.31 -7.78
CA ASN D 854 23.66 -2.06 -7.76
C ASN D 854 22.49 -1.21 -7.28
N THR D 855 22.75 -0.26 -6.38
CA THR D 855 21.67 0.59 -5.88
C THR D 855 20.93 1.32 -7.00
N HIS D 856 21.63 1.65 -8.09
CA HIS D 856 20.99 2.36 -9.20
C HIS D 856 19.78 1.59 -9.73
N GLY D 857 20.04 0.39 -10.25
CA GLY D 857 18.95 -0.44 -10.74
C GLY D 857 17.97 -0.80 -9.64
N ALA D 858 18.47 -0.96 -8.42
CA ALA D 858 17.57 -1.28 -7.31
C ALA D 858 16.49 -0.21 -7.15
N ARG D 859 16.87 1.07 -7.19
CA ARG D 859 15.91 2.15 -6.97
C ARG D 859 15.07 2.44 -8.21
N LYS D 860 15.65 2.33 -9.41
CA LYS D 860 14.88 2.66 -10.60
C LYS D 860 13.65 1.77 -10.71
N GLY D 861 13.76 0.51 -10.32
CA GLY D 861 12.65 -0.42 -10.36
C GLY D 861 11.51 0.00 -9.46
N LEU D 862 11.81 0.40 -8.23
CA LEU D 862 10.75 0.84 -7.32
C LEU D 862 10.07 2.10 -7.85
N ALA D 863 10.86 3.04 -8.38
CA ALA D 863 10.26 4.24 -8.96
C ALA D 863 9.32 3.89 -10.10
N ASP D 864 9.77 3.01 -10.99
CA ASP D 864 8.93 2.61 -12.12
C ASP D 864 7.68 1.88 -11.64
N THR D 865 7.80 1.08 -10.59
CA THR D 865 6.64 0.39 -10.05
C THR D 865 5.59 1.37 -9.55
N ALA D 866 6.03 2.41 -8.82
CA ALA D 866 5.09 3.42 -8.37
C ALA D 866 4.42 4.11 -9.56
N LEU D 867 5.22 4.48 -10.58
CA LEU D 867 4.64 5.12 -11.75
C LEU D 867 3.62 4.22 -12.44
N ARG D 868 3.91 2.92 -12.52
CA ARG D 868 3.04 2.00 -13.24
C ARG D 868 1.74 1.76 -12.48
N THR D 869 1.81 1.63 -11.15
CA THR D 869 0.57 1.50 -10.39
C THR D 869 -0.28 2.75 -10.51
N ALA D 870 0.36 3.93 -10.61
CA ALA D 870 -0.40 5.13 -10.92
C ALA D 870 -1.04 5.08 -12.31
N ASP D 871 -0.31 4.60 -13.31
CA ASP D 871 -0.79 4.60 -14.69
C ASP D 871 -1.91 3.59 -14.96
N SER D 872 -1.92 2.44 -14.30
CA SER D 872 -2.86 1.38 -14.65
C SER D 872 -4.29 1.69 -14.23
N GLY D 873 -4.50 2.33 -13.08
CA GLY D 873 -5.86 2.56 -12.61
C GLY D 873 -6.64 3.48 -13.52
N TYR D 874 -5.98 4.49 -14.08
CA TYR D 874 -6.65 5.39 -15.02
C TYR D 874 -7.16 4.62 -16.23
N LEU D 875 -6.32 3.75 -16.79
CA LEU D 875 -6.74 2.95 -17.94
C LEU D 875 -7.90 2.03 -17.56
N THR D 876 -7.84 1.42 -16.38
CA THR D 876 -8.92 0.54 -15.97
C THR D 876 -10.24 1.30 -15.84
N ARG D 877 -10.18 2.51 -15.27
CA ARG D 877 -11.40 3.31 -15.13
C ARG D 877 -11.95 3.70 -16.49
N ARG D 878 -11.08 4.09 -17.43
CA ARG D 878 -11.54 4.44 -18.76
C ARG D 878 -12.19 3.23 -19.44
N LEU D 879 -11.58 2.05 -19.33
CA LEU D 879 -12.16 0.85 -19.93
C LEU D 879 -13.50 0.51 -19.29
N VAL D 880 -13.63 0.66 -17.98
CA VAL D 880 -14.90 0.38 -17.33
C VAL D 880 -15.96 1.35 -17.80
N ASP D 881 -15.59 2.61 -18.05
CA ASP D 881 -16.57 3.59 -18.48
C ASP D 881 -17.01 3.36 -19.91
N VAL D 882 -16.08 3.03 -20.82
CA VAL D 882 -16.44 2.91 -22.23
C VAL D 882 -17.44 1.78 -22.44
N SER D 883 -17.24 0.64 -21.77
CA SER D 883 -18.00 -0.57 -22.08
C SER D 883 -18.82 -1.04 -20.88
N GLN D 884 -19.50 -0.12 -20.21
CA GLN D 884 -20.33 -0.48 -19.06
C GLN D 884 -21.76 -0.85 -19.46
N ASP D 885 -22.13 -0.68 -20.73
CA ASP D 885 -23.50 -0.90 -21.19
C ASP D 885 -23.63 -2.13 -22.08
N VAL D 886 -22.69 -3.05 -21.98
CA VAL D 886 -22.71 -4.30 -22.74
C VAL D 886 -23.20 -5.39 -21.80
N ILE D 887 -24.40 -5.90 -22.06
CA ILE D 887 -25.05 -6.88 -21.19
C ILE D 887 -25.77 -7.90 -22.07
N VAL D 888 -25.75 -9.16 -21.63
CA VAL D 888 -26.44 -10.22 -22.37
C VAL D 888 -27.94 -10.02 -22.21
N ARG D 889 -28.64 -9.97 -23.35
CA ARG D 889 -30.07 -9.66 -23.37
C ARG D 889 -30.93 -10.77 -23.96
N GLU D 890 -30.44 -11.47 -24.99
CA GLU D 890 -31.18 -12.51 -25.66
C GLU D 890 -30.46 -13.84 -25.53
N HIS D 891 -31.21 -14.93 -25.68
CA HIS D 891 -30.60 -16.25 -25.75
C HIS D 891 -29.90 -16.47 -27.08
N ASP D 892 -30.51 -16.05 -28.18
CA ASP D 892 -29.94 -16.28 -29.51
C ASP D 892 -30.57 -15.32 -30.50
N CYS D 893 -29.73 -14.62 -31.26
CA CYS D 893 -30.20 -13.76 -32.33
C CYS D 893 -30.37 -14.51 -33.65
N GLN D 894 -29.87 -15.74 -33.73
CA GLN D 894 -30.06 -16.59 -34.92
C GLN D 894 -29.45 -15.98 -36.17
N THR D 895 -28.35 -15.22 -36.01
CA THR D 895 -27.66 -14.67 -37.15
C THR D 895 -26.73 -15.71 -37.77
N GLU D 896 -26.12 -15.36 -38.90
CA GLU D 896 -25.19 -16.23 -39.58
C GLU D 896 -23.79 -15.63 -39.70
N ARG D 897 -23.60 -14.39 -39.27
CA ARG D 897 -22.30 -13.76 -39.33
C ARG D 897 -21.33 -14.42 -38.35
N GLY D 898 -20.05 -14.42 -38.71
CA GLY D 898 -19.05 -15.04 -37.86
C GLY D 898 -17.66 -14.61 -38.27
N ILE D 899 -16.67 -15.14 -37.55
CA ILE D 899 -15.27 -14.87 -37.81
C ILE D 899 -14.54 -16.21 -37.89
N VAL D 900 -13.38 -16.19 -38.54
CA VAL D 900 -12.59 -17.40 -38.79
C VAL D 900 -11.35 -17.37 -37.91
N VAL D 901 -11.10 -18.48 -37.22
CA VAL D 901 -9.96 -18.62 -36.32
C VAL D 901 -8.90 -19.46 -37.02
N GLU D 902 -7.64 -19.08 -36.82
CA GLU D 902 -6.54 -19.75 -37.52
C GLU D 902 -6.57 -21.26 -37.26
N LEU D 903 -6.63 -21.65 -35.98
CA LEU D 903 -6.87 -23.03 -35.58
C LEU D 903 -5.91 -24.00 -36.28
N ALA D 904 -4.63 -23.87 -35.93
CA ALA D 904 -3.62 -24.85 -36.29
C ALA D 904 -3.43 -24.94 -37.82
N GLU D 905 -2.90 -23.86 -38.37
CA GLU D 905 -2.51 -23.86 -39.78
C GLU D 905 -1.61 -25.06 -40.07
N ARG D 906 -1.67 -25.53 -41.32
CA ARG D 906 -0.97 -26.74 -41.71
C ARG D 906 0.51 -26.48 -41.97
N ALA D 907 1.32 -27.51 -41.78
CA ALA D 907 2.76 -27.40 -41.96
C ALA D 907 3.12 -27.44 -43.45
N PRO D 908 4.28 -26.91 -43.82
CA PRO D 908 4.68 -26.95 -45.25
C PRO D 908 4.88 -28.37 -45.77
N ASP D 909 5.76 -29.15 -45.12
CA ASP D 909 5.98 -30.52 -45.56
C ASP D 909 4.72 -31.38 -45.41
N GLY D 910 3.75 -30.94 -44.62
CA GLY D 910 2.52 -31.67 -44.42
C GLY D 910 2.41 -32.22 -43.01
N THR D 911 1.66 -31.52 -42.16
CA THR D 911 1.47 -31.93 -40.77
C THR D 911 0.56 -30.91 -40.09
N LEU D 912 -0.22 -31.35 -39.09
CA LEU D 912 -1.14 -30.47 -38.37
C LEU D 912 -0.47 -30.05 -37.07
N ILE D 913 0.23 -28.92 -37.11
CA ILE D 913 0.85 -28.35 -35.92
C ILE D 913 -0.15 -27.41 -35.28
N ARG D 914 -0.46 -27.66 -33.99
CA ARG D 914 -1.43 -26.84 -33.30
C ARG D 914 -0.91 -25.41 -33.11
N ASP D 915 -1.79 -24.44 -33.30
CA ASP D 915 -1.42 -23.06 -33.07
C ASP D 915 -1.21 -22.83 -31.58
N PRO D 916 -0.06 -22.28 -31.16
CA PRO D 916 0.19 -22.14 -29.72
C PRO D 916 -0.88 -21.32 -29.00
N TYR D 917 -1.37 -20.26 -29.64
CA TYR D 917 -2.38 -19.39 -29.04
C TYR D 917 -3.77 -19.78 -29.54
N ILE D 918 -4.24 -20.94 -29.09
CA ILE D 918 -5.53 -21.47 -29.50
C ILE D 918 -6.50 -21.46 -28.33
N GLU D 919 -5.97 -21.57 -27.11
CA GLU D 919 -6.82 -21.54 -25.93
C GLU D 919 -7.56 -20.22 -25.79
N THR D 920 -6.97 -19.13 -26.26
CA THR D 920 -7.58 -17.80 -26.16
C THR D 920 -8.24 -17.36 -27.45
N SER D 921 -8.32 -18.24 -28.45
CA SER D 921 -8.90 -17.87 -29.75
C SER D 921 -10.00 -18.79 -30.22
N ALA D 922 -10.10 -20.03 -29.74
CA ALA D 922 -11.09 -20.98 -30.21
C ALA D 922 -11.96 -21.56 -29.11
N TYR D 923 -11.39 -21.81 -27.93
CA TYR D 923 -12.17 -22.38 -26.84
C TYR D 923 -13.21 -21.40 -26.35
N ALA D 924 -14.31 -21.94 -25.81
CA ALA D 924 -15.41 -21.15 -25.29
C ALA D 924 -16.09 -20.35 -26.41
N ARG D 925 -16.16 -20.94 -27.60
CA ARG D 925 -16.81 -20.34 -28.75
C ARG D 925 -17.82 -21.32 -29.33
N THR D 926 -18.84 -20.80 -29.99
CA THR D 926 -19.89 -21.60 -30.61
C THR D 926 -19.78 -21.48 -32.12
N LEU D 927 -19.91 -22.62 -32.80
CA LEU D 927 -19.77 -22.63 -34.26
C LEU D 927 -20.93 -21.92 -34.93
N GLY D 928 -20.60 -21.13 -35.95
CA GLY D 928 -21.60 -20.45 -36.76
C GLY D 928 -21.92 -21.20 -38.04
N THR D 929 -21.12 -22.24 -38.33
CA THR D 929 -21.37 -23.09 -39.48
C THR D 929 -20.98 -24.53 -39.15
N ASP D 930 -21.16 -25.44 -40.11
CA ASP D 930 -20.80 -26.84 -39.92
C ASP D 930 -19.41 -27.11 -40.49
N ALA D 931 -18.72 -28.07 -39.87
CA ALA D 931 -17.37 -28.44 -40.27
C ALA D 931 -17.45 -29.73 -41.08
N VAL D 932 -17.00 -29.67 -42.33
CA VAL D 932 -16.99 -30.80 -43.24
C VAL D 932 -15.59 -30.93 -43.83
N ASP D 933 -15.06 -32.14 -43.84
CA ASP D 933 -13.69 -32.38 -44.29
C ASP D 933 -13.70 -33.40 -45.42
N GLU D 934 -13.00 -33.08 -46.50
CA GLU D 934 -12.81 -33.99 -47.63
C GLU D 934 -14.14 -34.61 -48.07
N ALA D 935 -15.15 -33.76 -48.20
CA ALA D 935 -16.50 -34.15 -48.60
C ALA D 935 -17.17 -35.09 -47.60
N GLY D 936 -16.61 -35.21 -46.40
CA GLY D 936 -17.19 -36.09 -45.39
C GLY D 936 -18.37 -35.45 -44.69
N ASN D 937 -18.92 -36.22 -43.75
CA ASN D 937 -20.05 -35.74 -42.96
C ASN D 937 -19.62 -34.61 -42.03
N VAL D 938 -20.61 -33.94 -41.44
CA VAL D 938 -20.33 -32.84 -40.52
C VAL D 938 -19.65 -33.41 -39.28
N ILE D 939 -18.47 -32.87 -38.96
CA ILE D 939 -17.74 -33.34 -37.79
C ILE D 939 -18.34 -32.76 -36.52
N VAL D 940 -18.59 -31.45 -36.51
CA VAL D 940 -19.18 -30.76 -35.37
C VAL D 940 -20.38 -29.96 -35.85
N GLU D 941 -21.51 -30.13 -35.18
CA GLU D 941 -22.74 -29.47 -35.59
C GLU D 941 -22.71 -28.00 -35.21
N ARG D 942 -23.48 -27.19 -35.95
CA ARG D 942 -23.61 -25.78 -35.63
C ARG D 942 -24.22 -25.61 -34.24
N GLY D 943 -23.61 -24.75 -33.43
CA GLY D 943 -24.05 -24.50 -32.08
C GLY D 943 -23.45 -25.47 -31.07
N GLN D 944 -22.13 -25.57 -31.06
CA GLN D 944 -21.41 -26.47 -30.17
C GLN D 944 -20.38 -25.68 -29.36
N ASP D 945 -20.24 -26.04 -28.08
CA ASP D 945 -19.36 -25.30 -27.19
C ASP D 945 -17.93 -25.25 -27.69
N LEU D 946 -17.50 -26.24 -28.49
CA LEU D 946 -16.16 -26.26 -29.07
C LEU D 946 -15.09 -26.31 -27.99
N GLY D 947 -15.15 -27.39 -27.19
CA GLY D 947 -14.19 -27.64 -26.15
C GLY D 947 -13.05 -28.52 -26.60
N ASP D 948 -12.41 -29.17 -25.63
CA ASP D 948 -11.29 -30.05 -25.95
C ASP D 948 -11.69 -31.20 -26.86
N PRO D 949 -12.75 -31.96 -26.57
CA PRO D 949 -13.13 -33.04 -27.52
C PRO D 949 -13.43 -32.51 -28.91
N GLU D 950 -14.11 -31.36 -29.00
CA GLU D 950 -14.48 -30.83 -30.30
C GLU D 950 -13.25 -30.41 -31.10
N ILE D 951 -12.33 -29.69 -30.45
CA ILE D 951 -11.15 -29.23 -31.16
C ILE D 951 -10.28 -30.41 -31.56
N ASP D 952 -10.16 -31.41 -30.68
CA ASP D 952 -9.39 -32.59 -31.01
C ASP D 952 -9.98 -33.34 -32.20
N ALA D 953 -11.31 -33.48 -32.22
CA ALA D 953 -11.96 -34.14 -33.35
C ALA D 953 -11.75 -33.34 -34.63
N LEU D 954 -11.88 -32.01 -34.56
CA LEU D 954 -11.67 -31.19 -35.74
C LEU D 954 -10.25 -31.34 -36.28
N LEU D 955 -9.27 -31.33 -35.39
CA LEU D 955 -7.89 -31.51 -35.84
C LEU D 955 -7.67 -32.89 -36.44
N ALA D 956 -8.25 -33.92 -35.83
CA ALA D 956 -8.11 -35.27 -36.36
C ALA D 956 -8.72 -35.37 -37.75
N ALA D 957 -9.86 -34.71 -37.97
CA ALA D 957 -10.50 -34.72 -39.28
C ALA D 957 -9.60 -34.09 -40.33
N GLY D 958 -8.79 -33.10 -39.94
CA GLY D 958 -7.86 -32.48 -40.85
C GLY D 958 -8.38 -31.19 -41.48
N ILE D 959 -8.94 -30.31 -40.65
CA ILE D 959 -9.43 -29.01 -41.08
C ILE D 959 -8.78 -27.94 -40.24
N THR D 960 -8.33 -26.86 -40.89
CA THR D 960 -7.55 -25.83 -40.22
C THR D 960 -8.37 -24.61 -39.81
N GLN D 961 -9.41 -24.26 -40.55
CA GLN D 961 -10.18 -23.05 -40.28
C GLN D 961 -11.64 -23.38 -40.02
N VAL D 962 -12.22 -22.70 -39.03
CA VAL D 962 -13.63 -22.83 -38.69
C VAL D 962 -14.19 -21.45 -38.45
N LYS D 963 -15.49 -21.29 -38.68
CA LYS D 963 -16.19 -20.03 -38.44
C LYS D 963 -16.98 -20.14 -37.15
N VAL D 964 -16.78 -19.16 -36.25
CA VAL D 964 -17.38 -19.18 -34.93
C VAL D 964 -18.18 -17.91 -34.71
N ARG D 965 -19.12 -17.96 -33.77
CA ARG D 965 -19.93 -16.81 -33.41
C ARG D 965 -19.16 -15.91 -32.45
N SER D 966 -19.30 -14.60 -32.64
CA SER D 966 -18.56 -13.63 -31.85
C SER D 966 -19.42 -12.41 -31.55
N VAL D 967 -19.02 -11.66 -30.52
CA VAL D 967 -19.73 -10.44 -30.15
C VAL D 967 -19.52 -9.34 -31.18
N LEU D 968 -18.43 -9.41 -31.96
CA LEU D 968 -18.19 -8.41 -32.98
C LEU D 968 -19.26 -8.39 -34.05
N THR D 969 -19.94 -9.53 -34.28
CA THR D 969 -20.92 -9.65 -35.34
C THR D 969 -22.32 -9.94 -34.81
N CYS D 970 -22.59 -9.70 -33.52
CA CYS D 970 -23.91 -9.94 -32.99
C CYS D 970 -24.92 -8.99 -33.60
N ALA D 971 -26.14 -9.48 -33.83
CA ALA D 971 -27.19 -8.73 -34.49
C ALA D 971 -28.22 -8.16 -33.52
N THR D 972 -28.01 -8.30 -32.21
CA THR D 972 -28.96 -7.75 -31.25
C THR D 972 -28.88 -6.22 -31.24
N SER D 973 -30.06 -5.58 -31.17
CA SER D 973 -30.09 -4.12 -31.19
C SER D 973 -29.38 -3.53 -29.99
N THR D 974 -29.64 -4.07 -28.80
CA THR D 974 -29.05 -3.59 -27.55
C THR D 974 -28.42 -4.77 -26.83
N GLY D 975 -27.12 -4.71 -26.60
CA GLY D 975 -26.41 -5.77 -25.92
C GLY D 975 -26.11 -6.94 -26.84
N VAL D 976 -25.40 -7.91 -26.28
CA VAL D 976 -25.05 -9.13 -27.00
C VAL D 976 -26.02 -10.24 -26.62
N CYS D 977 -26.04 -11.32 -27.41
CA CYS D 977 -26.80 -12.51 -27.08
C CYS D 977 -25.88 -13.56 -26.46
N ALA D 978 -26.48 -14.54 -25.79
CA ALA D 978 -25.70 -15.54 -25.06
C ALA D 978 -24.90 -16.42 -26.01
N THR D 979 -25.49 -16.81 -27.14
CA THR D 979 -24.82 -17.74 -28.04
C THR D 979 -23.63 -17.09 -28.72
N CYS D 980 -23.72 -15.81 -29.07
CA CYS D 980 -22.60 -15.12 -29.67
C CYS D 980 -21.46 -14.94 -28.67
N TYR D 981 -21.78 -14.57 -27.44
CA TYR D 981 -20.75 -14.46 -26.42
C TYR D 981 -20.08 -15.80 -26.16
N GLY D 982 -20.86 -16.84 -25.89
CA GLY D 982 -20.33 -18.17 -25.73
C GLY D 982 -20.30 -18.62 -24.27
N ARG D 983 -19.34 -19.50 -23.99
CA ARG D 983 -19.20 -20.06 -22.66
C ARG D 983 -18.75 -18.99 -21.66
N SER D 984 -19.24 -19.11 -20.43
CA SER D 984 -18.77 -18.26 -19.35
C SER D 984 -17.54 -18.90 -18.72
N MET D 985 -16.42 -18.19 -18.73
CA MET D 985 -15.16 -18.78 -18.28
C MET D 985 -15.21 -19.18 -16.82
N ALA D 986 -15.80 -18.33 -15.97
CA ALA D 986 -15.87 -18.65 -14.55
C ALA D 986 -16.77 -19.85 -14.30
N THR D 987 -17.97 -19.86 -14.88
CA THR D 987 -18.93 -20.93 -14.60
C THR D 987 -18.67 -22.17 -15.44
N GLY D 988 -18.09 -22.02 -16.62
CA GLY D 988 -17.83 -23.14 -17.50
C GLY D 988 -19.00 -23.56 -18.37
N LYS D 989 -20.10 -22.83 -18.32
CA LYS D 989 -21.29 -23.13 -19.11
C LYS D 989 -21.70 -21.89 -19.91
N LEU D 990 -22.78 -22.01 -20.67
CA LEU D 990 -23.24 -20.89 -21.48
C LEU D 990 -23.65 -19.72 -20.59
N VAL D 991 -23.21 -18.51 -20.97
CA VAL D 991 -23.43 -17.35 -20.14
C VAL D 991 -24.92 -17.13 -19.91
N ASP D 992 -25.25 -16.52 -18.78
CA ASP D 992 -26.63 -16.28 -18.40
C ASP D 992 -27.22 -15.11 -19.19
N ILE D 993 -28.50 -14.81 -18.93
CA ILE D 993 -29.19 -13.75 -19.66
C ILE D 993 -29.14 -12.41 -18.93
N GLY D 994 -28.41 -12.33 -17.82
CA GLY D 994 -28.24 -11.07 -17.13
C GLY D 994 -26.78 -10.77 -16.83
N GLU D 995 -25.88 -11.39 -17.58
CA GLU D 995 -24.46 -11.24 -17.33
C GLU D 995 -23.97 -9.89 -17.83
N ALA D 996 -23.37 -9.11 -16.93
CA ALA D 996 -22.71 -7.85 -17.29
C ALA D 996 -21.30 -8.19 -17.72
N VAL D 997 -21.13 -8.45 -19.02
CA VAL D 997 -19.84 -8.92 -19.52
C VAL D 997 -18.86 -7.78 -19.78
N GLY D 998 -19.35 -6.54 -19.92
CA GLY D 998 -18.44 -5.43 -20.17
C GLY D 998 -17.52 -5.17 -18.99
N ILE D 999 -18.07 -5.16 -17.78
CA ILE D 999 -17.24 -4.92 -16.60
C ILE D 999 -16.28 -6.08 -16.39
N VAL D 1000 -16.73 -7.31 -16.66
CA VAL D 1000 -15.83 -8.45 -16.56
C VAL D 1000 -14.66 -8.30 -17.53
N ALA D 1001 -14.95 -7.89 -18.76
CA ALA D 1001 -13.88 -7.69 -19.74
C ALA D 1001 -12.93 -6.59 -19.29
N ALA D 1002 -13.47 -5.48 -18.77
CA ALA D 1002 -12.64 -4.38 -18.33
C ALA D 1002 -11.70 -4.81 -17.20
N GLN D 1003 -12.25 -5.53 -16.21
CA GLN D 1003 -11.43 -5.97 -15.08
C GLN D 1003 -10.42 -7.02 -15.51
N SER D 1004 -10.80 -7.90 -16.44
CA SER D 1004 -9.85 -8.90 -16.93
C SER D 1004 -8.69 -8.24 -17.65
N ILE D 1005 -8.97 -7.22 -18.47
CA ILE D 1005 -7.89 -6.54 -19.18
C ILE D 1005 -7.03 -5.71 -18.24
N GLY D 1006 -7.63 -5.02 -17.28
CA GLY D 1006 -6.89 -4.08 -16.47
C GLY D 1006 -6.22 -4.68 -15.25
N GLU D 1007 -6.70 -5.84 -14.79
CA GLU D 1007 -6.14 -6.41 -13.55
C GLU D 1007 -4.66 -6.74 -13.70
N PRO D 1008 -4.19 -7.42 -14.75
CA PRO D 1008 -2.75 -7.69 -14.89
C PRO D 1008 -2.00 -6.54 -15.55
N GLY D 1009 -2.24 -5.33 -15.06
CA GLY D 1009 -1.57 -4.16 -15.60
C GLY D 1009 -0.23 -3.91 -14.94
N THR D 1010 -0.17 -4.13 -13.62
CA THR D 1010 1.09 -3.96 -12.90
C THR D 1010 2.13 -4.95 -13.39
N GLN D 1011 1.73 -6.20 -13.64
CA GLN D 1011 2.66 -7.20 -14.15
C GLN D 1011 3.24 -6.77 -15.49
N LEU D 1012 2.40 -6.21 -16.36
CA LEU D 1012 2.86 -5.75 -17.66
C LEU D 1012 3.76 -4.54 -17.49
N THR D 1013 5.07 -4.73 -17.71
CA THR D 1013 6.03 -3.67 -17.48
C THR D 1013 5.79 -2.51 -18.44
N MET D 1014 6.13 -1.31 -17.97
CA MET D 1014 5.98 -0.09 -18.73
C MET D 1014 7.11 0.12 -19.74
N ARG D 1015 7.94 -0.89 -19.96
CA ARG D 1015 9.06 -0.78 -20.89
C ARG D 1015 8.59 -0.31 -22.26
N ASP D 1025 12.08 3.76 -30.56
CA ASP D 1025 11.15 4.65 -29.88
C ASP D 1025 9.73 4.11 -29.93
N ILE D 1026 9.56 2.89 -30.42
CA ILE D 1026 8.25 2.28 -30.50
C ILE D 1026 7.82 1.81 -29.12
N THR D 1027 6.64 2.23 -28.69
CA THR D 1027 6.12 1.80 -27.40
C THR D 1027 5.86 0.30 -27.40
N GLY D 1028 6.07 -0.32 -26.24
CA GLY D 1028 5.95 -1.76 -26.13
C GLY D 1028 5.35 -2.25 -24.82
N GLY D 1029 4.61 -1.39 -24.12
CA GLY D 1029 4.02 -1.79 -22.87
C GLY D 1029 2.69 -1.14 -22.57
N LEU D 1030 2.49 -0.72 -21.32
CA LEU D 1030 1.25 -0.04 -20.95
C LEU D 1030 1.00 1.19 -21.81
N PRO D 1031 2.00 2.02 -22.14
CA PRO D 1031 1.75 3.10 -23.10
C PRO D 1031 1.26 2.59 -24.45
N ARG D 1032 1.79 1.46 -24.91
CA ARG D 1032 1.32 0.88 -26.17
C ARG D 1032 -0.15 0.49 -26.08
N VAL D 1033 -0.54 -0.14 -24.97
CA VAL D 1033 -1.94 -0.49 -24.76
C VAL D 1033 -2.81 0.76 -24.75
N GLN D 1034 -2.34 1.81 -24.05
CA GLN D 1034 -3.12 3.03 -23.95
C GLN D 1034 -3.33 3.67 -25.31
N GLU D 1035 -2.29 3.72 -26.13
CA GLU D 1035 -2.43 4.31 -27.45
C GLU D 1035 -3.22 3.43 -28.41
N LEU D 1036 -3.20 2.10 -28.21
CA LEU D 1036 -4.06 1.22 -29.01
C LEU D 1036 -5.53 1.45 -28.67
N PHE D 1037 -5.85 1.54 -27.38
CA PHE D 1037 -7.24 1.72 -26.99
C PHE D 1037 -7.72 3.15 -27.20
N GLU D 1038 -6.80 4.11 -27.31
CA GLU D 1038 -7.16 5.49 -27.59
C GLU D 1038 -7.17 5.81 -29.08
N ALA D 1039 -6.77 4.88 -29.93
CA ALA D 1039 -6.81 5.05 -31.38
C ALA D 1039 -6.11 6.35 -31.81
N ARG D 1040 -4.95 6.58 -31.20
CA ARG D 1040 -4.12 7.71 -31.56
C ARG D 1040 -3.09 7.30 -32.61
N VAL D 1041 -2.53 8.30 -33.28
CA VAL D 1041 -1.45 8.01 -34.24
C VAL D 1041 -0.30 7.35 -33.49
N PRO D 1042 0.18 6.17 -33.92
CA PRO D 1042 1.01 5.35 -33.02
C PRO D 1042 2.25 6.07 -32.48
N ARG D 1043 3.13 6.50 -33.38
CA ARG D 1043 4.45 7.02 -33.02
C ARG D 1043 5.41 6.79 -34.19
N GLY D 1044 5.79 5.54 -34.42
CA GLY D 1044 6.59 5.18 -35.55
C GLY D 1044 5.73 4.76 -36.73
N LYS D 1045 4.70 5.56 -37.02
CA LYS D 1045 3.72 5.26 -38.04
C LYS D 1045 4.40 4.82 -39.33
N ALA D 1046 4.07 3.61 -39.77
CA ALA D 1046 4.61 3.04 -40.99
C ALA D 1046 3.56 3.09 -42.09
N PRO D 1047 3.86 3.63 -43.27
CA PRO D 1047 2.83 3.70 -44.31
C PRO D 1047 2.38 2.31 -44.76
N ILE D 1048 1.12 2.22 -45.15
CA ILE D 1048 0.52 0.99 -45.65
C ILE D 1048 -0.05 1.25 -47.02
N ALA D 1049 0.21 0.34 -47.95
CA ALA D 1049 -0.28 0.49 -49.31
C ALA D 1049 -1.80 0.63 -49.33
N ASP D 1050 -2.31 1.18 -50.43
CA ASP D 1050 -3.75 1.35 -50.62
C ASP D 1050 -4.22 0.71 -51.92
N VAL D 1051 -3.31 0.19 -52.74
CA VAL D 1051 -3.66 -0.51 -53.97
C VAL D 1051 -2.49 -1.41 -54.37
N THR D 1052 -2.80 -2.65 -54.74
CA THR D 1052 -1.76 -3.61 -55.10
C THR D 1052 -1.01 -3.14 -56.34
N GLY D 1053 0.31 -3.28 -56.32
CA GLY D 1053 1.11 -2.90 -57.46
C GLY D 1053 2.59 -2.91 -57.12
N ARG D 1054 3.41 -2.81 -58.17
CA ARG D 1054 4.85 -2.74 -57.98
C ARG D 1054 5.26 -1.35 -57.50
N VAL D 1055 6.51 -1.25 -57.03
CA VAL D 1055 7.02 -0.02 -56.43
C VAL D 1055 8.39 0.27 -57.02
N ARG D 1056 8.62 1.55 -57.38
CA ARG D 1056 9.94 2.01 -57.80
C ARG D 1056 10.65 2.59 -56.57
N LEU D 1057 11.23 1.69 -55.78
CA LEU D 1057 11.92 2.12 -54.57
C LEU D 1057 13.14 2.97 -54.92
N GLU D 1058 13.34 4.03 -54.15
CA GLU D 1058 14.43 4.97 -54.35
C GLU D 1058 15.23 5.11 -53.06
N ASP D 1059 16.54 5.28 -53.21
CA ASP D 1059 17.45 5.37 -52.07
C ASP D 1059 17.96 6.81 -51.94
N GLY D 1060 17.84 7.35 -50.74
CA GLY D 1060 18.30 8.71 -50.49
C GLY D 1060 18.47 8.95 -49.00
N GLU D 1061 19.25 9.98 -48.68
CA GLU D 1061 19.52 10.33 -47.29
C GLU D 1061 18.37 11.16 -46.74
N ARG D 1062 17.87 10.77 -45.57
CA ARG D 1062 16.78 11.44 -44.86
C ARG D 1062 15.45 11.35 -45.59
N PHE D 1063 15.36 10.57 -46.66
CA PHE D 1063 14.10 10.43 -47.39
C PHE D 1063 14.18 9.20 -48.29
N TYR D 1064 13.08 8.46 -48.34
CA TYR D 1064 12.93 7.32 -49.24
C TYR D 1064 11.62 7.50 -50.01
N LYS D 1065 11.70 7.42 -51.34
CA LYS D 1065 10.53 7.56 -52.19
C LYS D 1065 9.98 6.19 -52.54
N ILE D 1066 8.74 5.93 -52.12
CA ILE D 1066 8.05 4.67 -52.38
C ILE D 1066 6.81 5.02 -53.18
N THR D 1067 6.78 4.59 -54.44
CA THR D 1067 5.68 4.90 -55.35
C THR D 1067 4.84 3.64 -55.57
N ILE D 1068 3.53 3.76 -55.44
CA ILE D 1068 2.62 2.63 -55.64
C ILE D 1068 2.23 2.63 -57.11
N VAL D 1069 2.78 1.68 -57.88
CA VAL D 1069 2.45 1.54 -59.28
C VAL D 1069 1.38 0.46 -59.42
N PRO D 1070 0.10 0.81 -59.47
CA PRO D 1070 -0.94 -0.23 -59.45
C PRO D 1070 -0.91 -1.09 -60.70
N ASP D 1071 -1.38 -2.33 -60.55
CA ASP D 1071 -1.49 -3.23 -61.69
C ASP D 1071 -2.42 -2.65 -62.74
N ASP D 1072 -3.53 -2.06 -62.32
CA ASP D 1072 -4.43 -1.39 -63.26
C ASP D 1072 -3.74 -0.22 -63.94
N GLY D 1073 -2.96 0.55 -63.18
CA GLY D 1073 -2.28 1.71 -63.72
C GLY D 1073 -3.06 2.99 -63.70
N GLY D 1074 -4.12 3.08 -62.88
CA GLY D 1074 -4.91 4.30 -62.85
C GLY D 1074 -4.11 5.49 -62.36
N GLU D 1075 -3.63 5.43 -61.12
CA GLU D 1075 -2.81 6.50 -60.55
C GLU D 1075 -1.79 5.89 -59.61
N GLU D 1076 -0.72 6.64 -59.37
CA GLU D 1076 0.39 6.18 -58.54
C GLU D 1076 0.49 7.04 -57.29
N VAL D 1077 0.26 6.43 -56.14
CA VAL D 1077 0.50 7.10 -54.86
C VAL D 1077 1.98 6.98 -54.50
N VAL D 1078 2.48 7.93 -53.71
CA VAL D 1078 3.89 7.99 -53.40
C VAL D 1078 4.08 8.61 -52.03
N TYR D 1079 5.10 8.15 -51.31
CA TYR D 1079 5.51 8.74 -50.04
C TYR D 1079 7.03 8.92 -50.09
N ASP D 1080 7.48 10.16 -50.02
CA ASP D 1080 8.91 10.47 -50.11
C ASP D 1080 9.50 10.96 -48.80
N LYS D 1081 8.70 11.07 -47.74
CA LYS D 1081 9.19 11.64 -46.48
C LYS D 1081 9.69 10.57 -45.51
N ILE D 1082 9.74 9.31 -45.92
CA ILE D 1082 10.17 8.23 -45.03
C ILE D 1082 11.61 8.45 -44.62
N SER D 1083 11.84 8.66 -43.33
CA SER D 1083 13.18 8.88 -42.83
C SER D 1083 14.02 7.61 -42.96
N LYS D 1084 15.32 7.81 -43.17
CA LYS D 1084 16.23 6.68 -43.33
C LYS D 1084 16.42 5.89 -42.04
N ARG D 1085 16.05 6.46 -40.90
CA ARG D 1085 16.26 5.77 -39.63
C ARG D 1085 15.47 4.46 -39.57
N GLN D 1086 14.22 4.49 -40.02
CA GLN D 1086 13.38 3.30 -39.99
C GLN D 1086 13.81 2.30 -41.06
N ARG D 1087 13.69 1.02 -40.73
CA ARG D 1087 14.02 -0.05 -41.65
C ARG D 1087 12.86 -0.31 -42.61
N LEU D 1088 13.06 -1.26 -43.51
CA LEU D 1088 12.04 -1.71 -44.45
C LEU D 1088 11.56 -3.09 -44.03
N ARG D 1089 10.25 -3.27 -43.94
CA ARG D 1089 9.69 -4.53 -43.45
C ARG D 1089 10.02 -5.67 -44.41
N VAL D 1090 10.20 -6.86 -43.85
CA VAL D 1090 10.48 -8.06 -44.62
C VAL D 1090 9.16 -8.83 -44.75
N PHE D 1091 8.64 -8.92 -45.97
CA PHE D 1091 7.38 -9.58 -46.25
C PHE D 1091 7.58 -10.59 -47.37
N LYS D 1092 6.94 -11.75 -47.24
CA LYS D 1092 7.03 -12.80 -48.24
C LYS D 1092 8.46 -13.33 -48.35
N ARG D 1099 11.68 -11.98 -48.08
CA ARG D 1099 12.64 -11.03 -48.64
C ARG D 1099 12.28 -9.61 -48.23
N VAL D 1100 13.31 -8.79 -47.97
CA VAL D 1100 13.08 -7.41 -47.59
C VAL D 1100 12.47 -6.63 -48.76
N LEU D 1101 11.77 -5.55 -48.45
CA LEU D 1101 11.20 -4.71 -49.48
C LEU D 1101 12.29 -4.23 -50.43
N SER D 1102 12.03 -4.35 -51.73
CA SER D 1102 13.03 -4.05 -52.74
C SER D 1102 12.37 -3.26 -53.88
N ASP D 1103 13.22 -2.68 -54.73
CA ASP D 1103 12.75 -1.93 -55.87
C ASP D 1103 12.03 -2.85 -56.86
N GLY D 1104 10.96 -2.31 -57.45
CA GLY D 1104 10.21 -3.04 -58.45
C GLY D 1104 9.61 -4.34 -57.95
N ASP D 1105 8.97 -4.29 -56.78
CA ASP D 1105 8.37 -5.46 -56.16
C ASP D 1105 6.88 -5.22 -55.97
N HIS D 1106 6.07 -6.17 -56.43
CA HIS D 1106 4.63 -6.10 -56.23
C HIS D 1106 4.29 -6.30 -54.75
N VAL D 1107 3.29 -5.57 -54.28
CA VAL D 1107 2.86 -5.63 -52.89
C VAL D 1107 1.35 -5.76 -52.83
N GLU D 1108 0.86 -6.26 -51.69
CA GLU D 1108 -0.57 -6.43 -51.48
C GLU D 1108 -1.24 -5.09 -51.20
N VAL D 1109 -2.52 -5.11 -50.87
CA VAL D 1109 -3.29 -3.89 -50.66
C VAL D 1109 -3.05 -3.35 -49.26
N GLY D 1110 -2.88 -4.24 -48.29
CA GLY D 1110 -2.73 -3.84 -46.91
C GLY D 1110 -1.34 -4.05 -46.35
N GLN D 1111 -0.40 -4.46 -47.19
CA GLN D 1111 0.96 -4.72 -46.73
C GLN D 1111 1.58 -3.46 -46.14
N GLN D 1112 2.25 -3.63 -45.01
CA GLN D 1112 2.96 -2.53 -44.36
C GLN D 1112 4.37 -2.45 -44.92
N LEU D 1113 4.66 -1.38 -45.65
CA LEU D 1113 5.94 -1.29 -46.36
C LEU D 1113 7.10 -1.20 -45.38
N MET D 1114 7.02 -0.28 -44.42
CA MET D 1114 8.11 -0.05 -43.48
C MET D 1114 7.88 -0.88 -42.22
N GLU D 1115 8.73 -0.68 -41.21
CA GLU D 1115 8.65 -1.40 -39.95
C GLU D 1115 8.20 -0.45 -38.85
N GLY D 1116 7.35 -0.97 -37.95
CA GLY D 1116 6.81 -0.17 -36.87
C GLY D 1116 5.38 -0.54 -36.55
N SER D 1117 4.55 0.46 -36.32
CA SER D 1117 3.14 0.27 -35.97
C SER D 1117 2.27 1.05 -36.95
N ALA D 1118 1.28 0.38 -37.52
CA ALA D 1118 0.36 1.03 -38.44
C ALA D 1118 -0.67 1.86 -37.67
N ASP D 1119 -1.11 2.95 -38.30
CA ASP D 1119 -2.12 3.80 -37.70
C ASP D 1119 -3.50 3.18 -37.89
N PRO D 1120 -4.29 3.00 -36.82
CA PRO D 1120 -5.56 2.28 -36.97
C PRO D 1120 -6.53 2.96 -37.94
N HIS D 1121 -6.51 4.28 -38.04
CA HIS D 1121 -7.49 5.00 -38.85
C HIS D 1121 -7.33 4.76 -40.35
N GLU D 1122 -6.14 4.35 -40.80
CA GLU D 1122 -5.93 4.10 -42.23
C GLU D 1122 -6.33 2.69 -42.64
N VAL D 1123 -6.08 1.68 -41.79
CA VAL D 1123 -6.52 0.33 -42.12
C VAL D 1123 -8.03 0.27 -42.22
N LEU D 1124 -8.73 1.07 -41.41
CA LEU D 1124 -10.17 1.17 -41.54
C LEU D 1124 -10.56 1.78 -42.88
N ARG D 1125 -9.83 2.81 -43.32
CA ARG D 1125 -10.12 3.44 -44.60
C ARG D 1125 -9.89 2.48 -45.76
N VAL D 1126 -8.84 1.68 -45.68
CA VAL D 1126 -8.41 0.83 -46.79
C VAL D 1126 -9.10 -0.52 -46.77
N GLN D 1127 -9.14 -1.18 -45.61
CA GLN D 1127 -9.49 -2.59 -45.54
C GLN D 1127 -10.81 -2.87 -44.82
N GLY D 1128 -11.46 -1.86 -44.24
CA GLY D 1128 -12.77 -2.03 -43.68
C GLY D 1128 -12.76 -2.33 -42.19
N PRO D 1129 -13.96 -2.51 -41.61
CA PRO D 1129 -14.05 -2.68 -40.15
C PRO D 1129 -13.50 -4.00 -39.64
N ARG D 1130 -13.75 -5.10 -40.36
CA ARG D 1130 -13.27 -6.40 -39.89
C ARG D 1130 -11.76 -6.41 -39.75
N GLU D 1131 -11.06 -5.83 -40.73
CA GLU D 1131 -9.60 -5.84 -40.71
C GLU D 1131 -9.06 -5.04 -39.53
N VAL D 1132 -9.65 -3.87 -39.25
CA VAL D 1132 -9.20 -3.08 -38.11
C VAL D 1132 -9.51 -3.80 -36.81
N GLN D 1133 -10.65 -4.49 -36.72
CA GLN D 1133 -10.96 -5.25 -35.52
C GLN D 1133 -9.91 -6.32 -35.26
N ILE D 1134 -9.60 -7.13 -36.28
CA ILE D 1134 -8.61 -8.17 -36.10
C ILE D 1134 -7.25 -7.56 -35.79
N HIS D 1135 -6.92 -6.43 -36.41
CA HIS D 1135 -5.65 -5.77 -36.15
C HIS D 1135 -5.53 -5.36 -34.69
N LEU D 1136 -6.56 -4.69 -34.16
CA LEU D 1136 -6.53 -4.24 -32.78
C LEU D 1136 -6.43 -5.42 -31.82
N VAL D 1137 -7.23 -6.46 -32.05
CA VAL D 1137 -7.18 -7.62 -31.17
C VAL D 1137 -5.79 -8.24 -31.19
N ARG D 1138 -5.22 -8.40 -32.39
CA ARG D 1138 -3.89 -9.00 -32.49
C ARG D 1138 -2.84 -8.17 -31.77
N GLU D 1139 -2.90 -6.84 -31.92
CA GLU D 1139 -1.90 -5.99 -31.28
C GLU D 1139 -2.00 -6.08 -29.77
N VAL D 1140 -3.21 -5.98 -29.22
CA VAL D 1140 -3.36 -6.03 -27.77
C VAL D 1140 -2.93 -7.39 -27.23
N GLN D 1141 -3.33 -8.47 -27.92
CA GLN D 1141 -2.95 -9.80 -27.49
C GLN D 1141 -1.44 -9.98 -27.55
N GLU D 1142 -0.78 -9.44 -28.57
CA GLU D 1142 0.67 -9.52 -28.64
C GLU D 1142 1.31 -8.82 -27.45
N VAL D 1143 0.82 -7.61 -27.14
CA VAL D 1143 1.40 -6.85 -26.02
C VAL D 1143 1.26 -7.62 -24.73
N TYR D 1144 0.09 -8.24 -24.50
CA TYR D 1144 -0.12 -8.94 -23.24
C TYR D 1144 0.61 -10.28 -23.19
N ARG D 1145 0.71 -10.97 -24.34
CA ARG D 1145 1.43 -12.24 -24.38
C ARG D 1145 2.93 -12.05 -24.16
N ALA D 1146 3.47 -10.90 -24.58
CA ALA D 1146 4.89 -10.66 -24.37
C ALA D 1146 5.27 -10.78 -22.90
N GLN D 1147 4.33 -10.51 -21.99
CA GLN D 1147 4.57 -10.57 -20.56
C GLN D 1147 3.99 -11.83 -19.93
N GLY D 1148 3.58 -12.81 -20.73
CA GLY D 1148 3.08 -14.07 -20.20
C GLY D 1148 1.78 -13.96 -19.44
N VAL D 1149 0.82 -13.22 -19.97
CA VAL D 1149 -0.51 -13.08 -19.39
C VAL D 1149 -1.53 -13.57 -20.41
N SER D 1150 -2.44 -14.45 -19.99
CA SER D 1150 -3.42 -15.05 -20.87
C SER D 1150 -4.79 -14.40 -20.62
N ILE D 1151 -5.33 -13.77 -21.65
CA ILE D 1151 -6.68 -13.19 -21.61
C ILE D 1151 -7.42 -13.68 -22.84
N HIS D 1152 -8.60 -14.28 -22.63
CA HIS D 1152 -9.39 -14.73 -23.76
C HIS D 1152 -9.80 -13.55 -24.62
N ASP D 1153 -9.82 -13.75 -25.94
CA ASP D 1153 -10.02 -12.66 -26.88
C ASP D 1153 -11.40 -12.05 -26.82
N LYS D 1154 -12.37 -12.69 -26.15
CA LYS D 1154 -13.73 -12.15 -26.15
C LYS D 1154 -13.81 -10.84 -25.37
N HIS D 1155 -12.99 -10.67 -24.33
CA HIS D 1155 -12.98 -9.41 -23.60
C HIS D 1155 -12.49 -8.27 -24.49
N ILE D 1156 -11.38 -8.49 -25.20
CA ILE D 1156 -10.87 -7.49 -26.12
C ILE D 1156 -11.88 -7.25 -27.23
N GLU D 1157 -12.60 -8.29 -27.66
CA GLU D 1157 -13.61 -8.12 -28.69
C GLU D 1157 -14.75 -7.23 -28.19
N VAL D 1158 -15.16 -7.39 -26.95
CA VAL D 1158 -16.17 -6.49 -26.39
C VAL D 1158 -15.68 -5.06 -26.40
N ILE D 1159 -14.45 -4.85 -25.93
CA ILE D 1159 -13.91 -3.49 -25.87
C ILE D 1159 -13.84 -2.87 -27.26
N VAL D 1160 -13.36 -3.65 -28.24
CA VAL D 1160 -13.23 -3.14 -29.60
C VAL D 1160 -14.60 -2.86 -30.20
N ARG D 1161 -15.55 -3.78 -30.01
CA ARG D 1161 -16.91 -3.56 -30.49
C ARG D 1161 -17.45 -2.24 -29.98
N GLN D 1162 -17.16 -1.89 -28.73
CA GLN D 1162 -17.61 -0.61 -28.20
C GLN D 1162 -16.91 0.59 -28.84
N MET D 1163 -15.85 0.37 -29.62
CA MET D 1163 -15.14 1.47 -30.27
C MET D 1163 -15.53 1.69 -31.73
N LEU D 1164 -16.17 0.71 -32.38
CA LEU D 1164 -16.66 0.85 -33.75
C LEU D 1164 -18.18 0.73 -33.72
N ARG D 1165 -18.84 1.87 -33.51
CA ARG D 1165 -20.28 1.90 -33.30
C ARG D 1165 -20.97 3.07 -33.99
N ARG D 1166 -20.23 3.95 -34.65
CA ARG D 1166 -20.77 5.16 -35.24
C ARG D 1166 -20.32 5.31 -36.69
N VAL D 1167 -20.92 6.28 -37.37
CA VAL D 1167 -20.60 6.61 -38.76
C VAL D 1167 -20.52 8.12 -38.87
N THR D 1168 -19.50 8.62 -39.58
CA THR D 1168 -19.39 10.05 -39.82
C THR D 1168 -20.24 10.45 -41.02
N ILE D 1169 -20.96 11.56 -40.87
CA ILE D 1169 -21.93 12.00 -41.86
C ILE D 1169 -21.22 12.84 -42.92
N ILE D 1170 -21.74 12.79 -44.14
CA ILE D 1170 -21.16 13.53 -45.26
C ILE D 1170 -22.22 14.47 -45.84
N ASP D 1171 -23.33 13.89 -46.32
CA ASP D 1171 -24.41 14.65 -46.93
C ASP D 1171 -25.63 14.60 -46.01
N SER D 1172 -26.13 15.77 -45.63
CA SER D 1172 -27.29 15.83 -44.75
C SER D 1172 -28.56 15.43 -45.50
N GLY D 1173 -28.74 15.94 -46.72
CA GLY D 1173 -29.94 15.62 -47.47
C GLY D 1173 -31.19 16.13 -46.77
N SER D 1174 -32.30 15.42 -47.01
CA SER D 1174 -33.51 15.71 -46.28
C SER D 1174 -33.35 15.41 -44.79
N THR D 1175 -32.38 14.58 -44.44
CA THR D 1175 -32.12 14.30 -43.03
C THR D 1175 -31.51 15.52 -42.35
N GLU D 1176 -31.64 15.56 -41.03
CA GLU D 1176 -31.20 16.72 -40.25
C GLU D 1176 -29.79 16.58 -39.71
N PHE D 1177 -29.08 15.52 -40.06
CA PHE D 1177 -27.72 15.34 -39.57
C PHE D 1177 -26.78 16.35 -40.22
N LEU D 1178 -26.03 17.07 -39.39
CA LEU D 1178 -25.10 18.04 -39.93
C LEU D 1178 -23.86 17.34 -40.49
N PRO D 1179 -23.24 17.89 -41.53
CA PRO D 1179 -22.07 17.24 -42.11
C PRO D 1179 -20.93 17.13 -41.09
N GLY D 1180 -20.23 15.99 -41.16
CA GLY D 1180 -19.07 15.76 -40.33
C GLY D 1180 -19.38 15.30 -38.92
N SER D 1181 -20.65 15.17 -38.56
CA SER D 1181 -21.01 14.77 -37.21
C SER D 1181 -20.95 13.25 -37.06
N LEU D 1182 -20.75 12.80 -35.82
CA LEU D 1182 -20.70 11.39 -35.48
C LEU D 1182 -22.09 10.96 -35.02
N ILE D 1183 -22.70 10.04 -35.76
CA ILE D 1183 -24.07 9.60 -35.50
C ILE D 1183 -24.07 8.08 -35.34
N ASP D 1184 -24.88 7.61 -34.40
CA ASP D 1184 -25.00 6.18 -34.16
C ASP D 1184 -25.49 5.47 -35.42
N ARG D 1185 -24.92 4.30 -35.68
CA ARG D 1185 -25.25 3.58 -36.91
C ARG D 1185 -26.73 3.17 -36.94
N ALA D 1186 -27.26 2.69 -35.82
CA ALA D 1186 -28.66 2.28 -35.80
C ALA D 1186 -29.58 3.45 -36.08
N GLU D 1187 -29.35 4.58 -35.42
CA GLU D 1187 -30.17 5.77 -35.65
C GLU D 1187 -30.01 6.26 -37.08
N PHE D 1188 -28.78 6.24 -37.60
CA PHE D 1188 -28.54 6.66 -38.98
C PHE D 1188 -29.34 5.79 -39.97
N GLU D 1189 -29.25 4.47 -39.82
CA GLU D 1189 -29.99 3.59 -40.71
C GLU D 1189 -31.49 3.78 -40.58
N ALA D 1190 -31.99 3.91 -39.35
CA ALA D 1190 -33.42 4.07 -39.15
C ALA D 1190 -33.91 5.37 -39.80
N GLU D 1191 -33.18 6.47 -39.61
CA GLU D 1191 -33.60 7.73 -40.19
C GLU D 1191 -33.55 7.67 -41.72
N ASN D 1192 -32.50 7.08 -42.27
CA ASN D 1192 -32.41 6.97 -43.72
C ASN D 1192 -33.55 6.13 -44.28
N ARG D 1193 -33.86 5.00 -43.63
CA ARG D 1193 -34.95 4.16 -44.10
C ARG D 1193 -36.28 4.87 -44.01
N ARG D 1194 -36.50 5.65 -42.95
CA ARG D 1194 -37.74 6.41 -42.82
C ARG D 1194 -37.84 7.46 -43.93
N VAL D 1195 -36.74 8.14 -44.23
CA VAL D 1195 -36.76 9.22 -45.20
C VAL D 1195 -36.97 8.67 -46.61
N VAL D 1196 -36.28 7.58 -46.96
CA VAL D 1196 -36.32 7.08 -48.33
C VAL D 1196 -37.73 6.67 -48.73
N ALA D 1197 -38.61 6.39 -47.77
CA ALA D 1197 -39.98 6.04 -48.11
C ALA D 1197 -40.69 7.21 -48.79
N GLU D 1198 -40.46 8.42 -48.30
CA GLU D 1198 -41.13 9.62 -48.80
C GLU D 1198 -40.13 10.44 -49.62
N GLY D 1199 -40.18 10.28 -50.94
CA GLY D 1199 -39.32 11.05 -51.82
C GLY D 1199 -37.88 11.05 -51.36
N GLY D 1200 -37.24 9.88 -51.43
CA GLY D 1200 -35.98 9.65 -50.74
C GLY D 1200 -34.86 10.62 -51.06
N GLU D 1201 -34.27 11.20 -50.01
CA GLU D 1201 -33.04 11.97 -50.08
C GLU D 1201 -32.12 11.48 -48.97
N PRO D 1202 -31.72 10.21 -49.02
CA PRO D 1202 -30.99 9.62 -47.89
C PRO D 1202 -29.66 10.31 -47.64
N ALA D 1203 -29.27 10.37 -46.37
CA ALA D 1203 -27.97 10.91 -46.00
C ALA D 1203 -26.88 9.86 -46.24
N ALA D 1204 -25.65 10.35 -46.34
CA ALA D 1204 -24.49 9.49 -46.58
C ALA D 1204 -23.59 9.50 -45.35
N GLY D 1205 -22.94 8.36 -45.12
CA GLY D 1205 -22.05 8.23 -43.97
C GLY D 1205 -20.93 7.26 -44.25
N ARG D 1206 -19.89 7.35 -43.42
CA ARG D 1206 -18.72 6.49 -43.52
C ARG D 1206 -18.33 5.98 -42.14
N PRO D 1207 -17.75 4.78 -42.05
CA PRO D 1207 -17.31 4.27 -40.75
C PRO D 1207 -16.27 5.18 -40.11
N VAL D 1208 -16.30 5.26 -38.79
CA VAL D 1208 -15.38 6.08 -38.02
C VAL D 1208 -14.90 5.28 -36.81
N LEU D 1209 -13.63 5.49 -36.44
CA LEU D 1209 -13.02 4.87 -35.29
C LEU D 1209 -12.82 5.92 -34.20
N MET D 1210 -13.24 5.59 -32.98
CA MET D 1210 -13.17 6.51 -31.86
C MET D 1210 -12.42 5.87 -30.70
N GLY D 1211 -11.72 6.70 -29.95
CA GLY D 1211 -11.08 6.23 -28.74
C GLY D 1211 -12.07 6.01 -27.62
N ILE D 1212 -11.59 5.40 -26.54
CA ILE D 1212 -12.47 5.07 -25.43
C ILE D 1212 -12.95 6.33 -24.73
N THR D 1213 -12.09 7.33 -24.61
CA THR D 1213 -12.47 8.57 -23.93
C THR D 1213 -13.54 9.32 -24.72
N LYS D 1214 -13.33 9.48 -26.03
CA LYS D 1214 -14.34 10.13 -26.86
C LYS D 1214 -15.63 9.31 -26.88
N ALA D 1215 -15.51 7.99 -27.00
CA ALA D 1215 -16.69 7.14 -27.03
C ALA D 1215 -17.48 7.24 -25.72
N SER D 1216 -16.78 7.41 -24.61
CA SER D 1216 -17.45 7.58 -23.31
C SER D 1216 -18.07 8.95 -23.15
N LEU D 1217 -17.43 10.00 -23.66
CA LEU D 1217 -17.96 11.36 -23.57
C LEU D 1217 -19.02 11.64 -24.64
N ALA D 1218 -19.24 10.73 -25.58
CA ALA D 1218 -20.28 10.86 -26.59
C ALA D 1218 -21.50 10.03 -26.23
N THR D 1219 -21.78 9.91 -24.93
CA THR D 1219 -22.92 9.13 -24.45
C THR D 1219 -24.21 9.96 -24.55
N ASP D 1220 -25.34 9.25 -24.56
CA ASP D 1220 -26.64 9.89 -24.56
C ASP D 1220 -27.08 10.33 -23.17
N SER D 1221 -26.34 9.97 -22.12
CA SER D 1221 -26.63 10.42 -20.77
C SER D 1221 -25.67 11.52 -20.39
N TRP D 1222 -26.21 12.69 -20.04
CA TRP D 1222 -25.40 13.79 -19.54
C TRP D 1222 -25.01 13.60 -18.08
N LEU D 1223 -25.60 12.62 -17.40
CA LEU D 1223 -25.27 12.34 -16.01
C LEU D 1223 -24.16 11.31 -15.86
N SER D 1224 -24.01 10.40 -16.81
CA SER D 1224 -22.91 9.46 -16.82
C SER D 1224 -21.62 10.07 -17.34
N ALA D 1225 -21.71 11.04 -18.25
CA ALA D 1225 -20.54 11.74 -18.75
C ALA D 1225 -19.99 12.76 -17.77
N ALA D 1226 -20.85 13.41 -16.99
CA ALA D 1226 -20.41 14.38 -16.01
C ALA D 1226 -19.67 13.75 -14.84
N SER D 1227 -19.95 12.48 -14.53
CA SER D 1227 -19.26 11.77 -13.47
C SER D 1227 -17.97 11.12 -13.94
N PHE D 1228 -17.67 11.17 -15.24
CA PHE D 1228 -16.45 10.58 -15.77
C PHE D 1228 -15.33 11.61 -15.87
N GLN D 1229 -15.52 12.66 -16.66
CA GLN D 1229 -14.50 13.69 -16.84
C GLN D 1229 -15.16 14.96 -17.31
N GLU D 1230 -14.43 16.07 -17.19
CA GLU D 1230 -14.80 17.36 -17.76
C GLU D 1230 -16.26 17.70 -17.44
N THR D 1231 -16.53 17.83 -16.15
CA THR D 1231 -17.90 18.07 -15.70
C THR D 1231 -18.43 19.40 -16.22
N THR D 1232 -17.60 20.45 -16.18
CA THR D 1232 -18.08 21.78 -16.53
C THR D 1232 -18.47 21.85 -18.01
N ARG D 1233 -17.62 21.35 -18.90
CA ARG D 1233 -17.91 21.40 -20.33
C ARG D 1233 -19.16 20.61 -20.65
N VAL D 1234 -19.27 19.39 -20.10
CA VAL D 1234 -20.43 18.55 -20.37
C VAL D 1234 -21.70 19.23 -19.88
N LEU D 1235 -21.65 19.79 -18.66
CA LEU D 1235 -22.85 20.43 -18.11
C LEU D 1235 -23.24 21.66 -18.93
N THR D 1236 -22.28 22.48 -19.33
CA THR D 1236 -22.63 23.69 -20.07
C THR D 1236 -23.18 23.36 -21.45
N ASP D 1237 -22.65 22.32 -22.09
CA ASP D 1237 -23.20 21.95 -23.40
C ASP D 1237 -24.57 21.32 -23.26
N ALA D 1238 -24.77 20.48 -22.24
CA ALA D 1238 -26.06 19.83 -22.04
C ALA D 1238 -27.14 20.85 -21.71
N ALA D 1239 -26.80 21.86 -20.90
CA ALA D 1239 -27.78 22.89 -20.58
C ALA D 1239 -28.22 23.67 -21.80
N ILE D 1240 -27.30 23.97 -22.72
CA ILE D 1240 -27.66 24.64 -23.95
C ILE D 1240 -28.50 23.74 -24.87
N ASN D 1241 -28.15 22.46 -24.99
CA ASN D 1241 -28.90 21.55 -25.82
C ASN D 1241 -30.17 21.03 -25.15
N CYS D 1242 -30.37 21.33 -23.87
CA CYS D 1242 -31.58 20.95 -23.14
C CYS D 1242 -31.84 19.44 -23.28
N ARG D 1243 -30.84 18.67 -22.87
CA ARG D 1243 -30.87 17.23 -22.99
C ARG D 1243 -31.66 16.60 -21.86
N SER D 1244 -32.40 15.55 -22.18
CA SER D 1244 -33.18 14.79 -21.21
C SER D 1244 -32.54 13.42 -21.01
N ASP D 1245 -32.45 12.99 -19.76
CA ASP D 1245 -31.77 11.76 -19.39
C ASP D 1245 -32.79 10.68 -19.05
N LYS D 1246 -32.94 9.72 -19.95
CA LYS D 1246 -33.75 8.52 -19.68
C LYS D 1246 -32.90 7.53 -18.89
N LEU D 1247 -33.13 7.51 -17.58
CA LEU D 1247 -32.21 6.80 -16.69
C LEU D 1247 -32.27 5.30 -16.97
N ASN D 1248 -31.27 4.80 -17.70
CA ASN D 1248 -31.17 3.40 -18.08
C ASN D 1248 -29.69 3.05 -18.20
N GLY D 1249 -29.12 2.51 -17.12
CA GLY D 1249 -27.72 2.15 -17.13
C GLY D 1249 -27.27 1.78 -15.74
N LEU D 1250 -26.09 1.19 -15.67
CA LEU D 1250 -25.53 0.79 -14.38
C LEU D 1250 -25.18 2.01 -13.53
N LYS D 1251 -24.40 2.93 -14.09
CA LYS D 1251 -23.94 4.07 -13.31
C LYS D 1251 -25.11 4.97 -12.91
N GLU D 1252 -26.05 5.21 -13.82
CA GLU D 1252 -27.15 6.12 -13.53
C GLU D 1252 -28.06 5.55 -12.44
N ASN D 1253 -28.41 4.26 -12.56
CA ASN D 1253 -29.24 3.62 -11.55
C ASN D 1253 -28.52 3.51 -10.21
N VAL D 1254 -27.20 3.31 -10.22
CA VAL D 1254 -26.44 3.36 -8.98
C VAL D 1254 -26.54 4.74 -8.35
N ILE D 1255 -26.38 5.79 -9.17
CA ILE D 1255 -26.39 7.14 -8.63
C ILE D 1255 -27.74 7.49 -8.05
N ILE D 1256 -28.83 7.15 -8.73
CA ILE D 1256 -30.17 7.49 -8.24
C ILE D 1256 -30.71 6.47 -7.26
N GLY D 1257 -29.88 5.52 -6.83
CA GLY D 1257 -30.30 4.55 -5.82
C GLY D 1257 -31.38 3.60 -6.27
N LYS D 1258 -31.30 3.08 -7.49
CA LYS D 1258 -32.28 2.16 -8.02
C LYS D 1258 -31.60 0.89 -8.50
N LEU D 1259 -32.36 -0.20 -8.53
CA LEU D 1259 -31.80 -1.50 -8.90
C LEU D 1259 -31.18 -1.42 -10.28
N ILE D 1260 -29.95 -1.92 -10.40
CA ILE D 1260 -29.23 -1.92 -11.67
C ILE D 1260 -29.94 -2.88 -12.62
N PRO D 1261 -30.00 -2.59 -13.92
CA PRO D 1261 -30.65 -3.52 -14.87
C PRO D 1261 -29.71 -4.62 -15.38
N ALA D 1262 -29.36 -5.54 -14.48
CA ALA D 1262 -28.50 -6.65 -14.84
C ALA D 1262 -28.52 -7.67 -13.70
N GLY D 1263 -28.08 -8.88 -14.02
CA GLY D 1263 -28.01 -9.92 -13.01
C GLY D 1263 -29.38 -10.21 -12.44
N THR D 1264 -29.52 -10.02 -11.13
CA THR D 1264 -30.77 -10.28 -10.42
C THR D 1264 -31.69 -9.06 -10.41
N GLY D 1265 -31.47 -8.10 -11.30
CA GLY D 1265 -32.31 -6.92 -11.38
C GLY D 1265 -33.10 -6.85 -12.67
N ILE D 1266 -32.99 -7.89 -13.50
CA ILE D 1266 -33.75 -7.95 -14.74
C ILE D 1266 -35.19 -8.34 -14.43
N ASN D 1267 -36.10 -7.97 -15.33
CA ASN D 1267 -37.52 -8.17 -15.09
C ASN D 1267 -37.85 -9.65 -14.92
N ARG D 1268 -37.29 -10.52 -15.76
CA ARG D 1268 -37.61 -11.93 -15.68
C ARG D 1268 -37.22 -12.55 -14.35
N TYR D 1269 -36.26 -11.95 -13.65
CA TYR D 1269 -35.76 -12.51 -12.40
C TYR D 1269 -36.39 -11.82 -11.20
N ARG D 1270 -36.41 -10.49 -11.20
CA ARG D 1270 -36.90 -9.75 -10.04
C ARG D 1270 -38.40 -9.88 -9.87
N ASN D 1271 -39.09 -10.42 -10.88
CA ASN D 1271 -40.55 -10.54 -10.87
C ASN D 1271 -40.94 -12.01 -11.00
N ILE D 1272 -40.27 -12.87 -10.23
CA ILE D 1272 -40.60 -14.28 -10.19
C ILE D 1272 -41.64 -14.51 -9.10
N ALA D 1273 -42.53 -15.47 -9.35
CA ALA D 1273 -43.62 -15.79 -8.44
C ALA D 1273 -43.36 -17.15 -7.81
N VAL D 1274 -43.75 -17.30 -6.54
CA VAL D 1274 -43.49 -18.51 -5.77
C VAL D 1274 -44.76 -18.89 -5.02
N GLN D 1275 -45.04 -20.20 -4.94
CA GLN D 1275 -46.16 -20.71 -4.17
C GLN D 1275 -45.90 -22.18 -3.86
N PRO D 1276 -46.49 -22.70 -2.78
CA PRO D 1276 -46.40 -24.15 -2.55
C PRO D 1276 -47.20 -24.93 -3.58
N THR D 1277 -46.76 -26.16 -3.84
CA THR D 1277 -47.44 -27.02 -4.79
C THR D 1277 -48.75 -27.54 -4.19
N GLU D 1278 -49.68 -27.91 -5.06
CA GLU D 1278 -50.98 -28.40 -4.60
C GLU D 1278 -50.84 -29.67 -3.79
N GLU D 1279 -49.99 -30.60 -4.23
CA GLU D 1279 -49.80 -31.83 -3.48
C GLU D 1279 -49.21 -31.57 -2.10
N ALA D 1280 -48.19 -30.72 -2.02
CA ALA D 1280 -47.59 -30.36 -0.74
C ALA D 1280 -48.55 -29.54 0.12
N ARG D 1281 -49.33 -28.67 -0.51
CA ARG D 1281 -50.32 -27.90 0.25
C ARG D 1281 -51.36 -28.82 0.89
N ALA D 1282 -51.82 -29.82 0.14
CA ALA D 1282 -52.78 -30.77 0.69
C ALA D 1282 -52.13 -31.64 1.76
N ALA D 1283 -50.86 -32.00 1.55
CA ALA D 1283 -50.16 -32.83 2.54
C ALA D 1283 -49.97 -32.10 3.87
N ALA D 1284 -50.18 -30.79 3.90
CA ALA D 1284 -50.05 -30.02 5.13
C ALA D 1284 -50.84 -30.65 6.27
N GLY E 28 -21.97 -39.16 -4.67
CA GLY E 28 -20.57 -39.50 -4.57
C GLY E 28 -19.75 -38.39 -3.92
N TYR E 29 -20.31 -37.77 -2.89
CA TYR E 29 -19.66 -36.67 -2.18
C TYR E 29 -19.81 -36.88 -0.68
N ASP E 30 -18.87 -36.33 0.07
CA ASP E 30 -18.93 -36.39 1.51
C ASP E 30 -20.09 -35.54 2.04
N THR E 31 -20.50 -35.82 3.27
CA THR E 31 -21.65 -35.13 3.82
C THR E 31 -21.41 -33.62 3.84
N PRO E 32 -22.28 -32.83 3.21
CA PRO E 32 -22.14 -31.38 3.28
C PRO E 32 -22.32 -30.87 4.71
N LEU E 33 -21.64 -29.76 5.01
CA LEU E 33 -21.64 -29.19 6.34
C LEU E 33 -21.89 -27.69 6.28
N GLY E 34 -22.71 -27.20 7.21
CA GLY E 34 -22.93 -25.77 7.33
C GLY E 34 -23.63 -25.20 6.11
N ILE E 35 -23.17 -24.03 5.68
CA ILE E 35 -23.79 -23.32 4.56
C ILE E 35 -23.74 -24.11 3.25
N THR E 36 -22.78 -25.03 3.11
CA THR E 36 -22.60 -25.77 1.87
C THR E 36 -23.62 -26.90 1.70
N ASN E 37 -24.68 -26.91 2.49
CA ASN E 37 -25.73 -27.92 2.42
C ASN E 37 -27.06 -27.22 2.17
N PRO E 38 -27.85 -27.65 1.16
CA PRO E 38 -27.61 -28.73 0.19
C PRO E 38 -26.66 -28.31 -0.92
N PRO E 39 -26.12 -29.25 -1.70
CA PRO E 39 -25.17 -28.89 -2.76
C PRO E 39 -25.81 -27.95 -3.78
N ILE E 40 -24.99 -27.03 -4.29
CA ILE E 40 -25.49 -26.04 -5.25
C ILE E 40 -25.90 -26.74 -6.55
N ASP E 41 -25.19 -27.81 -6.90
CA ASP E 41 -25.47 -28.50 -8.16
C ASP E 41 -26.87 -29.09 -8.17
N GLU E 42 -27.29 -29.66 -7.04
CA GLU E 42 -28.64 -30.22 -6.96
C GLU E 42 -29.68 -29.12 -7.11
N LEU E 43 -29.45 -27.98 -6.46
CA LEU E 43 -30.41 -26.88 -6.51
C LEU E 43 -30.49 -26.25 -7.89
N LEU E 44 -29.37 -26.20 -8.62
CA LEU E 44 -29.33 -25.56 -9.93
C LEU E 44 -29.91 -26.43 -11.04
N ASP E 45 -30.63 -27.50 -10.67
CA ASP E 45 -31.39 -28.29 -11.62
C ASP E 45 -32.88 -28.00 -11.59
N ARG E 46 -33.38 -27.35 -10.54
CA ARG E 46 -34.77 -26.92 -10.48
C ARG E 46 -35.02 -25.57 -11.11
N VAL E 47 -33.95 -24.84 -11.49
CA VAL E 47 -34.06 -23.47 -11.97
C VAL E 47 -33.23 -23.32 -13.23
N SER E 48 -33.56 -22.28 -14.00
CA SER E 48 -32.83 -22.00 -15.24
C SER E 48 -31.48 -21.37 -14.99
N SER E 49 -31.37 -20.48 -13.99
CA SER E 49 -30.17 -19.71 -13.74
C SER E 49 -29.98 -19.52 -12.25
N LYS E 50 -28.78 -19.07 -11.87
CA LYS E 50 -28.48 -18.84 -10.45
C LYS E 50 -29.25 -17.65 -9.89
N TYR E 51 -29.50 -16.62 -10.71
CA TYR E 51 -30.29 -15.49 -10.26
C TYR E 51 -31.73 -15.93 -9.96
N ALA E 52 -32.26 -16.85 -10.77
CA ALA E 52 -33.57 -17.41 -10.49
C ALA E 52 -33.58 -18.11 -9.13
N LEU E 53 -32.52 -18.87 -8.85
CA LEU E 53 -32.42 -19.52 -7.53
C LEU E 53 -32.39 -18.49 -6.42
N VAL E 54 -31.65 -17.40 -6.62
CA VAL E 54 -31.55 -16.34 -5.62
C VAL E 54 -32.93 -15.80 -5.30
N ILE E 55 -33.68 -15.42 -6.35
CA ILE E 55 -34.99 -14.81 -6.14
C ILE E 55 -35.96 -15.83 -5.53
N TYR E 56 -35.92 -17.06 -6.03
CA TYR E 56 -36.71 -18.18 -5.51
C TYR E 56 -36.55 -18.30 -4.01
N ALA E 57 -35.30 -18.50 -3.57
CA ALA E 57 -35.02 -18.70 -2.15
C ALA E 57 -35.38 -17.47 -1.34
N ALA E 58 -35.08 -16.28 -1.85
CA ALA E 58 -35.37 -15.06 -1.10
C ALA E 58 -36.86 -14.90 -0.86
N LYS E 59 -37.68 -15.12 -1.89
CA LYS E 59 -39.12 -14.96 -1.72
C LYS E 59 -39.69 -16.04 -0.81
N ARG E 60 -39.21 -17.28 -0.94
CA ARG E 60 -39.71 -18.32 -0.04
C ARG E 60 -39.34 -18.01 1.40
N ALA E 61 -38.13 -17.51 1.63
CA ALA E 61 -37.72 -17.14 2.99
C ALA E 61 -38.57 -15.99 3.51
N ARG E 62 -38.90 -15.02 2.65
CA ARG E 62 -39.76 -13.93 3.07
C ARG E 62 -41.14 -14.44 3.49
N GLN E 63 -41.70 -15.37 2.72
CA GLN E 63 -42.98 -15.95 3.10
C GLN E 63 -42.89 -16.69 4.43
N ILE E 64 -41.81 -17.47 4.61
CA ILE E 64 -41.64 -18.22 5.85
C ILE E 64 -41.55 -17.28 7.04
N ASN E 65 -40.77 -16.20 6.91
CA ASN E 65 -40.63 -15.22 7.98
C ASN E 65 -41.91 -14.44 8.23
N ASP E 66 -42.73 -14.23 7.20
CA ASP E 66 -44.04 -13.60 7.40
C ASP E 66 -44.99 -14.52 8.13
N TYR E 67 -44.89 -15.84 7.92
CA TYR E 67 -45.73 -16.78 8.64
C TYR E 67 -45.47 -16.71 10.14
N TYR E 68 -44.20 -16.67 10.54
CA TYR E 68 -43.85 -16.62 11.95
C TYR E 68 -44.37 -15.37 12.64
N ASN E 69 -44.53 -14.27 11.91
CA ASN E 69 -45.08 -13.04 12.47
C ASN E 69 -46.59 -13.03 12.46
N GLN E 70 -47.21 -13.51 11.39
CA GLN E 70 -48.66 -13.59 11.34
C GLN E 70 -49.18 -14.52 12.43
N LEU E 71 -48.41 -15.57 12.77
CA LEU E 71 -48.77 -16.40 13.91
C LEU E 71 -48.86 -15.57 15.19
N GLY E 72 -48.06 -14.50 15.27
CA GLY E 72 -48.11 -13.65 16.44
C GLY E 72 -49.47 -12.96 16.59
N GLU E 73 -50.07 -12.56 15.48
CA GLU E 73 -51.35 -11.86 15.52
C GLU E 73 -52.46 -12.73 14.92
N GLY E 74 -52.27 -13.18 13.69
CA GLY E 74 -53.27 -13.99 13.02
C GLY E 74 -52.81 -14.45 11.66
N ILE E 75 -53.33 -15.62 11.25
CA ILE E 75 -53.02 -16.15 9.92
C ILE E 75 -53.43 -15.14 8.86
N LEU E 76 -52.55 -14.93 7.86
CA LEU E 76 -52.84 -14.00 6.79
C LEU E 76 -52.99 -14.76 5.48
N GLU E 77 -51.91 -15.36 4.94
CA GLU E 77 -52.06 -16.17 3.74
C GLU E 77 -51.02 -17.28 3.63
N TYR E 78 -50.13 -17.42 4.62
CA TYR E 78 -48.87 -18.11 4.38
C TYR E 78 -48.80 -19.41 5.17
N VAL E 79 -47.94 -20.31 4.67
CA VAL E 79 -47.77 -21.64 5.24
C VAL E 79 -46.37 -21.74 5.84
N GLY E 80 -46.27 -22.19 7.08
CA GLY E 80 -44.99 -22.36 7.73
C GLY E 80 -44.14 -23.40 7.04
N PRO E 81 -42.97 -23.67 7.61
CA PRO E 81 -42.07 -24.69 7.02
C PRO E 81 -42.79 -25.96 6.63
N LEU E 82 -42.72 -26.31 5.35
CA LEU E 82 -43.31 -27.56 4.88
C LEU E 82 -42.53 -28.77 5.40
N VAL E 83 -41.25 -28.59 5.70
CA VAL E 83 -40.40 -29.68 6.17
C VAL E 83 -40.08 -29.43 7.64
N GLU E 84 -39.58 -30.45 8.33
CA GLU E 84 -39.26 -30.34 9.74
C GLU E 84 -38.29 -29.18 9.99
N PRO E 85 -38.72 -28.08 10.62
CA PRO E 85 -37.78 -26.98 10.88
C PRO E 85 -36.80 -27.31 11.98
N GLY E 86 -35.53 -26.92 11.81
CA GLY E 86 -34.55 -27.17 12.85
C GLY E 86 -34.89 -26.45 14.13
N LEU E 87 -34.03 -26.63 15.13
CA LEU E 87 -34.24 -26.00 16.44
C LEU E 87 -34.37 -24.50 16.29
N GLN E 88 -33.41 -23.87 15.61
CA GLN E 88 -33.44 -22.45 15.32
C GLN E 88 -33.04 -22.13 13.89
N GLU E 89 -33.17 -23.12 12.99
CA GLU E 89 -32.74 -22.95 11.61
C GLU E 89 -33.36 -21.70 10.99
N LYS E 90 -32.52 -20.88 10.38
CA LYS E 90 -32.98 -19.61 9.84
C LYS E 90 -33.82 -19.83 8.57
N PRO E 91 -34.73 -18.91 8.26
CA PRO E 91 -35.65 -19.15 7.14
C PRO E 91 -34.97 -19.45 5.83
N LEU E 92 -33.84 -18.81 5.54
CA LEU E 92 -33.16 -19.03 4.26
C LEU E 92 -32.64 -20.44 4.12
N SER E 93 -32.50 -21.20 5.21
CA SER E 93 -32.03 -22.58 5.13
C SER E 93 -33.19 -23.53 4.84
N ILE E 94 -34.32 -23.35 5.53
CA ILE E 94 -35.49 -24.17 5.24
C ILE E 94 -36.00 -23.87 3.83
N ALA E 95 -35.85 -22.62 3.38
CA ALA E 95 -36.29 -22.26 2.03
C ALA E 95 -35.55 -23.09 0.98
N LEU E 96 -34.24 -23.27 1.16
CA LEU E 96 -33.45 -24.08 0.25
C LEU E 96 -33.61 -25.57 0.48
N ARG E 97 -33.95 -25.99 1.70
CA ARG E 97 -34.25 -27.40 1.94
C ARG E 97 -35.56 -27.80 1.27
N GLU E 98 -36.52 -26.87 1.16
CA GLU E 98 -37.78 -27.12 0.50
C GLU E 98 -37.67 -27.16 -1.02
N ILE E 99 -36.56 -26.67 -1.57
CA ILE E 99 -36.34 -26.75 -3.01
C ILE E 99 -35.52 -27.97 -3.40
N HIS E 100 -34.61 -28.44 -2.54
CA HIS E 100 -33.88 -29.66 -2.84
C HIS E 100 -34.82 -30.85 -2.94
N ALA E 101 -35.75 -30.97 -2.00
CA ALA E 101 -36.85 -31.94 -2.09
C ALA E 101 -38.07 -31.24 -2.67
N ASP E 102 -38.26 -31.42 -3.97
CA ASP E 102 -39.19 -30.60 -4.74
C ASP E 102 -40.53 -30.48 -4.03
N LEU E 103 -40.84 -29.27 -3.56
CA LEU E 103 -42.11 -29.02 -2.89
C LEU E 103 -42.71 -27.68 -3.28
N LEU E 104 -42.08 -26.93 -4.19
CA LEU E 104 -42.51 -25.59 -4.53
C LEU E 104 -42.47 -25.43 -6.04
N GLU E 105 -43.23 -24.46 -6.54
CA GLU E 105 -43.26 -24.14 -7.96
C GLU E 105 -43.07 -22.63 -8.14
N HIS E 106 -42.48 -22.26 -9.28
CA HIS E 106 -42.20 -20.87 -9.59
C HIS E 106 -42.40 -20.62 -11.08
N THR E 107 -42.57 -19.35 -11.43
CA THR E 107 -42.72 -18.93 -12.81
C THR E 107 -41.88 -17.68 -13.06
N GLU E 108 -41.23 -17.64 -14.22
CA GLU E 108 -40.42 -16.49 -14.60
C GLU E 108 -41.30 -15.38 -15.17
N GLY E 109 -40.70 -14.19 -15.28
CA GLY E 109 -41.39 -13.04 -15.83
C GLY E 109 -41.12 -12.85 -17.31
ZN ZN I . -42.29 35.04 15.27
ZN ZN J . -25.84 -12.40 -31.50
MG MG K . 1.74 -7.61 2.32
#